data_8GZG
#
_entry.id   8GZG
#
_cell.length_a   1.00
_cell.length_b   1.00
_cell.length_c   1.00
_cell.angle_alpha   90.00
_cell.angle_beta   90.00
_cell.angle_gamma   90.00
#
_symmetry.space_group_name_H-M   'P 1'
#
loop_
_entity.id
_entity.type
_entity.pdbx_description
1 polymer 'DNA-directed RNA polymerase subunit alpha'
2 polymer 'DNA-directed RNA polymerase subunit beta'
3 polymer 'DNA-directed RNA polymerase subunit gamma'
4 polymer 'DNA-directed RNA polymerase subunit omega'
5 polymer 'RNA polymerase sigma factor SigA'
6 polymer "DNA-directed RNA polymerase subunit beta'"
7 polymer 'Nontemplate strand DNA'
8 polymer 'Template strand DNA'
9 polymer "RNA (5'-R(*UP*CP*GP*A)-3')"
10 non-polymer 'MAGNESIUM ION'
11 non-polymer 'ZINC ION'
#
loop_
_entity_poly.entity_id
_entity_poly.type
_entity_poly.pdbx_seq_one_letter_code
_entity_poly.pdbx_strand_id
1 'polypeptide(L)'
;MGSSHHHHHHSQDPMAQFQIECVESSTRKNQQQYSKFSLEPLDRGQGTTVGNALRRVLLSNLPGAAVTAIRIAGVNHEFA
TILGVREDVLEIMLNMKELVLKSYTDQPQIGRLTAIGPGTVTAAQFEVPSEVEVIDPNQYIATLAEGAKLEMEFRVERGV
GYRVIERGKDENSSLDFLQIDSVFMPVTKVNYTVEDIRADGMSPKDRLILDIWTNGSIQPREALSEASDIIANLFIPLKD
LNELEAAHSDYQDEVNPESQIPIEELQLSVRAYNCLKRAQINSVADLLEYSQEDLLEIKNFGLKSAEEVIEALQKRLGIT
LPHEKAKA
;
A,B
2 'polypeptide(L)'
;MAMTNLATTMLPDLIEIQHASFHWFLEEGLIEELNSFSPISDYTGKLELHFLGKDYKLKQPKYDVDESKRRDASYSVQMY
VPTRLINKETGEIKEQEVFIGDLPLMTERGTFIINGAERVIVNQIVRSPGVYYKKELDKNGRRTYSASLIPNRGAWLKFE
TDKNGLVYVRIDKTRKLSAQVLLKAIGLSDNEILDSLSHPEFYQKTLDKEGNPTEEEALVELYKKLRPGEPPTVSGGQQL
LESRFFDPKRYDLGRVGRYKLNKKLRLNEADTTRVLTPQDILAAINYLINLEFDVGTTDDIDHLGNRRVRSVGELLQNQI
RVGLNRLERIIRERMTVSESDALTPASLVNPKPLVAAIKEFFGSSQLSQFMDQTNPLAELTHKRRISALGPGGLTRERAG
FAVRDIHPSHHGRICPVETPEGPNAGLIGSLATCARVNDYGFIETPYFRVESGRVRKDLDPVYLTADEEDDMRVAPGDIP
TDEEGNIIGESVPIRYRQEFSTTSPEQVDYVAVSPVQIISVATSMIPFLEHDDANRALMGSNMQRQAVPLLRPERPLVGT
GLEAQAARDSGMVIVSRTHGIVTYVDATEIRVQPHSPDNPAEKGEEIVYPIQKYQRSNQDTCLNQRPLVYAGEDVVPGQV
LADGSATEGGELALGQNILVAYMPWEGYNYEDAILISERLVYDDVYTSIHIEKFEIEARQTKLGPEEITREIPNVGEDAL
RNLDEHGIIRIGAWVESGDILVGKVTPKGEADQPPEEKLLRAIFGEKARDVRDNSLRVPNGEKGRVVDVRVFTREKGDEL
PPGANMVVRIYVAQKRKIQVGDKMAGRHGNKGIISRILPIEDMPYLPDGRPIDIALNPLGVPSRMNVGQVFECLLGWAGE
NLGVRFKITPFDEMYGEEASRDTVHGLLEEASQRPNKDWVFNENHPGKIQVFDGRTGEPFDRPITVGQAYMLKLVHLVDD
KIHARSTGPYSLVTQQPLGGKAQQGGQRFGEMEVWALEAYGAAYILQELLTVKSDDMQGRNEALNAIVKGKSIPRPGTPE
SFKVLMRELQSLGLDIAAHKVQLSEDGESADAEVDLMIDSQRRAPNRPTYESLHTEEDLEEEEV
;
C
3 'polypeptide(L)'
;MKAQSEPRFDYVKIAIASPERIRQWGERTLPNGTVVGEVTKPETINYRTLKPEMDGLFCEKIFGPSKDWECWCGKYKRVR
HRGIVCERCGVEVTESRVRRHRMGYIKLAAPVTHVWYLKGIPSYLSILLDMALRDVEQIVYFNAYVVLNPGNASNLQYKQ
LLTEDQWVEIEDQIYAEDSELEGIEVGIGAEAVQRLLAELQLEEVAEKLREEILASKGQKRAKLIKRLRVIDNFIATHSQ
AEWMTLDVIPVIPPDLRPMVQLDGGRFATSDLNDLYRRVINRNNRLARLQEILAPEIIVRNEKRMLQEAVDALIDNGRRG
RTVVGANNRALKSLSDIIEGKQGRFRQNLLGKRVDYSGRSVIVVGPNLKIYQCGLPREMAIELFQPFVIHRLIKLGIVNN
IKAAKKLILKGDPQIWSVLEEVITGHPVMLNRAPTLHRLGIQAFEPILVEGRAIQLHPLVCPAFNADFDGDQMAVHVPLS
LEAQCEARLLMLACHNVLSPATGKPIVAPSQDMVLGCYYLTAENPNAQKGAGRYFAGIEDALRAYDHGQVDLHSQIWIRH
LDEDVVTEKPDTEVIKTEDLGDGTVMKYYRERKIREGVDGEIITQYIQTTPGRIIYNKTIAEALVF
;
D
4 'polypeptide(L)' MTKRSNLDSNHIIYRSEELLGAASNRYNITVRVAKRAKENRSEDFDSIDDPNMKPAIRAIIEMSDELTRPEIISDN E
5 'polypeptide(L)'
;GAMGMTQTKEPLTKAESAELEQEIELSQYINTDDIDDDDIDVEDLEQEVAATEGKEKKVRKIRKDAVKKKPYTEDSIRIY
LQEIGRIRLLRAEEEIELARQIADLLELELIRDNLTLQLERQPSELEWGKQVWKLETAKQRLVGDKKKEPKKKDIDSYLA
NPDNELSLENEWSQQPNKNFAAFRRRLFLDRRAKDKMVQSNLRLVVSIAKKYMNRGLSFQDLIQEGSLGLIRAAEKFDHE
KGYKFSTYATWWIRQAITRAIADQSRTIRLPVHLYETISRIKKTTKLLSQEMRRKPTEEEIAEKMEMTIEKLRFIAKSAQ
LPISLETPIGKEEDSRLGDFIEADGETPEDEVSKNLLREDLENVLDTLSPRERDVLRLRYGLDDGRMKTLEEIGQIFNVT
RERIRQIEAKALRKLRHPNRNSILKEYIR
;
F
6 'polypeptide(L)'
;GSGSGSMTFYNYTIDKGRLKKLIALAYRRYGSARCSQLADELKELGFRFATKAGVSISVDDLTIPPEKKQMLEAAEKEIR
TTEERYARGEITEVERFQKVIDTWNGTSEELKDQVVVNFRKTDPLNSVYMMAFSGARGNMSQVRQLVGMRGLMADPQGEI
IDLPIKTNFREGLTVTEYVISSYGARKGLVDTALRTADSGYLTRRLVDVSQDVIVREQDCGTERSLRVTAMTDGDQVKIS
LADRLFGRLLAKDVVGPDGEIIAKRNDEIDEALANRIAAVTDEVYVRSPLTCEAARSVCQNCYGWSLAHGHKVDLGEAVG
IIAAQSIGEPGTQLTMRTFHTGGVFTGEVARQEKAPEDGTVKWGKGLSTRKVRTRHGEDAEQVEIAGDLIWKGEGKKAAT
QTYSLTPGSLLFVQDGQTVTAGQLMTEISLSKTQRSTERATKDVAGDLAGEVLFDRLVPEEKTDRQGNTTRIAQRGGLVW
ILSGEVYNLPPGAEPVVKNDEQVEVGSIMAETKLVTNDGGVVRLVSNREIEIITASVLLDQAQVKLESSGGREQYVIYTA
DKQRFLLKAAPGTKVQNHSIVAELIDDRYRTTTGGMIRYAGVEVAKGGRKQGYEVTKGGTLLWIPEETHEINKDISLLIV
EDGQYVEAGTEVVKDIFCQSSGIVEVVQKNDILREIIIKPGDFYQDVDPGSVKIESGQLLQPGQDVFPGVTVSTLSQAEW
IESPEGNGLLLRPVEEYKVFDEPAAPSQGSQNEEGGRQIELRSVQRLFYKDGDRVKSVEGAPLLSTQLVLEIYGSGNEGI
SHLSADIELQDDEEEDCQRLQLVILESLVLRRDQESDPLGGASKTRLLVQDGDQIPPGAVVARTEIQCKEAGTVRGIKEG
QESIRRVLLERAADRLVVDLPSAPEVKPGQLLVAGQELVPGVKLEESGKVLEINGKGDNYQLVLRRARPYRVSPGAVLHI
EDGDLVQRGDNLVLLVFERAKTGDIVQGLPRIEELLEARKPKEACVLARAPGVCQVEYLEDESVDIKVVEDDGTVSEYPL
LPGQNAMVTDGQRIDVGHALTDGYNNPHEILDVFFSYYVDKDGCYQAALRGLQAAQKFLVNEVQTVYQSQGVDISDKHIE
VIVRQMTAKVRIDDGGDTTMLPGELVELRQVEQVNEAMGITGSAPARYTPVLLGITKASLNTDSFISAASFQETTRVLTE
AAIEGKSDWLRGLKENVIIGRLIPAGTGFSSHEEVLGLIETQDDIQGYMIEPIELPTTKKKASATKVKTKKVEADDDLLD
DTRARAYAGTQLSQDDEEFEETYDTDEDDFDMDDDDDFGDDED
;
Z
7 'polydeoxyribonucleotide'
;(DG)(DC)(DT)(DT)(DG)(DA)(DC)(DA)(DA)(DG)(DG)(DC)(DC)(DC)(DG)(DT)(DC)(DC)(DG)(DT)
(DT)(DA)(DT)(DG)(DG)(DT)(DA)(DT)(DA)(DA)(DT)(DG)(DG)(DG)(DA)(DG)(DC)(DT)(DG)(DT)
(DC)(DA)(DC)(DG)(DG)(DA)(DT)(DG)(DC)(DA)(DG)(DG)(DT)(DG)(DG)(DC)(DT)(DG)(DG)(DT)
(DT)(DC)(DT)(DC)(DG)(DC)(DG)
;
1
8 'polydeoxyribonucleotide'
;(DC)(DG)(DC)(DG)(DA)(DG)(DA)(DA)(DC)(DC)(DA)(DG)(DC)(DC)(DA)(DC)(DC)(DT)(DG)(DC)
(DA)(DT)(DC)(DC)(DG)(DT)(DG)(DA)(DG)(DT)(DC)(DG)(DA)(DG)(DG)(DG)(DT)(DA)(DA)(DT)
(DA)(DA)(DC)(DC)(DA)(DT)(DA)(DA)(DC)(DG)(DG)(DA)(DC)(DG)(DG)(DG)(DC)(DC)(DT)(DT)
(DG)(DT)(DC)(DA)(DA)(DG)(DC)
;
2
9 'polyribonucleotide' UCGA 3
#
loop_
_chem_comp.id
_chem_comp.type
_chem_comp.name
_chem_comp.formula
A RNA linking ADENOSINE-5'-MONOPHOSPHATE 'C10 H14 N5 O7 P'
C RNA linking CYTIDINE-5'-MONOPHOSPHATE 'C9 H14 N3 O8 P'
DA DNA linking 2'-DEOXYADENOSINE-5'-MONOPHOSPHATE 'C10 H14 N5 O6 P'
DC DNA linking 2'-DEOXYCYTIDINE-5'-MONOPHOSPHATE 'C9 H14 N3 O7 P'
DG DNA linking 2'-DEOXYGUANOSINE-5'-MONOPHOSPHATE 'C10 H14 N5 O7 P'
DT DNA linking THYMIDINE-5'-MONOPHOSPHATE 'C10 H15 N2 O8 P'
G RNA linking GUANOSINE-5'-MONOPHOSPHATE 'C10 H14 N5 O8 P'
MG non-polymer 'MAGNESIUM ION' 'Mg 2'
U RNA linking URIDINE-5'-MONOPHOSPHATE 'C9 H13 N2 O9 P'
ZN non-polymer 'ZINC ION' 'Zn 2'
#
# COMPACT_ATOMS: atom_id res chain seq x y z
N GLN A 17 56.59 -51.93 9.72
CA GLN A 17 55.94 -50.64 9.73
C GLN A 17 54.42 -50.78 9.76
N PHE A 18 53.74 -49.64 9.90
CA PHE A 18 52.27 -49.54 9.94
C PHE A 18 51.68 -50.39 11.06
N GLN A 19 52.05 -50.05 12.29
CA GLN A 19 51.61 -50.77 13.47
C GLN A 19 50.27 -50.21 13.93
N ILE A 20 49.21 -51.00 13.77
CA ILE A 20 47.87 -50.61 14.18
C ILE A 20 47.66 -51.07 15.63
N GLU A 21 47.15 -50.17 16.47
CA GLU A 21 46.93 -50.48 17.87
C GLU A 21 45.71 -49.71 18.37
N CYS A 22 45.12 -50.19 19.45
CA CYS A 22 43.96 -49.58 20.08
C CYS A 22 44.39 -48.96 21.40
N VAL A 23 44.16 -47.65 21.55
CA VAL A 23 44.54 -46.98 22.78
C VAL A 23 43.52 -47.23 23.88
N GLU A 24 42.27 -46.85 23.64
CA GLU A 24 41.20 -47.04 24.61
C GLU A 24 39.93 -47.45 23.87
N SER A 25 39.04 -48.12 24.60
CA SER A 25 37.76 -48.60 24.05
C SER A 25 36.68 -48.34 25.09
N SER A 26 36.01 -47.20 24.98
CA SER A 26 34.94 -46.84 25.88
C SER A 26 33.61 -47.37 25.37
N THR A 27 32.66 -47.55 26.30
CA THR A 27 31.34 -48.07 25.97
C THR A 27 30.32 -47.41 26.88
N ARG A 28 29.30 -46.79 26.29
CA ARG A 28 28.24 -46.14 27.05
C ARG A 28 27.21 -47.19 27.49
N LYS A 29 26.07 -46.73 28.00
CA LYS A 29 25.03 -47.62 28.50
C LYS A 29 24.22 -48.20 27.34
N ASN A 30 24.88 -49.13 26.62
CA ASN A 30 24.32 -49.87 25.48
C ASN A 30 23.81 -48.97 24.37
N GLN A 31 24.45 -47.82 24.18
CA GLN A 31 24.02 -46.86 23.17
C GLN A 31 25.14 -46.29 22.31
N GLN A 32 26.41 -46.43 22.72
CA GLN A 32 27.52 -45.88 21.96
C GLN A 32 28.78 -46.65 22.32
N GLN A 33 29.65 -46.83 21.32
CA GLN A 33 30.94 -47.50 21.51
C GLN A 33 32.03 -46.62 20.92
N TYR A 34 32.87 -46.06 21.80
CA TYR A 34 33.95 -45.18 21.38
C TYR A 34 35.28 -45.92 21.51
N SER A 35 36.04 -45.94 20.41
CA SER A 35 37.36 -46.56 20.40
C SER A 35 38.37 -45.61 19.76
N LYS A 36 39.59 -45.65 20.27
CA LYS A 36 40.66 -44.77 19.82
C LYS A 36 41.78 -45.63 19.24
N PHE A 37 42.05 -45.46 17.95
CA PHE A 37 43.09 -46.21 17.26
C PHE A 37 44.34 -45.35 17.08
N SER A 38 45.37 -45.94 16.49
CA SER A 38 46.63 -45.23 16.27
C SER A 38 47.36 -45.88 15.10
N LEU A 39 48.06 -45.05 14.33
CA LEU A 39 48.83 -45.51 13.17
C LEU A 39 50.23 -44.94 13.27
N GLU A 40 51.23 -45.82 13.25
CA GLU A 40 52.62 -45.40 13.37
C GLU A 40 53.50 -46.47 12.72
N PRO A 41 54.40 -46.09 11.79
CA PRO A 41 54.60 -44.72 11.28
C PRO A 41 53.87 -44.47 9.97
N LEU A 42 54.10 -43.29 9.39
CA LEU A 42 53.49 -42.91 8.11
C LEU A 42 54.55 -42.17 7.30
N ASP A 43 54.12 -41.50 6.24
CA ASP A 43 55.01 -40.73 5.40
C ASP A 43 55.07 -39.29 5.90
N ARG A 44 55.64 -38.40 5.10
CA ARG A 44 55.81 -37.01 5.51
C ARG A 44 54.51 -36.21 5.46
N GLY A 45 53.55 -36.63 4.63
CA GLY A 45 52.31 -35.91 4.52
C GLY A 45 51.10 -36.80 4.34
N GLN A 46 51.24 -38.09 4.66
CA GLN A 46 50.17 -39.05 4.49
C GLN A 46 49.29 -39.18 5.74
N GLY A 47 49.44 -38.29 6.72
CA GLY A 47 48.54 -38.28 7.86
C GLY A 47 47.15 -37.78 7.53
N THR A 48 47.02 -36.98 6.47
CA THR A 48 45.73 -36.48 6.02
C THR A 48 45.14 -37.36 4.92
N THR A 49 45.99 -38.05 4.15
CA THR A 49 45.50 -38.92 3.08
C THR A 49 44.80 -40.15 3.64
N VAL A 50 45.37 -40.78 4.65
CA VAL A 50 44.72 -41.93 5.27
C VAL A 50 43.58 -41.49 6.18
N GLY A 51 43.72 -40.34 6.84
CA GLY A 51 42.73 -39.88 7.80
C GLY A 51 41.44 -39.37 7.19
N ASN A 52 41.55 -38.52 6.16
CA ASN A 52 40.34 -37.93 5.58
C ASN A 52 39.61 -38.90 4.66
N ALA A 53 40.34 -39.81 4.01
CA ALA A 53 39.67 -40.79 3.15
C ALA A 53 38.93 -41.84 3.98
N LEU A 54 39.43 -42.15 5.17
CA LEU A 54 38.74 -43.07 6.06
C LEU A 54 37.56 -42.42 6.76
N ARG A 55 37.54 -41.08 6.84
CA ARG A 55 36.42 -40.40 7.49
C ARG A 55 35.23 -40.25 6.57
N ARG A 56 35.48 -40.03 5.27
CA ARG A 56 34.39 -39.83 4.33
C ARG A 56 33.67 -41.14 4.01
N VAL A 57 34.37 -42.27 4.11
CA VAL A 57 33.75 -43.56 3.86
C VAL A 57 32.95 -44.01 5.08
N LEU A 58 33.48 -43.77 6.29
CA LEU A 58 32.82 -44.21 7.52
C LEU A 58 31.53 -43.45 7.80
N LEU A 59 31.39 -42.23 7.29
CA LEU A 59 30.21 -41.41 7.58
C LEU A 59 29.15 -41.48 6.49
N SER A 60 29.45 -42.04 5.32
CA SER A 60 28.51 -42.05 4.21
C SER A 60 28.36 -43.38 3.49
N ASN A 61 29.33 -44.30 3.58
CA ASN A 61 29.32 -45.52 2.79
C ASN A 61 29.11 -46.79 3.61
N LEU A 62 29.08 -46.70 4.93
CA LEU A 62 28.88 -47.89 5.74
C LEU A 62 27.40 -48.29 5.74
N PRO A 63 27.08 -49.54 5.39
CA PRO A 63 25.68 -49.95 5.36
C PRO A 63 25.15 -50.31 6.73
N GLY A 64 23.82 -50.17 6.87
CA GLY A 64 23.15 -50.51 8.11
C GLY A 64 21.73 -50.98 7.90
N ALA A 65 20.98 -51.15 8.98
CA ALA A 65 19.60 -51.61 8.91
C ALA A 65 18.74 -50.79 9.87
N ALA A 66 17.51 -50.51 9.44
CA ALA A 66 16.58 -49.73 10.25
C ALA A 66 15.16 -50.13 9.88
N VAL A 67 14.19 -49.51 10.55
CA VAL A 67 12.78 -49.78 10.31
C VAL A 67 12.31 -48.97 9.11
N THR A 68 11.83 -49.64 8.08
CA THR A 68 11.39 -49.00 6.85
C THR A 68 9.89 -48.72 6.83
N ALA A 69 9.07 -49.71 7.16
CA ALA A 69 7.62 -49.56 7.12
C ALA A 69 7.02 -50.11 8.41
N ILE A 70 5.86 -49.55 8.78
CA ILE A 70 5.15 -49.94 10.00
C ILE A 70 3.68 -50.09 9.66
N ARG A 71 3.12 -51.27 9.95
CA ARG A 71 1.68 -51.50 9.86
C ARG A 71 1.15 -51.58 11.28
N ILE A 72 0.34 -50.58 11.67
CA ILE A 72 -0.14 -50.48 13.04
C ILE A 72 -1.42 -51.28 13.27
N ALA A 73 -2.01 -51.83 12.21
CA ALA A 73 -3.17 -52.74 12.25
C ALA A 73 -4.39 -52.10 12.91
N GLY A 74 -4.92 -51.09 12.22
CA GLY A 74 -6.13 -50.43 12.65
C GLY A 74 -6.25 -48.97 12.28
N VAL A 75 -5.14 -48.31 11.97
CA VAL A 75 -5.13 -46.94 11.47
C VAL A 75 -4.55 -46.96 10.07
N ASN A 76 -5.23 -46.29 9.13
CA ASN A 76 -4.81 -46.35 7.74
C ASN A 76 -3.76 -45.29 7.40
N HIS A 77 -3.88 -44.10 7.97
CA HIS A 77 -2.96 -43.01 7.70
C HIS A 77 -2.15 -42.67 8.95
N GLU A 78 -1.33 -41.63 8.85
CA GLU A 78 -0.41 -41.24 9.92
C GLU A 78 -0.93 -40.10 10.77
N PHE A 79 -1.97 -39.39 10.33
CA PHE A 79 -2.45 -38.19 11.01
C PHE A 79 -3.68 -38.46 11.87
N ALA A 80 -3.75 -39.63 12.50
CA ALA A 80 -4.84 -39.96 13.40
C ALA A 80 -4.27 -40.41 14.75
N THR A 81 -5.16 -40.79 15.66
CA THR A 81 -4.78 -41.24 16.99
C THR A 81 -5.35 -42.61 17.26
N ILE A 82 -4.83 -43.25 18.31
CA ILE A 82 -5.34 -44.53 18.81
C ILE A 82 -5.91 -44.27 20.20
N LEU A 83 -7.12 -44.77 20.45
CA LEU A 83 -7.78 -44.54 21.73
C LEU A 83 -7.09 -45.32 22.83
N GLY A 84 -6.50 -44.60 23.78
CA GLY A 84 -5.82 -45.20 24.91
C GLY A 84 -4.32 -45.01 24.95
N VAL A 85 -3.72 -44.58 23.84
CA VAL A 85 -2.27 -44.38 23.75
C VAL A 85 -1.99 -42.89 23.95
N ARG A 86 -0.91 -42.60 24.69
CA ARG A 86 -0.53 -41.21 24.95
C ARG A 86 -0.05 -40.50 23.70
N GLU A 87 0.56 -41.22 22.76
CA GLU A 87 1.09 -40.64 21.53
C GLU A 87 0.30 -41.15 20.33
N ASP A 88 0.31 -40.34 19.27
CA ASP A 88 -0.38 -40.68 18.03
C ASP A 88 0.53 -41.52 17.14
N VAL A 89 0.13 -41.69 15.88
CA VAL A 89 0.89 -42.55 14.96
C VAL A 89 2.19 -41.88 14.53
N LEU A 90 2.23 -40.55 14.51
CA LEU A 90 3.43 -39.85 14.05
C LEU A 90 4.55 -39.91 15.07
N GLU A 91 4.22 -39.82 16.36
CA GLU A 91 5.25 -39.91 17.39
C GLU A 91 5.71 -41.34 17.62
N ILE A 92 4.92 -42.34 17.23
CA ILE A 92 5.37 -43.72 17.29
C ILE A 92 6.40 -43.99 16.19
N MET A 93 6.15 -43.46 14.99
CA MET A 93 7.06 -43.65 13.87
C MET A 93 8.38 -42.88 14.04
N LEU A 94 8.37 -41.82 14.85
CA LEU A 94 9.62 -41.13 15.15
C LEU A 94 10.45 -41.86 16.20
N ASN A 95 9.79 -42.57 17.11
CA ASN A 95 10.52 -43.36 18.10
C ASN A 95 11.11 -44.61 17.49
N MET A 96 10.44 -45.19 16.48
CA MET A 96 10.96 -46.34 15.76
C MET A 96 11.94 -45.96 14.67
N LYS A 97 12.02 -44.67 14.33
CA LYS A 97 13.00 -44.21 13.35
C LYS A 97 14.42 -44.24 13.92
N GLU A 98 14.57 -43.96 15.21
CA GLU A 98 15.86 -43.97 15.87
C GLU A 98 16.17 -45.33 16.51
N LEU A 99 15.48 -46.38 16.10
CA LEU A 99 15.71 -47.71 16.65
C LEU A 99 16.98 -48.31 16.05
N VAL A 100 17.83 -48.89 16.90
CA VAL A 100 19.09 -49.46 16.47
C VAL A 100 18.87 -50.96 16.25
N LEU A 101 18.95 -51.38 14.99
CA LEU A 101 18.77 -52.78 14.61
C LEU A 101 19.91 -53.21 13.71
N LYS A 102 20.02 -54.53 13.52
CA LYS A 102 21.02 -55.09 12.61
C LYS A 102 20.48 -56.41 12.08
N SER A 103 21.03 -56.83 10.95
CA SER A 103 20.60 -58.07 10.31
C SER A 103 21.73 -58.61 9.45
N TYR A 104 21.60 -59.88 9.07
CA TYR A 104 22.59 -60.54 8.24
C TYR A 104 22.01 -61.24 7.01
N THR A 105 20.69 -61.25 6.85
CA THR A 105 20.05 -62.02 5.80
C THR A 105 19.98 -61.28 4.47
N ASP A 106 20.14 -59.95 4.49
CA ASP A 106 20.00 -59.07 3.32
C ASP A 106 18.62 -59.23 2.68
N GLN A 107 17.60 -59.28 3.53
CA GLN A 107 16.22 -59.47 3.10
C GLN A 107 15.32 -58.70 4.06
N PRO A 108 14.18 -58.20 3.59
CA PRO A 108 13.25 -57.50 4.49
C PRO A 108 12.59 -58.48 5.45
N GLN A 109 12.77 -58.23 6.75
CA GLN A 109 12.22 -59.07 7.80
C GLN A 109 10.95 -58.45 8.37
N ILE A 110 10.26 -59.23 9.19
CA ILE A 110 9.00 -58.81 9.81
C ILE A 110 9.08 -59.12 11.30
N GLY A 111 8.91 -58.08 12.13
CA GLY A 111 8.87 -58.25 13.57
C GLY A 111 7.57 -57.70 14.13
N ARG A 112 7.02 -58.38 15.13
CA ARG A 112 5.74 -58.02 15.71
C ARG A 112 5.92 -57.44 17.10
N LEU A 113 4.85 -56.84 17.61
CA LEU A 113 4.85 -56.23 18.94
C LEU A 113 3.43 -56.22 19.49
N THR A 114 3.27 -56.73 20.71
CA THR A 114 2.01 -56.63 21.44
C THR A 114 2.26 -55.98 22.79
N ALA A 115 1.21 -55.34 23.32
CA ALA A 115 1.33 -54.60 24.57
C ALA A 115 -0.04 -54.53 25.23
N ILE A 116 -0.16 -55.14 26.40
CA ILE A 116 -1.38 -55.10 27.21
C ILE A 116 -0.99 -54.72 28.63
N GLY A 117 -1.49 -53.59 29.10
CA GLY A 117 -1.20 -53.14 30.45
C GLY A 117 -0.96 -51.65 30.54
N PRO A 118 -0.91 -51.12 31.76
CA PRO A 118 -0.67 -49.68 31.95
C PRO A 118 0.80 -49.27 31.98
N GLY A 119 1.72 -50.14 31.56
CA GLY A 119 3.14 -49.80 31.55
C GLY A 119 3.59 -49.25 30.21
N THR A 120 4.84 -48.79 30.19
CA THR A 120 5.43 -48.26 28.97
C THR A 120 5.90 -49.41 28.07
N VAL A 121 6.09 -49.07 26.79
CA VAL A 121 6.53 -50.04 25.78
C VAL A 121 7.99 -49.76 25.48
N THR A 122 8.82 -50.79 25.61
CA THR A 122 10.25 -50.71 25.34
C THR A 122 10.60 -51.58 24.15
N ALA A 123 11.90 -51.63 23.82
CA ALA A 123 12.38 -52.43 22.71
C ALA A 123 12.50 -53.91 23.06
N ALA A 124 12.42 -54.27 24.35
CA ALA A 124 12.54 -55.67 24.75
C ALA A 124 11.25 -56.45 24.54
N GLN A 125 10.13 -55.78 24.25
CA GLN A 125 8.85 -56.44 24.02
C GLN A 125 8.64 -56.84 22.57
N PHE A 126 9.65 -56.68 21.72
CA PHE A 126 9.53 -57.04 20.32
C PHE A 126 9.62 -58.55 20.13
N GLU A 127 9.18 -59.00 18.95
CA GLU A 127 9.24 -60.41 18.55
C GLU A 127 9.94 -60.46 17.20
N VAL A 128 11.27 -60.52 17.22
CA VAL A 128 12.08 -60.48 16.00
C VAL A 128 12.39 -61.90 15.57
N PRO A 129 12.56 -62.17 14.26
CA PRO A 129 12.96 -63.52 13.83
C PRO A 129 14.43 -63.82 14.07
N SER A 130 14.88 -64.97 13.57
CA SER A 130 16.27 -65.37 13.74
C SER A 130 17.20 -64.48 12.92
N GLU A 131 18.44 -64.38 13.39
CA GLU A 131 19.53 -63.56 12.83
C GLU A 131 19.19 -62.07 12.74
N VAL A 132 18.25 -61.61 13.58
CA VAL A 132 17.91 -60.20 13.71
C VAL A 132 17.77 -59.90 15.19
N GLU A 133 18.58 -58.98 15.70
CA GLU A 133 18.59 -58.67 17.12
C GLU A 133 18.46 -57.17 17.34
N VAL A 134 17.96 -56.80 18.51
CA VAL A 134 17.85 -55.43 18.94
C VAL A 134 19.06 -55.12 19.82
N ILE A 135 19.86 -54.14 19.42
CA ILE A 135 21.10 -53.83 20.13
C ILE A 135 20.80 -53.12 21.44
N ASP A 136 20.07 -52.01 21.37
CA ASP A 136 19.81 -51.20 22.56
C ASP A 136 18.44 -51.54 23.13
N PRO A 137 18.35 -52.11 24.32
CA PRO A 137 17.05 -52.30 24.96
C PRO A 137 16.61 -50.99 25.64
N ASN A 138 15.39 -51.03 26.18
CA ASN A 138 14.75 -49.91 26.88
C ASN A 138 14.62 -48.66 26.00
N GLN A 139 14.43 -48.86 24.70
CA GLN A 139 14.16 -47.75 23.79
C GLN A 139 12.74 -47.28 23.99
N TYR A 140 12.57 -45.96 24.15
CA TYR A 140 11.26 -45.41 24.50
C TYR A 140 10.32 -45.44 23.31
N ILE A 141 9.22 -46.18 23.45
CA ILE A 141 8.12 -46.18 22.49
C ILE A 141 6.97 -45.54 23.25
N ALA A 142 5.80 -45.39 22.61
CA ALA A 142 4.66 -44.76 23.25
C ALA A 142 4.11 -45.60 24.40
N THR A 143 3.54 -44.92 25.38
CA THR A 143 3.07 -45.56 26.60
C THR A 143 1.58 -45.88 26.51
N LEU A 144 1.18 -46.93 27.21
CA LEU A 144 -0.20 -47.36 27.30
C LEU A 144 -0.71 -47.13 28.71
N ALA A 145 -2.01 -46.82 28.84
CA ALA A 145 -2.62 -46.53 30.14
C ALA A 145 -3.88 -47.37 30.31
N GLU A 146 -3.70 -48.63 30.72
CA GLU A 146 -4.70 -49.47 31.39
C GLU A 146 -5.98 -49.78 30.61
N GLY A 147 -6.09 -49.35 29.35
CA GLY A 147 -7.35 -49.52 28.66
C GLY A 147 -7.28 -49.79 27.17
N ALA A 148 -6.08 -50.04 26.64
CA ALA A 148 -5.91 -50.21 25.20
C ALA A 148 -4.93 -51.33 24.92
N LYS A 149 -4.62 -51.51 23.64
CA LYS A 149 -3.76 -52.58 23.17
C LYS A 149 -3.16 -52.17 21.83
N LEU A 150 -1.86 -52.35 21.69
CA LEU A 150 -1.14 -51.98 20.47
C LEU A 150 -0.61 -53.24 19.80
N GLU A 151 -0.93 -53.41 18.52
CA GLU A 151 -0.54 -54.58 17.74
C GLU A 151 0.16 -54.15 16.46
N MET A 152 1.13 -53.25 16.58
CA MET A 152 1.88 -52.78 15.42
C MET A 152 2.99 -53.77 15.07
N GLU A 153 3.37 -53.77 13.80
CA GLU A 153 4.47 -54.58 13.31
C GLU A 153 5.32 -53.74 12.37
N PHE A 154 6.62 -54.07 12.31
CA PHE A 154 7.58 -53.27 11.56
C PHE A 154 8.31 -54.13 10.55
N ARG A 155 8.94 -53.46 9.59
CA ARG A 155 9.73 -54.10 8.54
C ARG A 155 11.17 -53.62 8.65
N VAL A 156 12.11 -54.57 8.66
CA VAL A 156 13.53 -54.29 8.84
C VAL A 156 14.23 -54.58 7.52
N GLU A 157 14.67 -53.52 6.84
CA GLU A 157 15.38 -53.63 5.57
C GLU A 157 16.74 -52.95 5.70
N ARG A 158 17.69 -53.42 4.89
CA ARG A 158 19.04 -52.88 4.88
C ARG A 158 19.21 -51.88 3.75
N GLY A 159 20.21 -51.02 3.90
CA GLY A 159 20.47 -50.00 2.90
C GLY A 159 21.78 -49.29 3.17
N VAL A 160 22.05 -48.27 2.36
CA VAL A 160 23.26 -47.47 2.47
C VAL A 160 22.86 -46.01 2.51
N GLY A 161 23.21 -45.33 3.59
CA GLY A 161 22.97 -43.88 3.67
C GLY A 161 21.54 -43.58 4.06
N TYR A 162 20.91 -42.70 3.28
CA TYR A 162 19.56 -42.25 3.55
C TYR A 162 18.71 -42.45 2.29
N ARG A 163 17.53 -43.04 2.46
CA ARG A 163 16.66 -43.39 1.35
C ARG A 163 15.39 -42.55 1.39
N VAL A 164 14.88 -42.23 0.20
CA VAL A 164 13.66 -41.47 0.03
C VAL A 164 12.51 -42.43 -0.24
N ILE A 165 11.37 -42.20 0.42
CA ILE A 165 10.23 -43.10 0.34
C ILE A 165 9.26 -42.62 -0.74
N GLU A 166 9.72 -41.69 -1.59
CA GLU A 166 8.88 -41.17 -2.67
C GLU A 166 8.77 -42.17 -3.81
N SER A 174 2.30 -51.53 0.91
CA SER A 174 1.43 -52.63 0.47
C SER A 174 0.02 -52.45 1.01
N LEU A 175 -0.35 -53.26 1.99
CA LEU A 175 -1.68 -53.20 2.61
C LEU A 175 -1.56 -52.51 3.96
N ASP A 176 -1.91 -51.21 3.97
CA ASP A 176 -1.88 -50.34 5.16
C ASP A 176 -0.48 -50.29 5.78
N PHE A 177 0.51 -49.97 4.96
CA PHE A 177 1.89 -49.83 5.39
C PHE A 177 2.27 -48.35 5.34
N LEU A 178 2.94 -47.88 6.39
CA LEU A 178 3.34 -46.48 6.51
C LEU A 178 4.85 -46.39 6.34
N GLN A 179 5.28 -45.77 5.24
CA GLN A 179 6.69 -45.71 4.89
C GLN A 179 7.41 -44.68 5.75
N ILE A 180 8.61 -45.05 6.22
CA ILE A 180 9.46 -44.18 7.03
C ILE A 180 10.77 -43.99 6.28
N ASP A 181 11.19 -42.73 6.15
CA ASP A 181 12.47 -42.39 5.52
C ASP A 181 13.60 -42.66 6.51
N SER A 182 13.98 -43.94 6.60
CA SER A 182 14.95 -44.38 7.58
C SER A 182 16.37 -44.01 7.16
N VAL A 183 17.30 -44.17 8.10
CA VAL A 183 18.71 -43.91 7.88
C VAL A 183 19.49 -45.20 8.10
N PHE A 184 20.63 -45.32 7.43
CA PHE A 184 21.48 -46.51 7.49
C PHE A 184 22.91 -46.12 7.79
N MET A 185 23.10 -45.26 8.79
CA MET A 185 24.43 -44.81 9.19
C MET A 185 24.76 -45.32 10.58
N PRO A 186 25.56 -46.38 10.71
CA PRO A 186 25.91 -46.89 12.04
C PRO A 186 26.94 -46.04 12.76
N VAL A 187 27.77 -45.33 12.01
CA VAL A 187 28.82 -44.48 12.57
C VAL A 187 28.31 -43.06 12.64
N THR A 188 28.41 -42.44 13.81
CA THR A 188 27.87 -41.11 14.03
C THR A 188 28.88 -40.01 13.72
N LYS A 189 30.06 -40.05 14.35
CA LYS A 189 31.07 -39.03 14.14
C LYS A 189 32.46 -39.65 14.18
N VAL A 190 33.33 -39.17 13.30
CA VAL A 190 34.71 -39.63 13.20
C VAL A 190 35.62 -38.42 13.38
N ASN A 191 36.59 -38.53 14.29
CA ASN A 191 37.56 -37.47 14.54
C ASN A 191 38.97 -38.04 14.42
N TYR A 192 39.88 -37.23 13.87
CA TYR A 192 41.27 -37.65 13.72
C TYR A 192 42.18 -36.45 13.82
N THR A 193 43.32 -36.63 14.49
CA THR A 193 44.38 -35.64 14.54
C THR A 193 45.67 -36.26 14.01
N VAL A 194 46.54 -35.41 13.48
CA VAL A 194 47.83 -35.84 12.95
C VAL A 194 48.92 -35.30 13.87
N GLU A 195 49.75 -36.20 14.39
CA GLU A 195 50.83 -35.84 15.29
C GLU A 195 52.17 -36.24 14.69
N ASP A 196 53.21 -35.47 15.05
CA ASP A 196 54.55 -35.71 14.55
C ASP A 196 55.32 -36.62 15.49
N ILE A 197 56.28 -37.35 14.93
CA ILE A 197 57.15 -38.22 15.70
C ILE A 197 58.59 -37.73 15.57
N ARG A 198 59.38 -37.98 16.60
CA ARG A 198 60.78 -37.54 16.62
C ARG A 198 61.73 -38.73 16.68
N MET A 202 66.71 -37.08 11.44
CA MET A 202 65.56 -36.22 11.16
C MET A 202 64.60 -36.89 10.18
N SER A 203 63.35 -37.08 10.63
CA SER A 203 62.33 -37.71 9.81
C SER A 203 61.06 -36.87 9.88
N PRO A 204 60.42 -36.60 8.74
CA PRO A 204 59.18 -35.80 8.76
C PRO A 204 57.93 -36.65 8.89
N LYS A 205 58.09 -37.90 9.33
CA LYS A 205 56.98 -38.85 9.41
C LYS A 205 55.98 -38.44 10.47
N ASP A 206 54.75 -38.93 10.31
CA ASP A 206 53.63 -38.53 11.15
C ASP A 206 53.08 -39.74 11.90
N ARG A 207 52.16 -39.45 12.82
CA ARG A 207 51.42 -40.48 13.55
C ARG A 207 49.96 -40.09 13.56
N LEU A 208 49.09 -40.99 13.10
CA LEU A 208 47.68 -40.70 12.93
C LEU A 208 46.88 -41.50 13.96
N ILE A 209 46.06 -40.80 14.74
CA ILE A 209 45.11 -41.43 15.65
C ILE A 209 43.71 -41.18 15.12
N LEU A 210 42.80 -42.10 15.44
CA LEU A 210 41.45 -42.07 14.89
C LEU A 210 40.44 -42.40 15.98
N ASP A 211 39.35 -41.64 16.00
CA ASP A 211 38.26 -41.86 16.94
C ASP A 211 37.00 -42.21 16.15
N ILE A 212 36.37 -43.32 16.52
CA ILE A 212 35.17 -43.81 15.85
C ILE A 212 34.06 -43.93 16.87
N TRP A 213 32.94 -43.25 16.62
CA TRP A 213 31.76 -43.29 17.48
C TRP A 213 30.65 -44.01 16.72
N THR A 214 30.25 -45.17 17.21
CA THR A 214 29.17 -45.95 16.62
C THR A 214 27.93 -45.89 17.50
N ASN A 215 26.84 -46.46 16.99
CA ASN A 215 25.57 -46.49 17.71
C ASN A 215 25.30 -47.85 18.34
N GLY A 216 26.28 -48.74 18.38
CA GLY A 216 26.11 -50.07 18.92
C GLY A 216 25.79 -51.13 17.90
N SER A 217 25.31 -50.74 16.71
CA SER A 217 24.95 -51.72 15.70
C SER A 217 26.18 -52.39 15.10
N ILE A 218 27.33 -51.72 15.13
CA ILE A 218 28.58 -52.29 14.65
C ILE A 218 29.69 -51.84 15.60
N GLN A 219 30.78 -52.60 15.62
CA GLN A 219 31.92 -52.25 16.44
C GLN A 219 32.86 -51.31 15.68
N PRO A 220 33.57 -50.42 16.39
CA PRO A 220 34.54 -49.56 15.71
C PRO A 220 35.73 -50.30 15.13
N ARG A 221 36.08 -51.47 15.67
CA ARG A 221 37.09 -52.31 15.03
C ARG A 221 36.53 -53.04 13.81
N GLU A 222 35.24 -53.33 13.80
CA GLU A 222 34.61 -53.93 12.63
C GLU A 222 34.28 -52.90 11.58
N ALA A 223 34.01 -51.65 11.98
CA ALA A 223 33.73 -50.60 11.01
C ALA A 223 35.02 -50.13 10.33
N LEU A 224 36.15 -50.24 11.02
CA LEU A 224 37.42 -49.87 10.39
C LEU A 224 37.86 -50.90 9.36
N SER A 225 37.50 -52.17 9.57
CA SER A 225 37.81 -53.21 8.59
C SER A 225 36.90 -53.13 7.37
N GLU A 226 35.66 -52.69 7.56
CA GLU A 226 34.74 -52.55 6.43
C GLU A 226 35.01 -51.29 5.63
N ALA A 227 35.43 -50.21 6.29
CA ALA A 227 35.77 -48.99 5.57
C ALA A 227 37.07 -49.13 4.81
N SER A 228 38.01 -49.93 5.30
CA SER A 228 39.24 -50.18 4.56
C SER A 228 39.04 -51.13 3.38
N ASP A 229 37.93 -51.88 3.37
CA ASP A 229 37.63 -52.74 2.24
C ASP A 229 37.12 -51.95 1.04
N ILE A 230 36.43 -50.84 1.27
CA ILE A 230 35.88 -50.05 0.18
C ILE A 230 36.97 -49.23 -0.50
N ILE A 231 37.89 -48.66 0.27
CA ILE A 231 38.95 -47.83 -0.31
C ILE A 231 39.99 -48.69 -1.02
N ALA A 232 40.24 -49.90 -0.52
CA ALA A 232 41.20 -50.79 -1.18
C ALA A 232 40.63 -51.33 -2.50
N ASN A 233 39.31 -51.56 -2.54
CA ASN A 233 38.68 -52.01 -3.77
C ASN A 233 38.43 -50.89 -4.76
N LEU A 234 38.55 -49.63 -4.33
CA LEU A 234 38.43 -48.50 -5.24
C LEU A 234 39.73 -48.19 -5.98
N PHE A 235 40.83 -48.85 -5.63
CA PHE A 235 42.11 -48.63 -6.29
C PHE A 235 42.68 -49.91 -6.87
N ILE A 236 41.90 -50.99 -6.95
CA ILE A 236 42.31 -52.22 -7.62
C ILE A 236 42.42 -52.02 -9.14
N PRO A 237 41.41 -51.61 -9.91
CA PRO A 237 41.61 -51.58 -11.37
C PRO A 237 42.22 -50.31 -11.91
N LEU A 238 42.78 -49.45 -11.07
CA LEU A 238 43.45 -48.23 -11.51
C LEU A 238 44.95 -48.43 -11.70
N LYS A 239 45.52 -49.53 -11.20
CA LYS A 239 46.93 -49.81 -11.34
C LYS A 239 47.24 -51.03 -12.19
N ASP A 240 46.24 -51.86 -12.50
CA ASP A 240 46.45 -53.04 -13.33
C ASP A 240 46.27 -52.73 -14.81
N LEU A 241 45.18 -52.04 -15.16
CA LEU A 241 44.93 -51.69 -16.56
C LEU A 241 45.78 -50.51 -17.02
N ASN A 242 46.25 -49.67 -16.10
CA ASN A 242 47.07 -48.53 -16.47
C ASN A 242 48.55 -48.82 -16.30
N GLN B 17 31.50 -53.15 -11.51
CA GLN B 17 30.89 -52.06 -12.28
C GLN B 17 31.75 -50.81 -12.23
N PHE B 18 32.81 -50.80 -13.03
CA PHE B 18 33.74 -49.67 -13.07
C PHE B 18 34.50 -49.70 -14.38
N GLN B 19 34.54 -48.56 -15.07
CA GLN B 19 35.31 -48.41 -16.29
C GLN B 19 36.08 -47.10 -16.25
N ILE B 20 37.26 -47.09 -16.85
CA ILE B 20 38.12 -45.91 -16.87
C ILE B 20 38.81 -45.83 -18.22
N GLU B 21 38.71 -44.67 -18.87
CA GLU B 21 39.33 -44.46 -20.17
C GLU B 21 39.83 -43.04 -20.28
N CYS B 22 40.72 -42.81 -21.24
CA CYS B 22 41.28 -41.49 -21.49
C CYS B 22 40.46 -40.79 -22.55
N VAL B 23 40.06 -39.55 -22.26
CA VAL B 23 39.24 -38.78 -23.20
C VAL B 23 40.09 -38.25 -24.34
N GLU B 24 41.09 -37.44 -24.03
CA GLU B 24 42.00 -36.93 -25.04
C GLU B 24 43.37 -36.71 -24.42
N SER B 25 44.38 -36.65 -25.28
CA SER B 25 45.76 -36.42 -24.86
C SER B 25 46.37 -35.32 -25.70
N SER B 26 47.39 -34.67 -25.16
CA SER B 26 48.05 -33.56 -25.84
C SER B 26 49.51 -33.51 -25.43
N THR B 27 50.34 -33.02 -26.34
CA THR B 27 51.77 -32.85 -26.10
C THR B 27 52.22 -31.56 -26.78
N ARG B 28 52.93 -30.71 -26.03
CA ARG B 28 53.37 -29.42 -26.53
C ARG B 28 54.68 -29.59 -27.32
N LYS B 29 55.33 -28.47 -27.63
CA LYS B 29 56.61 -28.52 -28.34
C LYS B 29 57.70 -29.08 -27.44
N ASN B 30 57.79 -28.59 -26.21
CA ASN B 30 58.62 -29.24 -25.21
C ASN B 30 57.94 -30.53 -24.75
N GLN B 31 58.75 -31.46 -24.22
CA GLN B 31 58.24 -32.77 -23.81
C GLN B 31 57.51 -32.63 -22.48
N GLN B 32 56.24 -32.22 -22.59
CA GLN B 32 55.35 -32.08 -21.44
C GLN B 32 54.01 -32.68 -21.82
N GLN B 33 53.74 -33.90 -21.35
CA GLN B 33 52.55 -34.62 -21.73
C GLN B 33 51.37 -34.24 -20.85
N TYR B 34 50.17 -34.52 -21.35
CA TYR B 34 48.94 -34.19 -20.65
C TYR B 34 47.85 -35.14 -21.12
N SER B 35 47.05 -35.63 -20.17
CA SER B 35 45.96 -36.54 -20.50
C SER B 35 44.81 -36.28 -19.52
N LYS B 36 43.60 -36.64 -19.96
CA LYS B 36 42.40 -36.47 -19.18
C LYS B 36 41.67 -37.80 -19.07
N PHE B 37 41.41 -38.23 -17.83
CA PHE B 37 40.76 -39.51 -17.57
C PHE B 37 39.30 -39.28 -17.16
N SER B 38 38.56 -40.38 -17.08
CA SER B 38 37.16 -40.36 -16.68
C SER B 38 36.86 -41.59 -15.85
N LEU B 39 36.29 -41.38 -14.67
CA LEU B 39 35.95 -42.46 -13.75
C LEU B 39 34.43 -42.56 -13.64
N GLU B 40 33.91 -43.74 -13.97
CA GLU B 40 32.47 -43.96 -14.03
C GLU B 40 32.19 -45.45 -13.88
N PRO B 41 31.18 -45.85 -13.08
CA PRO B 41 30.39 -45.00 -12.19
C PRO B 41 30.83 -45.06 -10.72
N LEU B 42 30.85 -43.91 -10.06
CA LEU B 42 31.19 -43.82 -8.65
C LEU B 42 29.94 -43.50 -7.83
N ASP B 43 29.97 -43.88 -6.56
CA ASP B 43 28.83 -43.69 -5.69
C ASP B 43 28.68 -42.22 -5.28
N ARG B 44 27.60 -41.94 -4.57
CA ARG B 44 27.30 -40.59 -4.12
C ARG B 44 28.26 -40.20 -3.00
N GLY B 45 29.23 -39.35 -3.33
CA GLY B 45 30.25 -38.92 -2.38
C GLY B 45 31.59 -39.60 -2.57
N GLN B 46 31.66 -40.67 -3.36
CA GLN B 46 32.92 -41.36 -3.59
C GLN B 46 33.78 -40.70 -4.66
N GLY B 47 33.22 -39.79 -5.45
CA GLY B 47 34.00 -39.11 -6.47
C GLY B 47 34.96 -38.09 -5.92
N THR B 48 34.67 -37.54 -4.75
CA THR B 48 35.53 -36.53 -4.14
C THR B 48 36.68 -37.14 -3.35
N THR B 49 36.42 -38.23 -2.64
CA THR B 49 37.48 -38.85 -1.83
C THR B 49 38.48 -39.63 -2.67
N VAL B 50 38.16 -39.94 -3.92
CA VAL B 50 39.11 -40.60 -4.81
C VAL B 50 40.01 -39.58 -5.50
N GLY B 51 39.41 -38.49 -6.01
CA GLY B 51 40.19 -37.48 -6.71
C GLY B 51 41.06 -36.65 -5.78
N ASN B 52 40.67 -36.50 -4.52
CA ASN B 52 41.48 -35.75 -3.57
C ASN B 52 42.62 -36.60 -3.01
N ALA B 53 42.39 -37.90 -2.84
CA ALA B 53 43.46 -38.78 -2.38
C ALA B 53 44.49 -39.02 -3.48
N LEU B 54 44.06 -39.03 -4.74
CA LEU B 54 45.00 -39.17 -5.84
C LEU B 54 45.78 -37.89 -6.10
N ARG B 55 45.25 -36.73 -5.67
CA ARG B 55 45.94 -35.47 -5.90
C ARG B 55 47.13 -35.29 -4.96
N ARG B 56 46.98 -35.72 -3.71
CA ARG B 56 48.05 -35.53 -2.74
C ARG B 56 49.19 -36.52 -2.93
N VAL B 57 48.91 -37.69 -3.50
CA VAL B 57 49.96 -38.67 -3.75
C VAL B 57 50.72 -38.34 -5.03
N LEU B 58 50.01 -37.88 -6.07
CA LEU B 58 50.66 -37.59 -7.34
C LEU B 58 51.54 -36.34 -7.27
N LEU B 59 51.22 -35.41 -6.38
CA LEU B 59 51.98 -34.17 -6.27
C LEU B 59 53.11 -34.23 -5.24
N SER B 60 52.99 -35.07 -4.22
CA SER B 60 53.97 -35.11 -3.14
C SER B 60 54.71 -36.42 -3.05
N ASN B 61 54.01 -37.56 -3.01
CA ASN B 61 54.63 -38.86 -2.81
C ASN B 61 54.87 -39.53 -4.16
N LEU B 62 55.89 -39.04 -4.87
CA LEU B 62 56.29 -39.63 -6.14
C LEU B 62 57.80 -39.49 -6.29
N PRO B 63 58.52 -40.59 -6.52
CA PRO B 63 59.98 -40.51 -6.65
C PRO B 63 60.40 -39.92 -7.99
N GLY B 64 61.37 -39.00 -7.95
CA GLY B 64 61.85 -38.37 -9.15
C GLY B 64 63.35 -38.12 -9.06
N ALA B 65 63.92 -37.66 -10.17
CA ALA B 65 65.34 -37.38 -10.28
C ALA B 65 65.54 -35.93 -10.68
N ALA B 66 66.54 -35.29 -10.06
CA ALA B 66 66.87 -33.91 -10.35
C ALA B 66 68.34 -33.67 -10.04
N VAL B 67 68.81 -32.48 -10.40
CA VAL B 67 70.19 -32.08 -10.15
C VAL B 67 70.24 -31.37 -8.80
N THR B 68 71.08 -31.87 -7.89
CA THR B 68 71.16 -31.35 -6.54
C THR B 68 72.42 -30.58 -6.24
N ALA B 69 73.53 -30.87 -6.92
CA ALA B 69 74.80 -30.21 -6.65
C ALA B 69 75.60 -30.07 -7.93
N ILE B 70 76.12 -28.86 -8.15
CA ILE B 70 76.98 -28.57 -9.30
C ILE B 70 78.35 -28.15 -8.78
N ARG B 71 79.31 -28.07 -9.69
CA ARG B 71 80.67 -27.67 -9.34
C ARG B 71 81.31 -27.00 -10.56
N ILE B 72 81.51 -25.69 -10.47
CA ILE B 72 82.12 -24.90 -11.52
C ILE B 72 83.46 -24.39 -11.01
N ALA B 73 84.51 -24.53 -11.83
CA ALA B 73 85.84 -24.10 -11.42
C ALA B 73 85.96 -22.59 -11.47
N GLY B 74 86.67 -22.03 -10.49
CA GLY B 74 86.85 -20.60 -10.40
C GLY B 74 85.73 -19.85 -9.70
N VAL B 75 84.76 -20.56 -9.13
CA VAL B 75 83.62 -19.96 -8.45
C VAL B 75 83.70 -20.35 -6.98
N ASN B 76 83.61 -19.34 -6.11
CA ASN B 76 83.72 -19.55 -4.66
C ASN B 76 82.37 -19.57 -3.95
N HIS B 77 81.48 -18.64 -4.27
CA HIS B 77 80.18 -18.55 -3.61
C HIS B 77 79.10 -18.38 -4.66
N GLU B 78 77.88 -18.14 -4.21
CA GLU B 78 76.72 -18.08 -5.09
C GLU B 78 76.46 -16.70 -5.67
N PHE B 79 77.28 -15.70 -5.34
CA PHE B 79 77.11 -14.35 -5.85
C PHE B 79 78.24 -13.88 -6.74
N ALA B 80 79.36 -14.60 -6.79
CA ALA B 80 80.48 -14.22 -7.63
C ALA B 80 80.22 -14.62 -9.08
N THR B 81 80.76 -13.83 -10.00
CA THR B 81 80.60 -14.05 -11.43
C THR B 81 81.82 -14.80 -11.97
N ILE B 82 81.60 -15.59 -13.03
CA ILE B 82 82.64 -16.38 -13.66
C ILE B 82 82.92 -15.81 -15.05
N LEU B 83 84.20 -15.69 -15.39
CA LEU B 83 84.60 -15.10 -16.66
C LEU B 83 84.24 -16.03 -17.82
N GLY B 84 83.74 -15.44 -18.89
CA GLY B 84 83.34 -16.16 -20.08
C GLY B 84 81.85 -16.36 -20.24
N VAL B 85 81.11 -16.45 -19.14
CA VAL B 85 79.66 -16.65 -19.15
C VAL B 85 78.97 -15.30 -19.03
N ARG B 86 77.91 -15.11 -19.80
CA ARG B 86 77.17 -13.85 -19.76
C ARG B 86 76.41 -13.69 -18.44
N GLU B 87 75.75 -14.75 -17.99
CA GLU B 87 74.94 -14.68 -16.78
C GLU B 87 75.77 -15.05 -15.55
N ASP B 88 75.16 -14.85 -14.39
CA ASP B 88 75.81 -15.10 -13.11
C ASP B 88 75.75 -16.59 -12.78
N VAL B 89 76.39 -16.98 -11.67
CA VAL B 89 76.35 -18.38 -11.24
C VAL B 89 75.01 -18.73 -10.61
N LEU B 90 74.22 -17.73 -10.20
CA LEU B 90 72.87 -18.00 -9.72
C LEU B 90 71.95 -18.43 -10.87
N GLU B 91 72.21 -17.95 -12.08
CA GLU B 91 71.43 -18.38 -13.23
C GLU B 91 71.74 -19.81 -13.63
N ILE B 92 72.96 -20.27 -13.37
CA ILE B 92 73.30 -21.67 -13.62
C ILE B 92 72.60 -22.57 -12.61
N MET B 93 72.38 -22.08 -11.40
CA MET B 93 71.63 -22.84 -10.40
C MET B 93 70.14 -22.89 -10.72
N LEU B 94 69.64 -21.91 -11.48
CA LEU B 94 68.23 -21.89 -11.85
C LEU B 94 67.96 -22.63 -13.17
N ASN B 95 68.90 -22.59 -14.11
CA ASN B 95 68.72 -23.29 -15.37
C ASN B 95 68.91 -24.80 -15.21
N MET B 96 69.74 -25.23 -14.26
CA MET B 96 69.92 -26.64 -13.97
C MET B 96 68.85 -27.20 -13.05
N LYS B 97 67.96 -26.34 -12.53
CA LYS B 97 66.89 -26.83 -11.66
C LYS B 97 65.79 -27.49 -12.47
N GLU B 98 65.46 -26.93 -13.63
CA GLU B 98 64.42 -27.49 -14.50
C GLU B 98 65.00 -28.44 -15.55
N LEU B 99 65.81 -29.40 -15.10
CA LEU B 99 66.39 -30.40 -15.98
C LEU B 99 65.58 -31.69 -15.85
N VAL B 100 64.97 -32.11 -16.95
CA VAL B 100 64.06 -33.25 -16.94
C VAL B 100 64.84 -34.51 -17.29
N LEU B 101 64.94 -35.42 -16.33
CA LEU B 101 65.66 -36.67 -16.52
C LEU B 101 65.13 -37.70 -15.53
N LYS B 102 65.58 -38.94 -15.69
CA LYS B 102 65.23 -40.02 -14.78
C LYS B 102 66.47 -40.84 -14.48
N SER B 103 66.68 -41.17 -13.22
CA SER B 103 67.87 -41.88 -12.77
C SER B 103 67.69 -43.38 -12.70
N TYR B 104 66.44 -43.88 -12.81
CA TYR B 104 66.08 -45.30 -12.75
C TYR B 104 66.51 -45.95 -11.43
N THR B 105 66.51 -45.17 -10.34
CA THR B 105 66.85 -45.57 -8.98
C THR B 105 68.25 -46.20 -8.94
N ASP B 106 69.23 -45.34 -9.22
CA ASP B 106 70.63 -45.72 -9.18
C ASP B 106 71.35 -44.93 -8.10
N GLN B 107 72.63 -45.28 -7.90
CA GLN B 107 73.48 -44.54 -6.99
C GLN B 107 73.83 -43.19 -7.62
N PRO B 108 74.11 -42.16 -6.81
CA PRO B 108 74.46 -40.84 -7.36
C PRO B 108 75.79 -40.88 -8.10
N GLN B 109 75.77 -40.43 -9.35
CA GLN B 109 76.92 -40.43 -10.23
C GLN B 109 77.39 -39.01 -10.49
N ILE B 110 78.43 -38.88 -11.30
CA ILE B 110 79.03 -37.60 -11.65
C ILE B 110 78.77 -37.32 -13.12
N GLY B 111 78.20 -36.16 -13.42
CA GLY B 111 77.94 -35.73 -14.78
C GLY B 111 78.89 -34.60 -15.17
N ARG B 112 79.16 -34.51 -16.47
CA ARG B 112 80.10 -33.53 -17.00
C ARG B 112 79.45 -32.69 -18.08
N LEU B 113 80.12 -31.59 -18.44
CA LEU B 113 79.66 -30.71 -19.50
C LEU B 113 80.88 -30.01 -20.08
N THR B 114 80.98 -29.97 -21.41
CA THR B 114 82.10 -29.33 -22.07
C THR B 114 81.64 -28.10 -22.86
N THR B 120 76.10 -21.17 -29.07
CA THR B 120 74.69 -21.50 -28.83
C THR B 120 74.50 -22.06 -27.42
N VAL B 121 73.38 -22.76 -27.21
CA VAL B 121 73.11 -23.34 -25.91
C VAL B 121 73.86 -24.64 -25.71
N THR B 122 74.12 -25.37 -26.80
CA THR B 122 74.68 -26.74 -26.89
C THR B 122 74.20 -27.66 -25.76
N ALA B 123 72.88 -27.68 -25.56
CA ALA B 123 72.28 -28.49 -24.51
C ALA B 123 72.12 -29.96 -24.89
N ALA B 124 72.45 -30.33 -26.13
CA ALA B 124 72.26 -31.70 -26.58
C ALA B 124 73.30 -32.67 -26.03
N GLN B 125 74.42 -32.16 -25.51
CA GLN B 125 75.48 -33.01 -24.99
C GLN B 125 75.39 -33.11 -23.48
N PHE B 126 75.63 -34.31 -22.95
CA PHE B 126 75.63 -34.58 -21.52
C PHE B 126 76.37 -35.88 -21.27
N GLU B 127 77.07 -35.92 -20.13
CA GLU B 127 77.73 -37.15 -19.67
C GLU B 127 76.83 -37.76 -18.59
N VAL B 132 71.11 -42.71 -17.55
CA VAL B 132 70.13 -41.63 -17.50
C VAL B 132 69.76 -41.21 -18.92
N GLU B 133 68.46 -41.19 -19.20
CA GLU B 133 67.94 -40.69 -20.47
C GLU B 133 67.43 -39.27 -20.27
N VAL B 134 68.03 -38.32 -20.97
CA VAL B 134 67.65 -36.91 -20.85
C VAL B 134 66.45 -36.66 -21.75
N ILE B 135 65.35 -36.20 -21.14
CA ILE B 135 64.11 -35.91 -21.84
C ILE B 135 64.08 -34.43 -22.18
N ASP B 136 63.80 -34.10 -23.45
CA ASP B 136 63.81 -32.76 -24.05
C ASP B 136 65.16 -32.08 -23.79
N PRO B 137 66.24 -32.48 -24.47
CA PRO B 137 67.56 -31.97 -24.10
C PRO B 137 67.91 -30.63 -24.75
N ASN B 138 66.96 -29.68 -24.76
CA ASN B 138 67.27 -28.31 -25.19
C ASN B 138 66.29 -27.35 -24.49
N GLN B 139 66.69 -26.85 -23.32
CA GLN B 139 65.96 -25.78 -22.67
C GLN B 139 66.80 -24.51 -22.56
N TYR B 140 67.91 -24.56 -21.81
CA TYR B 140 68.87 -23.47 -21.64
C TYR B 140 70.07 -24.01 -20.87
N ILE B 141 71.26 -23.68 -21.35
CA ILE B 141 72.49 -23.93 -20.60
C ILE B 141 73.22 -22.61 -20.38
N ALA B 142 73.62 -21.97 -21.48
CA ALA B 142 74.36 -20.71 -21.45
C ALA B 142 74.30 -20.09 -22.83
N THR B 143 74.86 -18.89 -22.93
CA THR B 143 74.98 -18.14 -24.18
C THR B 143 76.36 -17.51 -24.29
N LEU B 144 77.37 -18.28 -23.89
CA LEU B 144 78.74 -17.76 -23.83
C LEU B 144 79.33 -17.56 -25.22
N ALA B 145 80.31 -16.66 -25.30
CA ALA B 145 80.97 -16.36 -26.56
C ALA B 145 82.47 -16.64 -26.47
N LEU B 150 83.51 -23.00 -20.81
CA LEU B 150 82.64 -23.39 -19.71
C LEU B 150 82.77 -24.88 -19.39
N GLU B 151 83.20 -25.20 -18.18
CA GLU B 151 83.35 -26.57 -17.72
C GLU B 151 82.55 -26.73 -16.44
N MET B 152 81.52 -27.58 -16.48
CA MET B 152 80.64 -27.79 -15.34
C MET B 152 80.63 -29.27 -14.96
N GLU B 153 80.52 -29.52 -13.66
CA GLU B 153 80.50 -30.87 -13.11
C GLU B 153 79.36 -30.96 -12.11
N PHE B 154 78.35 -31.78 -12.42
CA PHE B 154 77.15 -31.88 -11.60
C PHE B 154 76.88 -33.34 -11.25
N ARG B 155 76.00 -33.54 -10.27
CA ARG B 155 75.60 -34.86 -9.83
C ARG B 155 74.08 -34.98 -9.90
N VAL B 156 73.62 -36.23 -9.88
CA VAL B 156 72.19 -36.54 -10.00
C VAL B 156 71.82 -37.46 -8.83
N GLU B 157 70.87 -37.04 -8.02
CA GLU B 157 70.35 -37.84 -6.92
C GLU B 157 68.89 -38.21 -7.18
N ARG B 158 68.46 -39.30 -6.55
CA ARG B 158 67.09 -39.80 -6.68
C ARG B 158 66.44 -39.79 -5.30
N GLY B 159 65.25 -39.21 -5.23
CA GLY B 159 64.56 -39.14 -3.96
C GLY B 159 63.16 -38.59 -4.13
N VAL B 160 62.57 -38.19 -3.00
CA VAL B 160 61.22 -37.62 -2.97
C VAL B 160 61.26 -36.36 -2.13
N GLY B 161 60.33 -35.45 -2.40
CA GLY B 161 60.24 -34.21 -1.65
C GLY B 161 61.11 -33.10 -2.21
N TYR B 162 61.56 -32.20 -1.34
CA TYR B 162 62.41 -31.08 -1.73
C TYR B 162 63.43 -30.82 -0.63
N ARG B 163 64.42 -29.99 -0.94
CA ARG B 163 65.48 -29.67 -0.01
C ARG B 163 65.99 -28.27 -0.28
N VAL B 164 66.18 -27.49 0.78
CA VAL B 164 66.69 -26.13 0.69
C VAL B 164 68.07 -26.09 1.33
N ILE B 165 69.06 -25.61 0.59
CA ILE B 165 70.44 -25.58 1.03
C ILE B 165 70.75 -24.20 1.59
N GLU B 166 71.23 -24.16 2.82
CA GLU B 166 71.60 -22.91 3.49
C GLU B 166 73.09 -22.65 3.29
N ARG B 167 73.44 -21.38 3.09
CA ARG B 167 74.80 -21.01 2.75
C ARG B 167 75.72 -21.14 3.97
N GLY B 168 77.03 -21.10 3.69
CA GLY B 168 78.02 -21.21 4.74
C GLY B 168 78.59 -22.61 4.88
N ASP B 176 85.05 -28.40 -3.86
CA ASP B 176 83.93 -29.27 -3.53
C ASP B 176 82.69 -28.91 -4.35
N PHE B 177 81.63 -29.70 -4.19
CA PHE B 177 80.39 -29.47 -4.90
C PHE B 177 79.56 -28.40 -4.21
N LEU B 178 78.85 -27.61 -5.02
CA LEU B 178 77.97 -26.56 -4.53
C LEU B 178 76.54 -27.10 -4.58
N GLN B 179 75.97 -27.42 -3.42
CA GLN B 179 74.64 -27.99 -3.36
C GLN B 179 73.58 -26.93 -3.64
N ILE B 180 72.70 -27.22 -4.59
CA ILE B 180 71.64 -26.31 -4.99
C ILE B 180 70.29 -26.89 -4.56
N ASP B 181 69.25 -26.08 -4.69
CA ASP B 181 67.90 -26.52 -4.36
C ASP B 181 67.37 -27.41 -5.48
N SER B 182 66.80 -28.55 -5.10
CA SER B 182 66.26 -29.50 -6.05
C SER B 182 64.86 -29.91 -5.64
N VAL B 183 63.98 -30.08 -6.62
CA VAL B 183 62.59 -30.48 -6.40
C VAL B 183 62.32 -31.73 -7.21
N PHE B 184 61.98 -32.82 -6.53
CA PHE B 184 61.64 -34.08 -7.18
C PHE B 184 60.13 -34.10 -7.38
N MET B 185 59.68 -33.62 -8.55
CA MET B 185 58.27 -33.48 -8.87
C MET B 185 58.01 -34.04 -10.25
N PRO B 186 57.67 -35.33 -10.36
CA PRO B 186 57.38 -35.91 -11.68
C PRO B 186 56.04 -35.47 -12.26
N VAL B 187 55.10 -35.04 -11.43
CA VAL B 187 53.79 -34.56 -11.89
C VAL B 187 53.62 -33.14 -11.37
N THR B 188 53.42 -32.19 -12.28
CA THR B 188 53.42 -30.78 -11.94
C THR B 188 52.05 -30.26 -11.50
N LYS B 189 50.97 -30.71 -12.15
CA LYS B 189 49.65 -30.15 -11.87
C LYS B 189 48.61 -31.25 -11.98
N VAL B 190 47.72 -31.32 -10.99
CA VAL B 190 46.61 -32.27 -10.96
C VAL B 190 45.33 -31.48 -10.72
N ASN B 191 44.37 -31.61 -11.64
CA ASN B 191 43.06 -30.98 -11.50
C ASN B 191 41.99 -32.05 -11.62
N TYR B 192 40.97 -31.98 -10.76
CA TYR B 192 39.87 -32.93 -10.79
C TYR B 192 38.55 -32.21 -10.57
N THR B 193 37.51 -32.67 -11.27
CA THR B 193 36.16 -32.16 -11.13
C THR B 193 35.21 -33.33 -10.98
N VAL B 194 34.17 -33.15 -10.17
CA VAL B 194 33.17 -34.18 -9.90
C VAL B 194 31.83 -33.65 -10.36
N GLU B 195 31.15 -34.41 -11.23
CA GLU B 195 29.83 -34.07 -11.72
C GLU B 195 28.90 -35.27 -11.58
N ASP B 196 27.60 -35.00 -11.64
CA ASP B 196 26.59 -36.04 -11.50
C ASP B 196 26.50 -36.88 -12.77
N ILE B 197 26.39 -38.19 -12.59
CA ILE B 197 26.32 -39.10 -13.74
C ILE B 197 24.90 -39.18 -14.28
N ARG B 198 23.95 -39.55 -13.42
CA ARG B 198 22.56 -39.68 -13.84
C ARG B 198 21.65 -39.29 -12.68
N ALA B 199 20.36 -39.24 -12.96
CA ALA B 199 19.36 -38.88 -11.95
C ALA B 199 18.29 -39.95 -11.85
N SER B 203 19.19 -44.08 -6.88
CA SER B 203 20.33 -43.41 -6.25
C SER B 203 21.21 -42.73 -7.30
N PRO B 204 21.61 -41.49 -7.05
CA PRO B 204 22.47 -40.79 -8.00
C PRO B 204 23.92 -41.26 -7.91
N LYS B 205 24.65 -41.03 -8.99
CA LYS B 205 26.04 -41.43 -9.11
C LYS B 205 26.90 -40.21 -9.42
N ASP B 206 28.22 -40.39 -9.33
CA ASP B 206 29.19 -39.35 -9.59
C ASP B 206 30.12 -39.76 -10.71
N ARG B 207 30.77 -38.77 -11.31
CA ARG B 207 31.73 -38.99 -12.39
C ARG B 207 32.95 -38.11 -12.14
N LEU B 208 34.11 -38.74 -12.03
CA LEU B 208 35.36 -38.05 -11.75
C LEU B 208 36.13 -37.84 -13.03
N ILE B 209 36.49 -36.58 -13.31
CA ILE B 209 37.27 -36.21 -14.49
C ILE B 209 38.63 -35.73 -13.99
N LEU B 210 39.64 -36.56 -14.16
CA LEU B 210 40.98 -36.29 -13.63
C LEU B 210 41.90 -35.80 -14.75
N ASP B 211 42.57 -34.68 -14.50
CA ASP B 211 43.54 -34.10 -15.42
C ASP B 211 44.92 -34.14 -14.78
N ILE B 212 45.89 -34.75 -15.46
CA ILE B 212 47.23 -34.93 -14.94
C ILE B 212 48.20 -34.24 -15.89
N TRP B 213 48.97 -33.28 -15.36
CA TRP B 213 50.00 -32.59 -16.12
C TRP B 213 51.36 -33.07 -15.63
N THR B 214 51.95 -34.01 -16.35
CA THR B 214 53.22 -34.60 -15.94
C THR B 214 54.39 -33.74 -16.41
N ASN B 215 55.58 -34.10 -15.94
CA ASN B 215 56.79 -33.37 -16.30
C ASN B 215 57.27 -33.75 -17.69
N GLY B 216 57.24 -35.04 -18.01
CA GLY B 216 57.73 -35.53 -19.28
C GLY B 216 58.58 -36.77 -19.13
N SER B 217 59.01 -37.05 -17.90
CA SER B 217 59.83 -38.24 -17.64
C SER B 217 58.97 -39.50 -17.62
N ILE B 218 57.78 -39.43 -17.05
CA ILE B 218 56.87 -40.58 -16.99
C ILE B 218 55.55 -40.20 -17.65
N GLN B 219 54.82 -41.23 -18.05
CA GLN B 219 53.54 -41.06 -18.71
C GLN B 219 52.45 -40.75 -17.68
N PRO B 220 51.41 -40.01 -18.06
CA PRO B 220 50.30 -39.77 -17.14
C PRO B 220 49.48 -41.02 -16.84
N ARG B 221 49.44 -41.98 -17.78
CA ARG B 221 48.80 -43.26 -17.49
C ARG B 221 49.65 -44.09 -16.55
N GLU B 222 50.98 -44.01 -16.70
CA GLU B 222 51.88 -44.76 -15.82
C GLU B 222 51.93 -44.14 -14.42
N ALA B 223 51.80 -42.82 -14.32
CA ALA B 223 51.83 -42.16 -13.02
C ALA B 223 50.57 -42.44 -12.22
N LEU B 224 49.45 -42.72 -12.89
CA LEU B 224 48.23 -43.09 -12.18
C LEU B 224 48.32 -44.49 -11.60
N SER B 225 49.05 -45.38 -12.27
CA SER B 225 49.23 -46.73 -11.76
C SER B 225 50.19 -46.79 -10.59
N GLU B 226 51.18 -45.88 -10.55
CA GLU B 226 52.11 -45.84 -9.43
C GLU B 226 51.48 -45.21 -8.21
N ALA B 227 50.68 -44.16 -8.40
CA ALA B 227 50.02 -43.49 -7.28
C ALA B 227 48.93 -44.35 -6.67
N SER B 228 48.28 -45.19 -7.48
CA SER B 228 47.27 -46.10 -6.95
C SER B 228 47.89 -47.25 -6.17
N ASP B 229 49.16 -47.57 -6.43
CA ASP B 229 49.84 -48.62 -5.67
C ASP B 229 50.18 -48.15 -4.26
N ILE B 230 50.39 -46.85 -4.09
CA ILE B 230 50.74 -46.32 -2.76
C ILE B 230 49.51 -46.28 -1.85
N ILE B 231 48.36 -45.89 -2.40
CA ILE B 231 47.13 -45.82 -1.60
C ILE B 231 46.62 -47.22 -1.29
N ALA B 232 46.82 -48.18 -2.19
CA ALA B 232 46.37 -49.54 -1.95
C ALA B 232 47.22 -50.25 -0.91
N ASN B 233 48.49 -49.85 -0.76
CA ASN B 233 49.37 -50.45 0.23
C ASN B 233 49.18 -49.88 1.62
N LEU B 234 48.35 -48.85 1.79
CA LEU B 234 48.09 -48.25 3.09
C LEU B 234 46.80 -48.75 3.73
N PHE B 235 45.95 -49.45 2.98
CA PHE B 235 44.70 -49.97 3.50
C PHE B 235 44.60 -51.49 3.49
N ILE B 236 45.55 -52.19 2.87
CA ILE B 236 45.60 -53.65 2.91
C ILE B 236 46.02 -54.15 4.29
N PRO B 237 47.07 -53.63 4.97
CA PRO B 237 47.26 -54.02 6.37
C PRO B 237 46.24 -53.43 7.33
N LEU B 238 45.52 -52.38 6.92
CA LEU B 238 44.47 -51.81 7.76
C LEU B 238 43.19 -52.61 7.72
N LYS B 239 43.03 -53.50 6.73
CA LYS B 239 41.82 -54.31 6.64
C LYS B 239 41.81 -55.42 7.69
N ASP B 240 42.96 -56.03 7.93
CA ASP B 240 43.17 -57.14 8.89
C ASP B 240 42.24 -58.32 8.66
N ASP C 13 -2.51 -9.66 31.69
CA ASP C 13 -3.11 -10.16 30.47
C ASP C 13 -2.75 -9.24 29.31
N LEU C 14 -2.38 -9.83 28.17
CA LEU C 14 -1.97 -9.06 27.01
C LEU C 14 -3.13 -8.71 26.08
N ILE C 15 -4.25 -9.42 26.18
CA ILE C 15 -5.42 -9.11 25.37
C ILE C 15 -6.49 -8.50 26.27
N GLU C 16 -6.49 -7.17 26.38
CA GLU C 16 -7.50 -6.45 27.14
C GLU C 16 -8.25 -5.42 26.31
N ILE C 17 -7.76 -5.09 25.11
CA ILE C 17 -8.49 -4.19 24.21
C ILE C 17 -9.58 -4.89 23.44
N GLN C 18 -9.63 -6.21 23.50
CA GLN C 18 -10.67 -7.01 22.85
C GLN C 18 -11.65 -7.63 23.83
N HIS C 19 -11.17 -8.10 24.98
CA HIS C 19 -12.05 -8.76 25.94
C HIS C 19 -12.86 -7.74 26.74
N ALA C 20 -12.21 -6.69 27.24
CA ALA C 20 -12.91 -5.67 28.01
C ALA C 20 -13.77 -4.76 27.15
N SER C 21 -13.52 -4.73 25.83
CA SER C 21 -14.35 -3.93 24.94
C SER C 21 -15.66 -4.63 24.61
N PHE C 22 -15.61 -5.94 24.33
CA PHE C 22 -16.83 -6.69 24.07
C PHE C 22 -17.63 -6.95 25.34
N HIS C 23 -16.97 -6.95 26.50
CA HIS C 23 -17.70 -7.06 27.75
C HIS C 23 -18.45 -5.78 28.07
N TRP C 24 -17.89 -4.63 27.68
CA TRP C 24 -18.58 -3.36 27.86
C TRP C 24 -19.78 -3.23 26.93
N PHE C 25 -19.70 -3.86 25.74
CA PHE C 25 -20.81 -3.79 24.79
C PHE C 25 -21.99 -4.64 25.26
N LEU C 26 -21.73 -5.75 25.94
CA LEU C 26 -22.79 -6.64 26.38
C LEU C 26 -23.50 -6.16 27.64
N GLU C 27 -23.03 -5.09 28.28
CA GLU C 27 -23.67 -4.59 29.48
C GLU C 27 -23.88 -3.08 29.49
N GLU C 28 -23.18 -2.30 28.66
CA GLU C 28 -23.34 -0.85 28.66
C GLU C 28 -23.58 -0.32 27.25
N GLY C 29 -23.03 -1.01 26.25
CA GLY C 29 -23.14 -0.55 24.88
C GLY C 29 -24.47 -0.89 24.25
N LEU C 30 -24.99 -2.09 24.53
CA LEU C 30 -26.27 -2.50 23.97
C LEU C 30 -27.44 -1.87 24.71
N ILE C 31 -27.25 -1.53 25.99
CA ILE C 31 -28.33 -0.94 26.78
C ILE C 31 -28.54 0.51 26.39
N GLU C 32 -27.46 1.23 26.06
CA GLU C 32 -27.56 2.65 25.73
C GLU C 32 -28.18 2.87 24.35
N GLU C 33 -28.01 1.92 23.43
CA GLU C 33 -28.55 2.08 22.09
C GLU C 33 -30.07 1.86 22.08
N LEU C 34 -30.56 0.90 22.88
CA LEU C 34 -31.98 0.63 22.92
C LEU C 34 -32.75 1.63 23.77
N ASN C 35 -32.09 2.29 24.72
CA ASN C 35 -32.77 3.29 25.53
C ASN C 35 -32.98 4.60 24.78
N SER C 36 -32.08 4.93 23.85
CA SER C 36 -32.24 6.13 23.04
C SER C 36 -33.18 5.93 21.86
N PHE C 37 -33.37 4.68 21.42
CA PHE C 37 -34.28 4.40 20.32
C PHE C 37 -35.74 4.47 20.75
N SER C 38 -36.03 4.11 22.00
CA SER C 38 -37.34 4.08 22.65
C SER C 38 -37.59 5.39 23.41
N PRO C 39 -38.83 5.91 23.41
CA PRO C 39 -40.01 5.40 22.72
C PRO C 39 -40.24 6.07 21.36
N ILE C 40 -41.12 5.49 20.55
CA ILE C 40 -41.50 6.07 19.27
C ILE C 40 -43.01 6.27 19.26
N SER C 41 -43.46 7.21 18.45
CA SER C 41 -44.87 7.55 18.33
C SER C 41 -45.30 7.47 16.87
N ASP C 42 -46.61 7.58 16.65
CA ASP C 42 -47.18 7.55 15.32
C ASP C 42 -47.43 8.98 14.84
N TYR C 43 -48.05 9.09 13.67
CA TYR C 43 -48.37 10.41 13.13
C TYR C 43 -49.55 11.04 13.84
N THR C 44 -50.52 10.23 14.28
CA THR C 44 -51.68 10.73 15.00
C THR C 44 -51.48 10.70 16.51
N GLY C 45 -50.98 9.59 17.04
CA GLY C 45 -50.78 9.45 18.47
C GLY C 45 -51.66 8.38 19.08
N LYS C 46 -51.98 7.35 18.29
CA LYS C 46 -52.86 6.28 18.77
C LYS C 46 -52.12 5.34 19.71
N LEU C 47 -50.97 4.83 19.28
CA LEU C 47 -50.21 3.88 20.07
C LEU C 47 -48.74 4.30 20.12
N GLU C 48 -48.03 3.74 21.09
CA GLU C 48 -46.61 4.01 21.29
C GLU C 48 -45.88 2.71 21.52
N LEU C 49 -44.64 2.64 21.02
CA LEU C 49 -43.81 1.45 21.12
C LEU C 49 -42.52 1.80 21.86
N HIS C 50 -42.29 1.16 22.99
CA HIS C 50 -41.07 1.33 23.76
C HIS C 50 -40.52 -0.03 24.15
N PHE C 51 -39.19 -0.15 24.09
CA PHE C 51 -38.51 -1.40 24.38
C PHE C 51 -37.98 -1.41 25.81
N LEU C 52 -37.62 -2.60 26.28
CA LEU C 52 -36.99 -2.80 27.58
C LEU C 52 -35.61 -3.40 27.30
N GLY C 53 -34.62 -2.51 27.11
CA GLY C 53 -33.32 -2.96 26.66
C GLY C 53 -32.50 -3.68 27.71
N LYS C 54 -32.74 -3.38 28.99
CA LYS C 54 -31.95 -3.94 30.08
C LYS C 54 -32.47 -5.29 30.56
N ASP C 55 -33.26 -6.00 29.74
CA ASP C 55 -33.78 -7.30 30.11
C ASP C 55 -33.73 -8.28 28.94
N TYR C 56 -32.73 -8.15 28.07
CA TYR C 56 -32.62 -9.01 26.91
C TYR C 56 -32.17 -10.42 27.31
N LYS C 57 -32.39 -11.37 26.41
CA LYS C 57 -32.22 -12.79 26.69
C LYS C 57 -30.82 -13.30 26.39
N LEU C 58 -30.36 -13.14 25.14
CA LEU C 58 -29.06 -13.62 24.63
C LEU C 58 -28.93 -15.14 24.83
N LYS C 59 -29.77 -15.86 24.08
CA LYS C 59 -29.94 -17.29 24.26
C LYS C 59 -28.72 -18.08 23.76
N GLN C 60 -28.84 -19.41 23.84
CA GLN C 60 -27.73 -20.30 23.55
C GLN C 60 -27.44 -20.35 22.05
N PRO C 61 -26.19 -20.62 21.67
CA PRO C 61 -25.86 -20.76 20.24
C PRO C 61 -26.39 -22.08 19.69
N LYS C 62 -26.22 -22.23 18.37
CA LYS C 62 -26.70 -23.41 17.66
C LYS C 62 -25.62 -24.47 17.51
N TYR C 63 -24.44 -24.08 17.05
CA TYR C 63 -23.35 -25.00 16.77
C TYR C 63 -22.19 -24.77 17.72
N ASP C 64 -21.19 -25.65 17.62
CA ASP C 64 -20.00 -25.58 18.45
C ASP C 64 -18.99 -24.64 17.81
N VAL C 65 -17.86 -24.43 18.50
CA VAL C 65 -16.80 -23.58 17.98
C VAL C 65 -16.09 -24.27 16.83
N ASP C 66 -15.75 -25.55 16.99
CA ASP C 66 -15.11 -26.31 15.92
C ASP C 66 -16.10 -26.77 14.86
N GLU C 67 -17.39 -26.90 15.20
CA GLU C 67 -18.38 -27.33 14.24
C GLU C 67 -18.74 -26.22 13.27
N SER C 68 -18.72 -24.96 13.71
CA SER C 68 -19.06 -23.84 12.84
C SER C 68 -18.00 -23.56 11.80
N LYS C 69 -16.76 -24.01 12.02
CA LYS C 69 -15.70 -23.79 11.04
C LYS C 69 -15.80 -24.75 9.85
N ARG C 70 -16.27 -25.97 10.09
CA ARG C 70 -16.39 -26.96 9.02
C ARG C 70 -17.75 -26.97 8.35
N ARG C 71 -18.78 -26.45 9.01
CA ARG C 71 -20.12 -26.40 8.44
C ARG C 71 -20.39 -25.13 7.65
N ASP C 72 -19.39 -24.25 7.56
CA ASP C 72 -19.47 -22.93 6.90
C ASP C 72 -20.62 -22.09 7.49
N ALA C 73 -20.51 -21.82 8.79
CA ALA C 73 -21.51 -21.06 9.52
C ALA C 73 -20.78 -20.05 10.40
N SER C 74 -21.54 -19.40 11.28
CA SER C 74 -21.00 -18.39 12.19
C SER C 74 -21.43 -18.70 13.61
N TYR C 75 -20.51 -18.52 14.56
CA TYR C 75 -20.80 -18.72 15.98
C TYR C 75 -21.56 -17.49 16.47
N SER C 76 -22.88 -17.55 16.36
CA SER C 76 -23.75 -16.42 16.67
C SER C 76 -24.85 -16.86 17.62
N VAL C 77 -25.51 -15.86 18.23
CA VAL C 77 -26.61 -16.08 19.14
C VAL C 77 -27.80 -15.25 18.69
N GLN C 78 -28.99 -15.67 19.11
CA GLN C 78 -30.23 -14.95 18.83
C GLN C 78 -30.51 -13.95 19.94
N MET C 79 -30.97 -12.77 19.55
CA MET C 79 -31.22 -11.66 20.48
C MET C 79 -32.72 -11.41 20.57
N TYR C 80 -33.25 -11.47 21.79
CA TYR C 80 -34.66 -11.24 22.07
C TYR C 80 -34.79 -10.23 23.19
N VAL C 81 -35.68 -9.25 23.02
CA VAL C 81 -35.97 -8.25 24.04
C VAL C 81 -37.46 -8.31 24.35
N PRO C 82 -37.87 -8.07 25.59
CA PRO C 82 -39.30 -7.89 25.86
C PRO C 82 -39.77 -6.53 25.37
N THR C 83 -40.94 -6.52 24.73
CA THR C 83 -41.48 -5.31 24.11
C THR C 83 -42.89 -5.09 24.59
N ARG C 84 -43.14 -3.91 25.16
CA ARG C 84 -44.47 -3.53 25.64
C ARG C 84 -45.09 -2.56 24.64
N LEU C 85 -46.15 -3.00 23.97
CA LEU C 85 -46.89 -2.16 23.03
C LEU C 85 -48.14 -1.63 23.74
N ILE C 86 -48.14 -0.34 24.03
CA ILE C 86 -49.24 0.29 24.73
C ILE C 86 -50.03 1.15 23.76
N ASN C 87 -51.24 1.53 24.18
CA ASN C 87 -52.10 2.40 23.40
C ASN C 87 -52.51 3.59 24.25
N LYS C 88 -52.69 4.73 23.60
CA LYS C 88 -52.96 5.98 24.32
C LYS C 88 -54.38 6.02 24.87
N GLU C 89 -55.38 5.79 24.01
CA GLU C 89 -56.77 5.90 24.43
C GLU C 89 -57.20 4.66 25.22
N THR C 90 -57.16 3.49 24.59
CA THR C 90 -57.56 2.26 25.24
C THR C 90 -56.41 1.70 26.06
N GLY C 91 -56.66 1.43 27.34
CA GLY C 91 -55.63 0.87 28.20
C GLY C 91 -55.34 -0.58 27.93
N GLU C 92 -54.19 -0.86 27.34
CA GLU C 92 -53.79 -2.22 27.01
C GLU C 92 -52.28 -2.28 26.92
N ILE C 93 -51.69 -3.31 27.53
CA ILE C 93 -50.25 -3.55 27.53
C ILE C 93 -50.01 -4.90 26.88
N LYS C 94 -49.35 -4.90 25.72
CA LYS C 94 -49.04 -6.12 24.99
C LYS C 94 -47.56 -6.44 25.17
N GLU C 95 -47.27 -7.42 26.04
CA GLU C 95 -45.91 -7.83 26.33
C GLU C 95 -45.59 -9.08 25.50
N GLN C 96 -44.57 -8.96 24.64
CA GLN C 96 -44.17 -10.08 23.80
C GLN C 96 -42.70 -9.92 23.42
N GLU C 97 -41.97 -11.02 23.43
CA GLU C 97 -40.56 -11.03 23.06
C GLU C 97 -40.43 -11.17 21.54
N VAL C 98 -39.75 -10.23 20.91
CA VAL C 98 -39.60 -10.18 19.46
C VAL C 98 -38.13 -10.39 19.11
N PHE C 99 -37.88 -11.14 18.04
CA PHE C 99 -36.53 -11.38 17.58
C PHE C 99 -35.94 -10.11 16.99
N ILE C 100 -34.68 -9.83 17.33
CA ILE C 100 -34.02 -8.58 16.95
C ILE C 100 -33.00 -8.82 15.84
N GLY C 101 -32.04 -9.70 16.06
CA GLY C 101 -31.03 -9.93 15.06
C GLY C 101 -30.05 -10.99 15.52
N ASP C 102 -29.14 -11.35 14.61
CA ASP C 102 -28.11 -12.35 14.86
C ASP C 102 -26.81 -11.63 15.21
N LEU C 103 -26.28 -11.93 16.39
CA LEU C 103 -25.06 -11.30 16.90
C LEU C 103 -23.98 -12.35 17.06
N PRO C 104 -22.87 -12.26 16.32
CA PRO C 104 -21.78 -13.23 16.50
C PRO C 104 -21.01 -12.95 17.79
N LEU C 105 -20.79 -14.00 18.58
CA LEU C 105 -20.14 -13.87 19.87
C LEU C 105 -18.63 -13.97 19.74
N MET C 106 -17.93 -13.37 20.70
CA MET C 106 -16.49 -13.45 20.76
C MET C 106 -16.08 -14.75 21.45
N THR C 107 -15.12 -15.46 20.84
CA THR C 107 -14.67 -16.74 21.37
C THR C 107 -13.74 -16.53 22.58
N GLU C 108 -13.22 -17.64 23.11
CA GLU C 108 -12.36 -17.58 24.28
C GLU C 108 -10.98 -17.01 23.97
N ARG C 109 -10.57 -17.00 22.70
CA ARG C 109 -9.29 -16.43 22.31
C ARG C 109 -9.39 -14.95 21.95
N GLY C 110 -10.59 -14.39 21.90
CA GLY C 110 -10.77 -13.00 21.54
C GLY C 110 -11.10 -12.74 20.09
N THR C 111 -11.58 -13.74 19.35
CA THR C 111 -11.85 -13.62 17.93
C THR C 111 -13.30 -13.95 17.63
N PHE C 112 -13.69 -13.73 16.38
CA PHE C 112 -15.02 -14.04 15.88
C PHE C 112 -14.91 -15.06 14.76
N ILE C 113 -15.97 -15.82 14.55
CA ILE C 113 -16.06 -16.80 13.49
C ILE C 113 -17.16 -16.36 12.53
N ILE C 114 -16.77 -15.94 11.33
CA ILE C 114 -17.70 -15.45 10.33
C ILE C 114 -17.55 -16.33 9.09
N ASN C 115 -18.63 -17.04 8.74
CA ASN C 115 -18.71 -17.94 7.58
C ASN C 115 -17.64 -19.02 7.62
N GLY C 116 -17.40 -19.58 8.82
CA GLY C 116 -16.42 -20.64 8.99
C GLY C 116 -14.98 -20.20 9.01
N ALA C 117 -14.71 -18.89 8.92
CA ALA C 117 -13.35 -18.37 8.93
C ALA C 117 -13.18 -17.45 10.13
N GLU C 118 -12.07 -17.62 10.85
CA GLU C 118 -11.80 -16.83 12.05
C GLU C 118 -11.35 -15.43 11.65
N ARG C 119 -11.98 -14.42 12.25
CA ARG C 119 -11.71 -13.02 11.93
C ARG C 119 -11.50 -12.22 13.21
N VAL C 120 -10.73 -11.15 13.09
CA VAL C 120 -10.49 -10.23 14.19
C VAL C 120 -11.04 -8.85 13.82
N ILE C 121 -11.12 -7.99 14.83
CA ILE C 121 -11.53 -6.61 14.64
C ILE C 121 -10.35 -5.73 15.05
N VAL C 122 -9.69 -5.13 14.07
CA VAL C 122 -8.50 -4.33 14.32
C VAL C 122 -8.92 -3.00 14.94
N ASN C 123 -8.25 -2.62 16.02
CA ASN C 123 -8.54 -1.34 16.68
C ASN C 123 -8.07 -0.18 15.81
N GLN C 124 -8.96 0.77 15.59
CA GLN C 124 -8.72 1.91 14.70
C GLN C 124 -8.51 3.16 15.53
N ILE C 125 -7.45 3.91 15.22
CA ILE C 125 -7.11 5.14 15.93
C ILE C 125 -7.62 6.33 15.12
N VAL C 126 -8.36 7.21 15.80
CA VAL C 126 -8.92 8.41 15.20
C VAL C 126 -8.64 9.60 16.11
N ARG C 127 -9.15 10.76 15.72
CA ARG C 127 -8.99 11.97 16.52
C ARG C 127 -10.08 12.03 17.59
N SER C 128 -9.71 12.56 18.75
CA SER C 128 -10.67 12.70 19.83
C SER C 128 -11.59 13.88 19.57
N PRO C 129 -12.85 13.79 20.00
CA PRO C 129 -13.76 14.94 19.87
C PRO C 129 -13.39 16.05 20.86
N GLY C 130 -13.54 17.29 20.41
CA GLY C 130 -13.20 18.43 21.23
C GLY C 130 -12.89 19.63 20.35
N VAL C 131 -12.34 20.66 21.00
CA VAL C 131 -11.97 21.90 20.33
C VAL C 131 -10.46 21.92 20.14
N TYR C 132 -10.02 22.22 18.92
CA TYR C 132 -8.60 22.27 18.59
C TYR C 132 -8.31 23.57 17.87
N TYR C 133 -7.29 24.29 18.33
CA TYR C 133 -6.89 25.56 17.76
C TYR C 133 -5.59 25.38 17.00
N LYS C 134 -5.40 26.20 15.96
CA LYS C 134 -4.26 26.05 15.07
C LYS C 134 -3.89 27.39 14.48
N LYS C 135 -2.61 27.76 14.61
CA LYS C 135 -2.10 28.95 13.96
C LYS C 135 -1.77 28.63 12.50
N GLU C 136 -2.37 29.37 11.58
CA GLU C 136 -2.26 29.09 10.16
C GLU C 136 -1.84 30.33 9.41
N LEU C 137 -0.85 30.19 8.53
CA LEU C 137 -0.39 31.27 7.65
C LEU C 137 -0.76 30.87 6.22
N ASP C 138 -1.84 31.45 5.70
CA ASP C 138 -2.30 31.11 4.36
C ASP C 138 -1.39 31.73 3.30
N LYS C 139 -0.82 32.89 3.58
CA LYS C 139 0.10 33.56 2.67
C LYS C 139 1.10 34.36 3.50
N ASN C 140 1.89 35.19 2.83
CA ASN C 140 2.86 36.06 3.50
C ASN C 140 2.11 37.28 4.04
N GLY C 141 1.48 37.10 5.19
CA GLY C 141 0.67 38.14 5.81
C GLY C 141 0.65 38.02 7.31
N ARG C 142 -0.48 38.35 7.92
CA ARG C 142 -0.61 38.36 9.36
C ARG C 142 -0.82 36.93 9.90
N ARG C 143 -0.81 36.82 11.22
CA ARG C 143 -0.99 35.55 11.89
C ARG C 143 -2.48 35.32 12.15
N THR C 144 -3.02 34.23 11.62
CA THR C 144 -4.43 33.90 11.76
C THR C 144 -4.58 32.66 12.63
N TYR C 145 -5.55 32.69 13.52
CA TYR C 145 -5.86 31.58 14.42
C TYR C 145 -7.20 30.97 14.03
N SER C 146 -7.23 29.65 13.91
CA SER C 146 -8.43 28.92 13.55
C SER C 146 -8.92 28.08 14.72
N ALA C 147 -10.07 27.44 14.52
CA ALA C 147 -10.65 26.58 15.54
C ALA C 147 -11.47 25.50 14.85
N SER C 148 -11.71 24.41 15.57
CA SER C 148 -12.49 23.29 15.04
C SER C 148 -13.08 22.53 16.21
N LEU C 149 -14.40 22.60 16.37
CA LEU C 149 -15.10 21.88 17.43
C LEU C 149 -15.61 20.57 16.82
N ILE C 150 -14.86 19.50 17.05
CA ILE C 150 -15.16 18.19 16.47
C ILE C 150 -16.09 17.45 17.42
N PRO C 151 -17.27 17.01 16.97
CA PRO C 151 -18.11 16.17 17.82
C PRO C 151 -17.83 14.69 17.60
N ASN C 152 -18.52 13.83 18.34
CA ASN C 152 -18.46 12.40 18.06
C ASN C 152 -19.22 12.05 16.79
N ARG C 153 -20.36 12.71 16.58
CA ARG C 153 -21.18 12.51 15.38
C ARG C 153 -22.03 13.74 15.17
N GLY C 154 -21.93 14.35 13.99
CA GLY C 154 -22.72 15.51 13.66
C GLY C 154 -21.92 16.49 12.83
N ALA C 155 -22.39 17.73 12.80
CA ALA C 155 -21.74 18.78 12.03
C ALA C 155 -20.62 19.42 12.83
N TRP C 156 -19.74 20.12 12.13
CA TRP C 156 -18.54 20.70 12.71
C TRP C 156 -18.69 22.21 12.86
N LEU C 157 -18.07 22.75 13.91
CA LEU C 157 -17.99 24.19 14.13
C LEU C 157 -16.55 24.63 13.91
N LYS C 158 -16.32 25.36 12.82
CA LYS C 158 -14.99 25.85 12.47
C LYS C 158 -15.00 27.38 12.58
N PHE C 159 -14.41 27.89 13.64
CA PHE C 159 -14.26 29.34 13.82
C PHE C 159 -12.91 29.78 13.31
N GLU C 160 -12.91 30.78 12.43
CA GLU C 160 -11.69 31.36 11.89
C GLU C 160 -11.59 32.82 12.30
N THR C 161 -10.39 33.39 12.14
CA THR C 161 -10.13 34.78 12.49
C THR C 161 -9.26 35.39 11.40
N ASP C 162 -9.83 36.33 10.66
CA ASP C 162 -9.09 37.02 9.61
C ASP C 162 -8.37 38.24 10.20
N LYS C 163 -7.83 39.08 9.33
CA LYS C 163 -7.10 40.26 9.75
C LYS C 163 -8.08 41.36 10.19
N ASN C 164 -7.51 42.38 10.84
CA ASN C 164 -8.22 43.57 11.33
C ASN C 164 -9.35 43.24 12.30
N GLY C 165 -9.20 42.16 13.06
CA GLY C 165 -10.16 41.79 14.09
C GLY C 165 -11.50 41.31 13.59
N LEU C 166 -11.48 40.32 12.68
CA LEU C 166 -12.71 39.76 12.11
C LEU C 166 -12.74 38.27 12.38
N VAL C 167 -13.56 37.86 13.34
CA VAL C 167 -13.75 36.45 13.68
C VAL C 167 -15.01 35.96 12.96
N TYR C 168 -14.89 34.85 12.24
CA TYR C 168 -15.97 34.32 11.43
C TYR C 168 -16.30 32.90 11.86
N VAL C 169 -17.51 32.46 11.47
CA VAL C 169 -18.00 31.12 11.76
C VAL C 169 -18.35 30.45 10.45
N ARG C 170 -17.78 29.26 10.22
CA ARG C 170 -18.04 28.49 9.02
C ARG C 170 -18.75 27.19 9.42
N ILE C 171 -20.01 27.06 9.02
CA ILE C 171 -20.78 25.87 9.33
C ILE C 171 -21.21 25.16 8.05
N LYS C 173 -17.82 23.74 5.10
CA LYS C 173 -18.37 23.17 3.86
C LYS C 173 -19.00 24.26 3.00
N THR C 174 -19.66 25.22 3.65
CA THR C 174 -20.32 26.33 2.99
C THR C 174 -19.49 27.60 3.16
N ARG C 175 -20.02 28.71 2.68
CA ARG C 175 -19.35 30.00 2.83
C ARG C 175 -19.40 30.46 4.29
N LYS C 176 -18.41 31.26 4.66
CA LYS C 176 -18.31 31.73 6.04
C LYS C 176 -19.31 32.84 6.31
N LEU C 177 -19.54 33.09 7.60
CA LEU C 177 -20.48 34.12 8.04
C LEU C 177 -19.96 34.73 9.33
N SER C 178 -20.55 35.85 9.72
CA SER C 178 -20.06 36.60 10.86
C SER C 178 -20.39 35.89 12.17
N ALA C 179 -19.59 36.18 13.20
CA ALA C 179 -19.74 35.53 14.49
C ALA C 179 -21.00 35.98 15.23
N GLN C 180 -21.51 37.17 14.94
CA GLN C 180 -22.73 37.64 15.60
C GLN C 180 -23.98 36.99 15.04
N VAL C 181 -23.91 36.38 13.86
CA VAL C 181 -25.08 35.76 13.27
C VAL C 181 -25.44 34.47 14.00
N LEU C 182 -24.45 33.65 14.33
CA LEU C 182 -24.71 32.41 15.05
C LEU C 182 -24.92 32.66 16.54
N LEU C 183 -24.19 33.63 17.11
CA LEU C 183 -24.25 33.89 18.54
C LEU C 183 -25.56 34.53 18.97
N LYS C 184 -26.29 35.16 18.05
CA LYS C 184 -27.59 35.74 18.35
C LYS C 184 -28.76 34.84 17.96
N ALA C 185 -28.57 33.96 16.98
CA ALA C 185 -29.65 33.07 16.56
C ALA C 185 -29.88 31.93 17.54
N ILE C 186 -28.87 31.55 18.34
CA ILE C 186 -29.06 30.51 19.34
C ILE C 186 -29.78 31.03 20.57
N GLY C 187 -29.88 32.34 20.73
CA GLY C 187 -30.57 32.94 21.85
C GLY C 187 -29.61 33.51 22.87
N LEU C 188 -29.38 34.82 22.79
CA LEU C 188 -28.46 35.52 23.66
C LEU C 188 -28.80 37.00 23.65
N SER C 189 -28.25 37.73 24.62
CA SER C 189 -28.40 39.17 24.69
C SER C 189 -27.05 39.84 24.50
N ASP C 190 -27.07 41.16 24.32
CA ASP C 190 -25.83 41.90 24.10
C ASP C 190 -25.01 42.04 25.37
N ASN C 191 -25.66 41.96 26.54
CA ASN C 191 -24.95 42.05 27.81
C ASN C 191 -24.47 40.71 28.33
N GLU C 192 -25.04 39.60 27.84
CA GLU C 192 -24.60 38.27 28.24
C GLU C 192 -23.41 37.77 27.43
N ILE C 193 -23.00 38.53 26.40
CA ILE C 193 -21.82 38.18 25.60
C ILE C 193 -20.58 38.91 26.10
N LEU C 194 -20.69 40.23 26.31
CA LEU C 194 -19.54 41.05 26.65
C LEU C 194 -19.09 40.90 28.10
N ASP C 195 -19.91 40.35 28.99
CA ASP C 195 -19.51 40.21 30.38
C ASP C 195 -18.54 39.05 30.60
N SER C 196 -18.63 38.01 29.77
CA SER C 196 -17.77 36.85 29.85
C SER C 196 -16.89 36.73 28.61
N LEU C 197 -16.35 37.85 28.15
CA LEU C 197 -15.50 37.88 26.96
C LEU C 197 -14.24 38.69 27.22
N HIS C 199 -11.32 39.81 26.25
CA HIS C 199 -11.47 41.25 26.28
C HIS C 199 -12.43 41.73 25.18
N PRO C 200 -13.37 42.60 25.55
CA PRO C 200 -14.38 43.06 24.59
C PRO C 200 -13.90 44.12 23.61
N GLU C 201 -12.66 44.60 23.74
CA GLU C 201 -12.16 45.60 22.81
C GLU C 201 -11.82 44.99 21.45
N PHE C 202 -11.40 43.72 21.43
CA PHE C 202 -11.15 43.03 20.17
C PHE C 202 -12.44 42.64 19.46
N TYR C 203 -13.55 42.52 20.20
CA TYR C 203 -14.84 42.17 19.62
C TYR C 203 -15.57 43.36 19.03
N GLN C 204 -15.06 44.58 19.22
CA GLN C 204 -15.68 45.75 18.60
C GLN C 204 -15.33 45.88 17.12
N LYS C 205 -14.22 45.30 16.68
CA LYS C 205 -13.85 45.36 15.28
C LYS C 205 -14.70 44.42 14.43
N THR C 206 -15.17 43.32 15.01
CA THR C 206 -16.06 42.40 14.31
C THR C 206 -17.53 42.69 14.55
N LEU C 207 -17.85 43.62 15.47
CA LEU C 207 -19.22 44.06 15.67
C LEU C 207 -19.55 45.31 14.86
N ASP C 208 -18.53 46.02 14.37
CA ASP C 208 -18.78 47.22 13.56
C ASP C 208 -19.24 46.84 12.16
N LYS C 209 -18.46 46.01 11.46
CA LYS C 209 -18.82 45.57 10.11
C LYS C 209 -19.57 44.23 10.18
N GLU C 210 -20.59 44.20 11.05
CA GLU C 210 -21.54 43.10 11.07
C GLU C 210 -22.96 43.54 11.41
N GLY C 211 -23.20 44.83 11.58
CA GLY C 211 -24.48 45.28 12.11
C GLY C 211 -24.62 44.95 13.59
N ASN C 212 -25.88 44.96 14.03
CA ASN C 212 -26.21 44.58 15.40
C ASN C 212 -27.59 43.94 15.39
N PRO C 213 -27.66 42.64 15.10
CA PRO C 213 -28.97 41.99 14.98
C PRO C 213 -29.59 41.70 16.34
N THR C 214 -30.92 41.61 16.33
CA THR C 214 -31.68 41.26 17.51
C THR C 214 -31.88 39.74 17.55
N GLU C 215 -32.78 39.28 18.41
CA GLU C 215 -33.04 37.84 18.54
C GLU C 215 -33.76 37.29 17.32
N GLU C 216 -34.56 38.11 16.64
CA GLU C 216 -35.28 37.69 15.45
C GLU C 216 -34.72 38.26 14.16
N GLU C 217 -33.76 39.20 14.23
CA GLU C 217 -33.13 39.75 13.06
C GLU C 217 -31.84 39.03 12.68
N ALA C 218 -31.70 37.77 13.06
CA ALA C 218 -30.56 36.95 12.69
C ALA C 218 -30.93 35.59 12.14
N LEU C 219 -32.13 35.08 12.43
CA LEU C 219 -32.54 33.79 11.89
C LEU C 219 -32.92 33.89 10.41
N VAL C 220 -33.37 35.06 9.97
CA VAL C 220 -33.74 35.25 8.57
C VAL C 220 -32.49 35.31 7.70
N GLU C 221 -31.48 36.07 8.12
CA GLU C 221 -30.24 36.19 7.36
C GLU C 221 -29.39 34.93 7.41
N LEU C 222 -29.59 34.09 8.43
CA LEU C 222 -28.89 32.81 8.48
C LEU C 222 -29.47 31.83 7.46
N TYR C 223 -30.78 31.89 7.25
CA TYR C 223 -31.43 31.01 6.27
C TYR C 223 -31.18 31.41 4.83
N LYS C 224 -30.88 32.70 4.59
CA LYS C 224 -30.68 33.17 3.23
C LYS C 224 -29.33 32.76 2.64
N LYS C 225 -28.32 32.52 3.49
CA LYS C 225 -27.01 32.12 3.01
C LYS C 225 -26.77 30.62 3.07
N LEU C 226 -27.43 29.92 4.01
CA LEU C 226 -27.29 28.47 4.08
C LEU C 226 -28.19 27.77 3.07
N ARG C 227 -29.44 28.22 2.94
CA ARG C 227 -30.41 27.66 2.00
C ARG C 227 -30.85 28.77 1.05
N PRO C 228 -30.09 29.01 -0.04
CA PRO C 228 -30.45 30.05 -0.99
C PRO C 228 -31.34 29.53 -2.12
N PRO C 231 -37.28 31.47 -0.46
CA PRO C 231 -37.75 32.54 0.44
C PRO C 231 -37.45 32.24 1.91
N PRO C 232 -36.98 33.25 2.65
CA PRO C 232 -36.69 33.03 4.07
C PRO C 232 -37.97 32.97 4.90
N THR C 233 -37.93 32.15 5.94
CA THR C 233 -39.08 31.93 6.81
C THR C 233 -38.64 32.07 8.25
N VAL C 234 -39.51 32.67 9.08
CA VAL C 234 -39.21 32.83 10.50
C VAL C 234 -39.23 31.49 11.21
N SER C 235 -40.00 30.53 10.71
CA SER C 235 -40.01 29.18 11.28
C SER C 235 -39.00 28.26 10.63
N GLY C 236 -38.52 28.60 9.42
CA GLY C 236 -37.53 27.78 8.76
C GLY C 236 -36.13 27.98 9.28
N GLY C 237 -35.83 29.16 9.82
CA GLY C 237 -34.51 29.41 10.36
C GLY C 237 -34.26 28.75 11.70
N GLN C 238 -35.32 28.50 12.47
CA GLN C 238 -35.17 27.82 13.76
C GLN C 238 -35.06 26.31 13.58
N GLN C 239 -35.80 25.74 12.62
CA GLN C 239 -35.75 24.30 12.40
C GLN C 239 -34.46 23.87 11.70
N LEU C 240 -33.77 24.80 11.03
CA LEU C 240 -32.51 24.46 10.37
C LEU C 240 -31.36 24.44 11.38
N LEU C 241 -31.31 25.42 12.28
CA LEU C 241 -30.20 25.49 13.23
C LEU C 241 -30.34 24.49 14.37
N GLU C 242 -31.57 24.15 14.75
CA GLU C 242 -31.76 23.22 15.85
C GLU C 242 -31.46 21.78 15.43
N SER C 243 -31.66 21.46 14.14
CA SER C 243 -31.43 20.11 13.65
C SER C 243 -29.95 19.79 13.49
N ARG C 244 -29.07 20.79 13.50
CA ARG C 244 -27.64 20.56 13.32
C ARG C 244 -26.92 20.27 14.63
N PHE C 245 -27.19 21.05 15.68
CA PHE C 245 -26.45 20.94 16.93
C PHE C 245 -27.32 20.74 18.16
N PHE C 246 -28.62 20.99 18.10
CA PHE C 246 -29.48 20.92 19.27
C PHE C 246 -30.52 19.80 19.19
N ASP C 247 -30.56 19.04 18.11
CA ASP C 247 -31.58 18.01 18.06
C ASP C 247 -31.04 16.67 18.51
N PRO C 248 -31.83 15.89 19.25
CA PRO C 248 -31.40 14.53 19.61
C PRO C 248 -31.42 13.61 18.39
N LYS C 249 -30.61 12.55 18.48
CA LYS C 249 -30.39 11.53 17.45
C LYS C 249 -29.87 12.11 16.13
N ARG C 250 -29.28 13.31 16.16
CA ARG C 250 -28.62 13.89 15.01
C ARG C 250 -27.28 14.55 15.33
N TYR C 251 -26.99 14.82 16.59
CA TYR C 251 -25.74 15.43 17.01
C TYR C 251 -25.34 14.84 18.36
N ASP C 252 -24.15 14.29 18.44
CA ASP C 252 -23.68 13.63 19.65
C ASP C 252 -22.24 14.06 19.93
N LEU C 253 -22.00 14.58 21.14
CA LEU C 253 -20.64 14.89 21.55
C LEU C 253 -19.94 13.65 22.10
N GLY C 254 -20.68 12.73 22.70
CA GLY C 254 -20.11 11.55 23.30
C GLY C 254 -19.73 11.76 24.75
N ARG C 255 -19.40 10.64 25.41
CA ARG C 255 -18.94 10.72 26.80
C ARG C 255 -17.56 11.34 26.89
N VAL C 256 -16.74 11.18 25.85
CA VAL C 256 -15.40 11.77 25.84
C VAL C 256 -15.40 13.19 25.26
N GLY C 257 -16.44 13.58 24.54
CA GLY C 257 -16.53 14.95 24.06
C GLY C 257 -16.88 15.94 25.16
N ARG C 258 -17.67 15.51 26.14
CA ARG C 258 -17.95 16.34 27.29
C ARG C 258 -16.73 16.46 28.19
N TYR C 259 -15.87 15.44 28.21
CA TYR C 259 -14.67 15.46 29.04
C TYR C 259 -13.61 16.40 28.47
N LYS C 260 -13.51 16.47 27.14
CA LYS C 260 -12.52 17.34 26.51
C LYS C 260 -12.97 18.79 26.46
N LEU C 261 -14.28 19.05 26.57
CA LEU C 261 -14.76 20.44 26.62
C LEU C 261 -14.51 21.07 27.98
N ASN C 262 -14.68 20.31 29.06
CA ASN C 262 -14.48 20.83 30.40
C ASN C 262 -13.00 20.92 30.79
N LYS C 263 -12.10 20.31 30.01
CA LYS C 263 -10.68 20.38 30.30
C LYS C 263 -10.00 21.53 29.56
N LYS C 264 -10.32 21.69 28.27
CA LYS C 264 -9.69 22.73 27.47
C LYS C 264 -10.25 24.11 27.80
N LEU C 265 -11.57 24.27 27.72
CA LEU C 265 -12.20 25.55 27.97
C LEU C 265 -12.43 25.83 29.45
N ARG C 266 -12.17 24.85 30.32
CA ARG C 266 -12.35 24.94 31.78
C ARG C 266 -13.78 25.33 32.14
N LEU C 267 -14.72 24.48 31.74
CA LEU C 267 -16.13 24.71 31.99
C LEU C 267 -16.54 24.12 33.33
N ASN C 268 -17.57 24.70 33.94
CA ASN C 268 -18.05 24.25 35.24
C ASN C 268 -19.12 23.17 35.12
N GLU C 269 -19.96 23.23 34.10
CA GLU C 269 -21.01 22.24 33.92
C GLU C 269 -20.43 20.94 33.36
N ALA C 270 -21.18 19.86 33.56
CA ALA C 270 -20.77 18.54 33.10
C ALA C 270 -21.99 17.66 32.96
N ASP C 271 -21.76 16.46 32.41
CA ASP C 271 -22.77 15.39 32.26
C ASP C 271 -23.96 15.84 31.42
N THR C 272 -23.68 16.49 30.30
CA THR C 272 -24.74 16.84 29.35
C THR C 272 -24.87 15.78 28.26
N THR C 273 -23.80 15.59 27.47
CA THR C 273 -23.52 14.43 26.61
C THR C 273 -24.50 14.28 25.42
N ARG C 274 -25.54 15.11 25.35
CA ARG C 274 -26.56 14.95 24.32
C ARG C 274 -26.71 16.19 23.45
N VAL C 275 -26.85 17.36 24.06
CA VAL C 275 -27.14 18.60 23.33
C VAL C 275 -25.94 19.53 23.49
N LEU C 276 -25.63 20.29 22.43
CA LEU C 276 -24.56 21.27 22.50
C LEU C 276 -25.04 22.49 23.26
N THR C 277 -24.37 22.79 24.36
CA THR C 277 -24.74 23.93 25.19
C THR C 277 -24.32 25.23 24.51
N PRO C 278 -25.21 26.23 24.41
CA PRO C 278 -24.81 27.51 23.77
C PRO C 278 -23.79 28.31 24.58
N GLN C 279 -23.63 28.02 25.87
CA GLN C 279 -22.56 28.64 26.64
C GLN C 279 -21.18 28.12 26.25
N ASP C 280 -21.12 26.91 25.69
CA ASP C 280 -19.84 26.36 25.26
C ASP C 280 -19.35 26.99 23.96
N ILE C 281 -20.26 27.49 23.13
CA ILE C 281 -19.85 28.17 21.91
C ILE C 281 -19.28 29.55 22.24
N LEU C 282 -19.77 30.17 23.32
CA LEU C 282 -19.22 31.45 23.75
C LEU C 282 -17.83 31.28 24.37
N ALA C 283 -17.56 30.13 24.99
CA ALA C 283 -16.25 29.88 25.55
C ALA C 283 -15.21 29.57 24.47
N ALA C 284 -15.65 29.00 23.35
CA ALA C 284 -14.72 28.73 22.26
C ALA C 284 -14.34 29.99 21.50
N ILE C 285 -15.24 30.99 21.47
CA ILE C 285 -14.91 32.28 20.88
C ILE C 285 -13.94 33.04 21.79
N ASN C 286 -14.15 32.95 23.11
CA ASN C 286 -13.32 33.65 24.06
C ASN C 286 -11.89 33.10 24.10
N TYR C 287 -11.72 31.80 23.87
CA TYR C 287 -10.39 31.23 23.80
C TYR C 287 -9.70 31.59 22.49
N LEU C 288 -10.48 31.84 21.44
CA LEU C 288 -9.90 32.20 20.14
C LEU C 288 -9.45 33.66 20.11
N ILE C 289 -10.16 34.54 20.80
CA ILE C 289 -9.77 35.95 20.86
C ILE C 289 -8.50 36.11 21.70
N ASN C 290 -8.38 35.35 22.79
CA ASN C 290 -7.24 35.45 23.68
C ASN C 290 -5.95 34.89 23.07
N LEU C 291 -6.04 34.12 21.98
CA LEU C 291 -4.83 33.63 21.31
C LEU C 291 -4.05 34.76 20.64
N GLU C 292 -4.71 35.85 20.28
CA GLU C 292 -4.00 37.03 19.77
C GLU C 292 -3.36 37.84 20.87
N PHE C 293 -3.77 37.62 22.13
CA PHE C 293 -3.18 38.31 23.28
C PHE C 293 -2.08 37.51 23.94
N ASP C 294 -1.51 36.53 23.23
CA ASP C 294 -0.36 35.71 23.67
C ASP C 294 -0.66 34.95 24.96
N VAL C 295 -1.84 34.36 25.04
CA VAL C 295 -2.20 33.47 26.15
C VAL C 295 -3.08 32.35 25.60
N GLY C 296 -2.76 31.12 25.99
CA GLY C 296 -3.44 29.95 25.48
C GLY C 296 -2.50 29.04 24.71
N THR C 297 -2.88 27.77 24.64
CA THR C 297 -2.06 26.73 24.02
C THR C 297 -2.67 26.30 22.69
N THR C 298 -1.80 26.11 21.70
CA THR C 298 -2.20 25.61 20.39
C THR C 298 -2.11 24.09 20.40
N ASP C 299 -3.21 23.42 20.07
CA ASP C 299 -3.26 21.97 20.15
C ASP C 299 -2.50 21.33 19.00
N ASP C 300 -2.12 20.07 19.20
CA ASP C 300 -1.42 19.28 18.21
C ASP C 300 -2.31 18.14 17.73
N ILE C 301 -2.28 17.88 16.43
CA ILE C 301 -3.14 16.85 15.86
C ILE C 301 -2.51 15.46 15.98
N ASP C 302 -1.19 15.39 16.07
CA ASP C 302 -0.49 14.10 16.16
C ASP C 302 -0.20 13.69 17.58
N HIS C 303 -0.64 14.46 18.58
CA HIS C 303 -0.44 14.09 19.96
C HIS C 303 -1.39 12.97 20.35
N LEU C 304 -0.89 12.02 21.15
CA LEU C 304 -1.72 10.89 21.58
C LEU C 304 -2.74 11.28 22.63
N GLY C 305 -2.58 12.45 23.27
CA GLY C 305 -3.62 12.96 24.13
C GLY C 305 -4.83 13.50 23.37
N ASN C 306 -4.66 13.80 22.09
CA ASN C 306 -5.74 14.24 21.22
C ASN C 306 -6.19 13.15 20.25
N ARG C 307 -5.59 11.96 20.31
CA ARG C 307 -5.93 10.86 19.42
C ARG C 307 -6.47 9.71 20.26
N ARG C 308 -7.66 9.24 19.91
CA ARG C 308 -8.32 8.15 20.60
C ARG C 308 -8.26 6.87 19.79
N VAL C 309 -8.51 5.75 20.46
CA VAL C 309 -8.68 4.45 19.81
C VAL C 309 -10.06 3.92 20.16
N ARG C 310 -10.64 3.16 19.24
CA ARG C 310 -11.92 2.50 19.48
C ARG C 310 -11.79 1.03 19.11
N SER C 311 -12.71 0.24 19.64
CA SER C 311 -12.64 -1.22 19.56
C SER C 311 -14.04 -1.75 19.29
N VAL C 312 -14.22 -3.06 19.53
CA VAL C 312 -15.46 -3.76 19.17
C VAL C 312 -16.66 -3.24 19.93
N GLY C 313 -16.46 -2.75 21.16
CA GLY C 313 -17.56 -2.19 21.91
C GLY C 313 -18.06 -0.86 21.38
N GLU C 314 -17.20 -0.11 20.70
CA GLU C 314 -17.57 1.17 20.11
C GLU C 314 -17.98 1.06 18.65
N LEU C 315 -17.31 0.21 17.88
CA LEU C 315 -17.63 0.08 16.46
C LEU C 315 -18.96 -0.63 16.24
N LEU C 316 -19.34 -1.53 17.14
CA LEU C 316 -20.66 -2.15 17.06
C LEU C 316 -21.77 -1.21 17.51
N GLN C 317 -21.45 -0.18 18.30
CA GLN C 317 -22.46 0.77 18.73
C GLN C 317 -22.92 1.67 17.60
N ASN C 318 -22.06 1.88 16.60
CA ASN C 318 -22.44 2.71 15.46
C ASN C 318 -23.19 1.91 14.40
N GLN C 319 -23.01 0.59 14.36
CA GLN C 319 -23.71 -0.22 13.37
C GLN C 319 -25.14 -0.52 13.77
N ILE C 320 -25.41 -0.66 15.07
CA ILE C 320 -26.80 -0.80 15.51
C ILE C 320 -27.51 0.55 15.47
N ARG C 321 -26.76 1.65 15.62
CA ARG C 321 -27.37 2.98 15.55
C ARG C 321 -27.85 3.31 14.14
N VAL C 322 -27.07 2.93 13.12
CA VAL C 322 -27.54 3.07 11.74
C VAL C 322 -28.45 1.93 11.31
N GLY C 323 -28.58 0.88 12.13
CA GLY C 323 -29.48 -0.22 11.83
C GLY C 323 -30.84 -0.02 12.46
N LEU C 324 -30.88 0.62 13.62
CA LEU C 324 -32.15 0.96 14.25
C LEU C 324 -32.82 2.16 13.60
N ASN C 325 -32.05 3.02 12.92
CA ASN C 325 -32.64 4.14 12.20
C ASN C 325 -33.39 3.67 10.96
N ARG C 326 -32.90 2.59 10.32
CA ARG C 326 -33.65 1.99 9.22
C ARG C 326 -34.89 1.26 9.72
N LEU C 327 -34.85 0.77 10.96
CA LEU C 327 -36.01 0.13 11.57
C LEU C 327 -37.04 1.15 12.03
N GLU C 328 -36.62 2.40 12.28
CA GLU C 328 -37.57 3.43 12.69
C GLU C 328 -38.46 3.87 11.53
N ARG C 329 -37.96 3.77 10.30
CA ARG C 329 -38.76 4.16 9.14
C ARG C 329 -39.85 3.13 8.83
N ILE C 330 -39.59 1.86 9.12
CA ILE C 330 -40.60 0.83 8.88
C ILE C 330 -41.59 0.76 10.04
N ILE C 331 -41.14 1.08 11.26
CA ILE C 331 -42.04 1.07 12.41
C ILE C 331 -43.01 2.24 12.39
N ARG C 332 -42.65 3.33 11.70
CA ARG C 332 -43.57 4.45 11.52
C ARG C 332 -44.41 4.34 10.26
N GLU C 333 -44.06 3.44 9.34
CA GLU C 333 -44.83 3.21 8.13
C GLU C 333 -45.82 2.06 8.27
N ARG C 334 -45.85 1.40 9.43
CA ARG C 334 -46.80 0.32 9.68
C ARG C 334 -47.87 0.69 10.71
N MET C 335 -47.63 1.73 11.51
CA MET C 335 -48.60 2.20 12.48
C MET C 335 -49.50 3.30 11.92
N THR C 336 -49.40 3.59 10.64
CA THR C 336 -50.22 4.61 10.00
C THR C 336 -51.12 4.06 8.90
N VAL C 337 -50.64 3.06 8.15
CA VAL C 337 -51.47 2.45 7.12
C VAL C 337 -52.52 1.54 7.74
N SER C 338 -52.12 0.72 8.71
CA SER C 338 -53.04 -0.16 9.43
C SER C 338 -53.74 0.67 10.49
N GLU C 339 -54.96 1.12 10.19
CA GLU C 339 -55.74 1.94 11.09
C GLU C 339 -56.58 1.13 12.06
N SER C 340 -56.47 -0.20 12.04
CA SER C 340 -57.23 -1.07 12.91
C SER C 340 -56.37 -1.53 14.10
N ASP C 341 -57.06 -1.90 15.18
CA ASP C 341 -56.40 -2.36 16.39
C ASP C 341 -56.21 -3.87 16.32
N ALA C 342 -55.86 -4.47 17.48
CA ALA C 342 -55.64 -5.91 17.67
C ALA C 342 -54.54 -6.44 16.74
N LEU C 343 -53.36 -5.85 16.88
CA LEU C 343 -52.18 -6.24 16.11
C LEU C 343 -51.05 -6.56 17.08
N THR C 344 -50.27 -7.58 16.74
CA THR C 344 -49.23 -8.06 17.64
C THR C 344 -47.97 -7.20 17.51
N PRO C 345 -47.26 -6.95 18.62
CA PRO C 345 -46.01 -6.17 18.52
C PRO C 345 -44.86 -6.92 17.88
N ALA C 346 -44.96 -8.24 17.72
CA ALA C 346 -43.90 -9.00 17.06
C ALA C 346 -43.89 -8.82 15.55
N SER C 347 -44.96 -8.27 14.96
CA SER C 347 -45.02 -7.99 13.54
C SER C 347 -44.61 -6.56 13.19
N LEU C 348 -44.40 -5.72 14.20
CA LEU C 348 -43.98 -4.34 13.94
C LEU C 348 -42.48 -4.22 13.73
N VAL C 349 -41.70 -5.13 14.32
CA VAL C 349 -40.25 -5.08 14.26
C VAL C 349 -39.79 -6.02 13.15
N ASN C 350 -39.16 -5.44 12.13
CA ASN C 350 -38.61 -6.24 11.03
C ASN C 350 -37.12 -6.41 11.26
N PRO C 351 -36.63 -7.64 11.48
CA PRO C 351 -35.21 -7.83 11.78
C PRO C 351 -34.30 -7.79 10.57
N LYS C 352 -34.84 -7.71 9.36
CA LYS C 352 -34.07 -7.77 8.12
C LYS C 352 -33.11 -6.58 7.89
N PRO C 353 -33.45 -5.31 8.16
CA PRO C 353 -32.43 -4.26 8.00
C PRO C 353 -31.35 -4.27 9.08
N LEU C 354 -31.61 -4.89 10.22
CA LEU C 354 -30.61 -4.93 11.29
C LEU C 354 -29.72 -6.16 11.23
N VAL C 355 -30.23 -7.26 10.67
CA VAL C 355 -29.39 -8.44 10.43
C VAL C 355 -28.36 -8.12 9.35
N ALA C 356 -28.78 -7.44 8.28
CA ALA C 356 -27.87 -7.07 7.20
C ALA C 356 -26.89 -5.98 7.61
N ALA C 357 -27.16 -5.24 8.69
CA ALA C 357 -26.22 -4.23 9.16
C ALA C 357 -25.07 -4.85 9.97
N ILE C 358 -25.37 -5.90 10.74
CA ILE C 358 -24.32 -6.58 11.50
C ILE C 358 -23.50 -7.48 10.58
N LYS C 359 -24.15 -8.10 9.60
CA LYS C 359 -23.43 -8.98 8.67
C LYS C 359 -22.52 -8.20 7.73
N GLU C 360 -22.83 -6.93 7.47
CA GLU C 360 -21.98 -6.09 6.64
C GLU C 360 -20.73 -5.64 7.38
N PHE C 361 -20.82 -5.48 8.70
CA PHE C 361 -19.67 -5.02 9.48
C PHE C 361 -18.67 -6.13 9.70
N PHE C 362 -19.13 -7.36 9.87
CA PHE C 362 -18.24 -8.47 10.18
C PHE C 362 -17.69 -9.17 8.94
N GLY C 363 -18.33 -9.01 7.78
CA GLY C 363 -17.90 -9.73 6.60
C GLY C 363 -17.55 -8.88 5.40
N SER C 364 -18.10 -7.67 5.33
CA SER C 364 -17.92 -6.81 4.17
C SER C 364 -17.21 -5.50 4.49
N SER C 365 -16.88 -5.24 5.74
CA SER C 365 -16.17 -4.03 6.10
C SER C 365 -14.67 -4.23 5.97
N GLN C 366 -13.95 -3.12 5.82
CA GLN C 366 -12.50 -3.16 5.66
C GLN C 366 -11.79 -3.42 6.98
N LEU C 367 -12.38 -3.01 8.10
CA LEU C 367 -11.69 -3.08 9.38
C LEU C 367 -11.75 -4.47 10.00
N SER C 368 -12.69 -5.31 9.55
CA SER C 368 -12.74 -6.72 9.95
C SER C 368 -11.82 -7.50 9.01
N GLN C 369 -10.64 -7.87 9.49
CA GLN C 369 -9.59 -8.43 8.67
C GLN C 369 -9.47 -9.94 8.86
N PHE C 370 -8.86 -10.58 7.86
CA PHE C 370 -8.61 -12.02 7.94
C PHE C 370 -7.49 -12.30 8.92
N MET C 371 -7.76 -13.19 9.87
CA MET C 371 -6.84 -13.44 10.97
C MET C 371 -5.63 -14.24 10.51
N ASP C 372 -4.43 -13.78 10.88
CA ASP C 372 -3.20 -14.50 10.59
C ASP C 372 -2.96 -15.53 11.68
N GLN C 373 -2.98 -16.80 11.30
CA GLN C 373 -2.83 -17.89 12.25
C GLN C 373 -1.65 -18.79 11.86
N THR C 374 -0.52 -18.19 11.51
CA THR C 374 0.66 -18.98 11.18
C THR C 374 1.27 -19.59 12.44
N ASN C 375 1.57 -18.75 13.43
CA ASN C 375 2.13 -19.17 14.71
C ASN C 375 1.39 -18.42 15.82
N PRO C 376 1.54 -18.79 17.10
CA PRO C 376 0.90 -18.00 18.16
C PRO C 376 1.44 -16.58 18.31
N LEU C 377 2.59 -16.25 17.72
CA LEU C 377 3.09 -14.88 17.81
C LEU C 377 2.31 -13.94 16.89
N ALA C 378 1.92 -14.42 15.71
CA ALA C 378 1.13 -13.61 14.79
C ALA C 378 -0.33 -13.51 15.21
N GLU C 379 -0.84 -14.48 15.96
CA GLU C 379 -2.20 -14.39 16.48
C GLU C 379 -2.29 -13.35 17.60
N LEU C 380 -1.24 -13.28 18.44
CA LEU C 380 -1.23 -12.30 19.51
C LEU C 380 -0.97 -10.89 18.99
N THR C 381 -0.19 -10.76 17.93
CA THR C 381 0.13 -9.45 17.37
C THR C 381 -1.05 -8.85 16.61
N HIS C 382 -1.80 -9.69 15.89
CA HIS C 382 -2.90 -9.20 15.05
C HIS C 382 -4.08 -8.68 15.88
N LYS C 383 -4.22 -9.14 17.12
CA LYS C 383 -5.28 -8.62 17.99
C LYS C 383 -4.89 -7.32 18.68
N ARG C 384 -3.65 -6.85 18.50
CA ARG C 384 -3.18 -5.62 19.12
C ARG C 384 -2.66 -4.61 18.10
N ARG C 385 -3.08 -4.73 16.85
CA ARG C 385 -2.65 -3.79 15.82
C ARG C 385 -3.41 -2.48 15.95
N ILE C 386 -2.71 -1.37 15.75
CA ILE C 386 -3.28 -0.03 15.82
C ILE C 386 -3.13 0.59 14.44
N SER C 387 -4.20 0.53 13.64
CA SER C 387 -4.20 1.04 12.27
C SER C 387 -4.96 2.35 12.21
N ALA C 388 -4.49 3.27 11.36
CA ALA C 388 -5.09 4.59 11.21
C ALA C 388 -6.02 4.68 10.01
N LEU C 389 -6.45 3.55 9.46
CA LEU C 389 -7.32 3.51 8.30
C LEU C 389 -8.67 2.91 8.67
N GLY C 390 -9.67 3.22 7.86
CA GLY C 390 -11.00 2.70 8.07
C GLY C 390 -12.08 3.70 7.67
N PRO C 391 -13.35 3.32 7.84
CA PRO C 391 -14.45 4.24 7.49
C PRO C 391 -14.61 5.36 8.50
N GLY C 392 -13.76 6.38 8.39
CA GLY C 392 -13.79 7.51 9.30
C GLY C 392 -12.42 7.87 9.82
N GLY C 393 -11.39 7.17 9.33
CA GLY C 393 -10.03 7.43 9.73
C GLY C 393 -9.26 8.27 8.73
N LEU C 394 -8.38 7.63 7.97
CA LEU C 394 -7.56 8.31 6.97
C LEU C 394 -7.68 7.59 5.63
N THR C 395 -6.89 8.04 4.67
CA THR C 395 -6.87 7.49 3.33
C THR C 395 -5.41 7.21 2.94
N ARG C 396 -5.23 6.26 2.01
CA ARG C 396 -3.89 5.92 1.56
C ARG C 396 -3.24 7.06 0.78
N GLU C 397 -4.03 7.89 0.12
CA GLU C 397 -3.51 9.06 -0.58
C GLU C 397 -3.41 10.29 0.32
N ARG C 398 -4.21 10.36 1.37
CA ARG C 398 -4.20 11.50 2.29
C ARG C 398 -3.16 11.35 3.39
N ALA C 399 -2.43 10.25 3.44
CA ALA C 399 -1.38 10.07 4.44
C ALA C 399 -0.13 10.82 4.00
N GLY C 400 0.42 11.62 4.92
CA GLY C 400 1.59 12.42 4.60
C GLY C 400 2.83 12.02 5.38
N PHE C 401 3.83 12.91 5.41
CA PHE C 401 5.07 12.62 6.11
C PHE C 401 4.93 12.78 7.63
N ALA C 402 4.06 13.69 8.07
CA ALA C 402 3.93 13.96 9.50
C ALA C 402 3.13 12.88 10.22
N VAL C 403 2.20 12.23 9.53
CA VAL C 403 1.36 11.21 10.18
C VAL C 403 2.06 9.86 10.23
N ARG C 404 3.10 9.65 9.43
CA ARG C 404 3.84 8.38 9.42
C ARG C 404 5.07 8.41 10.31
N ASP C 405 5.51 9.58 10.77
CA ASP C 405 6.67 9.66 11.64
C ASP C 405 6.30 9.32 13.07
N ILE C 406 7.31 9.25 13.93
CA ILE C 406 7.13 8.89 15.34
C ILE C 406 6.99 10.17 16.15
N HIS C 407 5.87 10.30 16.84
CA HIS C 407 5.67 11.41 17.75
C HIS C 407 6.42 11.16 19.06
N PRO C 408 6.88 12.21 19.75
CA PRO C 408 7.49 12.03 21.07
C PRO C 408 6.52 11.55 22.15
N SER C 409 5.21 11.63 21.92
CA SER C 409 4.23 11.10 22.85
C SER C 409 3.97 9.61 22.67
N HIS C 410 4.67 8.95 21.75
CA HIS C 410 4.55 7.52 21.54
C HIS C 410 5.47 6.70 22.43
N HIS C 411 6.09 7.32 23.42
CA HIS C 411 7.09 6.67 24.27
C HIS C 411 6.38 5.73 25.24
N GLY C 412 6.39 4.44 24.92
CA GLY C 412 5.79 3.43 25.78
C GLY C 412 4.38 3.03 25.40
N ARG C 413 3.74 3.75 24.48
CA ARG C 413 2.37 3.46 24.09
C ARG C 413 2.31 2.69 22.77
N ILE C 414 2.93 3.22 21.72
CA ILE C 414 2.99 2.56 20.41
C ILE C 414 4.42 2.14 20.16
N CYS C 415 4.59 0.93 19.61
CA CYS C 415 5.91 0.39 19.35
C CYS C 415 6.58 1.13 18.20
N PRO C 416 7.78 1.70 18.39
CA PRO C 416 8.42 2.44 17.30
C PRO C 416 9.12 1.55 16.29
N VAL C 417 9.28 0.26 16.58
CA VAL C 417 10.04 -0.64 15.72
C VAL C 417 9.11 -1.47 14.81
N GLU C 418 8.11 -2.11 15.39
CA GLU C 418 7.27 -3.05 14.65
C GLU C 418 6.24 -2.29 13.83
N THR C 419 6.49 -2.23 12.51
CA THR C 419 5.57 -1.64 11.54
C THR C 419 5.86 -2.28 10.20
N PRO C 420 4.85 -2.52 9.36
CA PRO C 420 5.11 -3.16 8.07
C PRO C 420 5.76 -2.19 7.09
N GLU C 421 6.74 -2.70 6.35
CA GLU C 421 7.45 -1.89 5.36
C GLU C 421 6.74 -1.96 4.01
N GLY C 422 6.90 -0.90 3.23
CA GLY C 422 6.30 -0.83 1.92
C GLY C 422 5.26 0.27 1.82
N PRO C 423 4.04 -0.09 1.40
CA PRO C 423 2.99 0.94 1.28
C PRO C 423 2.47 1.43 2.62
N ASN C 424 2.22 0.53 3.57
CA ASN C 424 1.67 0.91 4.87
C ASN C 424 2.79 1.08 5.89
N ALA C 425 3.71 1.99 5.58
CA ALA C 425 4.87 2.25 6.44
C ALA C 425 4.52 3.38 7.40
N GLY C 426 4.06 3.00 8.59
CA GLY C 426 3.73 3.94 9.64
C GLY C 426 2.25 4.08 9.92
N LEU C 427 1.40 3.63 9.00
CA LEU C 427 -0.05 3.76 9.20
C LEU C 427 -0.60 2.64 10.08
N ILE C 428 0.02 1.47 10.05
CA ILE C 428 -0.42 0.32 10.85
C ILE C 428 0.63 0.12 11.93
N GLY C 429 0.31 0.54 13.16
CA GLY C 429 1.21 0.39 14.29
C GLY C 429 0.87 -0.83 15.12
N SER C 430 1.62 -0.97 16.21
CA SER C 430 1.43 -2.08 17.15
C SER C 430 1.47 -1.55 18.57
N LEU C 431 0.64 -2.12 19.43
CA LEU C 431 0.61 -1.71 20.83
C LEU C 431 1.84 -2.25 21.57
N ALA C 432 2.28 -1.49 22.57
CA ALA C 432 3.45 -1.87 23.34
C ALA C 432 3.11 -2.96 24.36
N THR C 433 4.10 -3.33 25.17
CA THR C 433 3.93 -4.45 26.09
C THR C 433 3.07 -4.08 27.29
N CYS C 434 3.42 -3.00 27.98
CA CYS C 434 2.72 -2.59 29.19
C CYS C 434 1.64 -1.54 28.92
N ALA C 435 1.29 -1.32 27.67
CA ALA C 435 0.28 -0.31 27.34
C ALA C 435 -1.12 -0.81 27.68
N ARG C 436 -1.99 0.13 28.03
CA ARG C 436 -3.35 -0.18 28.43
C ARG C 436 -4.27 0.97 28.05
N VAL C 437 -5.46 0.63 27.58
CA VAL C 437 -6.46 1.60 27.14
C VAL C 437 -7.56 1.66 28.20
N ASN C 438 -7.88 2.88 28.64
CA ASN C 438 -8.91 3.08 29.66
C ASN C 438 -10.29 3.14 29.02
N ASP C 439 -11.29 3.55 29.79
CA ASP C 439 -12.65 3.60 29.28
C ASP C 439 -12.89 4.78 28.34
N TYR C 440 -12.02 5.79 28.38
CA TYR C 440 -12.17 6.95 27.50
C TYR C 440 -11.54 6.73 26.12
N GLY C 441 -10.68 5.73 25.97
CA GLY C 441 -10.05 5.45 24.71
C GLY C 441 -8.65 5.98 24.54
N PHE C 442 -7.93 6.26 25.63
CA PHE C 442 -6.56 6.76 25.58
C PHE C 442 -5.62 5.70 26.11
N ILE C 443 -4.41 5.65 25.54
CA ILE C 443 -3.43 4.65 25.92
C ILE C 443 -2.68 5.13 27.17
N GLU C 444 -2.52 4.23 28.14
CA GLU C 444 -1.87 4.54 29.40
C GLU C 444 -0.63 3.68 29.59
N THR C 445 0.33 4.21 30.33
CA THR C 445 1.58 3.53 30.64
C THR C 445 1.83 3.56 32.15
N PRO C 446 2.24 2.43 32.73
CA PRO C 446 2.51 2.41 34.17
C PRO C 446 3.86 3.04 34.50
N TYR C 447 3.91 3.66 35.68
CA TYR C 447 5.12 4.31 36.16
C TYR C 447 5.25 4.11 37.66
N PHE C 448 6.48 3.96 38.13
CA PHE C 448 6.76 3.86 39.56
C PHE C 448 7.04 5.25 40.13
N ARG C 449 6.54 5.48 41.33
CA ARG C 449 6.76 6.76 42.00
C ARG C 449 8.17 6.84 42.55
N VAL C 450 8.79 8.02 42.39
CA VAL C 450 10.13 8.29 42.92
C VAL C 450 9.99 9.41 43.94
N GLU C 451 10.40 9.13 45.17
CA GLU C 451 10.29 10.09 46.27
C GLU C 451 11.68 10.35 46.83
N SER C 452 12.18 11.58 46.60
CA SER C 452 13.46 12.07 47.11
C SER C 452 14.64 11.21 46.65
N GLY C 453 14.64 10.88 45.36
CA GLY C 453 15.71 10.07 44.81
C GLY C 453 15.66 8.61 45.20
N ARG C 454 14.46 8.07 45.42
CA ARG C 454 14.29 6.68 45.82
C ARG C 454 13.08 6.11 45.09
N VAL C 455 13.31 5.04 44.32
CA VAL C 455 12.22 4.43 43.56
C VAL C 455 11.33 3.64 44.51
N ARG C 456 10.09 4.08 44.67
CA ARG C 456 9.13 3.43 45.56
C ARG C 456 8.50 2.25 44.83
N LYS C 457 9.24 1.14 44.81
CA LYS C 457 8.77 -0.09 44.17
C LYS C 457 8.10 -1.01 45.18
N ASP C 458 7.04 -0.47 45.80
CA ASP C 458 6.34 -1.20 46.86
C ASP C 458 4.84 -1.28 46.59
N LEU C 459 4.30 -0.27 45.92
CA LEU C 459 2.87 -0.14 45.69
C LEU C 459 2.57 -0.23 44.20
N ASP C 460 1.28 -0.08 43.87
CA ASP C 460 0.82 -0.17 42.50
C ASP C 460 1.28 1.05 41.70
N PRO C 461 1.43 0.90 40.36
CA PRO C 461 1.80 2.07 39.54
C PRO C 461 0.68 3.09 39.40
N VAL C 462 0.95 4.16 38.66
CA VAL C 462 0.07 5.32 38.61
C VAL C 462 -0.80 5.28 37.36
N TYR C 463 -0.25 4.71 36.27
CA TYR C 463 -0.88 4.58 34.95
C TYR C 463 -1.29 5.95 34.40
N LEU C 464 -0.26 6.76 34.12
CA LEU C 464 -0.46 8.11 33.60
C LEU C 464 -1.01 8.07 32.18
N THR C 465 -2.04 8.88 31.92
CA THR C 465 -2.71 8.91 30.63
C THR C 465 -2.18 10.07 29.77
N ALA C 466 -0.88 10.00 29.50
CA ALA C 466 -0.14 10.95 28.66
C ALA C 466 -0.24 12.39 29.18
N ASP C 467 -0.30 12.54 30.50
CA ASP C 467 -0.29 13.85 31.14
C ASP C 467 1.06 14.18 31.78
N GLU C 468 2.09 13.41 31.48
CA GLU C 468 3.42 13.63 32.03
C GLU C 468 4.28 14.53 31.15
N GLU C 469 3.70 15.14 30.12
CA GLU C 469 4.49 15.95 29.19
C GLU C 469 4.84 17.30 29.81
N ASP C 470 3.84 18.10 30.13
CA ASP C 470 4.07 19.47 30.60
C ASP C 470 4.12 19.58 32.12
N ASP C 471 3.94 18.47 32.85
CA ASP C 471 3.90 18.52 34.30
C ASP C 471 4.98 17.68 34.96
N MET C 472 5.16 16.44 34.53
CA MET C 472 6.02 15.49 35.23
C MET C 472 7.36 15.31 34.52
N ARG C 473 8.32 14.77 35.26
CA ARG C 473 9.65 14.44 34.75
C ARG C 473 9.82 12.92 34.83
N VAL C 474 9.94 12.29 33.68
CA VAL C 474 9.90 10.83 33.57
C VAL C 474 11.27 10.33 33.11
N ALA C 475 11.84 9.40 33.88
CA ALA C 475 13.08 8.67 33.63
C ALA C 475 12.78 7.29 33.08
N PRO C 476 13.58 6.76 32.15
CA PRO C 476 13.32 5.41 31.63
C PRO C 476 13.81 4.34 32.60
N GLY C 477 13.60 3.09 32.20
CA GLY C 477 14.03 1.96 33.01
C GLY C 477 15.41 1.47 32.66
N ASP C 478 16.41 2.36 32.74
CA ASP C 478 17.77 2.00 32.39
C ASP C 478 18.77 2.56 33.40
N ILE C 479 18.31 3.31 34.41
CA ILE C 479 19.22 3.95 35.36
C ILE C 479 19.63 2.94 36.42
N PRO C 480 20.90 2.95 36.85
CA PRO C 480 21.33 2.03 37.92
C PRO C 480 20.78 2.46 39.27
N THR C 481 20.03 1.57 39.90
CA THR C 481 19.42 1.82 41.20
C THR C 481 20.09 0.96 42.26
N ASP C 482 19.88 1.34 43.52
CA ASP C 482 20.39 0.60 44.66
C ASP C 482 19.28 -0.23 45.28
N GLU C 483 19.62 -0.96 46.33
CA GLU C 483 18.67 -1.81 47.05
C GLU C 483 17.99 -0.96 48.11
N GLU C 484 16.94 -0.24 47.69
CA GLU C 484 16.00 0.55 48.49
C GLU C 484 16.64 1.80 49.10
N GLY C 485 17.94 2.01 48.90
CA GLY C 485 18.62 3.16 49.45
C GLY C 485 18.43 4.44 48.66
N ASN C 486 18.96 4.46 47.45
CA ASN C 486 18.95 5.67 46.61
C ASN C 486 19.14 5.25 45.16
N ILE C 487 19.45 6.22 44.30
CA ILE C 487 19.83 5.97 42.91
C ILE C 487 21.34 6.15 42.80
N ILE C 488 21.99 5.23 42.07
CA ILE C 488 23.45 5.24 41.98
C ILE C 488 23.93 6.41 41.12
N GLY C 489 23.28 6.65 39.99
CA GLY C 489 23.75 7.67 39.07
C GLY C 489 23.47 9.08 39.56
N GLU C 490 24.39 9.99 39.22
CA GLU C 490 24.25 11.40 39.58
C GLU C 490 23.59 12.22 38.49
N SER C 491 23.67 11.78 37.24
CA SER C 491 23.03 12.48 36.11
C SER C 491 22.02 11.52 35.49
N VAL C 492 20.74 11.78 35.71
CA VAL C 492 19.66 10.92 35.24
C VAL C 492 19.08 11.55 33.98
N PRO C 493 19.17 10.90 32.82
CA PRO C 493 18.49 11.43 31.63
C PRO C 493 16.99 11.20 31.71
N ILE C 494 16.23 12.27 31.49
CA ILE C 494 14.78 12.25 31.57
C ILE C 494 14.20 12.83 30.29
N ARG C 495 12.87 12.93 30.25
CA ARG C 495 12.16 13.60 29.17
C ARG C 495 11.13 14.54 29.78
N TYR C 496 11.17 15.81 29.36
CA TYR C 496 10.29 16.83 29.89
C TYR C 496 9.85 17.74 28.75
N ARG C 497 8.54 17.77 28.51
CA ARG C 497 7.90 18.54 27.43
C ARG C 497 8.48 18.16 26.06
N GLN C 498 8.53 16.84 25.81
CA GLN C 498 8.96 16.23 24.54
C GLN C 498 10.39 16.58 24.17
N GLU C 499 11.23 16.87 25.18
CA GLU C 499 12.66 17.10 24.98
C GLU C 499 13.43 16.28 26.00
N PHE C 500 14.59 15.77 25.60
CA PHE C 500 15.44 14.99 26.48
C PHE C 500 16.44 15.89 27.20
N SER C 501 16.63 15.62 28.49
CA SER C 501 17.59 16.39 29.30
C SER C 501 18.04 15.52 30.46
N THR C 502 19.17 15.92 31.06
CA THR C 502 19.74 15.23 32.21
C THR C 502 19.69 16.17 33.41
N THR C 503 18.86 15.83 34.40
CA THR C 503 18.71 16.63 35.61
C THR C 503 19.15 15.83 36.83
N SER C 504 18.91 16.40 38.00
CA SER C 504 19.27 15.75 39.25
C SER C 504 18.30 14.61 39.56
N PRO C 505 18.77 13.55 40.23
CA PRO C 505 17.85 12.45 40.59
C PRO C 505 16.85 12.81 41.67
N GLU C 506 17.05 13.90 42.42
CA GLU C 506 16.08 14.34 43.40
C GLU C 506 14.94 15.16 42.80
N GLN C 507 15.06 15.55 41.53
CA GLN C 507 14.04 16.36 40.88
C GLN C 507 13.09 15.54 40.01
N VAL C 508 13.36 14.26 39.81
CA VAL C 508 12.49 13.43 38.98
C VAL C 508 11.23 13.06 39.76
N ASP C 509 10.21 12.63 39.02
CA ASP C 509 8.91 12.29 39.60
C ASP C 509 8.53 10.84 39.39
N TYR C 510 8.65 10.33 38.16
CA TYR C 510 8.27 8.97 37.85
C TYR C 510 9.39 8.28 37.09
N VAL C 511 9.36 6.94 37.12
CA VAL C 511 10.33 6.12 36.42
C VAL C 511 9.58 4.96 35.77
N ALA C 512 10.13 4.42 34.69
CA ALA C 512 9.51 3.32 33.98
C ALA C 512 9.61 2.03 34.79
N VAL C 513 8.71 1.10 34.49
CA VAL C 513 8.64 -0.16 35.24
C VAL C 513 9.40 -1.30 34.57
N SER C 514 9.78 -1.16 33.30
CA SER C 514 10.41 -2.24 32.56
C SER C 514 11.18 -1.64 31.40
N PRO C 515 12.34 -2.21 31.04
CA PRO C 515 13.06 -1.74 29.85
C PRO C 515 12.43 -2.17 28.53
N VAL C 516 11.53 -3.15 28.55
CA VAL C 516 10.83 -3.59 27.35
C VAL C 516 9.47 -2.90 27.21
N GLN C 517 9.26 -1.81 27.95
CA GLN C 517 7.99 -1.09 27.90
C GLN C 517 7.79 -0.37 26.58
N ILE C 518 8.87 0.01 25.90
CA ILE C 518 8.76 0.74 24.64
C ILE C 518 8.41 -0.21 23.49
N ILE C 519 9.10 -1.35 23.42
CA ILE C 519 8.92 -2.32 22.34
C ILE C 519 7.68 -3.16 22.57
N SER C 520 7.21 -3.84 21.52
CA SER C 520 5.98 -4.61 21.58
C SER C 520 6.27 -6.04 22.04
N VAL C 521 5.28 -6.92 21.93
CA VAL C 521 5.44 -8.30 22.38
C VAL C 521 6.19 -9.16 21.36
N ALA C 522 6.31 -8.71 20.12
CA ALA C 522 7.05 -9.44 19.09
C ALA C 522 8.49 -8.97 18.97
N THR C 523 8.76 -7.71 19.30
CA THR C 523 10.13 -7.20 19.29
C THR C 523 10.90 -7.68 20.53
N SER C 524 10.18 -7.99 21.62
CA SER C 524 10.80 -8.43 22.86
C SER C 524 11.36 -9.84 22.80
N MET C 525 11.05 -10.60 21.74
CA MET C 525 11.60 -11.94 21.58
C MET C 525 12.97 -11.94 20.92
N ILE C 526 13.54 -10.77 20.64
CA ILE C 526 14.85 -10.64 20.01
C ILE C 526 15.88 -10.38 21.09
N PRO C 527 16.77 -11.32 21.38
CA PRO C 527 17.84 -11.05 22.36
C PRO C 527 18.90 -10.15 21.77
N PHE C 528 19.55 -9.37 22.65
CA PHE C 528 20.54 -8.35 22.30
C PHE C 528 19.98 -7.34 21.29
N LEU C 529 18.86 -6.72 21.66
CA LEU C 529 18.21 -5.75 20.78
C LEU C 529 18.99 -4.45 20.71
N GLU C 530 19.74 -4.12 21.75
CA GLU C 530 20.51 -2.87 21.77
C GLU C 530 21.73 -2.92 20.85
N HIS C 531 22.16 -4.11 20.45
CA HIS C 531 23.31 -4.25 19.56
C HIS C 531 22.93 -4.32 18.09
N ASP C 532 21.65 -4.52 17.79
CA ASP C 532 21.19 -4.58 16.40
C ASP C 532 20.69 -3.21 15.95
N ASP C 533 20.68 -3.02 14.63
CA ASP C 533 20.16 -1.79 14.06
C ASP C 533 18.64 -1.78 14.14
N ALA C 534 18.07 -0.57 14.12
CA ALA C 534 16.62 -0.43 14.17
C ALA C 534 15.95 -0.82 12.85
N ASN C 535 16.69 -0.82 11.75
CA ASN C 535 16.13 -1.24 10.47
C ASN C 535 16.06 -2.76 10.36
N ARG C 536 17.05 -3.46 10.92
CA ARG C 536 17.03 -4.91 10.88
C ARG C 536 16.16 -5.50 11.99
N ALA C 537 15.96 -4.77 13.09
CA ALA C 537 15.01 -5.19 14.10
C ALA C 537 13.57 -5.05 13.62
N LEU C 538 13.32 -4.17 12.64
CA LEU C 538 12.01 -4.11 12.02
C LEU C 538 11.74 -5.36 11.20
N MET C 539 12.75 -5.87 10.50
CA MET C 539 12.59 -7.08 9.71
C MET C 539 12.59 -8.33 10.58
N GLY C 540 13.31 -8.32 11.70
CA GLY C 540 13.34 -9.48 12.57
C GLY C 540 12.04 -9.70 13.31
N SER C 541 11.28 -8.63 13.56
CA SER C 541 9.98 -8.77 14.21
C SER C 541 8.90 -9.23 13.24
N ASN C 542 9.06 -8.93 11.95
CA ASN C 542 8.09 -9.35 10.96
C ASN C 542 8.30 -10.79 10.50
N MET C 543 9.56 -11.25 10.45
CA MET C 543 9.84 -12.62 10.08
C MET C 543 9.51 -13.61 11.18
N GLN C 544 9.41 -13.15 12.43
CA GLN C 544 9.04 -14.04 13.53
C GLN C 544 7.55 -14.37 13.50
N ARG C 545 6.73 -13.55 12.86
CA ARG C 545 5.30 -13.80 12.73
C ARG C 545 4.95 -14.64 11.51
N GLN C 546 5.96 -15.12 10.78
CA GLN C 546 5.75 -15.94 9.59
C GLN C 546 6.36 -17.33 9.73
N ALA C 547 6.86 -17.68 10.90
CA ALA C 547 7.50 -18.98 11.11
C ALA C 547 6.44 -20.08 11.23
N VAL C 548 6.62 -21.16 10.49
CA VAL C 548 5.68 -22.27 10.49
C VAL C 548 5.86 -23.08 11.76
N PRO C 549 4.81 -23.74 12.28
CA PRO C 549 4.99 -24.68 13.39
C PRO C 549 5.62 -25.97 12.89
N LEU C 550 6.73 -26.36 13.50
CA LEU C 550 7.46 -27.54 13.08
C LEU C 550 6.83 -28.80 13.69
N LEU C 551 7.39 -29.96 13.34
CA LEU C 551 6.87 -31.21 13.85
C LEU C 551 7.27 -31.42 15.31
N ARG C 552 8.52 -31.11 15.65
CA ARG C 552 9.00 -31.20 17.03
C ARG C 552 9.79 -29.94 17.35
N PRO C 553 9.17 -28.93 17.95
CA PRO C 553 9.86 -27.68 18.21
C PRO C 553 10.83 -27.81 19.39
N GLU C 554 11.71 -26.81 19.49
CA GLU C 554 12.74 -26.79 20.52
C GLU C 554 12.88 -25.37 21.06
N ARG C 555 12.97 -25.27 22.39
CA ARG C 555 13.07 -23.98 23.05
C ARG C 555 14.43 -23.34 22.76
N PRO C 556 14.47 -22.00 22.63
CA PRO C 556 15.76 -21.34 22.37
C PRO C 556 16.64 -21.32 23.60
N LEU C 557 17.95 -21.31 23.36
CA LEU C 557 18.93 -21.24 24.43
C LEU C 557 19.25 -19.81 24.84
N VAL C 558 19.00 -18.83 23.97
CA VAL C 558 19.30 -17.44 24.26
C VAL C 558 17.97 -16.68 24.28
N GLY C 559 16.93 -17.31 24.83
CA GLY C 559 15.64 -16.66 24.92
C GLY C 559 15.64 -15.50 25.89
N THR C 560 14.66 -14.62 25.71
CA THR C 560 14.55 -13.42 26.55
C THR C 560 13.73 -13.64 27.81
N GLY C 561 12.95 -14.72 27.87
CA GLY C 561 12.15 -15.02 29.03
C GLY C 561 10.69 -14.64 28.92
N LEU C 562 10.32 -13.86 27.91
CA LEU C 562 8.94 -13.44 27.71
C LEU C 562 8.15 -14.40 26.84
N GLU C 563 8.74 -15.52 26.43
CA GLU C 563 8.03 -16.48 25.59
C GLU C 563 6.99 -17.26 26.36
N ALA C 564 7.12 -17.37 27.68
CA ALA C 564 6.14 -18.12 28.47
C ALA C 564 4.84 -17.35 28.64
N GLN C 565 4.90 -16.02 28.66
CA GLN C 565 3.70 -15.22 28.82
C GLN C 565 2.90 -15.15 27.52
N ALA C 566 3.60 -15.09 26.38
CA ALA C 566 2.92 -15.01 25.09
C ALA C 566 2.28 -16.34 24.68
N ALA C 567 2.72 -17.46 25.25
CA ALA C 567 2.12 -18.74 24.92
C ALA C 567 0.79 -18.94 25.62
N ARG C 568 0.67 -18.48 26.88
CA ARG C 568 -0.58 -18.65 27.61
C ARG C 568 -1.65 -17.68 27.12
N ASP C 569 -1.26 -16.49 26.68
CA ASP C 569 -2.23 -15.50 26.22
C ASP C 569 -2.67 -15.73 24.77
N SER C 570 -2.04 -16.67 24.06
CA SER C 570 -2.46 -16.95 22.69
C SER C 570 -3.76 -17.74 22.62
N GLY C 571 -4.08 -18.49 23.67
CA GLY C 571 -5.29 -19.27 23.73
C GLY C 571 -5.17 -20.70 23.23
N MET C 572 -4.02 -21.09 22.69
CA MET C 572 -3.79 -22.44 22.18
C MET C 572 -3.06 -23.32 23.18
N VAL C 573 -3.00 -22.92 24.45
CA VAL C 573 -2.32 -23.68 25.49
C VAL C 573 -3.34 -24.01 26.57
N ILE C 574 -3.53 -25.30 26.83
CA ILE C 574 -4.45 -25.76 27.86
C ILE C 574 -3.84 -25.51 29.23
N VAL C 575 -4.52 -24.73 30.05
CA VAL C 575 -4.04 -24.40 31.39
C VAL C 575 -4.97 -25.03 32.42
N SER C 576 -4.42 -25.26 33.61
CA SER C 576 -5.19 -25.83 34.71
C SER C 576 -5.89 -24.73 35.50
N ARG C 577 -7.03 -25.08 36.10
CA ARG C 577 -7.83 -24.13 36.85
C ARG C 577 -8.30 -24.63 38.20
N THR C 578 -8.03 -25.89 38.56
CA THR C 578 -8.68 -26.51 39.71
C THR C 578 -7.73 -26.89 40.85
N HIS C 579 -6.42 -26.95 40.61
CA HIS C 579 -5.41 -27.42 41.58
C HIS C 579 -5.74 -28.83 42.08
N GLY C 580 -5.76 -29.78 41.15
CA GLY C 580 -6.14 -31.14 41.47
C GLY C 580 -5.10 -32.18 41.15
N ILE C 581 -5.54 -33.43 40.97
CA ILE C 581 -4.67 -34.56 40.68
C ILE C 581 -5.03 -35.09 39.30
N VAL C 582 -4.02 -35.26 38.46
CA VAL C 582 -4.23 -35.76 37.09
C VAL C 582 -4.46 -37.27 37.14
N THR C 583 -5.52 -37.74 36.48
CA THR C 583 -5.91 -39.14 36.54
C THR C 583 -5.59 -39.89 35.26
N TYR C 584 -6.07 -39.40 34.12
CA TYR C 584 -5.96 -40.13 32.85
C TYR C 584 -5.45 -39.17 31.77
N VAL C 585 -4.39 -39.59 31.08
CA VAL C 585 -3.80 -38.82 29.99
C VAL C 585 -3.64 -39.73 28.78
N ASP C 586 -4.24 -39.34 27.66
CA ASP C 586 -4.00 -39.99 26.37
C ASP C 586 -3.84 -38.88 25.34
N ALA C 587 -3.85 -39.28 24.06
CA ALA C 587 -3.61 -38.34 22.97
C ALA C 587 -4.84 -37.51 22.60
N THR C 588 -5.97 -37.71 23.27
CA THR C 588 -7.20 -37.00 22.93
C THR C 588 -7.78 -36.17 24.06
N GLU C 589 -7.57 -36.55 25.32
CA GLU C 589 -8.15 -35.82 26.43
C GLU C 589 -7.26 -35.95 27.66
N ILE C 590 -7.49 -35.05 28.62
CA ILE C 590 -6.81 -35.07 29.91
C ILE C 590 -7.88 -34.93 30.99
N ARG C 591 -7.97 -35.91 31.88
CA ARG C 591 -9.00 -35.96 32.91
C ARG C 591 -8.38 -35.77 34.28
N VAL C 592 -8.75 -34.69 34.96
CA VAL C 592 -8.32 -34.40 36.32
C VAL C 592 -9.53 -34.36 37.22
N GLN C 593 -9.28 -34.23 38.53
CA GLN C 593 -10.36 -34.12 39.51
C GLN C 593 -10.13 -32.88 40.37
N PRO C 594 -11.12 -32.01 40.51
CA PRO C 594 -10.97 -30.83 41.35
C PRO C 594 -11.14 -31.15 42.82
N HIS C 595 -10.37 -30.45 43.66
CA HIS C 595 -10.51 -30.54 45.11
C HIS C 595 -10.01 -29.24 45.71
N SER C 596 -10.20 -29.11 47.02
CA SER C 596 -9.78 -27.92 47.75
C SER C 596 -8.28 -27.95 48.01
N GLY C 604 -19.91 -34.66 40.26
CA GLY C 604 -19.42 -33.84 39.16
C GLY C 604 -18.02 -33.29 39.42
N GLU C 605 -17.09 -34.18 39.74
CA GLU C 605 -15.72 -33.78 40.00
C GLU C 605 -14.76 -34.47 39.03
N GLU C 606 -15.11 -34.48 37.74
CA GLU C 606 -14.24 -35.05 36.72
C GLU C 606 -14.46 -34.24 35.43
N ILE C 607 -13.57 -33.30 35.18
CA ILE C 607 -13.64 -32.45 33.99
C ILE C 607 -12.75 -33.06 32.91
N VAL C 608 -13.09 -32.78 31.66
CA VAL C 608 -12.38 -33.33 30.51
C VAL C 608 -11.85 -32.16 29.68
N TYR C 609 -10.52 -32.12 29.50
CA TYR C 609 -9.89 -31.12 28.65
C TYR C 609 -9.71 -31.70 27.26
N PRO C 610 -10.43 -31.22 26.25
CA PRO C 610 -10.26 -31.77 24.90
C PRO C 610 -8.98 -31.29 24.25
N ILE C 611 -8.41 -32.17 23.42
CA ILE C 611 -7.16 -31.91 22.73
C ILE C 611 -7.40 -32.07 21.23
N GLN C 612 -7.19 -31.01 20.47
CA GLN C 612 -7.34 -31.06 19.03
C GLN C 612 -6.11 -31.69 18.38
N LYS C 613 -6.35 -32.53 17.38
CA LYS C 613 -5.29 -33.26 16.70
C LYS C 613 -5.35 -32.96 15.21
N TYR C 614 -4.36 -32.19 14.73
CA TYR C 614 -4.15 -31.86 13.31
C TYR C 614 -5.37 -31.16 12.70
N GLN C 615 -5.66 -29.98 13.23
CA GLN C 615 -6.73 -29.14 12.71
C GLN C 615 -6.16 -28.12 11.72
N ARG C 616 -6.94 -27.83 10.69
CA ARG C 616 -6.49 -26.90 9.66
C ARG C 616 -6.58 -25.46 10.14
N SER C 617 -5.54 -24.68 9.86
CA SER C 617 -5.49 -23.27 10.19
C SER C 617 -5.90 -22.44 8.98
N ASN C 618 -5.82 -21.12 9.13
CA ASN C 618 -6.17 -20.22 8.03
C ASN C 618 -5.06 -20.10 7.01
N GLN C 619 -3.80 -20.27 7.43
CA GLN C 619 -2.65 -20.13 6.54
C GLN C 619 -2.07 -21.48 6.14
N ASP C 620 -2.92 -22.51 6.06
CA ASP C 620 -2.56 -23.88 5.62
C ASP C 620 -1.49 -24.49 6.50
N THR C 621 -1.59 -24.28 7.81
CA THR C 621 -0.69 -24.89 8.79
C THR C 621 -1.50 -25.77 9.74
N CYS C 622 -0.81 -26.38 10.69
CA CYS C 622 -1.43 -27.30 11.63
C CYS C 622 -1.67 -26.61 12.98
N LEU C 623 -2.65 -27.13 13.71
CA LEU C 623 -2.99 -26.67 15.05
C LEU C 623 -3.00 -27.85 16.01
N ASN C 624 -1.96 -28.68 15.93
CA ASN C 624 -1.87 -29.89 16.74
C ASN C 624 -1.48 -29.55 18.17
N GLN C 625 -2.09 -30.26 19.12
CA GLN C 625 -1.77 -30.12 20.53
C GLN C 625 -1.28 -31.46 21.06
N ARG C 626 -0.24 -31.42 21.90
CA ARG C 626 0.36 -32.62 22.46
C ARG C 626 0.23 -32.61 23.98
N PRO C 627 -0.04 -33.76 24.59
CA PRO C 627 -0.12 -33.80 26.06
C PRO C 627 1.26 -33.69 26.70
N LEU C 628 1.31 -33.03 27.84
CA LEU C 628 2.55 -32.77 28.56
C LEU C 628 2.58 -33.43 29.93
N VAL C 629 1.48 -33.41 30.67
CA VAL C 629 1.47 -33.93 32.03
C VAL C 629 1.30 -35.45 32.00
N TYR C 630 1.59 -36.07 33.14
CA TYR C 630 1.43 -37.50 33.34
C TYR C 630 0.37 -37.75 34.41
N ALA C 631 0.04 -39.03 34.58
CA ALA C 631 -0.99 -39.42 35.54
C ALA C 631 -0.43 -39.38 36.95
N GLY C 632 -1.15 -38.73 37.86
CA GLY C 632 -0.73 -38.65 39.25
C GLY C 632 0.26 -37.53 39.52
N GLU C 633 -0.12 -36.30 39.20
CA GLU C 633 0.76 -35.15 39.39
C GLU C 633 -0.07 -33.97 39.86
N ASP C 634 0.43 -33.27 40.89
CA ASP C 634 -0.24 -32.08 41.40
C ASP C 634 -0.08 -30.94 40.41
N VAL C 635 -1.18 -30.22 40.17
CA VAL C 635 -1.19 -29.09 39.25
C VAL C 635 -1.56 -27.83 40.01
N VAL C 636 -1.27 -26.69 39.39
CA VAL C 636 -1.52 -25.38 39.98
C VAL C 636 -2.33 -24.59 38.96
N PRO C 637 -3.21 -23.65 39.38
CA PRO C 637 -3.84 -22.75 38.40
C PRO C 637 -2.84 -21.87 37.68
N GLY C 638 -2.68 -22.10 36.38
CA GLY C 638 -1.67 -21.45 35.58
C GLY C 638 -0.55 -22.36 35.12
N GLN C 639 -0.75 -23.67 35.09
CA GLN C 639 0.26 -24.64 34.69
C GLN C 639 -0.08 -25.18 33.31
N VAL C 640 0.95 -25.40 32.49
CA VAL C 640 0.76 -25.92 31.15
C VAL C 640 0.39 -27.39 31.22
N LEU C 641 -0.78 -27.74 30.69
CA LEU C 641 -1.23 -29.12 30.59
C LEU C 641 -0.99 -29.72 29.22
N ALA C 642 -1.13 -28.93 28.16
CA ALA C 642 -0.90 -29.39 26.80
C ALA C 642 -0.45 -28.21 25.95
N ASP C 643 0.73 -28.34 25.35
CA ASP C 643 1.29 -27.28 24.52
C ASP C 643 0.74 -27.34 23.11
N GLY C 644 0.91 -26.24 22.38
CA GLY C 644 0.40 -26.13 21.03
C GLY C 644 1.36 -26.68 20.00
N SER C 645 1.15 -26.27 18.75
CA SER C 645 1.98 -26.75 17.65
C SER C 645 3.34 -26.07 17.63
N ALA C 646 3.35 -24.73 17.67
CA ALA C 646 4.58 -23.95 17.73
C ALA C 646 4.94 -23.54 19.15
N THR C 647 4.62 -24.38 20.13
CA THR C 647 4.87 -24.11 21.54
C THR C 647 5.49 -25.33 22.18
N GLU C 648 6.63 -25.14 22.84
CA GLU C 648 7.28 -26.19 23.59
C GLU C 648 6.71 -26.24 25.01
N GLY C 649 7.39 -26.95 25.91
CA GLY C 649 6.97 -26.99 27.29
C GLY C 649 7.07 -25.66 28.00
N GLY C 650 5.94 -25.03 28.25
CA GLY C 650 5.92 -23.73 28.88
C GLY C 650 6.08 -22.57 27.91
N GLU C 651 7.31 -22.39 27.41
CA GLU C 651 7.63 -21.24 26.57
C GLU C 651 7.33 -21.53 25.11
N LEU C 652 7.43 -20.48 24.29
CA LEU C 652 7.19 -20.58 22.87
C LEU C 652 8.46 -21.05 22.15
N ALA C 653 8.25 -21.76 21.05
CA ALA C 653 9.36 -22.33 20.27
C ALA C 653 9.00 -22.26 18.79
N LEU C 654 9.67 -21.36 18.05
CA LEU C 654 9.39 -21.17 16.64
C LEU C 654 10.47 -21.73 15.72
N GLY C 655 11.60 -22.19 16.26
CA GLY C 655 12.67 -22.69 15.44
C GLY C 655 13.53 -23.73 16.13
N GLN C 656 14.73 -23.97 15.60
CA GLN C 656 15.63 -24.97 16.14
C GLN C 656 16.99 -24.34 16.42
N ASN C 657 17.70 -24.90 17.41
CA ASN C 657 19.04 -24.49 17.75
C ASN C 657 20.02 -25.47 17.11
N ILE C 658 20.72 -25.02 16.07
CA ILE C 658 21.68 -25.84 15.35
C ILE C 658 22.97 -25.04 15.16
N LEU C 659 24.01 -25.75 14.72
CA LEU C 659 25.32 -25.13 14.57
C LEU C 659 25.35 -24.20 13.37
N VAL C 660 26.15 -23.13 13.49
CA VAL C 660 26.31 -22.15 12.43
C VAL C 660 27.79 -21.81 12.33
N ALA C 661 28.19 -21.35 11.14
CA ALA C 661 29.56 -20.91 10.90
C ALA C 661 29.53 -19.77 9.90
N TYR C 662 30.25 -18.70 10.22
CA TYR C 662 30.30 -17.52 9.35
C TYR C 662 31.51 -17.63 8.44
N MET C 663 31.35 -18.39 7.36
CA MET C 663 32.41 -18.61 6.39
C MET C 663 31.83 -18.67 4.99
N PRO C 664 32.48 -18.05 4.01
CA PRO C 664 31.99 -18.16 2.62
C PRO C 664 32.39 -19.49 2.01
N TRP C 665 31.42 -20.15 1.38
CA TRP C 665 31.68 -21.38 0.64
C TRP C 665 31.99 -21.02 -0.82
N GLU C 666 31.98 -22.01 -1.70
CA GLU C 666 32.32 -21.82 -3.11
C GLU C 666 31.13 -21.22 -3.87
N GLY C 667 30.81 -19.97 -3.52
CA GLY C 667 29.75 -19.24 -4.19
C GLY C 667 28.34 -19.65 -3.83
N TYR C 668 28.16 -20.53 -2.85
CA TYR C 668 26.83 -20.99 -2.49
C TYR C 668 26.16 -20.10 -1.45
N ASN C 669 26.88 -19.16 -0.86
CA ASN C 669 26.34 -18.15 0.04
C ASN C 669 26.79 -16.76 -0.39
N TYR C 670 26.62 -16.49 -1.68
CA TYR C 670 27.22 -15.30 -2.29
C TYR C 670 26.50 -14.02 -1.86
N GLU C 671 25.21 -13.92 -2.17
CA GLU C 671 24.42 -12.72 -1.86
C GLU C 671 23.19 -13.16 -1.08
N ASP C 672 23.34 -13.21 0.26
CA ASP C 672 22.28 -13.55 1.21
C ASP C 672 21.70 -14.95 0.94
N ALA C 673 22.55 -15.87 0.55
CA ALA C 673 22.14 -17.25 0.34
C ALA C 673 22.58 -18.12 1.51
N ILE C 674 21.87 -19.24 1.70
CA ILE C 674 22.07 -20.12 2.84
C ILE C 674 22.55 -21.47 2.33
N LEU C 675 23.59 -22.00 2.98
CA LEU C 675 24.10 -23.34 2.72
C LEU C 675 23.83 -24.20 3.95
N ILE C 676 22.95 -25.19 3.81
CA ILE C 676 22.65 -26.10 4.90
C ILE C 676 23.22 -27.48 4.57
N SER C 677 23.18 -28.36 5.56
CA SER C 677 23.68 -29.71 5.43
C SER C 677 22.53 -30.69 5.22
N GLU C 678 22.89 -31.94 4.95
CA GLU C 678 21.90 -33.01 4.79
C GLU C 678 21.35 -33.50 6.11
N ARG C 679 21.99 -33.15 7.24
CA ARG C 679 21.54 -33.61 8.55
C ARG C 679 20.21 -32.99 8.94
N LEU C 680 19.88 -31.82 8.41
CA LEU C 680 18.58 -31.20 8.67
C LEU C 680 17.43 -31.87 7.91
N VAL C 681 17.73 -32.75 6.97
CA VAL C 681 16.69 -33.41 6.18
C VAL C 681 16.24 -34.71 6.81
N TYR C 682 17.15 -35.62 7.12
CA TYR C 682 16.75 -36.92 7.63
C TYR C 682 16.51 -36.96 9.13
N ASP C 683 16.82 -35.88 9.85
CA ASP C 683 16.50 -35.78 11.26
C ASP C 683 15.17 -35.06 11.51
N ASP C 684 14.40 -34.80 10.44
CA ASP C 684 13.10 -34.14 10.48
C ASP C 684 13.17 -32.75 11.11
N VAL C 685 14.27 -32.04 10.85
CA VAL C 685 14.44 -30.67 11.29
C VAL C 685 13.83 -29.76 10.24
N TYR C 686 13.09 -28.74 10.70
CA TYR C 686 12.31 -27.81 9.87
C TYR C 686 11.33 -28.55 8.95
N THR C 687 10.66 -29.54 9.52
CA THR C 687 9.65 -30.31 8.80
C THR C 687 8.28 -29.94 9.36
N SER C 688 7.45 -29.33 8.51
CA SER C 688 6.13 -28.88 8.91
C SER C 688 5.05 -29.67 8.20
N ILE C 689 3.84 -29.62 8.77
CA ILE C 689 2.68 -30.31 8.23
C ILE C 689 1.71 -29.25 7.72
N HIS C 690 1.37 -29.33 6.43
CA HIS C 690 0.45 -28.40 5.80
C HIS C 690 -0.80 -29.13 5.36
N ILE C 691 -1.96 -28.63 5.78
CA ILE C 691 -3.25 -29.25 5.49
C ILE C 691 -4.01 -28.34 4.55
N GLU C 692 -4.19 -28.79 3.31
CA GLU C 692 -4.98 -28.05 2.34
C GLU C 692 -6.41 -28.56 2.33
N LYS C 693 -7.32 -27.72 1.84
CA LYS C 693 -8.74 -28.01 1.82
C LYS C 693 -9.30 -27.77 0.44
N PHE C 694 -9.97 -28.77 -0.12
CA PHE C 694 -10.58 -28.69 -1.43
C PHE C 694 -12.10 -28.64 -1.30
N GLU C 695 -12.74 -28.13 -2.35
CA GLU C 695 -14.17 -27.84 -2.31
C GLU C 695 -14.81 -28.22 -3.64
N ILE C 696 -15.95 -28.93 -3.57
CA ILE C 696 -16.76 -29.24 -4.73
C ILE C 696 -18.22 -29.16 -4.32
N GLU C 697 -19.10 -28.97 -5.30
CA GLU C 697 -20.52 -28.81 -5.03
C GLU C 697 -21.32 -29.34 -6.20
N ALA C 698 -22.35 -30.14 -5.91
CA ALA C 698 -23.26 -30.67 -6.92
C ALA C 698 -24.43 -29.69 -7.06
N ARG C 699 -24.28 -28.73 -7.98
CA ARG C 699 -25.26 -27.69 -8.15
C ARG C 699 -26.43 -28.18 -9.00
N GLN C 700 -27.39 -27.28 -9.24
CA GLN C 700 -28.61 -27.60 -9.98
C GLN C 700 -28.54 -26.90 -11.33
N THR C 701 -28.14 -27.66 -12.36
CA THR C 701 -28.15 -27.16 -13.72
C THR C 701 -29.57 -27.27 -14.29
N LYS C 702 -30.02 -26.21 -14.97
CA LYS C 702 -31.38 -26.15 -15.49
C LYS C 702 -31.66 -27.18 -16.57
N LEU C 703 -30.63 -27.71 -17.24
CA LEU C 703 -30.84 -28.77 -18.21
C LEU C 703 -31.05 -30.12 -17.53
N GLY C 704 -30.49 -30.29 -16.33
CA GLY C 704 -30.63 -31.53 -15.59
C GLY C 704 -29.84 -31.48 -14.29
N PRO C 705 -30.32 -32.17 -13.26
CA PRO C 705 -29.63 -32.13 -11.96
C PRO C 705 -28.34 -32.91 -11.98
N GLU C 706 -27.31 -32.33 -11.36
CA GLU C 706 -26.00 -32.96 -11.29
C GLU C 706 -25.92 -33.85 -10.06
N GLU C 707 -25.31 -35.02 -10.23
CA GLU C 707 -25.12 -35.96 -9.13
C GLU C 707 -23.71 -36.53 -9.20
N ILE C 708 -23.26 -37.05 -8.06
CA ILE C 708 -21.90 -37.56 -7.91
C ILE C 708 -21.94 -39.07 -8.12
N THR C 709 -21.37 -39.52 -9.22
CA THR C 709 -21.31 -40.95 -9.57
C THR C 709 -19.85 -41.40 -9.63
N ARG C 710 -19.67 -42.71 -9.71
CA ARG C 710 -18.37 -43.32 -9.90
C ARG C 710 -18.08 -43.63 -11.37
N GLU C 711 -19.09 -44.09 -12.12
CA GLU C 711 -18.92 -44.42 -13.52
C GLU C 711 -18.91 -43.14 -14.34
N ILE C 712 -17.73 -42.54 -14.45
CA ILE C 712 -17.55 -41.32 -15.24
C ILE C 712 -16.97 -41.69 -16.60
N PRO C 713 -17.31 -40.99 -17.67
CA PRO C 713 -16.81 -41.38 -19.00
C PRO C 713 -15.35 -41.00 -19.20
N ASN C 714 -14.70 -41.77 -20.08
CA ASN C 714 -13.32 -41.59 -20.55
C ASN C 714 -12.28 -41.67 -19.43
N VAL C 715 -12.61 -42.33 -18.32
CA VAL C 715 -11.67 -42.56 -17.22
C VAL C 715 -11.77 -44.04 -16.84
N GLY C 716 -10.67 -44.76 -16.96
CA GLY C 716 -10.63 -46.18 -16.69
C GLY C 716 -10.34 -46.51 -15.24
N GLU C 717 -9.64 -47.62 -15.04
CA GLU C 717 -9.29 -48.08 -13.70
C GLU C 717 -8.03 -47.40 -13.15
N ASP C 718 -7.39 -46.52 -13.92
CA ASP C 718 -6.20 -45.84 -13.46
C ASP C 718 -6.48 -44.76 -12.43
N ALA C 719 -7.75 -44.34 -12.28
CA ALA C 719 -8.12 -43.32 -11.32
C ALA C 719 -9.32 -43.70 -10.46
N LEU C 720 -9.90 -44.88 -10.66
CA LEU C 720 -11.06 -45.33 -9.91
C LEU C 720 -10.69 -46.39 -8.87
N ARG C 721 -9.52 -46.21 -8.24
CA ARG C 721 -9.04 -47.17 -7.26
C ARG C 721 -9.39 -46.80 -5.83
N ASN C 722 -9.58 -45.52 -5.53
CA ASN C 722 -9.81 -45.05 -4.17
C ASN C 722 -11.27 -44.64 -3.92
N LEU C 723 -12.18 -44.97 -4.83
CA LEU C 723 -13.59 -44.64 -4.67
C LEU C 723 -14.34 -45.84 -4.11
N ASP C 724 -15.34 -45.55 -3.27
CA ASP C 724 -16.12 -46.58 -2.58
C ASP C 724 -17.49 -46.77 -3.19
N GLU C 725 -17.56 -46.74 -4.53
CA GLU C 725 -18.81 -46.84 -5.31
C GLU C 725 -19.80 -45.74 -4.97
N HIS C 726 -19.27 -44.55 -4.66
CA HIS C 726 -20.08 -43.37 -4.41
C HIS C 726 -19.54 -42.12 -5.10
N GLY C 727 -18.42 -42.23 -5.81
CA GLY C 727 -17.80 -41.09 -6.45
C GLY C 727 -16.85 -40.30 -5.57
N ILE C 728 -16.81 -40.57 -4.27
CA ILE C 728 -15.98 -39.84 -3.34
C ILE C 728 -14.87 -40.76 -2.85
N ILE C 729 -13.69 -40.18 -2.58
CA ILE C 729 -12.54 -40.93 -2.11
C ILE C 729 -12.72 -41.38 -0.67
N ARG C 730 -11.87 -42.29 -0.22
CA ARG C 730 -11.91 -42.80 1.14
C ARG C 730 -10.93 -42.03 2.02
N ILE C 731 -10.88 -42.38 3.30
CA ILE C 731 -9.99 -41.73 4.26
C ILE C 731 -8.67 -42.51 4.29
N GLY C 732 -7.57 -41.77 4.20
CA GLY C 732 -6.26 -42.39 4.26
C GLY C 732 -5.69 -42.81 2.92
N ALA C 733 -6.23 -42.32 1.82
CA ALA C 733 -5.75 -42.66 0.49
C ALA C 733 -4.69 -41.66 0.06
N TRP C 734 -3.54 -42.16 -0.40
CA TRP C 734 -2.47 -41.31 -0.88
C TRP C 734 -2.81 -40.79 -2.26
N VAL C 735 -3.08 -39.50 -2.36
CA VAL C 735 -3.39 -38.86 -3.64
C VAL C 735 -2.15 -38.14 -4.15
N GLU C 736 -1.97 -38.17 -5.46
CA GLU C 736 -0.88 -37.46 -6.13
C GLU C 736 -1.46 -36.43 -7.09
N SER C 737 -0.59 -35.78 -7.85
CA SER C 737 -1.01 -34.73 -8.77
C SER C 737 -1.68 -35.35 -9.98
N GLY C 738 -2.95 -34.98 -10.19
CA GLY C 738 -3.71 -35.47 -11.33
C GLY C 738 -4.75 -36.52 -11.02
N ASP C 739 -5.05 -36.75 -9.74
CA ASP C 739 -6.04 -37.76 -9.37
C ASP C 739 -7.45 -37.17 -9.42
N ILE C 740 -8.41 -37.96 -8.96
CA ILE C 740 -9.82 -37.57 -8.93
C ILE C 740 -10.31 -37.71 -7.49
N LEU C 741 -10.66 -36.58 -6.87
CA LEU C 741 -11.17 -36.61 -5.50
C LEU C 741 -12.67 -36.89 -5.48
N VAL C 742 -13.44 -36.14 -6.24
CA VAL C 742 -14.88 -36.34 -6.35
C VAL C 742 -15.24 -36.40 -7.83
N GLY C 743 -15.81 -37.52 -8.26
CA GLY C 743 -16.24 -37.67 -9.64
C GLY C 743 -17.63 -37.13 -9.87
N LYS C 744 -17.72 -36.02 -10.61
CA LYS C 744 -18.99 -35.33 -10.85
C LYS C 744 -19.24 -35.22 -12.34
N VAL C 745 -20.47 -35.47 -12.75
CA VAL C 745 -20.88 -35.36 -14.14
C VAL C 745 -21.83 -34.18 -14.30
N THR C 746 -21.91 -33.68 -15.53
CA THR C 746 -22.75 -32.53 -15.86
C THR C 746 -23.43 -32.80 -17.19
N PRO C 747 -24.76 -32.72 -17.26
CA PRO C 747 -25.45 -32.99 -18.53
C PRO C 747 -25.27 -31.83 -19.52
N LYS C 748 -25.18 -32.18 -20.80
CA LYS C 748 -25.03 -31.21 -21.86
C LYS C 748 -26.11 -31.41 -22.90
N GLY C 749 -26.42 -30.34 -23.63
CA GLY C 749 -27.45 -30.36 -24.65
C GLY C 749 -27.05 -29.63 -25.91
N GLU C 750 -25.76 -29.73 -26.27
CA GLU C 750 -25.23 -28.97 -27.40
C GLU C 750 -25.77 -29.47 -28.73
N ALA C 751 -25.48 -30.74 -29.07
CA ALA C 751 -25.90 -31.41 -30.31
C ALA C 751 -25.47 -30.64 -31.56
N ASP C 752 -24.25 -30.12 -31.54
CA ASP C 752 -23.67 -29.33 -32.61
C ASP C 752 -22.34 -29.94 -33.05
N GLN C 753 -22.36 -31.24 -33.32
CA GLN C 753 -21.14 -31.97 -33.63
C GLN C 753 -20.59 -31.58 -35.00
N PRO C 754 -19.27 -31.45 -35.13
CA PRO C 754 -18.68 -31.11 -36.44
C PRO C 754 -18.74 -32.31 -37.37
N PRO C 755 -18.59 -32.08 -38.69
CA PRO C 755 -18.60 -33.23 -39.63
C PRO C 755 -17.41 -34.15 -39.49
N GLU C 756 -16.31 -33.69 -38.89
CA GLU C 756 -15.16 -34.58 -38.67
C GLU C 756 -15.43 -35.58 -37.56
N GLU C 757 -16.08 -35.13 -36.48
CA GLU C 757 -16.36 -36.02 -35.36
C GLU C 757 -17.51 -36.97 -35.66
N LYS C 758 -18.42 -36.56 -36.55
CA LYS C 758 -19.52 -37.45 -36.95
C LYS C 758 -19.01 -38.60 -37.82
N LEU C 759 -17.97 -38.36 -38.62
CA LEU C 759 -17.40 -39.43 -39.42
C LEU C 759 -16.52 -40.34 -38.59
N LEU C 760 -15.82 -39.80 -37.59
CA LEU C 760 -14.95 -40.62 -36.74
C LEU C 760 -15.76 -41.52 -35.82
N ARG C 761 -16.90 -41.02 -35.32
CA ARG C 761 -17.75 -41.81 -34.44
C ARG C 761 -18.52 -42.88 -35.20
N ALA C 762 -18.85 -42.63 -36.47
CA ALA C 762 -19.62 -43.59 -37.25
C ALA C 762 -18.81 -44.82 -37.64
N ILE C 763 -17.47 -44.74 -37.60
CA ILE C 763 -16.65 -45.90 -37.94
C ILE C 763 -16.63 -46.90 -36.80
N PHE C 764 -16.13 -46.49 -35.64
CA PHE C 764 -15.91 -47.39 -34.52
C PHE C 764 -17.10 -47.46 -33.56
N GLY C 765 -18.20 -46.79 -33.87
CA GLY C 765 -19.33 -46.79 -32.95
C GLY C 765 -19.04 -45.91 -31.75
N GLU C 766 -19.48 -46.38 -30.57
CA GLU C 766 -19.26 -45.74 -29.27
C GLU C 766 -19.83 -44.32 -29.24
N LYS C 767 -21.16 -44.27 -29.33
CA LYS C 767 -21.88 -43.00 -29.36
C LYS C 767 -21.71 -42.24 -28.04
N ALA C 768 -21.52 -40.93 -28.15
CA ALA C 768 -21.20 -40.11 -26.99
C ALA C 768 -22.43 -39.91 -26.12
N ARG C 769 -22.21 -39.95 -24.80
CA ARG C 769 -23.28 -39.74 -23.84
C ARG C 769 -23.63 -38.26 -23.73
N ASP C 770 -24.69 -37.98 -22.98
CA ASP C 770 -25.16 -36.62 -22.77
C ASP C 770 -24.51 -35.95 -21.57
N VAL C 771 -23.58 -36.62 -20.90
CA VAL C 771 -22.95 -36.08 -19.70
C VAL C 771 -21.56 -35.55 -20.04
N ARG C 772 -21.02 -34.74 -19.15
CA ARG C 772 -19.68 -34.17 -19.29
C ARG C 772 -18.95 -34.29 -17.96
N ASP C 773 -17.69 -34.73 -18.04
CA ASP C 773 -16.89 -34.96 -16.84
C ASP C 773 -16.45 -33.64 -16.24
N ASN C 774 -16.91 -33.36 -15.01
CA ASN C 774 -16.53 -32.17 -14.26
C ASN C 774 -16.03 -32.57 -12.88
N SER C 775 -15.13 -33.55 -12.85
CA SER C 775 -14.65 -34.11 -11.60
C SER C 775 -13.62 -33.19 -10.95
N LEU C 776 -13.63 -33.17 -9.62
CA LEU C 776 -12.65 -32.40 -8.86
C LEU C 776 -11.31 -33.11 -8.88
N ARG C 777 -10.27 -32.41 -9.31
CA ARG C 777 -8.95 -33.00 -9.50
C ARG C 777 -7.91 -32.27 -8.67
N VAL C 778 -6.79 -32.96 -8.45
CA VAL C 778 -5.68 -32.40 -7.66
C VAL C 778 -4.87 -31.47 -8.57
N PRO C 779 -4.53 -30.25 -8.11
CA PRO C 779 -3.75 -29.34 -8.96
C PRO C 779 -2.30 -29.77 -9.15
N ASN C 780 -1.55 -29.01 -9.95
CA ASN C 780 -0.18 -29.36 -10.26
C ASN C 780 0.74 -29.10 -9.07
N GLY C 781 1.60 -30.07 -8.78
CA GLY C 781 2.53 -29.94 -7.67
C GLY C 781 1.89 -30.10 -6.31
N GLU C 782 0.84 -30.89 -6.21
CA GLU C 782 0.13 -31.09 -4.95
C GLU C 782 -0.03 -32.58 -4.67
N LYS C 783 0.25 -32.97 -3.44
CA LYS C 783 0.12 -34.36 -3.02
C LYS C 783 -0.08 -34.38 -1.51
N GLY C 784 -0.39 -35.55 -0.98
CA GLY C 784 -0.57 -35.71 0.45
C GLY C 784 -1.51 -36.86 0.74
N ARG C 785 -1.91 -36.93 2.01
CA ARG C 785 -2.80 -37.98 2.51
C ARG C 785 -4.13 -37.36 2.92
N VAL C 786 -5.22 -38.00 2.53
CA VAL C 786 -6.55 -37.48 2.83
C VAL C 786 -6.92 -37.86 4.26
N VAL C 787 -7.37 -36.88 5.04
CA VAL C 787 -7.66 -37.09 6.44
C VAL C 787 -9.10 -36.79 6.82
N ASP C 788 -9.84 -36.02 6.03
CA ASP C 788 -11.22 -35.67 6.38
C ASP C 788 -12.03 -35.56 5.08
N VAL C 789 -13.02 -36.44 4.94
CA VAL C 789 -13.83 -36.55 3.73
C VAL C 789 -15.27 -36.25 4.13
N ARG C 790 -15.43 -35.28 5.04
CA ARG C 790 -16.75 -34.93 5.56
C ARG C 790 -17.65 -34.36 4.47
N VAL C 791 -18.82 -34.99 4.29
CA VAL C 791 -19.79 -34.61 3.26
C VAL C 791 -21.00 -34.00 3.96
N PHE C 792 -21.42 -32.82 3.50
CA PHE C 792 -22.56 -32.11 4.03
C PHE C 792 -23.65 -32.05 2.96
N THR C 793 -24.69 -32.87 3.13
CA THR C 793 -25.82 -32.88 2.22
C THR C 793 -27.06 -32.38 2.96
N ARG C 794 -28.20 -32.40 2.25
CA ARG C 794 -29.46 -31.99 2.85
C ARG C 794 -30.03 -33.12 3.71
N GLU C 795 -31.20 -32.84 4.30
CA GLU C 795 -31.97 -33.67 5.25
C GLU C 795 -31.12 -34.37 6.32
N LYS C 796 -30.08 -33.67 6.81
CA LYS C 796 -29.20 -34.21 7.83
C LYS C 796 -29.08 -33.32 9.05
N GLY C 797 -29.60 -32.10 9.02
CA GLY C 797 -29.51 -31.18 10.13
C GLY C 797 -28.60 -29.97 9.90
N ASP C 798 -28.27 -29.65 8.66
CA ASP C 798 -27.41 -28.52 8.35
C ASP C 798 -27.99 -27.73 7.18
N GLU C 799 -27.72 -26.44 7.16
CA GLU C 799 -28.21 -25.55 6.12
C GLU C 799 -27.26 -25.55 4.94
N LEU C 800 -27.84 -25.43 3.74
CA LEU C 800 -27.10 -25.45 2.49
C LEU C 800 -27.35 -24.18 1.70
N PRO C 801 -26.38 -23.74 0.88
CA PRO C 801 -26.64 -22.59 0.00
C PRO C 801 -27.63 -22.96 -1.08
N PRO C 802 -28.40 -21.99 -1.60
CA PRO C 802 -29.38 -22.30 -2.65
C PRO C 802 -28.69 -22.61 -3.97
N GLY C 803 -29.21 -23.64 -4.65
CA GLY C 803 -28.62 -24.11 -5.88
C GLY C 803 -27.52 -25.12 -5.64
N ALA C 804 -27.72 -26.00 -4.67
CA ALA C 804 -26.73 -27.01 -4.31
C ALA C 804 -27.43 -28.21 -3.71
N ASN C 805 -27.04 -29.40 -4.15
CA ASN C 805 -27.62 -30.65 -3.66
C ASN C 805 -26.72 -31.38 -2.67
N MET C 806 -25.41 -31.38 -2.89
CA MET C 806 -24.48 -32.08 -2.02
C MET C 806 -23.17 -31.31 -1.97
N VAL C 807 -22.72 -30.99 -0.76
CA VAL C 807 -21.48 -30.25 -0.54
C VAL C 807 -20.46 -31.19 0.07
N VAL C 808 -19.35 -31.42 -0.64
CA VAL C 808 -18.29 -32.32 -0.20
C VAL C 808 -17.05 -31.49 0.10
N ARG C 809 -16.45 -31.74 1.26
CA ARG C 809 -15.26 -31.04 1.71
C ARG C 809 -14.16 -32.05 1.96
N ILE C 810 -13.01 -31.87 1.30
CA ILE C 810 -11.89 -32.81 1.37
C ILE C 810 -10.70 -32.07 1.97
N TYR C 811 -10.14 -32.64 3.05
CA TYR C 811 -8.95 -32.10 3.70
C TYR C 811 -7.79 -33.05 3.45
N VAL C 812 -6.73 -32.54 2.82
CA VAL C 812 -5.55 -33.33 2.47
C VAL C 812 -4.36 -32.78 3.24
N ALA C 813 -3.71 -33.63 4.02
CA ALA C 813 -2.54 -33.25 4.79
C ALA C 813 -1.29 -33.82 4.15
N GLN C 814 -0.20 -33.05 4.19
CA GLN C 814 1.07 -33.47 3.62
C GLN C 814 2.19 -33.07 4.56
N LYS C 815 3.29 -33.83 4.51
CA LYS C 815 4.46 -33.60 5.35
C LYS C 815 5.57 -33.05 4.47
N ARG C 816 5.90 -31.78 4.66
CA ARG C 816 6.88 -31.09 3.84
C ARG C 816 8.20 -30.97 4.59
N LYS C 817 9.27 -31.46 3.99
CA LYS C 817 10.61 -31.31 4.55
C LYS C 817 11.23 -30.01 4.05
N ILE C 818 12.45 -29.73 4.48
CA ILE C 818 13.16 -28.52 4.07
C ILE C 818 13.96 -28.83 2.81
N GLN C 819 13.78 -27.99 1.78
CA GLN C 819 14.36 -28.26 0.47
C GLN C 819 15.16 -27.08 -0.05
N VAL C 820 15.57 -27.16 -1.32
CA VAL C 820 16.33 -26.09 -1.96
C VAL C 820 15.34 -25.09 -2.55
N GLY C 821 15.46 -23.83 -2.13
CA GLY C 821 14.57 -22.78 -2.58
C GLY C 821 13.68 -22.22 -1.50
N ASP C 822 13.65 -22.82 -0.32
CA ASP C 822 12.84 -22.32 0.77
C ASP C 822 13.51 -21.13 1.44
N LYS C 823 12.68 -20.24 1.98
CA LYS C 823 13.14 -19.01 2.61
C LYS C 823 13.23 -19.20 4.12
N MET C 824 14.45 -19.14 4.65
CA MET C 824 14.68 -19.25 6.08
C MET C 824 15.25 -17.95 6.61
N ALA C 825 15.01 -17.70 7.90
CA ALA C 825 15.46 -16.47 8.53
C ALA C 825 15.70 -16.73 10.01
N GLY C 826 16.28 -15.73 10.68
CA GLY C 826 16.51 -15.76 12.10
C GLY C 826 15.72 -14.70 12.83
N ARG C 827 16.20 -14.34 14.02
CA ARG C 827 15.56 -13.34 14.86
C ARG C 827 16.17 -11.96 14.72
N HIS C 828 17.08 -11.76 13.76
CA HIS C 828 17.77 -10.48 13.60
C HIS C 828 17.68 -9.93 12.18
N GLY C 829 16.81 -10.49 11.35
CA GLY C 829 16.66 -9.98 9.99
C GLY C 829 17.62 -10.55 8.98
N ASN C 830 18.28 -11.67 9.30
CA ASN C 830 19.21 -12.31 8.37
C ASN C 830 18.50 -13.38 7.55
N LYS C 831 17.59 -12.91 6.69
CA LYS C 831 16.82 -13.79 5.83
C LYS C 831 17.66 -14.30 4.67
N GLY C 832 17.20 -15.38 4.06
CA GLY C 832 17.92 -15.97 2.95
C GLY C 832 17.16 -17.15 2.37
N ILE C 833 17.66 -17.63 1.24
CA ILE C 833 17.07 -18.75 0.51
C ILE C 833 18.13 -19.82 0.33
N ILE C 834 17.80 -21.05 0.68
CA ILE C 834 18.72 -22.18 0.56
C ILE C 834 18.95 -22.50 -0.91
N SER C 835 20.23 -22.59 -1.29
CA SER C 835 20.60 -22.90 -2.67
C SER C 835 21.23 -24.27 -2.85
N ARG C 836 21.70 -24.90 -1.77
CA ARG C 836 22.39 -26.18 -1.89
C ARG C 836 22.30 -26.92 -0.55
N ILE C 837 22.00 -28.21 -0.62
CA ILE C 837 22.00 -29.09 0.53
C ILE C 837 23.13 -30.09 0.34
N LEU C 838 24.21 -29.92 1.10
CA LEU C 838 25.42 -30.73 1.03
C LEU C 838 25.35 -31.90 2.01
N PRO C 839 26.04 -33.00 1.72
CA PRO C 839 26.14 -34.09 2.70
C PRO C 839 27.03 -33.71 3.87
N ILE C 840 27.00 -34.56 4.90
CA ILE C 840 27.75 -34.26 6.13
C ILE C 840 29.25 -34.45 5.96
N GLU C 841 29.69 -35.20 4.95
CA GLU C 841 31.12 -35.37 4.73
C GLU C 841 31.74 -34.23 3.94
N ASP C 842 30.92 -33.39 3.30
CA ASP C 842 31.41 -32.24 2.58
C ASP C 842 31.39 -30.95 3.40
N MET C 843 30.58 -30.91 4.45
CA MET C 843 30.53 -29.75 5.32
C MET C 843 31.80 -29.69 6.19
N PRO C 844 32.21 -28.50 6.62
CA PRO C 844 33.31 -28.41 7.58
C PRO C 844 32.93 -28.99 8.93
N TYR C 845 33.95 -29.40 9.68
CA TYR C 845 33.73 -30.06 10.95
C TYR C 845 34.60 -29.46 12.04
N LEU C 846 34.07 -29.48 13.25
CA LEU C 846 34.78 -29.00 14.43
C LEU C 846 35.90 -29.98 14.80
N PRO C 847 36.87 -29.56 15.62
CA PRO C 847 37.96 -30.47 15.99
C PRO C 847 37.57 -31.67 16.86
N ASP C 848 36.32 -31.80 17.31
CA ASP C 848 35.87 -33.03 17.93
C ASP C 848 35.24 -33.99 16.93
N GLY C 849 35.09 -33.60 15.68
CA GLY C 849 34.47 -34.41 14.66
C GLY C 849 33.04 -34.05 14.33
N ARG C 850 32.47 -33.05 15.01
CA ARG C 850 31.08 -32.67 14.77
C ARG C 850 30.99 -31.75 13.55
N PRO C 851 30.15 -32.06 12.57
CA PRO C 851 30.07 -31.23 11.36
C PRO C 851 29.28 -29.96 11.62
N ILE C 852 29.24 -29.10 10.60
CA ILE C 852 28.61 -27.79 10.66
C ILE C 852 27.31 -27.85 9.88
N ASP C 853 26.21 -27.38 10.49
CA ASP C 853 24.91 -27.40 9.84
C ASP C 853 24.79 -26.29 8.79
N ILE C 854 24.89 -25.03 9.22
CA ILE C 854 24.72 -23.88 8.35
C ILE C 854 26.05 -23.16 8.19
N ALA C 855 26.39 -22.82 6.96
CA ALA C 855 27.58 -22.02 6.65
C ALA C 855 27.10 -20.67 6.14
N LEU C 856 26.90 -19.73 7.07
CA LEU C 856 26.41 -18.41 6.73
C LEU C 856 27.53 -17.53 6.18
N ASN C 857 27.14 -16.43 5.55
CA ASN C 857 28.07 -15.48 4.95
C ASN C 857 28.34 -14.34 5.91
N PRO C 858 29.60 -14.05 6.24
CA PRO C 858 29.90 -12.95 7.16
C PRO C 858 29.91 -11.57 6.52
N LEU C 859 29.69 -11.47 5.21
CA LEU C 859 29.73 -10.17 4.55
C LEU C 859 28.49 -9.33 4.82
N GLY C 860 27.34 -9.97 5.06
CA GLY C 860 26.13 -9.23 5.36
C GLY C 860 26.03 -8.71 6.78
N VAL C 861 26.96 -9.09 7.65
CA VAL C 861 26.95 -8.66 9.04
C VAL C 861 27.40 -7.20 9.22
N PRO C 862 28.59 -6.75 8.79
CA PRO C 862 28.98 -5.37 9.14
C PRO C 862 28.33 -4.29 8.28
N SER C 863 27.69 -4.66 7.17
CA SER C 863 27.03 -3.67 6.33
C SER C 863 25.62 -3.33 6.79
N ARG C 864 25.03 -4.18 7.64
CA ARG C 864 23.67 -3.96 8.13
C ARG C 864 23.61 -3.81 9.64
N MET C 865 24.76 -3.83 10.34
CA MET C 865 24.88 -3.68 11.79
C MET C 865 24.08 -4.75 12.54
N ASN C 866 24.30 -6.02 12.15
CA ASN C 866 23.68 -7.16 12.82
C ASN C 866 24.70 -7.73 13.80
N VAL C 867 24.88 -7.01 14.91
CA VAL C 867 25.87 -7.42 15.90
C VAL C 867 25.25 -8.38 16.93
N GLY C 868 23.96 -8.27 17.19
CA GLY C 868 23.30 -9.11 18.17
C GLY C 868 23.20 -10.57 17.77
N GLN C 869 23.25 -10.87 16.47
CA GLN C 869 23.26 -12.27 16.04
C GLN C 869 24.61 -12.94 16.26
N VAL C 870 25.68 -12.15 16.40
CA VAL C 870 26.97 -12.71 16.79
C VAL C 870 27.02 -12.93 18.29
N PHE C 871 26.38 -12.05 19.06
CA PHE C 871 26.27 -12.26 20.51
C PHE C 871 25.36 -13.43 20.84
N GLU C 872 24.36 -13.69 20.00
CA GLU C 872 23.41 -14.77 20.28
C GLU C 872 24.02 -16.14 20.03
N CYS C 873 24.75 -16.30 18.92
CA CYS C 873 25.35 -17.59 18.60
C CYS C 873 26.52 -17.91 19.53
N LEU C 874 27.27 -16.89 19.95
CA LEU C 874 28.40 -17.13 20.85
C LEU C 874 27.93 -17.42 22.27
N LEU C 875 26.73 -16.95 22.65
CA LEU C 875 26.18 -17.29 23.95
C LEU C 875 25.44 -18.61 23.92
N GLY C 876 24.79 -18.94 22.80
CA GLY C 876 24.13 -20.23 22.66
C GLY C 876 25.10 -21.38 22.55
N TRP C 877 26.31 -21.11 22.06
CA TRP C 877 27.35 -22.13 22.06
C TRP C 877 27.89 -22.39 23.46
N ALA C 878 27.87 -21.37 24.33
CA ALA C 878 28.23 -21.57 25.72
C ALA C 878 27.14 -22.36 26.45
N GLY C 879 25.88 -22.13 26.09
CA GLY C 879 24.78 -22.90 26.64
C GLY C 879 24.62 -24.28 26.06
N GLU C 880 25.30 -24.57 24.95
CA GLU C 880 25.27 -25.91 24.37
C GLU C 880 26.18 -26.86 25.14
N ASN C 881 27.40 -26.41 25.46
CA ASN C 881 28.35 -27.24 26.19
C ASN C 881 28.01 -27.36 27.67
N LEU C 882 27.19 -26.45 28.20
CA LEU C 882 26.78 -26.49 29.60
C LEU C 882 25.38 -27.06 29.80
N GLY C 883 24.46 -26.76 28.90
CA GLY C 883 23.10 -27.22 29.03
C GLY C 883 22.33 -26.50 30.12
N VAL C 884 22.28 -25.18 30.03
CA VAL C 884 21.68 -24.37 31.09
C VAL C 884 20.54 -23.47 30.61
N ARG C 885 20.46 -23.15 29.30
CA ARG C 885 19.35 -22.42 28.68
C ARG C 885 19.18 -21.02 29.29
N PHE C 886 20.16 -20.17 29.00
CA PHE C 886 20.22 -18.80 29.51
C PHE C 886 18.96 -18.00 29.15
N LYS C 887 18.61 -17.07 30.04
CA LYS C 887 17.51 -16.13 29.84
C LYS C 887 18.07 -14.72 30.05
N ILE C 888 18.31 -14.01 28.96
CA ILE C 888 18.95 -12.69 28.99
C ILE C 888 17.92 -11.65 28.59
N THR C 889 17.60 -10.74 29.51
CA THR C 889 16.69 -9.65 29.21
C THR C 889 17.41 -8.54 28.45
N PRO C 890 16.73 -7.86 27.53
CA PRO C 890 17.38 -6.78 26.77
C PRO C 890 17.51 -5.52 27.61
N PHE C 891 18.31 -4.59 27.05
CA PHE C 891 18.46 -3.22 27.54
C PHE C 891 19.00 -3.15 28.97
N ASP C 892 20.23 -3.65 29.15
CA ASP C 892 20.99 -3.36 30.36
C ASP C 892 21.28 -1.85 30.42
N MET C 894 22.75 -2.49 33.18
CA MET C 894 23.87 -3.07 33.89
C MET C 894 25.12 -2.25 33.58
N TYR C 895 26.28 -2.79 33.94
CA TYR C 895 27.54 -2.12 33.69
C TYR C 895 27.87 -2.07 32.20
N GLY C 896 28.38 -0.94 31.73
CA GLY C 896 28.73 -0.80 30.32
C GLY C 896 29.98 -1.59 30.00
N GLU C 897 29.89 -2.41 28.93
CA GLU C 897 30.94 -3.26 28.34
C GLU C 897 31.27 -4.47 29.23
N GLU C 898 30.65 -4.54 30.40
CA GLU C 898 30.84 -5.65 31.34
C GLU C 898 29.65 -6.59 31.35
N ALA C 899 28.62 -6.32 30.55
CA ALA C 899 27.38 -7.08 30.58
C ALA C 899 27.08 -7.81 29.27
N SER C 900 27.79 -7.49 28.19
CA SER C 900 27.57 -8.16 26.91
C SER C 900 28.81 -8.89 26.40
N ARG C 901 29.99 -8.27 26.50
CA ARG C 901 31.21 -8.92 26.06
C ARG C 901 31.75 -9.87 27.13
N ASP C 902 31.82 -9.41 28.38
CA ASP C 902 32.35 -10.25 29.44
C ASP C 902 31.32 -11.25 29.96
N THR C 903 30.06 -11.11 29.59
CA THR C 903 29.09 -12.16 29.86
C THR C 903 29.29 -13.33 28.89
N VAL C 904 29.48 -13.03 27.62
CA VAL C 904 29.69 -14.06 26.61
C VAL C 904 31.06 -14.70 26.76
N HIS C 905 32.11 -13.87 26.84
CA HIS C 905 33.46 -14.39 26.97
C HIS C 905 33.75 -14.97 28.35
N GLY C 906 33.00 -14.56 29.36
CA GLY C 906 33.17 -15.12 30.69
C GLY C 906 32.52 -16.48 30.83
N LEU C 907 31.37 -16.67 30.18
CA LEU C 907 30.70 -17.96 30.20
C LEU C 907 31.29 -18.93 29.19
N LEU C 908 32.00 -18.44 28.17
CA LEU C 908 32.74 -19.34 27.29
C LEU C 908 34.01 -19.86 27.95
N GLU C 909 34.55 -19.11 28.92
CA GLU C 909 35.69 -19.60 29.68
C GLU C 909 35.29 -20.68 30.66
N GLU C 910 34.05 -20.63 31.18
CA GLU C 910 33.60 -21.66 32.10
C GLU C 910 33.32 -22.98 31.39
N ALA C 911 32.91 -22.92 30.12
CA ALA C 911 32.70 -24.14 29.34
C ALA C 911 34.02 -24.76 28.91
N SER C 912 35.10 -23.98 28.86
CA SER C 912 36.41 -24.50 28.50
C SER C 912 37.15 -25.09 29.69
N GLN C 913 36.66 -24.89 30.91
CA GLN C 913 37.29 -25.44 32.10
C GLN C 913 36.97 -26.91 32.32
N ARG C 914 36.07 -27.49 31.52
CA ARG C 914 35.80 -28.91 31.61
C ARG C 914 36.99 -29.70 31.07
N PRO C 915 37.27 -30.88 31.64
CA PRO C 915 38.44 -31.65 31.18
C PRO C 915 38.27 -32.27 29.81
N ASN C 916 37.05 -32.42 29.32
CA ASN C 916 36.80 -32.98 28.00
C ASN C 916 36.72 -31.94 26.90
N LYS C 917 36.45 -30.68 27.24
CA LYS C 917 36.28 -29.60 26.27
C LYS C 917 37.32 -28.53 26.53
N ASP C 918 38.48 -28.66 25.87
CA ASP C 918 39.52 -27.65 25.94
C ASP C 918 39.67 -26.82 24.67
N TRP C 919 38.97 -27.20 23.59
CA TRP C 919 39.07 -26.54 22.30
C TRP C 919 37.98 -25.49 22.10
N VAL C 920 37.13 -25.26 23.11
CA VAL C 920 35.98 -24.37 22.94
C VAL C 920 36.43 -22.91 22.95
N PHE C 921 37.31 -22.54 23.86
CA PHE C 921 37.78 -21.17 23.99
C PHE C 921 39.27 -21.09 23.74
N ASN C 922 39.69 -20.00 23.10
CA ASN C 922 41.09 -19.75 22.82
C ASN C 922 41.48 -18.39 23.39
N GLU C 923 42.74 -18.27 23.80
CA GLU C 923 43.20 -17.05 24.45
C GLU C 923 43.51 -15.97 23.44
N ASN C 924 44.06 -16.33 22.28
CA ASN C 924 44.40 -15.34 21.25
C ASN C 924 43.15 -14.81 20.58
N HIS C 925 42.36 -15.71 19.98
CA HIS C 925 41.08 -15.37 19.39
C HIS C 925 39.94 -15.91 20.24
N PRO C 926 39.22 -15.05 20.98
CA PRO C 926 38.20 -15.52 21.93
C PRO C 926 36.95 -16.12 21.31
N GLY C 927 36.33 -15.42 20.37
CA GLY C 927 35.09 -15.87 19.78
C GLY C 927 35.29 -16.65 18.50
N LYS C 928 36.39 -17.37 18.40
CA LYS C 928 36.76 -18.13 17.22
C LYS C 928 37.42 -19.44 17.63
N ILE C 929 37.26 -20.47 16.79
CA ILE C 929 37.99 -21.72 16.91
C ILE C 929 38.53 -22.07 15.52
N GLN C 930 39.33 -23.14 15.49
CA GLN C 930 39.89 -23.65 14.25
C GLN C 930 38.94 -24.66 13.62
N VAL C 931 38.57 -24.41 12.37
CA VAL C 931 37.63 -25.26 11.65
C VAL C 931 38.39 -25.96 10.52
N PHE C 932 38.14 -27.26 10.36
CA PHE C 932 38.77 -28.07 9.33
C PHE C 932 37.83 -28.23 8.14
N ASP C 933 38.42 -28.32 6.95
CA ASP C 933 37.65 -28.52 5.74
C ASP C 933 37.20 -29.97 5.63
N GLY C 934 35.97 -30.17 5.14
CA GLY C 934 35.43 -31.51 5.03
C GLY C 934 35.85 -32.26 3.79
N ARG C 935 36.21 -31.56 2.73
CA ARG C 935 36.56 -32.21 1.47
C ARG C 935 38.03 -32.65 1.47
N THR C 936 38.93 -31.76 1.86
CA THR C 936 40.36 -32.05 1.79
C THR C 936 40.97 -32.44 3.13
N GLY C 937 40.31 -32.11 4.24
CA GLY C 937 40.83 -32.42 5.56
C GLY C 937 41.84 -31.44 6.11
N GLU C 938 42.19 -30.40 5.35
CA GLU C 938 43.16 -29.40 5.78
C GLU C 938 42.46 -28.27 6.53
N PRO C 939 43.10 -27.72 7.57
CA PRO C 939 42.48 -26.61 8.30
C PRO C 939 42.54 -25.32 7.49
N PHE C 940 41.59 -24.44 7.76
CA PHE C 940 41.56 -23.14 7.10
C PHE C 940 42.65 -22.23 7.68
N ASP C 941 42.96 -21.16 6.94
CA ASP C 941 44.06 -20.29 7.33
C ASP C 941 43.71 -19.40 8.51
N ARG C 942 42.45 -19.00 8.63
CA ARG C 942 42.00 -18.12 9.70
C ARG C 942 40.93 -18.80 10.53
N PRO C 943 40.86 -18.54 11.83
CA PRO C 943 39.81 -19.12 12.65
C PRO C 943 38.45 -18.51 12.35
N ILE C 944 37.41 -19.33 12.49
CA ILE C 944 36.05 -18.98 12.10
C ILE C 944 35.16 -18.98 13.33
N THR C 945 34.28 -17.97 13.42
CA THR C 945 33.32 -17.90 14.51
C THR C 945 32.23 -18.94 14.32
N VAL C 946 32.08 -19.83 15.30
CA VAL C 946 31.02 -20.83 15.30
C VAL C 946 30.05 -20.52 16.43
N GLY C 947 28.91 -21.19 16.42
CA GLY C 947 27.93 -20.99 17.46
C GLY C 947 26.64 -21.71 17.15
N GLN C 948 25.73 -21.63 18.11
CA GLN C 948 24.41 -22.26 18.03
C GLN C 948 23.38 -21.19 17.68
N ALA C 949 23.02 -21.10 16.42
CA ALA C 949 22.05 -20.12 15.96
C ALA C 949 20.63 -20.68 16.04
N TYR C 950 19.66 -19.77 16.16
CA TYR C 950 18.26 -20.12 16.25
C TYR C 950 17.57 -19.61 14.98
N MET C 951 17.39 -20.50 14.01
CA MET C 951 16.82 -20.14 12.73
C MET C 951 15.37 -20.61 12.64
N LEU C 952 14.57 -19.87 11.87
CA LEU C 952 13.16 -20.16 11.66
C LEU C 952 12.92 -20.55 10.21
N LYS C 953 11.76 -21.15 9.96
CA LYS C 953 11.34 -21.56 8.62
C LYS C 953 10.08 -20.80 8.27
N LEU C 954 10.16 -19.96 7.24
CA LEU C 954 9.07 -19.05 6.91
C LEU C 954 8.04 -19.73 6.02
N VAL C 955 6.97 -19.00 5.69
CA VAL C 955 5.89 -19.54 4.88
C VAL C 955 6.17 -19.43 3.39
N HIS C 956 7.22 -18.73 2.99
CA HIS C 956 7.53 -18.53 1.57
C HIS C 956 8.34 -19.71 1.05
N LEU C 957 7.63 -20.83 0.88
CA LEU C 957 8.25 -22.06 0.41
C LEU C 957 8.39 -22.03 -1.11
N VAL C 958 9.13 -23.02 -1.64
CA VAL C 958 9.38 -23.08 -3.07
C VAL C 958 8.21 -23.68 -3.82
N ASP C 959 7.28 -24.34 -3.12
CA ASP C 959 6.15 -24.99 -3.78
C ASP C 959 5.07 -24.00 -4.18
N ASP C 960 4.93 -22.91 -3.44
CA ASP C 960 3.88 -21.92 -3.71
C ASP C 960 4.30 -20.86 -4.72
N LYS C 961 5.53 -20.90 -5.21
CA LYS C 961 6.03 -19.92 -6.16
C LYS C 961 6.19 -20.48 -7.57
N ILE C 962 5.95 -21.76 -7.76
CA ILE C 962 6.09 -22.39 -9.07
C ILE C 962 4.82 -22.12 -9.88
N HIS C 963 4.98 -21.55 -11.06
CA HIS C 963 3.86 -21.34 -11.97
C HIS C 963 4.39 -21.38 -13.40
N ALA C 964 3.62 -22.01 -14.28
CA ALA C 964 3.97 -22.09 -15.70
C ALA C 964 2.68 -22.25 -16.50
N ARG C 965 2.72 -21.81 -17.76
CA ARG C 965 1.55 -21.86 -18.62
C ARG C 965 1.99 -21.95 -20.07
N SER C 966 1.42 -22.91 -20.80
CA SER C 966 1.56 -22.95 -22.25
C SER C 966 0.40 -22.24 -22.93
N THR C 967 -0.82 -22.74 -22.69
CA THR C 967 -2.04 -22.13 -23.22
C THR C 967 -3.18 -22.54 -22.31
N GLY C 968 -3.86 -21.55 -21.72
CA GLY C 968 -4.94 -21.82 -20.81
C GLY C 968 -6.17 -20.99 -21.10
N PRO C 969 -6.79 -20.46 -20.05
CA PRO C 969 -7.99 -19.64 -20.23
C PRO C 969 -7.64 -18.25 -20.75
N TYR C 970 -8.69 -17.53 -21.16
CA TYR C 970 -8.54 -16.20 -21.72
C TYR C 970 -9.59 -15.27 -21.10
N SER C 971 -9.38 -13.97 -21.31
CA SER C 971 -10.25 -12.95 -20.73
C SER C 971 -11.58 -12.88 -21.49
N LEU C 972 -12.53 -12.16 -20.90
CA LEU C 972 -13.90 -12.12 -21.40
C LEU C 972 -14.09 -11.09 -22.50
N VAL C 973 -13.46 -9.92 -22.39
CA VAL C 973 -13.64 -8.82 -23.34
C VAL C 973 -12.42 -8.69 -24.26
N THR C 974 -11.23 -8.51 -23.68
CA THR C 974 -10.02 -8.25 -24.47
C THR C 974 -9.43 -9.52 -25.08
N GLN C 975 -9.91 -10.70 -24.68
CA GLN C 975 -9.44 -12.01 -25.16
C GLN C 975 -7.95 -12.21 -24.92
N GLN C 976 -7.45 -11.67 -23.81
CA GLN C 976 -6.08 -11.80 -23.37
C GLN C 976 -5.96 -12.92 -22.34
N PRO C 977 -4.76 -13.50 -22.17
CA PRO C 977 -4.58 -14.49 -21.11
C PRO C 977 -4.79 -13.91 -19.71
N LEU C 978 -5.30 -14.75 -18.82
CA LEU C 978 -5.64 -14.33 -17.47
C LEU C 978 -4.39 -14.25 -16.61
N GLY C 979 -4.59 -13.96 -15.33
CA GLY C 979 -3.50 -13.88 -14.38
C GLY C 979 -3.82 -14.50 -13.04
N GLY C 980 -2.99 -15.43 -12.60
CA GLY C 980 -3.18 -16.10 -11.33
C GLY C 980 -2.61 -17.51 -11.37
N LYS C 981 -2.07 -17.93 -10.22
CA LYS C 981 -1.53 -19.28 -10.11
C LYS C 981 -2.63 -20.32 -9.99
N ALA C 982 -3.72 -19.98 -9.31
CA ALA C 982 -4.80 -20.93 -9.08
C ALA C 982 -5.76 -21.06 -10.27
N GLN C 983 -5.57 -20.27 -11.33
CA GLN C 983 -6.44 -20.33 -12.49
C GLN C 983 -5.66 -20.38 -13.80
N GLN C 984 -4.38 -20.80 -13.73
CA GLN C 984 -3.48 -20.98 -14.88
C GLN C 984 -3.33 -19.68 -15.68
N GLY C 985 -2.80 -18.66 -15.00
CA GLY C 985 -2.65 -17.36 -15.62
C GLY C 985 -1.27 -17.15 -16.23
N GLY C 986 -1.16 -16.09 -17.03
CA GLY C 986 0.09 -15.75 -17.68
C GLY C 986 0.78 -14.57 -17.06
N GLN C 987 2.09 -14.46 -17.25
CA GLN C 987 2.85 -13.35 -16.69
C GLN C 987 2.62 -12.08 -17.50
N ARG C 988 2.54 -10.96 -16.80
CA ARG C 988 2.22 -9.68 -17.42
C ARG C 988 3.48 -9.03 -17.97
N PHE C 989 3.43 -8.65 -19.25
CA PHE C 989 4.52 -7.92 -19.91
C PHE C 989 4.13 -6.44 -19.92
N GLY C 990 4.45 -5.74 -18.84
CA GLY C 990 4.00 -4.38 -18.65
C GLY C 990 4.77 -3.37 -19.48
N GLU C 991 4.54 -2.10 -19.15
CA GLU C 991 5.08 -1.00 -19.94
C GLU C 991 6.58 -0.82 -19.74
N MET C 992 7.10 -1.13 -18.54
CA MET C 992 8.54 -1.06 -18.31
C MET C 992 9.27 -2.18 -19.03
N GLU C 993 8.59 -3.27 -19.35
CA GLU C 993 9.19 -4.38 -20.07
C GLU C 993 9.21 -4.14 -21.59
N VAL C 994 8.31 -3.31 -22.09
CA VAL C 994 8.34 -2.94 -23.51
C VAL C 994 9.50 -1.98 -23.78
N TRP C 995 9.77 -1.07 -22.83
CA TRP C 995 10.85 -0.09 -22.99
C TRP C 995 12.23 -0.72 -23.00
N ALA C 996 12.40 -1.89 -22.39
CA ALA C 996 13.69 -2.57 -22.46
C ALA C 996 13.90 -3.21 -23.83
N LEU C 997 12.84 -3.79 -24.41
CA LEU C 997 12.95 -4.37 -25.74
C LEU C 997 12.96 -3.30 -26.82
N GLU C 998 12.34 -2.15 -26.57
CA GLU C 998 12.42 -1.04 -27.50
C GLU C 998 13.80 -0.41 -27.49
N ALA C 999 14.48 -0.42 -26.34
CA ALA C 999 15.86 0.03 -26.28
C ALA C 999 16.82 -0.98 -26.92
N TYR C 1000 16.42 -2.24 -27.00
CA TYR C 1000 17.15 -3.24 -27.76
C TYR C 1000 16.79 -3.13 -29.24
N GLY C 1001 17.32 -4.05 -30.04
CA GLY C 1001 16.90 -4.19 -31.41
C GLY C 1001 15.83 -5.22 -31.63
N ALA C 1002 15.23 -5.74 -30.55
CA ALA C 1002 14.26 -6.83 -30.63
C ALA C 1002 12.91 -6.26 -31.06
N ALA C 1003 12.76 -6.11 -32.37
CA ALA C 1003 11.47 -5.72 -32.94
C ALA C 1003 10.60 -6.92 -33.26
N TYR C 1004 11.20 -8.05 -33.63
CA TYR C 1004 10.42 -9.24 -33.92
C TYR C 1004 9.97 -9.96 -32.65
N ILE C 1005 10.74 -9.82 -31.56
CA ILE C 1005 10.29 -10.37 -30.28
C ILE C 1005 9.17 -9.53 -29.69
N LEU C 1006 9.19 -8.22 -29.94
CA LEU C 1006 8.14 -7.35 -29.43
C LEU C 1006 6.83 -7.56 -30.18
N GLN C 1007 6.91 -7.80 -31.49
CA GLN C 1007 5.69 -8.06 -32.26
C GLN C 1007 5.13 -9.44 -31.95
N GLU C 1008 5.98 -10.39 -31.57
CA GLU C 1008 5.52 -11.73 -31.24
C GLU C 1008 4.82 -11.75 -29.88
N LEU C 1009 5.35 -11.01 -28.90
CA LEU C 1009 4.78 -10.99 -27.57
C LEU C 1009 3.45 -10.26 -27.50
N LEU C 1010 3.14 -9.41 -28.49
CA LEU C 1010 1.91 -8.62 -28.46
C LEU C 1010 0.82 -9.15 -29.38
N THR C 1011 1.15 -10.02 -30.34
CA THR C 1011 0.17 -10.49 -31.31
C THR C 1011 -0.16 -11.97 -31.17
N VAL C 1012 0.83 -12.86 -31.31
CA VAL C 1012 0.53 -14.29 -31.34
C VAL C 1012 0.50 -14.92 -29.95
N LYS C 1013 0.80 -14.15 -28.91
CA LYS C 1013 0.74 -14.66 -27.54
C LYS C 1013 -0.39 -14.05 -26.73
N SER C 1014 -1.06 -13.02 -27.24
CA SER C 1014 -2.13 -12.37 -26.50
C SER C 1014 -3.05 -11.63 -27.47
N ASP C 1015 -4.36 -11.77 -27.24
CA ASP C 1015 -5.40 -10.96 -27.87
C ASP C 1015 -5.45 -11.12 -29.40
N ASP C 1016 -5.52 -12.37 -29.84
CA ASP C 1016 -5.69 -12.67 -31.27
C ASP C 1016 -6.33 -14.04 -31.39
N MET C 1017 -7.61 -14.07 -31.78
CA MET C 1017 -8.30 -15.34 -31.93
C MET C 1017 -7.87 -16.11 -33.17
N GLN C 1018 -7.28 -15.42 -34.15
CA GLN C 1018 -6.78 -16.06 -35.37
C GLN C 1018 -5.27 -16.32 -35.33
N GLY C 1019 -4.50 -15.37 -34.81
CA GLY C 1019 -3.05 -15.52 -34.77
C GLY C 1019 -2.55 -16.57 -33.80
N ARG C 1020 -3.31 -16.83 -32.73
CA ARG C 1020 -2.91 -17.88 -31.78
C ARG C 1020 -3.12 -19.28 -32.36
N ASN C 1021 -4.07 -19.43 -33.28
CA ASN C 1021 -4.30 -20.74 -33.87
C ASN C 1021 -3.20 -21.09 -34.88
N GLU C 1022 -2.80 -20.12 -35.70
CA GLU C 1022 -1.79 -20.38 -36.72
C GLU C 1022 -0.39 -20.48 -36.13
N ALA C 1023 -0.14 -19.80 -35.00
CA ALA C 1023 1.17 -19.91 -34.35
C ALA C 1023 1.34 -21.25 -33.64
N LEU C 1024 0.27 -21.75 -33.03
CA LEU C 1024 0.32 -23.06 -32.39
C LEU C 1024 0.38 -24.19 -33.41
N ASN C 1025 -0.29 -24.02 -34.55
CA ASN C 1025 -0.25 -25.02 -35.62
C ASN C 1025 1.10 -25.03 -36.33
N ALA C 1026 1.85 -23.93 -36.27
CA ALA C 1026 3.14 -23.86 -36.96
C ALA C 1026 4.22 -24.64 -36.22
N ILE C 1027 4.16 -24.69 -34.89
CA ILE C 1027 5.18 -25.40 -34.13
C ILE C 1027 4.98 -26.91 -34.21
N VAL C 1028 3.74 -27.36 -34.21
CA VAL C 1028 3.46 -28.80 -34.28
C VAL C 1028 3.75 -29.33 -35.68
N LYS C 1029 3.43 -28.55 -36.71
CA LYS C 1029 3.73 -28.97 -38.08
C LYS C 1029 5.22 -28.83 -38.38
N GLY C 1030 5.83 -27.73 -37.94
CA GLY C 1030 7.26 -27.52 -38.11
C GLY C 1030 7.64 -26.42 -39.08
N LYS C 1031 6.68 -25.63 -39.56
CA LYS C 1031 6.95 -24.54 -40.49
C LYS C 1031 6.31 -23.27 -39.95
N SER C 1032 7.13 -22.35 -39.43
CA SER C 1032 6.62 -21.11 -38.87
C SER C 1032 6.24 -20.13 -39.98
N ILE C 1033 5.23 -19.31 -39.70
CA ILE C 1033 4.75 -18.33 -40.68
C ILE C 1033 4.88 -16.93 -40.10
N PRO C 1034 5.29 -15.95 -40.91
CA PRO C 1034 5.35 -14.55 -40.43
C PRO C 1034 4.01 -13.83 -40.58
N ARG C 1035 4.03 -12.52 -40.34
CA ARG C 1035 2.93 -11.57 -40.54
C ARG C 1035 1.69 -11.94 -39.73
N PRO C 1036 1.68 -11.71 -38.42
CA PRO C 1036 0.45 -11.88 -37.64
C PRO C 1036 -0.55 -10.79 -37.95
N GLY C 1037 -1.80 -11.03 -37.57
CA GLY C 1037 -2.89 -10.13 -37.87
C GLY C 1037 -3.00 -8.98 -36.88
N THR C 1038 -4.12 -8.27 -36.99
CA THR C 1038 -4.40 -7.16 -36.08
C THR C 1038 -4.84 -7.71 -34.72
N PRO C 1039 -4.28 -7.24 -33.61
CA PRO C 1039 -4.70 -7.73 -32.31
C PRO C 1039 -6.11 -7.30 -31.94
N GLU C 1040 -6.70 -8.05 -31.01
CA GLU C 1040 -8.09 -7.85 -30.62
C GLU C 1040 -8.26 -6.60 -29.76
N SER C 1041 -7.23 -6.23 -28.98
CA SER C 1041 -7.36 -5.10 -28.07
C SER C 1041 -7.42 -3.76 -28.79
N PHE C 1042 -6.88 -3.67 -30.00
CA PHE C 1042 -7.00 -2.45 -30.78
C PHE C 1042 -8.40 -2.30 -31.37
N LYS C 1043 -9.03 -3.42 -31.75
CA LYS C 1043 -10.37 -3.37 -32.31
C LYS C 1043 -11.43 -3.13 -31.24
N VAL C 1044 -11.13 -3.43 -29.97
CA VAL C 1044 -12.03 -3.07 -28.89
C VAL C 1044 -11.99 -1.56 -28.64
N LEU C 1045 -10.80 -0.98 -28.69
CA LEU C 1045 -10.65 0.47 -28.52
C LEU C 1045 -11.23 1.24 -29.70
N MET C 1046 -11.25 0.64 -30.89
CA MET C 1046 -11.83 1.30 -32.06
C MET C 1046 -13.35 1.40 -31.93
N ARG C 1047 -13.99 0.35 -31.41
CA ARG C 1047 -15.43 0.39 -31.20
C ARG C 1047 -15.83 1.22 -29.99
N GLU C 1048 -14.94 1.39 -29.02
CA GLU C 1048 -15.24 2.22 -27.86
C GLU C 1048 -15.16 3.70 -28.16
N LEU C 1049 -14.24 4.10 -29.05
CA LEU C 1049 -14.14 5.50 -29.44
C LEU C 1049 -15.24 5.91 -30.39
N GLN C 1050 -15.78 4.97 -31.16
CA GLN C 1050 -16.92 5.28 -32.04
C GLN C 1050 -18.20 5.45 -31.24
N SER C 1051 -18.30 4.80 -30.07
CA SER C 1051 -19.45 4.97 -29.20
C SER C 1051 -19.40 6.25 -28.38
N LEU C 1052 -18.27 6.94 -28.37
CA LEU C 1052 -18.13 8.23 -27.71
C LEU C 1052 -18.50 9.41 -28.61
N GLY C 1053 -18.98 9.14 -29.82
CA GLY C 1053 -19.31 10.20 -30.75
C GLY C 1053 -18.15 10.72 -31.57
N LEU C 1054 -17.10 9.91 -31.75
CA LEU C 1054 -15.92 10.31 -32.51
C LEU C 1054 -15.81 9.43 -33.74
N ASP C 1055 -15.84 10.05 -34.92
CA ASP C 1055 -15.73 9.34 -36.19
C ASP C 1055 -14.25 9.08 -36.45
N ILE C 1056 -13.74 8.00 -35.88
CA ILE C 1056 -12.34 7.60 -36.04
C ILE C 1056 -12.29 6.35 -36.92
N ALA C 1057 -11.44 6.39 -37.94
CA ALA C 1057 -11.30 5.27 -38.86
C ALA C 1057 -9.88 5.26 -39.41
N ALA C 1058 -9.54 4.16 -40.08
CA ALA C 1058 -8.24 3.97 -40.69
C ALA C 1058 -8.39 3.95 -42.21
N HIS C 1059 -7.48 4.63 -42.89
CA HIS C 1059 -7.57 4.82 -44.33
C HIS C 1059 -6.31 4.27 -45.01
N LYS C 1060 -6.28 4.41 -46.33
CA LYS C 1060 -5.13 4.02 -47.15
C LYS C 1060 -4.72 5.19 -48.02
N VAL C 1061 -3.41 5.41 -48.13
CA VAL C 1061 -2.88 6.58 -48.81
C VAL C 1061 -2.42 6.24 -50.24
N GLN C 1062 -2.93 5.14 -50.79
CA GLN C 1062 -2.54 4.66 -52.11
C GLN C 1062 -2.99 5.62 -53.23
N LEU C 1063 -2.51 5.35 -54.44
CA LEU C 1063 -2.63 6.26 -55.58
C LEU C 1063 -4.07 6.43 -56.05
N SER C 1064 -4.59 7.65 -55.89
CA SER C 1064 -5.95 8.06 -56.31
C SER C 1064 -7.03 7.20 -55.65
N GLU C 1065 -6.82 6.84 -54.39
CA GLU C 1065 -7.77 6.01 -53.65
C GLU C 1065 -7.62 6.30 -52.17
N ASP C 1066 -8.66 6.86 -51.56
CA ASP C 1066 -8.70 7.15 -50.13
C ASP C 1066 -9.94 6.46 -49.57
N GLY C 1067 -9.79 5.20 -49.20
CA GLY C 1067 -10.90 4.38 -48.72
C GLY C 1067 -10.66 3.93 -47.29
N GLU C 1068 -11.74 3.85 -46.52
CA GLU C 1068 -11.65 3.40 -45.14
C GLU C 1068 -11.45 1.88 -45.08
N SER C 1069 -10.56 1.45 -44.21
CA SER C 1069 -10.28 0.03 -44.04
C SER C 1069 -11.18 -0.56 -42.96
N ALA C 1070 -11.59 -1.81 -43.17
CA ALA C 1070 -12.45 -2.52 -42.23
C ALA C 1070 -11.57 -3.43 -41.38
N ASP C 1071 -11.22 -2.96 -40.19
CA ASP C 1071 -10.37 -3.74 -39.30
C ASP C 1071 -11.14 -4.89 -38.65
N ALA C 1072 -12.40 -4.67 -38.32
CA ALA C 1072 -13.22 -5.70 -37.70
C ALA C 1072 -13.63 -6.77 -38.71
N GLU C 1073 -14.35 -6.36 -39.75
CA GLU C 1073 -14.80 -7.28 -40.78
C GLU C 1073 -13.68 -7.57 -41.78
N PRO D 7 -6.69 -6.16 -42.24
CA PRO D 7 -5.98 -5.63 -43.42
C PRO D 7 -4.79 -4.76 -43.04
N ARG D 8 -4.31 -3.97 -44.00
CA ARG D 8 -3.21 -3.04 -43.78
C ARG D 8 -3.69 -1.63 -44.07
N PHE D 9 -3.48 -0.73 -43.11
CA PHE D 9 -3.82 0.67 -43.24
C PHE D 9 -2.57 1.52 -43.09
N ASP D 10 -2.69 2.81 -43.39
CA ASP D 10 -1.55 3.70 -43.41
C ASP D 10 -1.66 4.88 -42.46
N TYR D 11 -2.86 5.40 -42.19
CA TYR D 11 -3.02 6.49 -41.24
C TYR D 11 -4.41 6.43 -40.63
N VAL D 12 -4.53 6.97 -39.42
CA VAL D 12 -5.78 7.00 -38.66
C VAL D 12 -6.22 8.43 -38.50
N LYS D 13 -7.46 8.73 -38.88
CA LYS D 13 -8.01 10.08 -38.81
C LYS D 13 -9.24 10.08 -37.91
N ILE D 14 -9.33 11.07 -37.03
CA ILE D 14 -10.43 11.21 -36.08
C ILE D 14 -11.15 12.52 -36.36
N ALA D 15 -12.49 12.47 -36.36
CA ALA D 15 -13.30 13.66 -36.59
C ALA D 15 -14.58 13.55 -35.77
N ILE D 16 -15.37 14.62 -35.80
CA ILE D 16 -16.64 14.66 -35.09
C ILE D 16 -17.67 13.87 -35.89
N ALA D 17 -18.35 12.95 -35.21
CA ALA D 17 -19.33 12.08 -35.88
C ALA D 17 -20.61 12.85 -36.14
N SER D 18 -20.99 12.94 -37.42
CA SER D 18 -22.25 13.55 -37.80
C SER D 18 -23.40 12.60 -37.46
N PRO D 19 -24.62 13.13 -37.31
CA PRO D 19 -25.78 12.24 -37.09
C PRO D 19 -26.10 11.33 -38.27
N GLU D 20 -25.67 11.69 -39.48
CA GLU D 20 -25.79 10.78 -40.62
C GLU D 20 -24.71 9.71 -40.63
N ARG D 21 -23.62 9.92 -39.89
CA ARG D 21 -22.55 8.93 -39.76
C ARG D 21 -22.83 7.92 -38.68
N ILE D 22 -23.47 8.33 -37.57
CA ILE D 22 -23.79 7.41 -36.49
C ILE D 22 -24.88 6.44 -36.92
N ARG D 23 -25.87 6.93 -37.67
CA ARG D 23 -26.92 6.06 -38.19
C ARG D 23 -26.44 5.20 -39.34
N GLN D 24 -25.28 5.52 -39.94
CA GLN D 24 -24.71 4.64 -40.96
C GLN D 24 -24.19 3.35 -40.35
N TRP D 25 -23.66 3.42 -39.14
CA TRP D 25 -23.21 2.21 -38.45
C TRP D 25 -24.39 1.41 -37.92
N GLY D 26 -25.52 2.06 -37.65
CA GLY D 26 -26.67 1.39 -37.08
C GLY D 26 -27.52 0.65 -38.07
N GLU D 27 -28.03 1.34 -39.08
CA GLU D 27 -28.90 0.72 -40.07
C GLU D 27 -28.09 -0.17 -41.00
N ARG D 28 -28.50 -1.43 -41.12
CA ARG D 28 -27.87 -2.39 -42.01
C ARG D 28 -28.90 -2.91 -43.01
N THR D 29 -28.41 -3.28 -44.18
CA THR D 29 -29.28 -3.73 -45.27
C THR D 29 -29.79 -5.14 -44.99
N LEU D 30 -31.10 -5.31 -45.08
CA LEU D 30 -31.77 -6.59 -44.86
C LEU D 30 -32.78 -6.76 -45.98
N PRO D 31 -32.94 -7.99 -46.50
CA PRO D 31 -33.91 -8.21 -47.59
C PRO D 31 -35.36 -8.10 -47.13
N ASN D 32 -35.81 -6.87 -46.91
CA ASN D 32 -37.18 -6.57 -46.48
C ASN D 32 -37.47 -5.13 -46.88
N GLY D 33 -38.56 -4.58 -46.33
CA GLY D 33 -38.94 -3.22 -46.65
C GLY D 33 -38.25 -2.17 -45.83
N THR D 34 -37.98 -2.46 -44.56
CA THR D 34 -37.36 -1.51 -43.64
C THR D 34 -36.15 -2.14 -42.96
N VAL D 35 -35.40 -1.31 -42.25
CA VAL D 35 -34.26 -1.76 -41.47
C VAL D 35 -34.69 -2.01 -40.04
N VAL D 36 -33.95 -2.86 -39.33
CA VAL D 36 -34.34 -3.28 -37.99
C VAL D 36 -33.23 -3.00 -36.99
N GLY D 37 -32.25 -2.18 -37.39
CA GLY D 37 -31.09 -1.96 -36.55
C GLY D 37 -31.20 -0.82 -35.56
N GLU D 38 -32.31 -0.74 -34.85
CA GLU D 38 -32.55 0.33 -33.88
C GLU D 38 -32.99 -0.27 -32.55
N VAL D 39 -32.36 0.19 -31.46
CA VAL D 39 -32.68 -0.29 -30.11
C VAL D 39 -33.80 0.57 -29.54
N THR D 40 -34.95 -0.05 -29.26
CA THR D 40 -36.11 0.67 -28.74
C THR D 40 -36.52 0.28 -27.33
N LYS D 41 -36.12 -0.91 -26.85
CA LYS D 41 -36.54 -1.39 -25.54
C LYS D 41 -35.34 -1.53 -24.62
N PRO D 42 -35.51 -1.32 -23.31
CA PRO D 42 -34.41 -1.53 -22.36
C PRO D 42 -34.23 -2.97 -21.87
N GLU D 43 -34.98 -3.92 -22.40
CA GLU D 43 -34.87 -5.31 -21.96
C GLU D 43 -33.65 -5.97 -22.59
N THR D 44 -32.94 -6.77 -21.80
CA THR D 44 -31.72 -7.42 -22.26
C THR D 44 -31.96 -8.88 -22.65
N ILE D 45 -32.41 -9.71 -21.72
CA ILE D 45 -32.69 -11.12 -21.96
C ILE D 45 -33.97 -11.50 -21.22
N ASN D 46 -34.34 -12.77 -21.32
CA ASN D 46 -35.48 -13.32 -20.60
C ASN D 46 -35.03 -13.94 -19.28
N TYR D 47 -35.96 -14.00 -18.33
CA TYR D 47 -35.66 -14.59 -17.04
C TYR D 47 -35.90 -16.10 -17.01
N ARG D 48 -36.79 -16.60 -17.86
CA ARG D 48 -37.09 -18.03 -17.88
C ARG D 48 -36.04 -18.79 -18.66
N THR D 49 -35.87 -18.47 -19.93
CA THR D 49 -34.82 -19.03 -20.77
C THR D 49 -33.70 -18.01 -20.94
N LEU D 50 -32.52 -18.50 -21.30
CA LEU D 50 -31.36 -17.64 -21.53
C LEU D 50 -31.26 -17.20 -22.98
N LYS D 51 -32.35 -16.64 -23.50
CA LYS D 51 -32.41 -16.13 -24.85
C LYS D 51 -32.84 -14.67 -24.83
N PRO D 52 -32.22 -13.82 -25.64
CA PRO D 52 -32.59 -12.40 -25.65
C PRO D 52 -33.91 -12.16 -26.35
N GLU D 53 -34.34 -10.90 -26.29
CA GLU D 53 -35.60 -10.48 -26.89
C GLU D 53 -35.35 -9.88 -28.28
N MET D 54 -36.45 -9.65 -29.00
CA MET D 54 -36.36 -9.19 -30.38
C MET D 54 -36.21 -7.67 -30.48
N ASP D 55 -36.20 -6.96 -29.37
CA ASP D 55 -35.92 -5.53 -29.32
C ASP D 55 -35.23 -5.24 -28.00
N GLY D 56 -34.00 -4.76 -28.04
CA GLY D 56 -33.29 -4.46 -26.82
C GLY D 56 -31.80 -4.29 -27.06
N LEU D 57 -31.07 -4.22 -25.96
CA LEU D 57 -29.62 -4.00 -26.01
C LEU D 57 -28.84 -5.25 -26.37
N PHE D 58 -29.44 -6.43 -26.23
CA PHE D 58 -28.80 -7.69 -26.57
C PHE D 58 -29.51 -8.41 -27.72
N CYS D 59 -30.21 -7.66 -28.57
CA CYS D 59 -31.09 -8.25 -29.58
C CYS D 59 -30.30 -8.96 -30.68
N GLU D 60 -30.87 -10.05 -31.17
CA GLU D 60 -30.23 -10.85 -32.22
C GLU D 60 -30.55 -10.35 -33.63
N LYS D 61 -31.63 -9.60 -33.79
CA LYS D 61 -31.96 -9.03 -35.10
C LYS D 61 -31.10 -7.82 -35.44
N ILE D 62 -30.42 -7.24 -34.45
CA ILE D 62 -29.59 -6.06 -34.65
C ILE D 62 -28.10 -6.42 -34.69
N PHE D 63 -27.64 -7.19 -33.70
CA PHE D 63 -26.22 -7.46 -33.55
C PHE D 63 -25.79 -8.82 -34.11
N GLY D 64 -26.72 -9.74 -34.31
CA GLY D 64 -26.39 -11.02 -34.90
C GLY D 64 -26.76 -12.20 -34.03
N PRO D 65 -26.55 -13.41 -34.54
CA PRO D 65 -26.97 -14.61 -33.80
C PRO D 65 -26.05 -14.91 -32.63
N SER D 66 -26.66 -15.38 -31.54
CA SER D 66 -25.91 -15.67 -30.32
C SER D 66 -25.07 -16.93 -30.46
N LYS D 67 -25.61 -17.97 -31.08
CA LYS D 67 -24.89 -19.21 -31.33
C LYS D 67 -24.45 -19.27 -32.80
N ASP D 68 -23.48 -20.14 -33.06
CA ASP D 68 -22.95 -20.28 -34.41
C ASP D 68 -23.94 -21.03 -35.29
N TRP D 69 -24.37 -20.36 -36.38
CA TRP D 69 -25.30 -20.90 -37.39
C TRP D 69 -26.63 -21.33 -36.77
N GLU D 70 -27.19 -20.46 -35.92
CA GLU D 70 -28.46 -20.74 -35.27
C GLU D 70 -29.15 -19.41 -34.96
N CYS D 71 -30.39 -19.28 -35.40
CA CYS D 71 -31.15 -18.06 -35.20
C CYS D 71 -31.91 -18.12 -33.87
N TRP D 72 -32.84 -17.18 -33.67
CA TRP D 72 -33.52 -17.04 -32.39
C TRP D 72 -34.78 -17.89 -32.29
N CYS D 73 -35.58 -17.96 -33.35
CA CYS D 73 -36.85 -18.67 -33.27
C CYS D 73 -36.68 -20.18 -33.41
N GLY D 74 -35.80 -20.62 -34.31
CA GLY D 74 -35.59 -22.02 -34.58
C GLY D 74 -35.61 -22.28 -36.06
N LYS D 75 -35.57 -23.58 -36.41
CA LYS D 75 -35.70 -24.16 -37.75
C LYS D 75 -34.52 -23.87 -38.69
N TYR D 76 -33.57 -23.05 -38.25
CA TYR D 76 -32.33 -22.80 -38.97
C TYR D 76 -31.19 -23.02 -37.98
N LYS D 77 -30.75 -24.27 -37.85
CA LYS D 77 -29.69 -24.61 -36.90
C LYS D 77 -28.69 -25.55 -37.56
N ARG D 78 -28.35 -25.28 -38.82
CA ARG D 78 -27.40 -26.09 -39.56
C ARG D 78 -26.38 -25.18 -40.24
N VAL D 79 -25.29 -25.80 -40.72
CA VAL D 79 -24.26 -25.07 -41.45
C VAL D 79 -24.59 -24.98 -42.94
N ARG D 80 -25.71 -25.56 -43.38
CA ARG D 80 -26.08 -25.52 -44.79
C ARG D 80 -26.55 -24.12 -45.19
N HIS D 81 -27.31 -23.46 -44.32
CA HIS D 81 -27.82 -22.11 -44.59
C HIS D 81 -26.74 -21.10 -44.20
N ARG D 82 -26.11 -20.49 -45.20
CA ARG D 82 -25.05 -19.51 -44.97
C ARG D 82 -25.38 -18.24 -45.74
N GLY D 83 -25.57 -17.14 -45.02
CA GLY D 83 -25.78 -15.86 -45.63
C GLY D 83 -27.22 -15.48 -45.89
N ILE D 84 -28.18 -16.25 -45.39
CA ILE D 84 -29.59 -15.95 -45.60
C ILE D 84 -30.19 -15.46 -44.28
N VAL D 85 -31.31 -14.77 -44.39
CA VAL D 85 -32.05 -14.23 -43.25
C VAL D 85 -33.37 -14.99 -43.15
N CYS D 86 -33.69 -15.46 -41.95
CA CYS D 86 -34.93 -16.19 -41.73
C CYS D 86 -36.13 -15.27 -41.88
N GLU D 87 -37.09 -15.68 -42.72
CA GLU D 87 -38.26 -14.84 -42.99
C GLU D 87 -39.25 -14.81 -41.84
N ARG D 88 -39.16 -15.76 -40.90
CA ARG D 88 -40.07 -15.81 -39.76
C ARG D 88 -39.58 -14.94 -38.60
N CYS D 89 -38.28 -15.01 -38.28
CA CYS D 89 -37.72 -14.28 -37.16
C CYS D 89 -37.00 -13.01 -37.60
N GLY D 90 -36.00 -13.14 -38.48
CA GLY D 90 -35.27 -12.00 -38.96
C GLY D 90 -33.80 -11.99 -38.60
N VAL D 91 -33.34 -13.07 -37.98
CA VAL D 91 -31.93 -13.19 -37.56
C VAL D 91 -31.14 -13.82 -38.69
N GLU D 92 -30.05 -13.16 -39.08
CA GLU D 92 -29.18 -13.69 -40.13
C GLU D 92 -28.39 -14.88 -39.60
N VAL D 93 -28.42 -15.98 -40.35
CA VAL D 93 -27.73 -17.21 -39.95
C VAL D 93 -26.26 -17.06 -40.35
N THR D 94 -25.42 -16.71 -39.38
CA THR D 94 -23.99 -16.55 -39.61
C THR D 94 -23.26 -16.91 -38.32
N GLU D 95 -21.97 -16.56 -38.26
CA GLU D 95 -21.16 -16.87 -37.08
C GLU D 95 -21.53 -15.97 -35.92
N SER D 96 -21.12 -16.40 -34.72
CA SER D 96 -21.37 -15.65 -33.49
C SER D 96 -20.31 -14.61 -33.21
N ARG D 97 -19.26 -14.53 -34.03
CA ARG D 97 -18.22 -13.51 -33.87
C ARG D 97 -18.59 -12.19 -34.51
N VAL D 98 -19.75 -12.11 -35.17
CA VAL D 98 -20.20 -10.85 -35.77
C VAL D 98 -20.88 -9.94 -34.76
N ARG D 99 -21.18 -10.46 -33.55
CA ARG D 99 -21.86 -9.64 -32.55
C ARG D 99 -20.95 -8.59 -31.95
N ARG D 100 -19.63 -8.81 -31.95
CA ARG D 100 -18.69 -7.86 -31.41
C ARG D 100 -18.21 -6.84 -32.45
N HIS D 101 -18.89 -6.76 -33.59
CA HIS D 101 -18.54 -5.80 -34.62
C HIS D 101 -19.70 -4.91 -35.05
N ARG D 102 -20.94 -5.27 -34.74
CA ARG D 102 -22.11 -4.51 -35.14
C ARG D 102 -22.52 -3.56 -34.04
N MET D 103 -22.92 -2.36 -34.42
CA MET D 103 -23.32 -1.31 -33.49
C MET D 103 -24.74 -0.86 -33.83
N GLY D 104 -25.59 -0.79 -32.80
CA GLY D 104 -26.91 -0.22 -32.96
C GLY D 104 -26.92 1.27 -32.65
N TYR D 105 -28.11 1.86 -32.74
CA TYR D 105 -28.27 3.27 -32.42
C TYR D 105 -29.59 3.48 -31.69
N ILE D 106 -29.66 4.57 -30.94
CA ILE D 106 -30.84 4.96 -30.17
C ILE D 106 -31.30 6.32 -30.67
N LYS D 107 -32.45 6.36 -31.32
CA LYS D 107 -33.00 7.62 -31.80
C LYS D 107 -33.66 8.38 -30.65
N LEU D 108 -33.21 9.60 -30.42
CA LEU D 108 -33.71 10.41 -29.32
C LEU D 108 -34.94 11.22 -29.74
N ALA D 109 -35.68 11.69 -28.74
CA ALA D 109 -36.82 12.56 -28.95
C ALA D 109 -36.49 14.02 -28.68
N ALA D 110 -35.33 14.31 -28.11
CA ALA D 110 -34.87 15.66 -27.83
C ALA D 110 -33.36 15.70 -28.00
N PRO D 111 -32.81 16.80 -28.49
CA PRO D 111 -31.35 16.91 -28.61
C PRO D 111 -30.67 16.99 -27.25
N VAL D 112 -29.44 16.48 -27.20
CA VAL D 112 -28.64 16.42 -25.98
C VAL D 112 -27.23 16.89 -26.33
N THR D 113 -26.73 17.88 -25.60
CA THR D 113 -25.37 18.35 -25.84
C THR D 113 -24.35 17.34 -25.33
N HIS D 114 -23.22 17.28 -26.02
CA HIS D 114 -22.14 16.40 -25.61
C HIS D 114 -21.42 16.99 -24.40
N VAL D 115 -21.10 16.13 -23.43
CA VAL D 115 -20.52 16.62 -22.19
C VAL D 115 -19.02 16.92 -22.34
N TRP D 116 -18.37 16.40 -23.39
CA TRP D 116 -16.96 16.69 -23.60
C TRP D 116 -16.75 18.08 -24.19
N TYR D 117 -17.74 18.60 -24.93
CA TYR D 117 -17.61 19.91 -25.55
C TYR D 117 -18.15 21.04 -24.68
N LEU D 118 -18.99 20.72 -23.69
CA LEU D 118 -19.59 21.71 -22.81
C LEU D 118 -18.80 21.89 -21.52
N LYS D 119 -18.62 20.81 -20.77
CA LYS D 119 -17.91 20.85 -19.50
C LYS D 119 -16.40 20.68 -19.65
N GLY D 120 -15.90 20.53 -20.87
CA GLY D 120 -14.48 20.36 -21.10
C GLY D 120 -13.71 21.65 -20.95
N ILE D 121 -12.40 21.54 -21.19
CA ILE D 121 -11.48 22.66 -21.13
C ILE D 121 -10.92 22.87 -22.54
N PRO D 122 -11.05 24.06 -23.14
CA PRO D 122 -11.67 25.25 -22.56
C PRO D 122 -13.10 25.51 -23.01
N SER D 123 -13.95 24.48 -23.00
CA SER D 123 -15.38 24.56 -23.27
C SER D 123 -15.65 25.13 -24.67
N TYR D 124 -15.30 24.31 -25.68
CA TYR D 124 -15.40 24.69 -27.08
C TYR D 124 -16.83 24.99 -27.52
N LEU D 125 -17.85 24.50 -26.81
CA LEU D 125 -19.23 24.86 -27.15
C LEU D 125 -19.52 26.31 -26.80
N SER D 126 -18.96 26.80 -25.69
CA SER D 126 -19.18 28.18 -25.28
C SER D 126 -18.30 29.17 -26.03
N ILE D 127 -17.24 28.69 -26.69
CA ILE D 127 -16.37 29.58 -27.45
C ILE D 127 -17.04 29.99 -28.76
N LEU D 128 -17.68 29.05 -29.45
CA LEU D 128 -18.33 29.34 -30.72
C LEU D 128 -19.57 30.20 -30.56
N LEU D 129 -20.26 30.09 -29.42
CA LEU D 129 -21.49 30.83 -29.20
C LEU D 129 -21.27 32.23 -28.68
N ASP D 130 -20.01 32.59 -28.36
CA ASP D 130 -19.62 33.87 -27.76
C ASP D 130 -20.38 34.11 -26.45
N MET D 131 -20.40 33.09 -25.61
CA MET D 131 -21.05 33.16 -24.31
C MET D 131 -20.07 32.79 -23.21
N ALA D 132 -20.58 32.65 -21.99
CA ALA D 132 -19.75 32.25 -20.85
C ALA D 132 -19.97 30.77 -20.54
N LEU D 133 -19.20 30.27 -19.57
CA LEU D 133 -19.37 28.88 -19.16
C LEU D 133 -20.65 28.69 -18.36
N ARG D 134 -20.95 29.62 -17.46
CA ARG D 134 -22.20 29.54 -16.71
C ARG D 134 -23.41 29.95 -17.52
N ASP D 135 -23.21 30.67 -18.63
CA ASP D 135 -24.35 31.12 -19.43
C ASP D 135 -24.94 29.98 -20.25
N VAL D 136 -24.09 29.14 -20.85
CA VAL D 136 -24.58 28.00 -21.61
C VAL D 136 -25.08 26.92 -20.66
N GLU D 137 -24.47 26.81 -19.47
CA GLU D 137 -24.90 25.83 -18.47
C GLU D 137 -26.22 26.18 -17.82
N GLN D 138 -26.74 27.39 -18.01
CA GLN D 138 -28.08 27.74 -17.55
C GLN D 138 -29.15 27.47 -18.60
N ILE D 139 -28.80 27.58 -19.88
CA ILE D 139 -29.74 27.22 -20.94
C ILE D 139 -29.92 25.70 -20.99
N VAL D 140 -28.82 24.96 -21.09
CA VAL D 140 -28.84 23.51 -20.91
C VAL D 140 -29.17 23.21 -19.46
N TYR D 141 -29.87 22.09 -19.24
CA TYR D 141 -30.46 21.61 -17.98
C TYR D 141 -31.59 22.51 -17.47
N PHE D 142 -32.10 23.42 -18.32
CA PHE D 142 -33.38 24.10 -18.16
C PHE D 142 -33.44 24.96 -16.88
N ASN D 143 -32.54 25.95 -16.83
CA ASN D 143 -32.52 26.91 -15.74
C ASN D 143 -32.75 28.35 -16.17
N ALA D 144 -32.60 28.66 -17.46
CA ALA D 144 -32.82 30.02 -17.94
C ALA D 144 -33.21 29.97 -19.42
N TYR D 145 -33.82 31.05 -19.88
CA TYR D 145 -34.23 31.19 -21.27
C TYR D 145 -33.24 32.09 -22.02
N VAL D 146 -33.07 31.82 -23.31
CA VAL D 146 -32.19 32.59 -24.17
C VAL D 146 -33.01 33.20 -25.29
N VAL D 147 -32.76 34.47 -25.59
CA VAL D 147 -33.47 35.17 -26.64
C VAL D 147 -32.91 34.75 -27.99
N LEU D 148 -33.79 34.28 -28.88
CA LEU D 148 -33.38 33.88 -30.22
C LEU D 148 -33.79 34.87 -31.29
N ASN D 149 -34.73 35.77 -31.00
CA ASN D 149 -35.15 36.78 -31.97
C ASN D 149 -35.55 38.04 -31.21
N PRO D 150 -34.59 38.94 -30.95
CA PRO D 150 -34.91 40.17 -30.23
C PRO D 150 -35.34 41.31 -31.15
N GLY D 151 -35.67 40.99 -32.39
CA GLY D 151 -36.02 42.02 -33.34
C GLY D 151 -37.36 42.65 -33.07
N ASN D 152 -37.46 43.95 -33.41
CA ASN D 152 -38.65 44.79 -33.21
C ASN D 152 -39.09 44.82 -31.75
N ALA D 153 -38.11 44.91 -30.84
CA ALA D 153 -38.36 44.98 -29.42
C ALA D 153 -37.80 46.28 -28.86
N SER D 154 -38.31 46.67 -27.69
CA SER D 154 -37.87 47.91 -27.05
C SER D 154 -36.49 47.76 -26.43
N ASN D 155 -36.36 46.85 -25.47
CA ASN D 155 -35.09 46.61 -24.78
C ASN D 155 -34.85 45.11 -24.71
N LEU D 156 -34.23 44.57 -25.76
CA LEU D 156 -33.88 43.15 -25.82
C LEU D 156 -32.62 42.99 -26.64
N GLN D 157 -31.78 42.05 -26.23
CA GLN D 157 -30.51 41.79 -26.90
C GLN D 157 -30.44 40.34 -27.34
N TYR D 158 -29.58 40.08 -28.33
CA TYR D 158 -29.38 38.73 -28.82
C TYR D 158 -28.54 37.92 -27.84
N LYS D 159 -28.96 36.66 -27.64
CA LYS D 159 -28.32 35.71 -26.71
C LYS D 159 -28.27 36.26 -25.28
N GLN D 160 -29.39 36.80 -24.83
CA GLN D 160 -29.51 37.36 -23.49
C GLN D 160 -30.26 36.38 -22.59
N LEU D 161 -29.67 36.09 -21.43
CA LEU D 161 -30.29 35.16 -20.50
C LEU D 161 -31.48 35.80 -19.80
N LEU D 162 -32.56 35.03 -19.69
CA LEU D 162 -33.76 35.47 -19.00
C LEU D 162 -34.13 34.45 -17.92
N THR D 163 -34.55 34.96 -16.76
CA THR D 163 -34.94 34.09 -15.67
C THR D 163 -36.38 33.60 -15.88
N GLU D 164 -36.87 32.81 -14.91
CA GLU D 164 -38.22 32.29 -15.01
C GLU D 164 -39.25 33.38 -14.72
N ASP D 165 -38.93 34.29 -13.80
CA ASP D 165 -39.84 35.39 -13.48
C ASP D 165 -39.78 36.52 -14.50
N GLN D 166 -38.73 36.57 -15.32
CA GLN D 166 -38.58 37.62 -16.31
C GLN D 166 -39.29 37.31 -17.62
N TRP D 167 -39.43 36.03 -17.97
CA TRP D 167 -40.09 35.66 -19.21
C TRP D 167 -41.60 35.78 -19.11
N VAL D 168 -42.17 35.58 -17.92
CA VAL D 168 -43.62 35.70 -17.75
C VAL D 168 -44.07 37.16 -17.76
N GLU D 169 -43.15 38.11 -17.61
CA GLU D 169 -43.52 39.52 -17.76
C GLU D 169 -43.62 39.92 -19.23
N ILE D 170 -42.78 39.33 -20.09
CA ILE D 170 -42.87 39.59 -21.52
C ILE D 170 -44.06 38.87 -22.14
N GLU D 171 -44.52 37.78 -21.52
CA GLU D 171 -45.71 37.09 -22.02
C GLU D 171 -46.97 37.92 -21.82
N ASP D 172 -47.00 38.78 -20.81
CA ASP D 172 -48.12 39.70 -20.64
C ASP D 172 -48.08 40.83 -21.64
N GLN D 173 -46.88 41.19 -22.11
CA GLN D 173 -46.71 42.24 -23.10
C GLN D 173 -46.68 41.71 -24.54
N ILE D 174 -46.96 40.42 -24.72
CA ILE D 174 -46.99 39.72 -26.01
C ILE D 174 -45.67 39.86 -26.79
N GLU D 180 -42.39 43.36 -26.83
CA GLU D 180 -43.09 44.34 -27.66
C GLU D 180 -44.23 43.67 -28.43
N LEU D 181 -44.84 44.43 -29.35
CA LEU D 181 -45.96 43.93 -30.14
C LEU D 181 -45.46 43.37 -31.48
N GLU D 182 -44.63 42.35 -31.37
CA GLU D 182 -44.05 41.70 -32.55
C GLU D 182 -43.74 40.26 -32.21
N GLY D 183 -42.97 39.59 -33.08
CA GLY D 183 -42.61 38.21 -32.87
C GLY D 183 -41.29 38.03 -32.15
N ILE D 184 -41.35 37.74 -30.86
CA ILE D 184 -40.16 37.51 -30.04
C ILE D 184 -40.08 36.01 -29.76
N GLU D 185 -38.99 35.39 -30.20
CA GLU D 185 -38.78 33.96 -30.06
C GLU D 185 -37.69 33.71 -29.02
N VAL D 186 -38.01 32.87 -28.02
CA VAL D 186 -37.04 32.46 -27.03
C VAL D 186 -36.87 30.96 -27.09
N GLY D 187 -35.98 30.41 -26.27
CA GLY D 187 -35.74 28.98 -26.27
C GLY D 187 -35.10 28.55 -24.97
N ILE D 188 -35.19 27.25 -24.71
CA ILE D 188 -34.65 26.65 -23.50
C ILE D 188 -34.16 25.25 -23.84
N GLY D 189 -33.16 24.79 -23.08
CA GLY D 189 -32.61 23.47 -23.29
C GLY D 189 -31.67 23.41 -24.47
N ALA D 190 -31.40 22.17 -24.91
CA ALA D 190 -30.53 21.93 -26.04
C ALA D 190 -31.20 22.18 -27.39
N GLU D 191 -32.52 22.35 -27.40
CA GLU D 191 -33.20 22.70 -28.65
C GLU D 191 -32.89 24.14 -29.06
N ALA D 192 -32.57 25.00 -28.09
CA ALA D 192 -32.18 26.36 -28.39
C ALA D 192 -30.69 26.49 -28.69
N VAL D 193 -29.86 25.61 -28.12
CA VAL D 193 -28.43 25.64 -28.41
C VAL D 193 -28.17 25.08 -29.81
N GLN D 194 -28.93 24.06 -30.21
CA GLN D 194 -28.81 23.52 -31.56
C GLN D 194 -29.35 24.49 -32.59
N ARG D 195 -30.37 25.27 -32.24
CA ARG D 195 -30.86 26.31 -33.14
C ARG D 195 -29.89 27.49 -33.21
N LEU D 196 -29.17 27.77 -32.12
CA LEU D 196 -28.22 28.85 -32.11
C LEU D 196 -26.95 28.49 -32.87
N LEU D 197 -26.64 27.20 -32.98
CA LEU D 197 -25.49 26.74 -33.75
C LEU D 197 -25.82 26.52 -35.22
N ALA D 198 -27.08 26.24 -35.54
CA ALA D 198 -27.45 25.99 -36.93
C ALA D 198 -27.57 27.30 -37.72
N GLU D 199 -27.93 28.39 -37.06
CA GLU D 199 -28.04 29.68 -37.70
C GLU D 199 -26.75 30.50 -37.61
N LEU D 200 -25.61 29.84 -37.41
CA LEU D 200 -24.34 30.52 -37.31
C LEU D 200 -23.83 30.87 -38.72
N GLN D 201 -22.73 31.61 -38.75
CA GLN D 201 -22.17 32.21 -39.96
C GLN D 201 -20.67 31.96 -40.05
N LEU D 202 -20.29 30.68 -39.94
CA LEU D 202 -18.88 30.27 -39.82
C LEU D 202 -18.02 30.72 -41.01
N GLU D 203 -18.62 30.89 -42.18
CA GLU D 203 -17.87 31.48 -43.29
C GLU D 203 -17.73 32.99 -43.14
N GLU D 204 -18.73 33.65 -42.56
CA GLU D 204 -18.74 35.11 -42.48
C GLU D 204 -18.20 35.64 -41.14
N VAL D 205 -18.23 34.85 -40.08
CA VAL D 205 -17.73 35.32 -38.78
C VAL D 205 -16.22 35.28 -38.71
N ALA D 206 -15.57 34.56 -39.64
CA ALA D 206 -14.11 34.49 -39.63
C ALA D 206 -13.48 35.81 -40.05
N GLU D 207 -14.07 36.49 -41.02
CA GLU D 207 -13.57 37.80 -41.43
C GLU D 207 -14.05 38.91 -40.50
N LYS D 208 -15.05 38.66 -39.66
CA LYS D 208 -15.48 39.66 -38.69
C LYS D 208 -14.51 39.73 -37.51
N LEU D 209 -13.93 38.61 -37.12
CA LEU D 209 -12.97 38.61 -36.02
C LEU D 209 -11.60 39.10 -36.45
N ARG D 210 -11.26 38.98 -37.73
CA ARG D 210 -9.94 39.39 -38.20
C ARG D 210 -9.80 40.90 -38.25
N GLU D 211 -10.88 41.63 -38.51
CA GLU D 211 -10.84 43.08 -38.47
C GLU D 211 -10.93 43.64 -37.05
N GLU D 212 -11.33 42.82 -36.08
CA GLU D 212 -11.39 43.23 -34.68
C GLU D 212 -10.08 42.99 -33.95
N ILE D 213 -9.17 42.19 -34.52
CA ILE D 213 -7.88 41.95 -33.88
C ILE D 213 -6.93 43.11 -34.15
N LEU D 214 -6.86 43.59 -35.39
CA LEU D 214 -5.94 44.66 -35.74
C LEU D 214 -6.37 46.00 -35.18
N ALA D 215 -7.67 46.25 -35.14
CA ALA D 215 -8.21 47.51 -34.64
C ALA D 215 -8.78 47.30 -33.24
N SER D 216 -8.26 48.06 -32.27
CA SER D 216 -8.68 48.05 -30.85
C SER D 216 -8.53 46.66 -30.25
N LYS D 217 -7.27 46.20 -30.17
CA LYS D 217 -7.00 44.87 -29.63
C LYS D 217 -7.12 44.84 -28.12
N GLY D 218 -6.26 45.60 -27.43
CA GLY D 218 -6.29 45.64 -25.98
C GLY D 218 -5.80 44.35 -25.35
N GLN D 219 -6.29 44.10 -24.13
CA GLN D 219 -5.97 42.87 -23.43
C GLN D 219 -6.76 41.68 -23.95
N LYS D 220 -7.91 41.91 -24.57
CA LYS D 220 -8.78 40.85 -25.08
C LYS D 220 -8.45 40.46 -26.51
N ARG D 221 -7.21 40.68 -26.95
CA ARG D 221 -6.79 40.22 -28.28
C ARG D 221 -6.65 38.71 -28.31
N ALA D 222 -6.24 38.10 -27.19
CA ALA D 222 -6.09 36.65 -27.13
C ALA D 222 -7.42 35.93 -27.07
N LYS D 223 -8.50 36.62 -26.67
CA LYS D 223 -9.81 35.98 -26.65
C LYS D 223 -10.36 35.81 -28.07
N LEU D 224 -10.18 36.82 -28.92
CA LEU D 224 -10.58 36.70 -30.32
C LEU D 224 -9.64 35.81 -31.11
N ILE D 225 -8.39 35.67 -30.68
CA ILE D 225 -7.46 34.76 -31.32
C ILE D 225 -7.85 33.32 -31.03
N LYS D 226 -8.19 33.02 -29.77
CA LYS D 226 -8.58 31.67 -29.39
C LYS D 226 -9.94 31.29 -30.00
N ARG D 227 -10.82 32.26 -30.20
CA ARG D 227 -12.09 31.96 -30.87
C ARG D 227 -11.90 31.72 -32.36
N LEU D 228 -10.91 32.39 -32.97
CA LEU D 228 -10.65 32.21 -34.39
C LEU D 228 -10.03 30.85 -34.70
N ARG D 229 -9.36 30.22 -33.73
CA ARG D 229 -8.78 28.90 -33.97
C ARG D 229 -9.84 27.82 -34.02
N VAL D 230 -10.96 28.01 -33.32
CA VAL D 230 -12.03 27.02 -33.33
C VAL D 230 -12.88 27.14 -34.59
N ILE D 231 -13.10 28.38 -35.06
CA ILE D 231 -13.88 28.60 -36.26
C ILE D 231 -13.12 28.13 -37.50
N ASP D 232 -11.80 28.35 -37.53
CA ASP D 232 -10.99 27.94 -38.67
C ASP D 232 -10.86 26.43 -38.79
N ASN D 233 -11.05 25.68 -37.70
CA ASN D 233 -11.02 24.23 -37.76
C ASN D 233 -12.29 23.64 -38.36
N PHE D 234 -13.42 24.36 -38.27
CA PHE D 234 -14.67 23.85 -38.82
C PHE D 234 -14.80 24.08 -40.32
N ILE D 235 -13.99 24.97 -40.89
CA ILE D 235 -14.01 25.19 -42.33
C ILE D 235 -13.02 24.27 -43.05
N ALA D 236 -11.89 23.97 -42.43
CA ALA D 236 -10.90 23.10 -43.06
C ALA D 236 -11.34 21.64 -43.04
N THR D 237 -12.02 21.22 -41.98
CA THR D 237 -12.49 19.85 -41.85
C THR D 237 -13.86 19.62 -42.47
N HIS D 238 -14.48 20.70 -43.00
CA HIS D 238 -15.81 20.67 -43.63
C HIS D 238 -16.88 20.10 -42.70
N SER D 239 -16.81 20.49 -41.43
CA SER D 239 -17.76 20.05 -40.42
C SER D 239 -18.79 21.15 -40.15
N GLN D 240 -19.79 20.81 -39.34
CA GLN D 240 -20.84 21.74 -38.97
C GLN D 240 -20.84 21.95 -37.47
N ALA D 241 -21.21 23.16 -37.06
CA ALA D 241 -21.21 23.52 -35.65
C ALA D 241 -22.36 22.89 -34.89
N GLU D 242 -23.41 22.46 -35.59
CA GLU D 242 -24.56 21.81 -34.95
C GLU D 242 -24.34 20.34 -34.67
N TRP D 243 -23.19 19.78 -35.07
CA TRP D 243 -22.89 18.38 -34.82
C TRP D 243 -22.38 18.12 -33.41
N MET D 244 -22.14 19.18 -32.62
CA MET D 244 -21.70 19.00 -31.24
C MET D 244 -22.84 18.54 -30.35
N THR D 245 -24.08 18.79 -30.73
CA THR D 245 -25.24 18.23 -30.03
C THR D 245 -25.58 16.87 -30.61
N LEU D 246 -26.02 15.96 -29.73
CA LEU D 246 -26.30 14.59 -30.10
C LEU D 246 -27.79 14.40 -30.35
N ASP D 247 -28.13 13.87 -31.53
CA ASP D 247 -29.48 13.43 -31.83
C ASP D 247 -29.60 11.92 -31.91
N VAL D 248 -28.52 11.23 -32.28
CA VAL D 248 -28.49 9.77 -32.40
C VAL D 248 -27.33 9.27 -31.55
N ILE D 249 -27.62 8.36 -30.63
CA ILE D 249 -26.64 7.84 -29.68
C ILE D 249 -26.16 6.48 -30.18
N PRO D 250 -24.86 6.27 -30.37
CA PRO D 250 -24.36 4.95 -30.76
C PRO D 250 -24.31 3.98 -29.60
N VAL D 251 -24.41 2.70 -29.93
CA VAL D 251 -24.45 1.61 -28.95
C VAL D 251 -23.24 0.71 -29.18
N ILE D 252 -22.55 0.36 -28.09
CA ILE D 252 -21.40 -0.54 -28.10
C ILE D 252 -21.90 -1.94 -28.44
N PRO D 253 -21.08 -2.78 -29.07
CA PRO D 253 -21.47 -4.17 -29.29
C PRO D 253 -21.64 -4.90 -27.97
N PRO D 254 -22.50 -5.95 -27.94
CA PRO D 254 -22.83 -6.57 -26.65
C PRO D 254 -21.73 -7.43 -26.05
N ASP D 255 -20.74 -7.87 -26.82
CA ASP D 255 -19.64 -8.62 -26.23
C ASP D 255 -18.68 -7.73 -25.46
N LEU D 256 -18.69 -6.43 -25.73
CA LEU D 256 -17.92 -5.48 -24.94
C LEU D 256 -18.64 -5.05 -23.67
N ARG D 257 -19.90 -5.46 -23.51
CA ARG D 257 -20.62 -5.35 -22.23
C ARG D 257 -21.18 -6.73 -21.91
N PRO D 258 -20.34 -7.66 -21.47
CA PRO D 258 -20.77 -9.05 -21.36
C PRO D 258 -21.66 -9.30 -20.15
N MET D 259 -22.57 -10.25 -20.32
CA MET D 259 -23.51 -10.66 -19.27
C MET D 259 -23.40 -12.17 -19.12
N VAL D 260 -22.61 -12.61 -18.15
CA VAL D 260 -22.42 -14.03 -17.89
C VAL D 260 -23.09 -14.39 -16.58
N GLN D 261 -23.28 -15.69 -16.38
CA GLN D 261 -23.91 -16.22 -15.18
C GLN D 261 -22.86 -16.96 -14.35
N LEU D 262 -22.89 -16.73 -13.03
CA LEU D 262 -21.94 -17.36 -12.13
C LEU D 262 -22.41 -18.77 -11.78
N ASP D 263 -21.68 -19.42 -10.87
CA ASP D 263 -22.01 -20.78 -10.48
C ASP D 263 -23.23 -20.82 -9.56
N GLY D 264 -23.43 -19.78 -8.74
CA GLY D 264 -24.56 -19.74 -7.84
C GLY D 264 -25.88 -19.37 -8.48
N GLY D 265 -25.87 -19.00 -9.74
CA GLY D 265 -27.07 -18.61 -10.46
C GLY D 265 -27.20 -17.12 -10.69
N ARG D 266 -26.43 -16.30 -10.00
CA ARG D 266 -26.47 -14.86 -10.20
C ARG D 266 -25.78 -14.47 -11.50
N PHE D 267 -26.21 -13.35 -12.08
CA PHE D 267 -25.66 -12.84 -13.32
C PHE D 267 -24.62 -11.77 -13.03
N ALA D 268 -23.54 -11.77 -13.81
CA ALA D 268 -22.47 -10.79 -13.68
C ALA D 268 -22.62 -9.78 -14.81
N THR D 269 -23.39 -8.72 -14.54
CA THR D 269 -23.63 -7.68 -15.52
C THR D 269 -22.55 -6.60 -15.41
N SER D 270 -22.55 -5.69 -16.38
CA SER D 270 -21.62 -4.58 -16.42
C SER D 270 -22.34 -3.28 -16.09
N ASP D 271 -21.55 -2.23 -15.85
CA ASP D 271 -22.12 -0.92 -15.55
C ASP D 271 -22.59 -0.19 -16.80
N LEU D 272 -22.21 -0.66 -17.99
CA LEU D 272 -22.69 -0.04 -19.22
C LEU D 272 -24.14 -0.42 -19.50
N ASN D 273 -24.59 -1.57 -19.02
CA ASN D 273 -25.98 -1.98 -19.22
C ASN D 273 -26.93 -1.18 -18.34
N ASP D 274 -26.48 -0.76 -17.16
CA ASP D 274 -27.30 0.07 -16.30
C ASP D 274 -27.36 1.51 -16.77
N LEU D 275 -26.33 1.97 -17.48
CA LEU D 275 -26.33 3.33 -18.01
C LEU D 275 -27.04 3.41 -19.36
N TYR D 276 -27.02 2.32 -20.14
CA TYR D 276 -27.82 2.26 -21.36
C TYR D 276 -29.30 2.18 -21.06
N ARG D 277 -29.69 1.50 -19.97
CA ARG D 277 -31.10 1.36 -19.65
C ARG D 277 -31.70 2.64 -19.12
N ARG D 278 -30.88 3.51 -18.51
CA ARG D 278 -31.38 4.79 -18.03
C ARG D 278 -31.68 5.76 -19.17
N VAL D 279 -31.05 5.58 -20.32
CA VAL D 279 -31.31 6.46 -21.46
C VAL D 279 -32.63 6.10 -22.12
N ILE D 280 -32.85 4.80 -22.36
CA ILE D 280 -34.04 4.35 -23.07
C ILE D 280 -35.29 4.48 -22.20
N ASN D 281 -35.15 4.32 -20.88
CA ASN D 281 -36.30 4.46 -19.99
C ASN D 281 -36.75 5.91 -19.88
N ARG D 282 -35.80 6.86 -19.97
CA ARG D 282 -36.14 8.28 -19.97
C ARG D 282 -36.46 8.81 -21.36
N ASN D 283 -36.11 8.07 -22.42
CA ASN D 283 -36.50 8.46 -23.77
C ASN D 283 -37.90 7.96 -24.11
N ASN D 284 -38.27 6.78 -23.61
CA ASN D 284 -39.63 6.29 -23.83
C ASN D 284 -40.65 7.04 -22.99
N ARG D 285 -40.22 7.58 -21.84
CA ARG D 285 -41.12 8.42 -21.05
C ARG D 285 -41.33 9.78 -21.69
N LEU D 286 -40.30 10.30 -22.38
CA LEU D 286 -40.44 11.59 -23.04
C LEU D 286 -41.34 11.50 -24.27
N ALA D 287 -41.29 10.37 -24.98
CA ALA D 287 -42.22 10.15 -26.08
C ALA D 287 -43.63 9.87 -25.59
N ARG D 288 -43.78 9.38 -24.36
CA ARG D 288 -45.11 9.16 -23.79
C ARG D 288 -45.73 10.48 -23.33
N LEU D 289 -44.93 11.37 -22.74
CA LEU D 289 -45.45 12.65 -22.28
C LEU D 289 -45.76 13.60 -23.43
N GLN D 290 -45.01 13.51 -24.52
CA GLN D 290 -45.26 14.36 -25.68
C GLN D 290 -46.45 13.90 -26.51
N GLU D 291 -46.96 12.69 -26.27
CA GLU D 291 -48.10 12.17 -27.01
C GLU D 291 -49.43 12.49 -26.34
N ILE D 292 -49.46 12.46 -25.00
CA ILE D 292 -50.70 12.65 -24.26
C ILE D 292 -50.90 14.11 -23.85
N LEU D 293 -50.06 15.02 -24.36
CA LEU D 293 -50.08 16.46 -24.10
C LEU D 293 -49.95 16.74 -22.59
N ALA D 294 -48.78 16.38 -22.08
CA ALA D 294 -48.46 16.52 -20.67
C ALA D 294 -48.31 17.99 -20.30
N PRO D 295 -48.44 18.33 -19.01
CA PRO D 295 -48.06 19.68 -18.56
C PRO D 295 -46.60 19.97 -18.80
N GLU D 296 -46.31 21.24 -19.10
CA GLU D 296 -44.96 21.63 -19.53
C GLU D 296 -43.94 21.59 -18.41
N ILE D 297 -44.38 21.55 -17.15
CA ILE D 297 -43.44 21.39 -16.04
C ILE D 297 -42.95 19.96 -15.89
N ILE D 298 -43.60 19.01 -16.55
CA ILE D 298 -43.21 17.60 -16.49
C ILE D 298 -42.35 17.26 -17.69
N VAL D 299 -42.65 17.89 -18.84
CA VAL D 299 -41.85 17.69 -20.03
C VAL D 299 -40.49 18.38 -19.89
N ARG D 300 -40.46 19.53 -19.21
CA ARG D 300 -39.19 20.21 -18.96
C ARG D 300 -38.33 19.43 -17.98
N ASN D 301 -38.96 18.78 -17.00
CA ASN D 301 -38.21 17.96 -16.05
C ASN D 301 -37.77 16.64 -16.67
N GLU D 302 -38.52 16.14 -17.66
CA GLU D 302 -38.14 14.90 -18.31
C GLU D 302 -36.96 15.09 -19.26
N LYS D 303 -36.91 16.23 -19.95
CA LYS D 303 -35.79 16.53 -20.83
C LYS D 303 -34.52 16.86 -20.05
N ARG D 304 -34.65 17.34 -18.82
CA ARG D 304 -33.47 17.60 -18.00
C ARG D 304 -32.83 16.29 -17.53
N MET D 305 -33.65 15.30 -17.20
CA MET D 305 -33.12 13.99 -16.81
C MET D 305 -32.59 13.21 -17.99
N LEU D 306 -33.11 13.47 -19.20
CA LEU D 306 -32.52 12.88 -20.39
C LEU D 306 -31.16 13.50 -20.70
N GLN D 307 -30.98 14.77 -20.39
CA GLN D 307 -29.68 15.42 -20.55
C GLN D 307 -28.68 14.87 -19.54
N GLU D 308 -29.14 14.55 -18.33
CA GLU D 308 -28.26 14.02 -17.30
C GLU D 308 -27.97 12.54 -17.47
N ALA D 309 -28.82 11.81 -18.19
CA ALA D 309 -28.60 10.38 -18.39
C ALA D 309 -27.52 10.12 -19.43
N VAL D 310 -27.47 10.93 -20.48
CA VAL D 310 -26.45 10.76 -21.52
C VAL D 310 -25.11 11.27 -21.03
N ASP D 311 -25.11 12.38 -20.26
CA ASP D 311 -23.87 12.92 -19.75
C ASP D 311 -23.24 12.02 -18.69
N ALA D 312 -24.06 11.32 -17.91
CA ALA D 312 -23.52 10.33 -16.98
C ALA D 312 -23.08 9.06 -17.71
N LEU D 313 -23.65 8.80 -18.88
CA LEU D 313 -23.22 7.65 -19.67
C LEU D 313 -21.87 7.92 -20.33
N ILE D 314 -21.64 9.14 -20.80
CA ILE D 314 -20.38 9.46 -21.45
C ILE D 314 -19.27 9.65 -20.43
N ASP D 315 -19.43 10.61 -19.53
CA ASP D 315 -18.45 10.90 -18.48
C ASP D 315 -19.18 11.03 -17.15
N ASN D 316 -19.20 9.96 -16.37
CA ASN D 316 -19.92 9.94 -15.10
C ASN D 316 -19.18 10.78 -14.07
N GLY D 317 -19.86 11.81 -13.55
CA GLY D 317 -19.26 12.69 -12.58
C GLY D 317 -18.52 13.88 -13.14
N ARG D 318 -18.75 14.22 -14.42
CA ARG D 318 -18.05 15.35 -15.02
C ARG D 318 -18.72 16.67 -14.65
N ARG D 319 -20.03 16.79 -14.88
CA ARG D 319 -20.77 18.00 -14.59
C ARG D 319 -21.54 17.90 -13.28
N GLY D 320 -22.43 16.91 -13.17
CA GLY D 320 -23.27 16.75 -12.01
C GLY D 320 -22.69 15.78 -11.00
N ARG D 321 -23.59 15.18 -10.22
CA ARG D 321 -23.19 14.21 -9.22
C ARG D 321 -23.01 12.83 -9.85
N THR D 322 -22.13 12.04 -9.26
CA THR D 322 -21.82 10.70 -9.76
C THR D 322 -22.94 9.75 -9.37
N VAL D 323 -23.53 9.07 -10.35
CA VAL D 323 -24.60 8.12 -10.09
C VAL D 323 -24.00 6.79 -9.64
N VAL D 324 -24.75 6.07 -8.82
CA VAL D 324 -24.33 4.78 -8.28
C VAL D 324 -25.36 3.72 -8.65
N GLY D 325 -25.05 2.47 -8.32
CA GLY D 325 -25.97 1.37 -8.55
C GLY D 325 -26.38 0.70 -7.25
N ALA D 326 -26.24 -0.62 -7.19
CA ALA D 326 -26.53 -1.34 -5.95
C ALA D 326 -25.43 -1.09 -4.92
N ASN D 327 -24.19 -1.37 -5.28
CA ASN D 327 -23.06 -1.01 -4.44
C ASN D 327 -22.83 0.49 -4.52
N ASN D 328 -22.24 1.05 -3.45
CA ASN D 328 -22.07 2.50 -3.37
C ASN D 328 -20.81 3.00 -4.10
N ARG D 329 -20.24 2.22 -5.00
CA ARG D 329 -19.13 2.68 -5.81
C ARG D 329 -19.62 3.46 -7.03
N ALA D 330 -18.69 4.07 -7.74
CA ALA D 330 -19.02 4.84 -8.92
C ALA D 330 -19.21 3.92 -10.12
N LEU D 331 -20.20 4.24 -10.95
CA LEU D 331 -20.45 3.44 -12.15
C LEU D 331 -19.39 3.73 -13.22
N LYS D 332 -19.10 2.70 -14.01
CA LYS D 332 -18.09 2.81 -15.06
C LYS D 332 -18.76 3.32 -16.33
N SER D 333 -18.41 4.53 -16.74
CA SER D 333 -18.98 5.15 -17.92
C SER D 333 -18.13 4.81 -19.15
N LEU D 334 -18.42 5.46 -20.28
CA LEU D 334 -17.68 5.19 -21.50
C LEU D 334 -16.29 5.81 -21.49
N SER D 335 -16.12 6.94 -20.80
CA SER D 335 -14.83 7.61 -20.76
C SER D 335 -13.93 7.11 -19.63
N ASP D 336 -14.49 6.48 -18.61
CA ASP D 336 -13.72 6.02 -17.46
C ASP D 336 -13.02 4.68 -17.69
N ILE D 337 -13.04 4.15 -18.91
CA ILE D 337 -12.37 2.91 -19.23
C ILE D 337 -11.15 3.13 -20.11
N ILE D 338 -10.80 4.38 -20.40
CA ILE D 338 -9.65 4.68 -21.24
C ILE D 338 -8.68 5.67 -20.62
N GLU D 339 -9.08 6.48 -19.64
CA GLU D 339 -8.22 7.55 -19.15
C GLU D 339 -7.40 7.17 -17.92
N GLY D 340 -7.88 6.25 -17.09
CA GLY D 340 -7.22 5.95 -15.84
C GLY D 340 -6.01 5.06 -16.01
N LYS D 341 -5.40 4.73 -14.87
CA LYS D 341 -4.28 3.78 -14.86
C LYS D 341 -4.76 2.37 -15.16
N GLN D 342 -6.00 2.04 -14.78
CA GLN D 342 -6.60 0.76 -15.08
C GLN D 342 -7.44 0.78 -16.36
N GLY D 343 -7.17 1.73 -17.25
CA GLY D 343 -7.92 1.86 -18.47
C GLY D 343 -7.46 0.90 -19.55
N ARG D 344 -8.02 1.09 -20.75
CA ARG D 344 -7.69 0.23 -21.87
C ARG D 344 -6.31 0.54 -22.46
N PHE D 345 -5.79 1.73 -22.23
CA PHE D 345 -4.50 2.11 -22.80
C PHE D 345 -3.34 1.55 -21.99
N ARG D 346 -3.37 1.73 -20.67
CA ARG D 346 -2.24 1.40 -19.83
C ARG D 346 -2.28 -0.02 -19.27
N GLN D 347 -3.36 -0.77 -19.52
CA GLN D 347 -3.48 -2.12 -18.98
C GLN D 347 -3.79 -3.18 -20.03
N ASN D 348 -4.14 -2.80 -21.26
CA ASN D 348 -4.49 -3.77 -22.28
C ASN D 348 -3.83 -3.52 -23.64
N LEU D 349 -3.25 -2.35 -23.86
CA LEU D 349 -2.60 -2.02 -25.12
C LEU D 349 -1.10 -1.87 -24.98
N LEU D 350 -0.64 -1.02 -24.05
CA LEU D 350 0.80 -0.88 -23.83
C LEU D 350 1.37 -2.06 -23.07
N GLY D 351 0.57 -2.72 -22.23
CA GLY D 351 1.02 -3.88 -21.50
C GLY D 351 0.01 -5.00 -21.51
N LYS D 352 0.45 -6.21 -21.89
CA LYS D 352 -0.43 -7.35 -22.00
C LYS D 352 0.14 -8.52 -21.18
N ARG D 353 -0.73 -9.48 -20.89
CA ARG D 353 -0.32 -10.74 -20.29
C ARG D 353 -0.05 -11.73 -21.41
N VAL D 354 1.15 -12.31 -21.41
CA VAL D 354 1.61 -13.12 -22.53
C VAL D 354 1.46 -14.60 -22.20
N ASP D 355 1.37 -15.41 -23.24
CA ASP D 355 1.40 -16.85 -23.12
C ASP D 355 2.85 -17.34 -23.17
N TYR D 356 3.01 -18.65 -22.88
CA TYR D 356 4.31 -19.33 -22.80
C TYR D 356 5.24 -18.65 -21.81
N SER D 357 4.72 -18.40 -20.61
CA SER D 357 5.43 -17.65 -19.59
C SER D 357 5.32 -18.36 -18.25
N GLY D 358 6.17 -17.95 -17.32
CA GLY D 358 6.18 -18.53 -15.99
C GLY D 358 7.16 -17.78 -15.11
N ARG D 359 7.19 -18.17 -13.84
CA ARG D 359 8.08 -17.54 -12.88
C ARG D 359 8.41 -18.51 -11.75
N SER D 360 9.50 -18.21 -11.05
CA SER D 360 9.97 -18.99 -9.91
C SER D 360 10.94 -18.14 -9.11
N VAL D 361 11.27 -18.63 -7.91
CA VAL D 361 12.32 -18.00 -7.13
C VAL D 361 13.69 -18.35 -7.71
N ILE D 362 14.69 -17.53 -7.38
CA ILE D 362 16.03 -17.69 -7.92
C ILE D 362 16.99 -18.08 -6.80
N VAL D 363 17.94 -18.95 -7.14
CA VAL D 363 19.04 -19.31 -6.27
C VAL D 363 20.33 -19.06 -7.03
N VAL D 364 21.42 -18.90 -6.27
CA VAL D 364 22.72 -18.63 -6.89
C VAL D 364 23.29 -19.94 -7.44
N GLY D 365 23.68 -19.91 -8.71
CA GLY D 365 24.35 -21.04 -9.30
C GLY D 365 25.81 -20.78 -9.57
N PRO D 366 26.69 -21.32 -8.73
CA PRO D 366 28.12 -21.32 -9.06
C PRO D 366 28.47 -22.55 -9.87
N ASN D 367 29.75 -22.67 -10.25
CA ASN D 367 30.27 -23.72 -11.15
C ASN D 367 29.53 -23.75 -12.48
N LEU D 368 29.08 -22.58 -12.95
CA LEU D 368 28.39 -22.45 -14.22
C LEU D 368 29.06 -21.35 -15.05
N LYS D 369 28.44 -20.99 -16.16
CA LYS D 369 28.95 -19.93 -17.02
C LYS D 369 27.94 -18.80 -17.09
N ILE D 370 28.28 -17.79 -17.89
CA ILE D 370 27.36 -16.71 -18.24
C ILE D 370 26.51 -17.29 -19.39
N TYR D 371 25.44 -16.58 -19.77
CA TYR D 371 24.43 -16.97 -20.79
C TYR D 371 23.86 -18.37 -20.53
N GLN D 372 23.82 -18.77 -19.27
CA GLN D 372 23.28 -20.08 -18.87
C GLN D 372 22.50 -19.92 -17.58
N CYS D 373 21.30 -20.48 -17.54
CA CYS D 373 20.44 -20.41 -16.38
C CYS D 373 19.93 -21.80 -16.04
N GLY D 374 19.62 -22.01 -14.76
CA GLY D 374 19.05 -23.26 -14.31
C GLY D 374 17.54 -23.25 -14.50
N LEU D 375 17.03 -24.26 -15.18
CA LEU D 375 15.61 -24.36 -15.46
C LEU D 375 15.08 -25.69 -14.95
N PRO D 376 14.06 -25.69 -14.11
CA PRO D 376 13.54 -26.96 -13.58
C PRO D 376 12.79 -27.76 -14.64
N ARG D 377 12.62 -29.05 -14.34
CA ARG D 377 12.07 -29.98 -15.33
C ARG D 377 10.57 -29.80 -15.50
N GLU D 378 9.82 -29.58 -14.42
CA GLU D 378 8.38 -29.44 -14.53
C GLU D 378 7.95 -28.09 -15.07
N MET D 379 8.85 -27.10 -15.07
CA MET D 379 8.55 -25.82 -15.70
C MET D 379 8.97 -25.80 -17.17
N ALA D 380 10.03 -26.54 -17.52
CA ALA D 380 10.46 -26.60 -18.91
C ALA D 380 9.53 -27.47 -19.76
N ILE D 381 8.84 -28.42 -19.14
CA ILE D 381 7.92 -29.27 -19.89
C ILE D 381 6.61 -28.54 -20.20
N GLU D 382 6.34 -27.44 -19.50
CA GLU D 382 5.16 -26.63 -19.78
C GLU D 382 5.45 -25.48 -20.73
N LEU D 383 6.65 -24.88 -20.62
CA LEU D 383 7.00 -23.78 -21.52
C LEU D 383 7.32 -24.28 -22.92
N PHE D 384 8.03 -25.40 -23.03
CA PHE D 384 8.41 -25.99 -24.31
C PHE D 384 7.48 -27.11 -24.74
N GLN D 385 6.20 -27.02 -24.36
CA GLN D 385 5.22 -28.07 -24.65
C GLN D 385 4.88 -28.23 -26.15
N PRO D 386 4.72 -27.17 -26.97
CA PRO D 386 4.58 -27.45 -28.42
C PRO D 386 5.85 -27.91 -29.10
N PHE D 387 7.02 -27.68 -28.49
CA PHE D 387 8.26 -28.15 -29.10
C PHE D 387 8.54 -29.61 -28.76
N VAL D 388 8.06 -30.09 -27.61
CA VAL D 388 8.22 -31.49 -27.24
C VAL D 388 7.26 -32.37 -28.06
N ILE D 389 6.03 -31.88 -28.27
CA ILE D 389 5.02 -32.63 -29.01
C ILE D 389 5.42 -32.81 -30.47
N HIS D 390 6.05 -31.77 -31.05
CA HIS D 390 6.54 -31.87 -32.43
C HIS D 390 7.69 -32.87 -32.56
N ARG D 391 8.54 -32.97 -31.54
CA ARG D 391 9.65 -33.93 -31.59
C ARG D 391 9.16 -35.36 -31.37
N LEU D 392 8.03 -35.52 -30.68
CA LEU D 392 7.52 -36.87 -30.42
C LEU D 392 6.92 -37.49 -31.67
N ILE D 393 6.22 -36.68 -32.48
CA ILE D 393 5.65 -37.19 -33.73
C ILE D 393 6.75 -37.35 -34.77
N LYS D 394 7.80 -36.52 -34.72
CA LYS D 394 8.89 -36.62 -35.69
C LYS D 394 9.74 -37.86 -35.43
N LEU D 395 9.96 -38.21 -34.17
CA LEU D 395 10.72 -39.41 -33.83
C LEU D 395 9.92 -40.69 -34.02
N GLY D 396 8.59 -40.59 -34.11
CA GLY D 396 7.76 -41.76 -34.33
C GLY D 396 7.24 -42.43 -33.08
N ILE D 397 7.29 -41.74 -31.93
CA ILE D 397 6.79 -42.34 -30.70
C ILE D 397 5.27 -42.26 -30.65
N VAL D 398 4.71 -41.09 -30.95
CA VAL D 398 3.26 -40.91 -30.97
C VAL D 398 2.83 -40.53 -32.37
N ASN D 399 1.52 -40.36 -32.58
CA ASN D 399 0.99 -40.02 -33.89
C ASN D 399 0.21 -38.71 -33.92
N ASN D 400 -0.20 -38.17 -32.77
CA ASN D 400 -1.01 -36.96 -32.75
C ASN D 400 -0.73 -36.21 -31.46
N ILE D 401 -1.56 -35.22 -31.15
CA ILE D 401 -1.41 -34.44 -29.93
C ILE D 401 -2.02 -35.16 -28.72
N LYS D 402 -3.13 -35.88 -28.92
CA LYS D 402 -3.76 -36.61 -27.82
C LYS D 402 -2.90 -37.77 -27.33
N ALA D 403 -2.13 -38.40 -28.23
CA ALA D 403 -1.18 -39.41 -27.80
C ALA D 403 0.08 -38.80 -27.21
N ALA D 404 0.39 -37.55 -27.55
CA ALA D 404 1.57 -36.89 -27.01
C ALA D 404 1.30 -36.26 -25.66
N LYS D 405 0.11 -35.69 -25.47
CA LYS D 405 -0.21 -35.04 -24.20
C LYS D 405 -0.45 -36.06 -23.09
N LYS D 406 -0.94 -37.25 -23.44
CA LYS D 406 -1.07 -38.30 -22.44
C LYS D 406 0.29 -38.89 -22.06
N LEU D 407 1.25 -38.83 -22.98
CA LEU D 407 2.60 -39.31 -22.69
C LEU D 407 3.42 -38.29 -21.90
N ILE D 408 3.08 -37.00 -21.98
CA ILE D 408 3.81 -36.00 -21.22
C ILE D 408 3.38 -36.01 -19.76
N LEU D 409 2.06 -36.02 -19.52
CA LEU D 409 1.54 -36.01 -18.15
C LEU D 409 1.67 -37.36 -17.45
N LYS D 410 2.07 -38.42 -18.16
CA LYS D 410 2.25 -39.71 -17.50
C LYS D 410 3.54 -39.76 -16.71
N GLY D 411 4.61 -39.17 -17.25
CA GLY D 411 5.89 -39.14 -16.54
C GLY D 411 6.85 -40.22 -16.97
N ASP D 412 7.00 -40.41 -18.28
CA ASP D 412 7.93 -41.40 -18.78
C ASP D 412 9.35 -40.81 -18.84
N PRO D 413 10.39 -41.64 -18.64
CA PRO D 413 11.76 -41.12 -18.73
C PRO D 413 12.21 -40.80 -20.14
N GLN D 414 11.48 -41.26 -21.16
CA GLN D 414 11.82 -40.88 -22.53
C GLN D 414 11.38 -39.47 -22.86
N ILE D 415 10.45 -38.89 -22.10
CA ILE D 415 10.01 -37.52 -22.34
C ILE D 415 11.11 -36.54 -21.93
N TRP D 416 11.83 -36.84 -20.85
CA TRP D 416 12.91 -35.96 -20.40
C TRP D 416 14.14 -36.05 -21.30
N SER D 417 14.31 -37.15 -22.05
CA SER D 417 15.36 -37.22 -23.04
C SER D 417 15.02 -36.40 -24.28
N VAL D 418 13.73 -36.25 -24.58
CA VAL D 418 13.31 -35.38 -25.67
C VAL D 418 13.46 -33.91 -25.28
N LEU D 419 13.11 -33.59 -24.03
CA LEU D 419 13.23 -32.21 -23.54
C LEU D 419 14.68 -31.77 -23.41
N GLU D 420 15.60 -32.73 -23.21
CA GLU D 420 17.02 -32.40 -23.19
C GLU D 420 17.53 -32.01 -24.57
N GLU D 421 17.00 -32.64 -25.63
CA GLU D 421 17.44 -32.36 -26.99
C GLU D 421 16.76 -31.14 -27.60
N VAL D 422 15.72 -30.60 -26.96
CA VAL D 422 14.99 -29.46 -27.51
C VAL D 422 15.61 -28.14 -27.08
N ILE D 423 15.94 -28.01 -25.80
CA ILE D 423 16.38 -26.73 -25.25
C ILE D 423 17.81 -26.35 -25.61
N THR D 424 18.56 -27.24 -26.26
CA THR D 424 19.92 -26.91 -26.69
C THR D 424 19.87 -25.95 -27.85
N GLY D 425 20.36 -24.73 -27.64
CA GLY D 425 20.34 -23.70 -28.65
C GLY D 425 19.11 -22.83 -28.66
N HIS D 426 18.15 -23.09 -27.78
CA HIS D 426 16.94 -22.29 -27.70
C HIS D 426 17.12 -21.23 -26.63
N PRO D 427 17.22 -19.95 -26.98
CA PRO D 427 17.42 -18.92 -25.94
C PRO D 427 16.15 -18.66 -25.15
N VAL D 428 16.33 -18.31 -23.88
CA VAL D 428 15.24 -18.05 -22.96
C VAL D 428 15.52 -16.72 -22.27
N MET D 429 14.59 -15.77 -22.38
CA MET D 429 14.75 -14.44 -21.82
C MET D 429 14.35 -14.44 -20.35
N LEU D 430 15.25 -14.00 -19.48
CA LEU D 430 14.98 -13.89 -18.06
C LEU D 430 14.72 -12.43 -17.71
N ASN D 431 13.84 -12.22 -16.74
CA ASN D 431 13.30 -10.89 -16.49
C ASN D 431 12.91 -10.76 -15.02
N ARG D 432 13.32 -9.66 -14.40
CA ARG D 432 12.99 -9.37 -13.01
C ARG D 432 12.32 -8.02 -12.92
N ALA D 433 11.15 -7.98 -12.26
CA ALA D 433 10.44 -6.73 -12.04
C ALA D 433 10.96 -6.03 -10.78
N PRO D 434 11.11 -4.70 -10.80
CA PRO D 434 10.86 -3.79 -11.91
C PRO D 434 12.03 -3.67 -12.89
N THR D 435 11.71 -3.36 -14.14
CA THR D 435 12.72 -3.23 -15.20
C THR D 435 13.09 -1.76 -15.31
N LEU D 436 14.19 -1.38 -14.65
CA LEU D 436 14.62 0.02 -14.65
C LEU D 436 15.36 0.36 -15.94
N HIS D 437 16.44 -0.35 -16.24
CA HIS D 437 17.20 -0.17 -17.45
C HIS D 437 16.96 -1.35 -18.39
N ARG D 438 17.59 -1.30 -19.57
CA ARG D 438 17.34 -2.31 -20.60
C ARG D 438 18.07 -3.62 -20.34
N LEU D 439 19.02 -3.65 -19.42
CA LEU D 439 19.72 -4.88 -19.09
C LEU D 439 18.99 -5.71 -18.03
N GLY D 440 17.77 -5.32 -17.66
CA GLY D 440 16.93 -6.14 -16.82
C GLY D 440 16.21 -7.25 -17.53
N ILE D 441 16.31 -7.30 -18.86
CA ILE D 441 15.78 -8.39 -19.67
C ILE D 441 16.93 -8.94 -20.50
N GLN D 442 17.46 -10.10 -20.11
CA GLN D 442 18.56 -10.73 -20.82
C GLN D 442 18.17 -12.16 -21.17
N ALA D 443 18.79 -12.68 -22.22
CA ALA D 443 18.53 -14.03 -22.69
C ALA D 443 19.62 -14.99 -22.23
N PHE D 444 19.22 -16.23 -21.98
CA PHE D 444 20.13 -17.25 -21.48
C PHE D 444 19.86 -18.56 -22.22
N GLU D 445 20.83 -19.47 -22.13
CA GLU D 445 20.67 -20.82 -22.67
C GLU D 445 20.38 -21.76 -21.51
N PRO D 446 19.17 -22.27 -21.36
CA PRO D 446 18.82 -23.02 -20.16
C PRO D 446 19.35 -24.45 -20.17
N ILE D 447 19.49 -25.00 -18.97
CA ILE D 447 19.86 -26.39 -18.76
C ILE D 447 18.97 -26.96 -17.66
N LEU D 448 18.65 -28.25 -17.79
CA LEU D 448 17.77 -28.90 -16.84
C LEU D 448 18.56 -29.26 -15.59
N VAL D 449 18.22 -28.63 -14.47
CA VAL D 449 18.93 -28.83 -13.22
C VAL D 449 18.00 -29.53 -12.22
N GLU D 450 18.58 -29.98 -11.11
CA GLU D 450 17.82 -30.63 -10.04
C GLU D 450 17.43 -29.58 -9.00
N GLY D 451 16.15 -29.59 -8.62
CA GLY D 451 15.62 -28.67 -7.65
C GLY D 451 14.35 -28.04 -8.16
N ARG D 452 13.98 -26.90 -7.55
CA ARG D 452 12.75 -26.22 -7.94
C ARG D 452 12.94 -24.71 -8.03
N ALA D 453 14.17 -24.24 -8.19
CA ALA D 453 14.44 -22.81 -8.30
C ALA D 453 15.35 -22.54 -9.48
N ILE D 454 15.39 -21.28 -9.91
CA ILE D 454 16.17 -20.88 -11.07
C ILE D 454 17.59 -20.60 -10.63
N GLN D 455 18.53 -21.40 -11.14
CA GLN D 455 19.95 -21.23 -10.80
C GLN D 455 20.50 -20.08 -11.63
N LEU D 456 20.52 -18.89 -11.03
CA LEU D 456 21.00 -17.69 -11.71
C LEU D 456 22.50 -17.53 -11.48
N HIS D 457 23.16 -16.89 -12.44
CA HIS D 457 24.59 -16.64 -12.34
C HIS D 457 24.84 -15.49 -11.37
N PRO D 458 25.90 -15.58 -10.55
CA PRO D 458 26.19 -14.47 -9.61
C PRO D 458 26.79 -13.24 -10.27
N LEU D 459 27.24 -13.34 -11.52
CA LEU D 459 27.85 -12.18 -12.19
C LEU D 459 26.81 -11.25 -12.81
N VAL D 460 25.60 -11.73 -13.07
CA VAL D 460 24.55 -10.90 -13.67
C VAL D 460 23.67 -10.32 -12.58
N CYS D 461 24.06 -10.52 -11.32
CA CYS D 461 23.29 -10.02 -10.17
C CYS D 461 23.27 -8.50 -10.03
N PRO D 462 24.35 -7.73 -10.29
CA PRO D 462 24.17 -6.27 -10.35
C PRO D 462 23.39 -5.79 -11.57
N ALA D 463 23.29 -6.60 -12.62
CA ALA D 463 22.54 -6.19 -13.80
C ALA D 463 21.03 -6.26 -13.54
N PHE D 464 20.56 -7.38 -13.01
CA PHE D 464 19.14 -7.54 -12.68
C PHE D 464 18.76 -6.86 -11.37
N ASN D 465 19.75 -6.42 -10.58
CA ASN D 465 19.57 -5.94 -9.20
C ASN D 465 18.82 -6.96 -8.36
N ALA D 466 19.28 -8.21 -8.42
CA ALA D 466 18.61 -9.35 -7.80
C ALA D 466 19.38 -9.80 -6.58
N ASP D 467 18.66 -10.01 -5.48
CA ASP D 467 19.21 -10.55 -4.24
C ASP D 467 18.45 -11.82 -3.89
N PHE D 468 19.16 -12.78 -3.27
CA PHE D 468 18.59 -14.09 -3.01
C PHE D 468 17.93 -14.15 -1.63
N ASP D 469 16.91 -13.30 -1.45
CA ASP D 469 16.12 -13.29 -0.22
C ASP D 469 14.62 -13.26 -0.51
N GLY D 470 14.20 -13.71 -1.68
CA GLY D 470 12.79 -13.75 -2.00
C GLY D 470 12.46 -13.18 -3.37
N ASP D 471 13.48 -12.95 -4.19
CA ASP D 471 13.27 -12.42 -5.53
C ASP D 471 12.71 -13.50 -6.45
N GLN D 472 11.70 -13.13 -7.22
CA GLN D 472 11.13 -13.98 -8.25
C GLN D 472 11.38 -13.36 -9.62
N MET D 473 11.70 -14.19 -10.60
CA MET D 473 12.02 -13.72 -11.94
C MET D 473 11.09 -14.38 -12.95
N ALA D 474 10.60 -13.59 -13.89
CA ALA D 474 9.69 -14.09 -14.92
C ALA D 474 10.46 -14.74 -16.05
N VAL D 475 9.91 -15.84 -16.56
CA VAL D 475 10.52 -16.61 -17.64
C VAL D 475 9.68 -16.45 -18.89
N HIS D 476 10.33 -16.19 -20.03
CA HIS D 476 9.66 -16.04 -21.31
C HIS D 476 10.37 -16.88 -22.36
N VAL D 477 9.59 -17.47 -23.25
CA VAL D 477 10.10 -18.37 -24.29
C VAL D 477 9.66 -17.83 -25.65
N PRO D 478 10.59 -17.56 -26.57
CA PRO D 478 10.20 -17.15 -27.92
C PRO D 478 9.75 -18.33 -28.76
N LEU D 479 9.02 -18.01 -29.83
CA LEU D 479 8.43 -19.03 -30.69
C LEU D 479 8.98 -19.00 -32.11
N SER D 480 8.98 -17.85 -32.77
CA SER D 480 9.38 -17.76 -34.16
C SER D 480 10.89 -17.85 -34.31
N LEU D 481 11.33 -18.06 -35.54
CA LEU D 481 12.75 -18.19 -35.84
C LEU D 481 13.48 -16.85 -35.86
N GLU D 482 12.76 -15.76 -36.14
CA GLU D 482 13.38 -14.44 -36.09
C GLU D 482 13.58 -13.97 -34.65
N ALA D 483 12.74 -14.43 -33.73
CA ALA D 483 12.88 -14.04 -32.33
C ALA D 483 14.02 -14.80 -31.65
N GLN D 484 14.35 -16.01 -32.13
CA GLN D 484 15.46 -16.74 -31.56
C GLN D 484 16.80 -16.16 -32.00
N CYS D 485 16.88 -15.62 -33.21
CA CYS D 485 18.10 -15.00 -33.69
C CYS D 485 18.33 -13.62 -33.10
N GLU D 486 17.27 -12.95 -32.65
CA GLU D 486 17.44 -11.66 -32.00
C GLU D 486 17.80 -11.80 -30.53
N ALA D 487 17.32 -12.87 -29.88
CA ALA D 487 17.67 -13.11 -28.49
C ALA D 487 19.11 -13.60 -28.33
N ARG D 488 19.68 -14.20 -29.36
CA ARG D 488 21.04 -14.72 -29.30
C ARG D 488 22.07 -13.68 -29.73
N LEU D 489 21.81 -12.98 -30.84
CA LEU D 489 22.79 -12.04 -31.37
C LEU D 489 22.74 -10.68 -30.70
N LEU D 490 21.63 -10.33 -30.03
CA LEU D 490 21.47 -9.01 -29.45
C LEU D 490 21.16 -8.99 -27.96
N MET D 491 20.64 -10.08 -27.40
CA MET D 491 20.14 -10.07 -26.03
C MET D 491 20.84 -11.07 -25.12
N LEU D 492 21.97 -11.65 -25.54
CA LEU D 492 22.67 -12.60 -24.69
C LEU D 492 23.41 -11.87 -23.57
N ALA D 493 23.64 -12.60 -22.47
CA ALA D 493 24.26 -12.03 -21.29
C ALA D 493 25.77 -11.80 -21.47
N CYS D 494 26.40 -12.53 -22.38
CA CYS D 494 27.84 -12.37 -22.59
C CYS D 494 28.18 -11.10 -23.37
N HIS D 495 27.22 -10.53 -24.11
CA HIS D 495 27.43 -9.32 -24.88
C HIS D 495 26.93 -8.07 -24.17
N ASN D 496 26.72 -8.16 -22.85
CA ASN D 496 26.19 -7.03 -22.09
C ASN D 496 27.12 -6.69 -20.93
N VAL D 497 28.41 -6.58 -21.21
CA VAL D 497 29.38 -6.25 -20.17
C VAL D 497 29.27 -4.78 -19.77
N LEU D 498 29.29 -3.89 -20.75
CA LEU D 498 29.22 -2.46 -20.48
C LEU D 498 27.78 -2.02 -20.24
N SER D 499 27.62 -1.05 -19.36
CA SER D 499 26.32 -0.47 -19.08
C SER D 499 25.90 0.48 -20.20
N PRO D 500 24.59 0.67 -20.42
CA PRO D 500 24.16 1.66 -21.42
C PRO D 500 24.21 3.09 -20.93
N ALA D 501 24.32 3.32 -19.62
CA ALA D 501 24.34 4.68 -19.09
C ALA D 501 25.72 5.31 -19.25
N THR D 502 26.73 4.72 -18.64
CA THR D 502 28.10 5.17 -18.76
C THR D 502 28.88 4.23 -19.69
N GLY D 503 30.19 4.41 -19.76
CA GLY D 503 31.05 3.52 -20.49
C GLY D 503 31.74 2.47 -19.64
N LYS D 504 31.39 2.36 -18.37
CA LYS D 504 31.97 1.49 -17.36
C LYS D 504 31.25 0.14 -17.35
N PRO D 505 31.97 -0.97 -17.18
CA PRO D 505 31.32 -2.27 -17.15
C PRO D 505 30.63 -2.55 -15.82
N ILE D 506 29.59 -3.37 -15.89
CA ILE D 506 28.90 -3.83 -14.69
C ILE D 506 29.08 -5.31 -14.44
N VAL D 507 29.50 -6.10 -15.43
CA VAL D 507 29.82 -7.50 -15.21
C VAL D 507 31.22 -7.53 -14.60
N ALA D 508 31.29 -7.69 -13.28
CA ALA D 508 32.52 -7.58 -12.54
C ALA D 508 32.34 -8.29 -11.21
N PRO D 509 33.44 -8.72 -10.57
CA PRO D 509 33.34 -9.20 -9.18
C PRO D 509 32.89 -8.07 -8.25
N SER D 510 31.89 -8.38 -7.42
CA SER D 510 31.24 -7.37 -6.60
C SER D 510 31.45 -7.57 -5.11
N GLN D 511 31.03 -8.71 -4.55
CA GLN D 511 31.04 -8.88 -3.10
C GLN D 511 31.98 -9.99 -2.64
N ASP D 512 31.78 -11.23 -3.09
CA ASP D 512 32.51 -12.36 -2.52
C ASP D 512 33.78 -12.68 -3.30
N MET D 513 33.91 -12.20 -4.53
CA MET D 513 35.12 -12.44 -5.31
C MET D 513 36.13 -11.33 -5.19
N VAL D 514 35.71 -10.15 -4.70
CA VAL D 514 36.67 -9.10 -4.38
C VAL D 514 37.44 -9.46 -3.11
N LEU D 515 36.75 -10.05 -2.13
CA LEU D 515 37.40 -10.48 -0.90
C LEU D 515 38.31 -11.68 -1.13
N GLY D 516 38.01 -12.49 -2.14
CA GLY D 516 38.91 -13.58 -2.48
C GLY D 516 40.13 -13.13 -3.25
N CYS D 517 40.04 -12.01 -3.96
CA CYS D 517 41.18 -11.45 -4.67
C CYS D 517 41.96 -10.45 -3.83
N TYR D 518 41.34 -9.84 -2.82
CA TYR D 518 42.07 -8.96 -1.93
C TYR D 518 42.96 -9.76 -1.00
N TYR D 519 42.47 -10.90 -0.51
CA TYR D 519 43.27 -11.75 0.37
C TYR D 519 44.37 -12.47 -0.41
N LEU D 520 44.14 -12.72 -1.71
CA LEU D 520 45.13 -13.43 -2.50
C LEU D 520 46.36 -12.58 -2.78
N THR D 521 46.16 -11.29 -3.08
CA THR D 521 47.24 -10.38 -3.39
C THR D 521 47.61 -9.47 -2.20
N ALA D 522 47.42 -9.96 -0.97
CA ALA D 522 47.69 -9.18 0.22
C ALA D 522 49.13 -9.39 0.66
N GLU D 523 49.46 -8.90 1.86
CA GLU D 523 50.81 -9.00 2.42
C GLU D 523 50.70 -9.36 3.89
N ASN D 524 50.97 -10.62 4.22
CA ASN D 524 50.92 -11.09 5.61
C ASN D 524 52.33 -11.15 6.17
N PRO D 525 52.69 -10.30 7.12
CA PRO D 525 54.09 -10.20 7.55
C PRO D 525 54.50 -11.20 8.63
N ASN D 526 53.70 -12.22 8.87
CA ASN D 526 54.03 -13.21 9.89
C ASN D 526 54.18 -14.63 9.36
N ALA D 527 53.34 -15.03 8.40
CA ALA D 527 53.38 -16.38 7.85
C ALA D 527 54.13 -16.39 6.53
N GLN D 528 55.46 -16.30 6.64
CA GLN D 528 56.31 -16.32 5.44
C GLN D 528 56.59 -17.75 4.99
N LYS D 529 57.27 -18.53 5.84
CA LYS D 529 57.65 -19.92 5.60
C LYS D 529 58.45 -20.08 4.30
N GLY D 530 59.65 -19.49 4.31
CA GLY D 530 60.54 -19.64 3.18
C GLY D 530 60.60 -18.41 2.29
N ALA D 531 60.61 -17.23 2.90
CA ALA D 531 60.69 -16.00 2.13
C ALA D 531 62.14 -15.72 1.73
N GLY D 532 62.29 -14.97 0.63
CA GLY D 532 63.62 -14.66 0.13
C GLY D 532 64.26 -15.75 -0.68
N ARG D 533 63.47 -16.51 -1.44
CA ARG D 533 63.99 -17.58 -2.28
C ARG D 533 63.88 -17.18 -3.75
N TYR D 534 64.85 -17.62 -4.54
CA TYR D 534 64.91 -17.29 -5.96
C TYR D 534 64.35 -18.46 -6.77
N PHE D 535 63.36 -18.17 -7.61
CA PHE D 535 62.75 -19.18 -8.47
C PHE D 535 62.98 -18.81 -9.93
N ALA D 536 62.91 -19.83 -10.78
CA ALA D 536 63.22 -19.68 -12.21
C ALA D 536 61.92 -19.55 -12.99
N GLY D 537 61.37 -18.35 -13.00
CA GLY D 537 60.21 -18.06 -13.82
C GLY D 537 58.89 -18.18 -13.09
N ILE D 538 57.82 -18.12 -13.89
CA ILE D 538 56.47 -18.17 -13.36
C ILE D 538 56.08 -19.60 -13.01
N GLU D 539 56.40 -20.54 -13.89
CA GLU D 539 55.99 -21.94 -13.71
C GLU D 539 56.71 -22.63 -12.56
N ASP D 540 57.88 -22.12 -12.15
CA ASP D 540 58.59 -22.71 -11.02
C ASP D 540 57.89 -22.39 -9.70
N ALA D 541 57.21 -21.25 -9.63
CA ALA D 541 56.52 -20.88 -8.40
C ALA D 541 55.16 -21.53 -8.27
N LEU D 542 54.52 -21.86 -9.40
CA LEU D 542 53.26 -22.60 -9.34
C LEU D 542 53.48 -24.05 -8.93
N ARG D 543 54.61 -24.64 -9.33
CA ARG D 543 54.94 -26.00 -8.90
C ARG D 543 55.42 -26.05 -7.46
N ALA D 544 55.84 -24.92 -6.90
CA ALA D 544 56.26 -24.84 -5.50
C ALA D 544 55.10 -24.51 -4.56
N TYR D 545 53.96 -24.11 -5.09
CA TYR D 545 52.78 -23.88 -4.27
C TYR D 545 51.98 -25.16 -4.03
N ASP D 546 52.04 -26.11 -4.96
CA ASP D 546 51.40 -27.40 -4.76
C ASP D 546 52.12 -28.21 -3.68
N HIS D 547 53.42 -28.01 -3.51
CA HIS D 547 54.14 -28.56 -2.38
C HIS D 547 53.98 -27.68 -1.16
N GLY D 548 54.67 -28.04 -0.08
CA GLY D 548 54.68 -27.23 1.12
C GLY D 548 55.91 -26.33 1.20
N GLN D 549 56.32 -25.77 0.06
CA GLN D 549 57.54 -24.97 0.02
C GLN D 549 57.29 -23.53 0.44
N VAL D 550 56.34 -22.88 -0.23
CA VAL D 550 56.08 -21.46 -0.01
C VAL D 550 54.63 -21.26 0.40
N ASP D 551 54.38 -20.16 1.10
CA ASP D 551 53.04 -19.79 1.53
C ASP D 551 52.40 -18.86 0.49
N LEU D 552 51.29 -18.25 0.86
CA LEU D 552 50.58 -17.37 -0.07
C LEU D 552 51.13 -15.95 -0.05
N HIS D 553 51.78 -15.54 1.04
CA HIS D 553 52.27 -14.17 1.20
C HIS D 553 53.76 -14.12 1.46
N SER D 554 54.52 -15.06 0.92
CA SER D 554 55.96 -15.08 1.12
C SER D 554 56.65 -14.14 0.14
N GLN D 555 57.70 -13.47 0.60
CA GLN D 555 58.51 -12.61 -0.26
C GLN D 555 59.36 -13.49 -1.16
N ILE D 556 59.03 -13.50 -2.45
CA ILE D 556 59.60 -14.45 -3.42
C ILE D 556 60.17 -13.66 -4.59
N TRP D 557 61.45 -13.90 -4.89
CA TRP D 557 62.08 -13.30 -6.06
C TRP D 557 61.80 -14.17 -7.28
N ILE D 558 61.27 -13.55 -8.34
CA ILE D 558 60.86 -14.25 -9.54
C ILE D 558 61.61 -13.66 -10.72
N ARG D 559 62.31 -14.51 -11.47
CA ARG D 559 63.00 -14.09 -12.68
C ARG D 559 61.99 -13.82 -13.79
N HIS D 560 61.79 -12.55 -14.11
CA HIS D 560 60.83 -12.15 -15.13
C HIS D 560 61.48 -11.11 -16.03
N LEU D 561 61.66 -11.45 -17.31
CA LEU D 561 62.40 -10.61 -18.24
C LEU D 561 61.55 -9.51 -18.86
N ASP D 562 60.27 -9.43 -18.55
CA ASP D 562 59.42 -8.38 -19.12
C ASP D 562 59.62 -7.06 -18.37
N GLU D 563 59.34 -5.98 -19.07
CA GLU D 563 59.50 -4.62 -18.53
C GLU D 563 58.19 -3.99 -18.10
N ASP D 564 57.05 -4.47 -18.61
CA ASP D 564 55.74 -3.89 -18.30
C ASP D 564 55.30 -4.47 -16.97
N VAL D 565 55.84 -3.89 -15.90
CA VAL D 565 55.54 -4.30 -14.52
C VAL D 565 54.97 -3.10 -13.80
N VAL D 566 53.66 -3.13 -13.53
CA VAL D 566 52.99 -2.06 -12.81
C VAL D 566 52.87 -2.44 -11.34
N THR D 567 52.93 -1.44 -10.48
CA THR D 567 52.89 -1.65 -9.03
C THR D 567 52.38 -0.38 -8.36
N GLU D 568 52.08 -0.51 -7.07
CA GLU D 568 51.66 0.65 -6.29
C GLU D 568 52.88 1.50 -5.95
N LYS D 569 52.74 2.83 -6.13
CA LYS D 569 53.77 3.85 -6.02
C LYS D 569 54.99 3.50 -6.87
N PRO D 570 54.91 3.62 -8.19
CA PRO D 570 56.03 3.22 -9.04
C PRO D 570 57.15 4.25 -9.01
N ASP D 571 58.36 3.76 -9.30
CA ASP D 571 59.56 4.59 -9.27
C ASP D 571 60.47 4.23 -10.43
N THR D 572 61.26 5.22 -10.85
CA THR D 572 62.28 5.03 -11.87
C THR D 572 63.70 5.24 -11.36
N GLU D 573 63.86 5.73 -10.13
CA GLU D 573 65.18 5.97 -9.58
C GLU D 573 65.85 4.66 -9.17
N VAL D 574 67.17 4.68 -9.11
CA VAL D 574 67.98 3.53 -8.77
C VAL D 574 68.72 3.82 -7.47
N ILE D 575 68.41 3.07 -6.43
CA ILE D 575 69.08 3.19 -5.13
C ILE D 575 69.92 1.95 -4.91
N LYS D 576 71.01 2.13 -4.15
CA LYS D 576 71.98 1.08 -3.80
C LYS D 576 72.58 0.43 -5.05
N THR D 577 73.29 1.23 -5.82
CA THR D 577 73.95 0.77 -7.03
C THR D 577 75.18 -0.05 -6.67
N GLU D 578 75.18 -1.33 -7.05
CA GLU D 578 76.28 -2.23 -6.76
C GLU D 578 76.88 -2.72 -8.08
N ASP D 579 78.20 -2.67 -8.17
CA ASP D 579 78.92 -3.03 -9.40
C ASP D 579 79.66 -4.34 -9.18
N LEU D 580 79.48 -5.27 -10.11
CA LEU D 580 80.18 -6.55 -10.08
C LEU D 580 81.48 -6.44 -10.87
N GLY D 581 82.12 -7.57 -11.14
CA GLY D 581 83.31 -7.59 -11.96
C GLY D 581 82.98 -7.52 -13.44
N ASP D 582 84.03 -7.23 -14.22
CA ASP D 582 83.98 -7.14 -15.68
C ASP D 582 82.97 -6.10 -16.19
N GLY D 583 82.80 -5.01 -15.45
CA GLY D 583 81.96 -3.91 -15.86
C GLY D 583 80.47 -4.11 -15.67
N THR D 584 80.04 -5.27 -15.19
CA THR D 584 78.61 -5.53 -15.00
C THR D 584 78.12 -4.83 -13.73
N VAL D 585 77.07 -4.02 -13.88
CA VAL D 585 76.51 -3.25 -12.78
C VAL D 585 75.11 -3.78 -12.47
N MET D 586 74.80 -3.90 -11.19
CA MET D 586 73.49 -4.34 -10.72
C MET D 586 72.64 -3.13 -10.39
N LYS D 587 71.48 -3.01 -11.03
CA LYS D 587 70.56 -1.91 -10.79
C LYS D 587 69.51 -2.37 -9.79
N TYR D 588 69.65 -1.94 -8.54
CA TYR D 588 68.73 -2.31 -7.48
C TYR D 588 67.56 -1.32 -7.42
N TYR D 589 66.38 -1.84 -7.15
CA TYR D 589 65.18 -1.02 -7.03
C TYR D 589 64.45 -1.34 -5.73
N ARG D 590 63.24 -0.80 -5.57
CA ARG D 590 62.44 -1.11 -4.39
C ARG D 590 61.84 -2.50 -4.49
N GLU D 591 61.38 -2.90 -5.67
CA GLU D 591 60.80 -4.21 -5.90
C GLU D 591 61.46 -5.00 -7.02
N ARG D 592 62.33 -4.38 -7.82
CA ARG D 592 62.99 -5.04 -8.93
C ARG D 592 64.49 -5.16 -8.66
N LYS D 593 65.14 -6.00 -9.46
CA LYS D 593 66.58 -6.22 -9.36
C LYS D 593 67.07 -6.56 -10.78
N ILE D 594 67.55 -5.54 -11.49
CA ILE D 594 67.91 -5.66 -12.90
C ILE D 594 69.43 -5.71 -13.02
N ARG D 595 69.93 -6.69 -13.76
CA ARG D 595 71.35 -6.81 -14.04
C ARG D 595 71.65 -6.10 -15.35
N GLU D 596 72.25 -4.92 -15.26
CA GLU D 596 72.54 -4.11 -16.44
C GLU D 596 73.92 -4.48 -17.00
N GLY D 597 74.25 -3.89 -18.14
CA GLY D 597 75.53 -4.16 -18.79
C GLY D 597 76.65 -3.30 -18.24
N ILE D 602 69.94 -5.24 -20.53
CA ILE D 602 69.29 -6.03 -19.49
C ILE D 602 69.61 -7.50 -19.69
N ILE D 603 70.28 -8.09 -18.71
CA ILE D 603 70.63 -9.51 -18.76
C ILE D 603 69.55 -10.31 -18.05
N THR D 604 69.40 -10.07 -16.74
CA THR D 604 68.38 -10.72 -15.94
C THR D 604 67.57 -9.65 -15.21
N GLN D 605 66.43 -10.07 -14.65
CA GLN D 605 65.58 -9.18 -13.88
C GLN D 605 64.79 -10.02 -12.88
N TYR D 606 64.96 -9.72 -11.60
CA TYR D 606 64.25 -10.41 -10.53
C TYR D 606 63.19 -9.50 -9.93
N ILE D 607 62.02 -10.06 -9.67
CA ILE D 607 60.88 -9.31 -9.15
C ILE D 607 60.49 -9.90 -7.80
N GLN D 608 60.53 -9.07 -6.76
CA GLN D 608 60.09 -9.48 -5.43
C GLN D 608 58.57 -9.39 -5.36
N THR D 609 57.92 -10.54 -5.15
CA THR D 609 56.46 -10.61 -5.11
C THR D 609 56.05 -11.76 -4.22
N THR D 610 54.73 -11.97 -4.12
CA THR D 610 54.14 -13.06 -3.38
C THR D 610 53.60 -14.12 -4.34
N PRO D 611 53.56 -15.39 -3.93
CA PRO D 611 52.96 -16.42 -4.81
C PRO D 611 51.47 -16.26 -5.03
N GLY D 612 50.76 -15.50 -4.19
CA GLY D 612 49.37 -15.20 -4.47
C GLY D 612 49.21 -14.27 -5.66
N ARG D 613 50.15 -13.36 -5.88
CA ARG D 613 50.11 -12.49 -7.04
C ARG D 613 50.54 -13.20 -8.32
N ILE D 614 51.17 -14.36 -8.21
CA ILE D 614 51.55 -15.13 -9.39
C ILE D 614 50.38 -15.99 -9.87
N ILE D 615 49.57 -16.50 -8.93
CA ILE D 615 48.36 -17.23 -9.30
C ILE D 615 47.33 -16.28 -9.89
N TYR D 616 47.28 -15.04 -9.41
CA TYR D 616 46.36 -14.05 -9.98
C TYR D 616 46.80 -13.64 -11.39
N ASN D 617 48.10 -13.46 -11.60
CA ASN D 617 48.61 -13.08 -12.91
C ASN D 617 48.59 -14.24 -13.90
N LYS D 618 48.58 -15.49 -13.41
CA LYS D 618 48.45 -16.63 -14.30
C LYS D 618 47.03 -16.82 -14.79
N THR D 619 46.04 -16.37 -14.01
CA THR D 619 44.64 -16.52 -14.40
C THR D 619 44.29 -15.59 -15.56
N ILE D 620 44.89 -14.40 -15.61
CA ILE D 620 44.64 -13.48 -16.72
C ILE D 620 45.33 -13.96 -17.99
N ALA D 621 46.41 -14.75 -17.85
CA ALA D 621 47.15 -15.21 -19.01
C ALA D 621 46.41 -16.31 -19.76
N GLU D 622 45.77 -17.24 -19.05
CA GLU D 622 45.03 -18.32 -19.68
C GLU D 622 43.64 -17.92 -20.13
N ALA D 623 43.16 -16.74 -19.76
CA ALA D 623 41.83 -16.28 -20.14
C ALA D 623 41.86 -15.30 -21.31
N LEU D 624 42.89 -14.48 -21.41
CA LEU D 624 42.98 -13.50 -22.49
C LEU D 624 43.77 -14.02 -23.70
N VAL D 625 44.54 -15.09 -23.53
CA VAL D 625 45.33 -15.67 -24.61
C VAL D 625 44.81 -17.08 -24.84
N PHE D 626 44.12 -17.28 -25.96
CA PHE D 626 43.56 -18.59 -26.29
C PHE D 626 43.99 -19.02 -27.69
N HIS E 11 32.11 -22.33 -28.66
CA HIS E 11 32.73 -21.37 -29.57
C HIS E 11 31.69 -20.63 -30.40
N ILE E 12 30.42 -20.78 -30.01
CA ILE E 12 29.35 -20.10 -30.72
C ILE E 12 29.32 -18.62 -30.37
N ILE E 13 29.63 -18.27 -29.12
CA ILE E 13 29.68 -16.87 -28.72
C ILE E 13 30.90 -16.16 -29.29
N TYR E 14 31.96 -16.90 -29.61
CA TYR E 14 33.11 -16.31 -30.29
C TYR E 14 32.84 -16.13 -31.78
N ARG E 15 31.95 -16.95 -32.34
CA ARG E 15 31.56 -16.81 -33.73
C ARG E 15 30.55 -15.70 -33.95
N SER E 16 29.81 -15.32 -32.91
CA SER E 16 28.82 -14.26 -33.04
C SER E 16 29.44 -12.88 -32.91
N GLU E 17 30.53 -12.75 -32.16
CA GLU E 17 31.19 -11.46 -32.03
C GLU E 17 31.98 -11.10 -33.28
N GLU E 18 32.47 -12.11 -34.01
CA GLU E 18 33.12 -11.85 -35.29
C GLU E 18 32.11 -11.47 -36.35
N LEU E 19 30.87 -11.95 -36.23
CA LEU E 19 29.83 -11.62 -37.19
C LEU E 19 29.27 -10.22 -36.96
N LEU E 20 29.14 -9.81 -35.69
CA LEU E 20 28.64 -8.47 -35.40
C LEU E 20 29.67 -7.40 -35.70
N GLY E 21 30.96 -7.75 -35.66
CA GLY E 21 31.99 -6.81 -36.03
C GLY E 21 32.22 -6.75 -37.53
N ALA E 22 32.75 -5.60 -37.96
CA ALA E 22 33.03 -5.28 -39.37
C ALA E 22 31.79 -5.43 -40.25
N ALA E 23 30.67 -4.89 -39.75
CA ALA E 23 29.40 -4.93 -40.48
C ALA E 23 28.69 -3.60 -40.55
N SER E 24 29.01 -2.64 -39.68
CA SER E 24 28.53 -1.26 -39.60
C SER E 24 27.05 -1.13 -39.25
N ASN E 25 26.33 -2.23 -39.05
CA ASN E 25 24.92 -2.18 -38.64
C ASN E 25 24.59 -3.50 -37.97
N ARG E 26 24.44 -3.48 -36.65
CA ARG E 26 24.13 -4.70 -35.91
C ARG E 26 22.66 -5.08 -35.99
N TYR E 27 21.80 -4.18 -36.46
CA TYR E 27 20.38 -4.47 -36.63
C TYR E 27 20.05 -4.97 -38.03
N ASN E 28 21.04 -4.99 -38.93
CA ASN E 28 20.83 -5.47 -40.29
C ASN E 28 21.42 -6.85 -40.54
N ILE E 29 22.55 -7.18 -39.91
CA ILE E 29 23.15 -8.49 -40.11
C ILE E 29 22.44 -9.57 -39.29
N THR E 30 21.63 -9.20 -38.30
CA THR E 30 20.83 -10.17 -37.58
C THR E 30 19.55 -10.53 -38.31
N VAL E 31 19.16 -9.74 -39.31
CA VAL E 31 18.03 -10.12 -40.17
C VAL E 31 18.49 -11.12 -41.22
N ARG E 32 19.73 -11.01 -41.69
CA ARG E 32 20.27 -11.96 -42.66
C ARG E 32 20.52 -13.32 -42.03
N VAL E 33 20.77 -13.35 -40.71
CA VAL E 33 20.86 -14.64 -40.01
C VAL E 33 19.48 -15.26 -39.88
N ALA E 34 18.47 -14.44 -39.57
CA ALA E 34 17.12 -14.95 -39.41
C ALA E 34 16.48 -15.33 -40.75
N LYS E 35 16.91 -14.70 -41.84
CA LYS E 35 16.40 -15.06 -43.16
C LYS E 35 17.15 -16.22 -43.79
N ARG E 36 18.32 -16.57 -43.25
CA ARG E 36 19.04 -17.77 -43.71
C ARG E 36 18.68 -18.99 -42.89
N ALA E 37 18.26 -18.81 -41.64
CA ALA E 37 17.84 -19.94 -40.81
C ALA E 37 16.54 -20.54 -41.31
N LYS E 38 15.68 -19.75 -41.97
CA LYS E 38 14.46 -20.29 -42.54
C LYS E 38 14.74 -21.10 -43.80
N GLU E 39 15.82 -20.78 -44.52
CA GLU E 39 16.23 -21.60 -45.66
C GLU E 39 16.88 -22.90 -45.21
N ASN E 40 17.60 -22.87 -44.08
CA ASN E 40 18.20 -24.10 -43.57
C ASN E 40 17.16 -25.02 -42.94
N ARG E 41 16.07 -24.46 -42.43
CA ARG E 41 14.99 -25.27 -41.88
C ARG E 41 14.18 -25.95 -42.97
N SER E 42 13.96 -25.25 -44.09
CA SER E 42 13.22 -25.84 -45.20
C SER E 42 14.06 -26.86 -45.96
N GLU E 43 15.39 -26.70 -45.94
CA GLU E 43 16.27 -27.67 -46.58
C GLU E 43 16.51 -28.90 -45.72
N ASP E 44 16.22 -28.82 -44.42
CA ASP E 44 16.36 -29.95 -43.50
C ASP E 44 15.02 -30.62 -43.22
N PHE E 45 14.14 -30.69 -44.22
CA PHE E 45 12.82 -31.29 -44.07
C PHE E 45 12.83 -32.80 -44.20
N ASP E 46 14.00 -33.43 -44.36
CA ASP E 46 14.09 -34.86 -44.50
C ASP E 46 14.03 -35.54 -43.13
N SER E 47 14.26 -36.85 -43.11
CA SER E 47 14.21 -37.61 -41.86
C SER E 47 15.43 -37.38 -40.98
N ILE E 48 16.54 -36.93 -41.55
CA ILE E 48 17.75 -36.67 -40.78
C ILE E 48 17.62 -35.31 -40.11
N ASP E 49 17.63 -35.30 -38.78
CA ASP E 49 17.51 -34.08 -37.99
C ASP E 49 18.56 -34.09 -36.90
N ASP E 50 19.50 -33.15 -36.97
CA ASP E 50 20.56 -33.07 -35.97
C ASP E 50 20.08 -32.29 -34.75
N PRO E 51 20.08 -32.88 -33.55
CA PRO E 51 19.61 -32.14 -32.37
C PRO E 51 20.61 -31.12 -31.84
N ASN E 52 21.90 -31.26 -32.16
CA ASN E 52 22.92 -30.34 -31.68
C ASN E 52 23.06 -29.10 -32.55
N MET E 53 22.85 -29.24 -33.85
CA MET E 53 23.02 -28.13 -34.79
C MET E 53 21.63 -27.65 -35.21
N LYS E 54 21.13 -26.63 -34.52
CA LYS E 54 19.86 -26.02 -34.87
C LYS E 54 20.02 -25.18 -36.14
N PRO E 55 18.92 -24.94 -36.87
CA PRO E 55 19.01 -24.04 -38.03
C PRO E 55 19.36 -22.60 -37.68
N ALA E 56 19.03 -22.15 -36.47
CA ALA E 56 19.42 -20.80 -36.06
C ALA E 56 20.91 -20.72 -35.76
N ILE E 57 21.50 -21.82 -35.27
CA ILE E 57 22.93 -21.83 -34.99
C ILE E 57 23.73 -22.09 -36.27
N ARG E 58 23.20 -22.88 -37.20
CA ARG E 58 23.90 -23.18 -38.44
C ARG E 58 23.97 -21.98 -39.38
N ALA E 59 23.07 -21.01 -39.23
CA ALA E 59 23.14 -19.80 -40.03
C ALA E 59 24.25 -18.86 -39.58
N ILE E 60 24.72 -19.00 -38.33
CA ILE E 60 25.80 -18.15 -37.84
C ILE E 60 27.16 -18.73 -38.22
N ILE E 61 27.28 -20.05 -38.22
CA ILE E 61 28.55 -20.70 -38.58
C ILE E 61 28.80 -20.60 -40.07
N GLU E 62 27.74 -20.74 -40.88
CA GLU E 62 27.91 -20.68 -42.33
C GLU E 62 28.15 -19.25 -42.82
N MET E 63 27.64 -18.25 -42.09
CA MET E 63 27.87 -16.87 -42.49
C MET E 63 29.25 -16.37 -42.09
N SER E 64 29.83 -16.94 -41.02
CA SER E 64 31.17 -16.55 -40.60
C SER E 64 32.26 -17.23 -41.42
N ASP E 65 31.97 -18.38 -42.02
CA ASP E 65 32.96 -19.04 -42.86
C ASP E 65 33.11 -18.34 -44.20
N GLU E 66 32.02 -17.77 -44.73
CA GLU E 66 32.08 -17.01 -45.97
C GLU E 66 32.53 -15.58 -45.77
N LEU E 67 32.64 -15.12 -44.52
CA LEU E 67 33.11 -13.76 -44.26
C LEU E 67 34.62 -13.64 -44.42
N THR E 68 35.36 -14.56 -43.79
CA THR E 68 36.83 -14.60 -43.71
C THR E 68 37.47 -13.25 -43.33
N PRO F 71 -29.94 31.95 -7.27
CA PRO F 71 -28.61 31.38 -7.01
C PRO F 71 -28.35 30.09 -7.78
N TYR F 72 -27.11 29.89 -8.21
CA TYR F 72 -26.75 28.71 -8.97
C TYR F 72 -26.55 27.52 -8.03
N THR F 73 -27.09 26.37 -8.44
CA THR F 73 -26.96 25.13 -7.69
C THR F 73 -26.82 23.96 -8.66
N GLU F 74 -26.30 22.85 -8.14
CA GLU F 74 -26.04 21.66 -8.95
C GLU F 74 -27.02 20.53 -8.70
N ASP F 75 -27.69 20.50 -7.55
CA ASP F 75 -28.62 19.43 -7.23
C ASP F 75 -29.89 19.59 -8.05
N SER F 76 -30.16 18.64 -8.95
CA SER F 76 -31.35 18.72 -9.80
C SER F 76 -32.63 18.42 -9.03
N ILE F 77 -32.53 17.72 -7.90
CA ILE F 77 -33.71 17.50 -7.07
C ILE F 77 -34.10 18.78 -6.34
N ARG F 78 -33.11 19.61 -5.98
CA ARG F 78 -33.40 20.88 -5.36
C ARG F 78 -33.97 21.89 -6.35
N ILE F 79 -33.63 21.76 -7.63
CA ILE F 79 -34.18 22.64 -8.66
C ILE F 79 -35.65 22.33 -8.90
N TYR F 80 -36.00 21.03 -8.98
CA TYR F 80 -37.37 20.65 -9.24
C TYR F 80 -38.26 20.88 -8.02
N LEU F 81 -37.71 20.80 -6.82
CA LEU F 81 -38.49 21.08 -5.62
C LEU F 81 -38.75 22.58 -5.44
N GLN F 82 -37.92 23.43 -6.03
CA GLN F 82 -38.17 24.87 -5.97
C GLN F 82 -39.27 25.30 -6.94
N GLU F 83 -39.37 24.62 -8.08
CA GLU F 83 -40.46 24.92 -9.02
C GLU F 83 -41.79 24.38 -8.54
N ILE F 84 -41.78 23.37 -7.67
CA ILE F 84 -43.02 22.85 -7.11
C ILE F 84 -43.58 23.80 -6.06
N GLY F 85 -42.72 24.28 -5.15
CA GLY F 85 -43.14 25.16 -4.08
C GLY F 85 -43.51 26.56 -4.52
N ARG F 86 -43.16 26.95 -5.75
CA ARG F 86 -43.54 28.25 -6.28
C ARG F 86 -44.99 28.31 -6.74
N ILE F 87 -45.68 27.18 -6.78
CA ILE F 87 -47.06 27.10 -7.27
C ILE F 87 -47.99 26.99 -6.07
N ARG F 88 -49.04 27.83 -6.06
CA ARG F 88 -50.00 27.82 -4.97
C ARG F 88 -50.92 26.61 -5.09
N LEU F 89 -51.23 26.01 -3.93
CA LEU F 89 -52.11 24.84 -3.89
C LEU F 89 -53.56 25.26 -4.16
N LEU F 90 -54.37 24.28 -4.54
CA LEU F 90 -55.78 24.52 -4.82
C LEU F 90 -56.61 24.38 -3.55
N ARG F 91 -57.76 25.05 -3.55
CA ARG F 91 -58.70 24.95 -2.45
C ARG F 91 -59.63 23.75 -2.69
N ALA F 92 -60.59 23.57 -1.79
CA ALA F 92 -61.52 22.46 -1.94
C ALA F 92 -62.58 22.74 -2.99
N GLU F 93 -62.90 24.01 -3.24
CA GLU F 93 -63.89 24.36 -4.25
C GLU F 93 -63.27 24.49 -5.64
N GLU F 94 -61.96 24.67 -5.74
CA GLU F 94 -61.31 24.77 -7.04
C GLU F 94 -61.09 23.40 -7.68
N GLU F 95 -61.04 22.34 -6.88
CA GLU F 95 -60.92 21.00 -7.45
C GLU F 95 -62.21 20.54 -8.09
N ILE F 96 -63.35 21.06 -7.64
CA ILE F 96 -64.63 20.71 -8.25
C ILE F 96 -64.82 21.48 -9.54
N GLU F 97 -64.35 22.72 -9.57
CA GLU F 97 -64.49 23.56 -10.75
C GLU F 97 -63.62 23.10 -11.91
N LEU F 98 -62.39 22.68 -11.61
CA LEU F 98 -61.49 22.21 -12.65
C LEU F 98 -61.88 20.82 -13.16
N ALA F 99 -62.58 20.03 -12.35
CA ALA F 99 -63.02 18.71 -12.78
C ALA F 99 -64.17 18.78 -13.78
N ARG F 100 -64.93 19.87 -13.78
CA ARG F 100 -66.02 20.02 -14.73
C ARG F 100 -65.52 20.34 -16.14
N GLN F 101 -64.40 21.07 -16.25
CA GLN F 101 -63.82 21.33 -17.55
C GLN F 101 -63.05 20.14 -18.08
N ILE F 102 -62.51 19.30 -17.18
CA ILE F 102 -61.89 18.04 -17.59
C ILE F 102 -62.97 17.06 -18.07
N ALA F 103 -64.11 17.04 -17.38
CA ALA F 103 -65.23 16.23 -17.84
C ALA F 103 -65.83 16.78 -19.12
N ASP F 104 -65.73 18.09 -19.35
CA ASP F 104 -66.08 18.66 -20.64
C ASP F 104 -65.03 18.35 -21.70
N LEU F 105 -63.79 18.06 -21.29
CA LEU F 105 -62.76 17.64 -22.22
C LEU F 105 -62.87 16.16 -22.56
N LEU F 106 -63.50 15.38 -21.68
CA LEU F 106 -63.68 13.95 -21.96
C LEU F 106 -64.69 13.73 -23.08
N GLU F 107 -65.78 14.50 -23.08
CA GLU F 107 -66.75 14.39 -24.17
C GLU F 107 -66.26 15.02 -25.45
N LEU F 108 -65.32 15.97 -25.38
CA LEU F 108 -64.79 16.59 -26.58
C LEU F 108 -63.82 15.67 -27.32
N GLU F 109 -63.04 14.88 -26.58
CA GLU F 109 -62.14 13.92 -27.21
C GLU F 109 -62.85 12.63 -27.61
N LEU F 110 -64.00 12.33 -26.99
CA LEU F 110 -64.76 11.15 -27.37
C LEU F 110 -65.47 11.35 -28.71
N ILE F 111 -65.89 12.59 -29.00
CA ILE F 111 -66.49 12.90 -30.29
C ILE F 111 -65.43 12.81 -31.40
N ARG F 112 -64.23 13.32 -31.12
CA ARG F 112 -63.15 13.27 -32.10
C ARG F 112 -62.65 11.85 -32.33
N ASP F 113 -62.70 11.00 -31.31
CA ASP F 113 -62.32 9.60 -31.47
C ASP F 113 -63.38 8.80 -32.22
N ASN F 114 -64.62 9.25 -32.22
CA ASN F 114 -65.68 8.63 -33.00
C ASN F 114 -65.76 9.16 -34.42
N LEU F 115 -65.21 10.36 -34.65
CA LEU F 115 -65.23 10.98 -35.98
C LEU F 115 -63.98 10.70 -36.79
N THR F 116 -62.89 10.28 -36.14
CA THR F 116 -61.64 10.00 -36.84
C THR F 116 -61.68 8.68 -37.62
N LEU F 117 -62.70 7.85 -37.42
CA LEU F 117 -62.85 6.60 -38.16
C LEU F 117 -63.60 6.78 -39.46
N GLN F 118 -64.06 7.99 -39.78
CA GLN F 118 -64.79 8.23 -41.01
C GLN F 118 -64.39 9.53 -41.70
N LEU F 119 -63.38 10.23 -41.20
CA LEU F 119 -62.92 11.49 -41.78
C LEU F 119 -61.46 11.42 -42.21
N GLU F 120 -61.00 10.21 -42.57
CA GLU F 120 -59.65 9.92 -43.07
C GLU F 120 -58.57 10.31 -42.07
N ARG F 121 -58.89 10.23 -40.77
CA ARG F 121 -57.95 10.47 -39.65
C ARG F 121 -57.34 11.86 -39.69
N GLN F 122 -58.16 12.86 -40.02
CA GLN F 122 -57.68 14.23 -40.11
C GLN F 122 -58.78 15.21 -39.72
N PRO F 123 -59.28 15.15 -38.48
CA PRO F 123 -60.36 16.09 -38.07
C PRO F 123 -59.79 17.40 -37.52
N SER F 124 -59.16 18.18 -38.41
CA SER F 124 -58.58 19.44 -38.00
C SER F 124 -59.64 20.54 -37.94
N GLU F 125 -60.51 20.62 -38.95
CA GLU F 125 -61.57 21.62 -39.00
C GLU F 125 -62.95 21.04 -38.77
N LEU F 126 -63.09 19.72 -38.72
CA LEU F 126 -64.38 19.08 -38.49
C LEU F 126 -64.74 19.22 -37.02
N GLU F 127 -65.59 20.20 -36.70
CA GLU F 127 -66.03 20.47 -35.33
C GLU F 127 -67.50 20.10 -35.23
N TRP F 128 -67.78 18.98 -34.58
CA TRP F 128 -69.15 18.50 -34.38
C TRP F 128 -69.81 19.12 -33.16
N GLY F 129 -69.04 19.77 -32.28
CA GLY F 129 -69.63 20.38 -31.10
C GLY F 129 -70.38 21.66 -31.39
N LYS F 130 -70.01 22.36 -32.46
CA LYS F 130 -70.69 23.60 -32.83
C LYS F 130 -72.06 23.36 -33.46
N GLN F 131 -72.29 22.17 -34.01
CA GLN F 131 -73.57 21.84 -34.62
C GLN F 131 -74.62 21.52 -33.57
N ASN F 177 -67.30 32.55 -38.21
CA ASN F 177 -66.08 33.12 -37.63
C ASN F 177 -66.21 33.24 -36.11
N LYS F 178 -67.44 33.39 -35.64
CA LYS F 178 -67.69 33.52 -34.20
C LYS F 178 -67.81 32.17 -33.51
N ASN F 179 -68.34 31.15 -34.20
CA ASN F 179 -68.45 29.83 -33.61
C ASN F 179 -67.11 29.10 -33.58
N PHE F 180 -66.26 29.32 -34.59
CA PHE F 180 -64.95 28.68 -34.62
C PHE F 180 -63.98 29.32 -33.65
N ALA F 181 -64.11 30.62 -33.39
CA ALA F 181 -63.26 31.28 -32.41
C ALA F 181 -63.68 30.93 -30.99
N ALA F 182 -64.97 30.74 -30.75
CA ALA F 182 -65.44 30.32 -29.44
C ALA F 182 -65.15 28.85 -29.17
N PHE F 183 -65.01 28.04 -30.21
CA PHE F 183 -64.66 26.63 -30.03
C PHE F 183 -63.19 26.49 -29.63
N ARG F 184 -62.32 27.33 -30.19
CA ARG F 184 -60.91 27.29 -29.81
C ARG F 184 -60.68 27.92 -28.44
N ARG F 185 -61.54 28.85 -28.03
CA ARG F 185 -61.43 29.41 -26.70
C ARG F 185 -61.85 28.41 -25.63
N ARG F 186 -62.88 27.60 -25.92
CA ARG F 186 -63.29 26.57 -24.99
C ARG F 186 -62.32 25.40 -24.96
N LEU F 187 -61.65 25.13 -26.08
CA LEU F 187 -60.65 24.06 -26.10
C LEU F 187 -59.38 24.47 -25.38
N PHE F 188 -59.00 25.75 -25.46
CA PHE F 188 -57.83 26.22 -24.74
C PHE F 188 -58.10 26.34 -23.24
N LEU F 189 -59.32 26.72 -22.86
CA LEU F 189 -59.64 26.85 -21.44
C LEU F 189 -59.80 25.49 -20.76
N ASP F 190 -60.25 24.48 -21.50
CA ASP F 190 -60.39 23.14 -20.93
C ASP F 190 -59.04 22.45 -20.80
N ARG F 191 -58.12 22.68 -21.75
CA ARG F 191 -56.78 22.10 -21.63
C ARG F 191 -55.96 22.81 -20.57
N ARG F 192 -56.29 24.06 -20.26
CA ARG F 192 -55.60 24.75 -19.18
C ARG F 192 -56.08 24.26 -17.81
N ALA F 193 -57.30 23.75 -17.74
CA ALA F 193 -57.81 23.21 -16.47
C ALA F 193 -57.14 21.88 -16.14
N LYS F 194 -56.92 21.03 -17.14
CA LYS F 194 -56.15 19.82 -16.93
C LYS F 194 -54.67 20.14 -16.71
N ASP F 195 -54.19 21.26 -17.27
CA ASP F 195 -52.83 21.71 -17.00
C ASP F 195 -52.70 22.22 -15.57
N LYS F 196 -53.79 22.74 -15.00
CA LYS F 196 -53.72 23.33 -13.66
C LYS F 196 -53.86 22.29 -12.56
N MET F 197 -54.59 21.20 -12.82
CA MET F 197 -54.85 20.22 -11.77
C MET F 197 -53.64 19.32 -11.53
N VAL F 198 -52.91 18.96 -12.58
CA VAL F 198 -51.75 18.07 -12.41
C VAL F 198 -50.55 18.85 -11.90
N GLN F 199 -50.41 20.11 -12.34
CA GLN F 199 -49.24 20.91 -11.96
C GLN F 199 -49.29 21.35 -10.51
N SER F 200 -50.49 21.66 -9.99
CA SER F 200 -50.62 22.12 -8.62
C SER F 200 -50.56 21.00 -7.60
N ASN F 201 -50.90 19.76 -7.99
CA ASN F 201 -50.90 18.62 -7.09
C ASN F 201 -49.59 17.84 -7.15
N LEU F 202 -48.48 18.50 -7.48
CA LEU F 202 -47.19 17.83 -7.58
C LEU F 202 -46.52 17.62 -6.22
N ARG F 203 -46.99 18.30 -5.17
CA ARG F 203 -46.48 18.04 -3.84
C ARG F 203 -46.97 16.70 -3.29
N LEU F 204 -48.09 16.20 -3.80
CA LEU F 204 -48.58 14.89 -3.37
C LEU F 204 -47.73 13.76 -3.94
N VAL F 205 -47.09 14.00 -5.09
CA VAL F 205 -46.24 12.97 -5.70
C VAL F 205 -44.94 12.83 -4.91
N VAL F 206 -44.43 13.95 -4.39
CA VAL F 206 -43.18 13.91 -3.62
C VAL F 206 -43.40 13.26 -2.26
N SER F 207 -44.57 13.45 -1.66
CA SER F 207 -44.88 12.85 -0.36
C SER F 207 -45.13 11.35 -0.47
N ILE F 208 -45.45 10.84 -1.65
CA ILE F 208 -45.64 9.40 -1.83
C ILE F 208 -44.35 8.72 -2.29
N ALA F 209 -43.63 9.33 -3.23
CA ALA F 209 -42.41 8.73 -3.77
C ALA F 209 -41.23 8.79 -2.81
N LYS F 210 -41.33 9.54 -1.70
CA LYS F 210 -40.25 9.55 -0.72
C LYS F 210 -40.22 8.29 0.12
N LYS F 211 -41.28 7.49 0.10
CA LYS F 211 -41.33 6.21 0.81
C LYS F 211 -40.96 5.05 -0.10
N TYR F 212 -40.54 5.31 -1.33
CA TYR F 212 -40.19 4.27 -2.28
C TYR F 212 -38.77 4.40 -2.83
N MET F 213 -37.99 5.35 -2.34
CA MET F 213 -36.67 5.62 -2.91
C MET F 213 -35.57 4.82 -2.24
N ASN F 214 -35.79 3.51 -2.08
CA ASN F 214 -34.74 2.63 -1.59
C ASN F 214 -34.65 1.29 -2.29
N ARG F 215 -35.66 0.87 -3.06
CA ARG F 215 -35.67 -0.50 -3.57
C ARG F 215 -34.86 -0.64 -4.85
N GLY F 216 -35.31 -0.02 -5.94
CA GLY F 216 -34.61 -0.15 -7.20
C GLY F 216 -34.26 1.14 -7.90
N LEU F 217 -35.04 2.18 -7.66
CA LEU F 217 -34.94 3.42 -8.43
C LEU F 217 -34.44 4.56 -7.57
N SER F 218 -34.02 5.63 -8.24
CA SER F 218 -33.60 6.86 -7.57
C SER F 218 -34.82 7.73 -7.31
N PHE F 219 -34.60 8.85 -6.62
CA PHE F 219 -35.69 9.76 -6.32
C PHE F 219 -36.15 10.57 -7.52
N GLN F 220 -35.30 10.69 -8.55
CA GLN F 220 -35.68 11.47 -9.74
C GLN F 220 -36.65 10.70 -10.63
N ASP F 221 -36.44 9.40 -10.79
CA ASP F 221 -37.28 8.60 -11.67
C ASP F 221 -38.64 8.28 -11.08
N LEU F 222 -38.81 8.41 -9.76
CA LEU F 222 -40.08 8.07 -9.13
C LEU F 222 -41.09 9.19 -9.23
N ILE F 223 -40.63 10.45 -9.28
CA ILE F 223 -41.56 11.57 -9.42
C ILE F 223 -42.08 11.65 -10.85
N GLN F 224 -41.25 11.30 -11.83
CA GLN F 224 -41.70 11.33 -13.22
C GLN F 224 -42.65 10.18 -13.52
N GLU F 225 -42.42 9.02 -12.90
CA GLU F 225 -43.36 7.91 -13.04
C GLU F 225 -44.61 8.13 -12.20
N GLY F 226 -44.49 8.80 -11.05
CA GLY F 226 -45.65 9.13 -10.26
C GLY F 226 -46.50 10.22 -10.88
N SER F 227 -45.89 11.09 -11.68
CA SER F 227 -46.66 12.12 -12.40
C SER F 227 -47.46 11.53 -13.54
N LEU F 228 -47.07 10.36 -14.06
CA LEU F 228 -47.88 9.71 -15.09
C LEU F 228 -49.16 9.14 -14.49
N GLY F 229 -49.12 8.72 -13.22
CA GLY F 229 -50.34 8.32 -12.54
C GLY F 229 -51.23 9.47 -12.13
N LEU F 230 -50.66 10.66 -11.93
CA LEU F 230 -51.46 11.84 -11.61
C LEU F 230 -52.23 12.33 -12.82
N ILE F 231 -51.70 12.11 -14.03
CA ILE F 231 -52.43 12.44 -15.24
C ILE F 231 -53.62 11.49 -15.43
N ARG F 232 -53.40 10.20 -15.19
CA ARG F 232 -54.48 9.22 -15.33
C ARG F 232 -55.53 9.38 -14.22
N ALA F 233 -55.13 9.88 -13.05
CA ALA F 233 -56.09 10.13 -11.99
C ALA F 233 -56.96 11.35 -12.29
N ALA F 234 -56.45 12.29 -13.09
CA ALA F 234 -57.23 13.48 -13.41
C ALA F 234 -58.32 13.18 -14.43
N GLU F 235 -58.12 12.18 -15.28
CA GLU F 235 -59.13 11.84 -16.28
C GLU F 235 -60.26 11.02 -15.66
N LYS F 236 -59.94 10.14 -14.71
CA LYS F 236 -60.92 9.25 -14.09
C LYS F 236 -61.50 9.81 -12.80
N PHE F 237 -61.20 11.07 -12.46
CA PHE F 237 -61.75 11.68 -11.27
C PHE F 237 -63.19 12.09 -11.50
N ASP F 238 -64.10 11.56 -10.68
CA ASP F 238 -65.52 11.85 -10.78
C ASP F 238 -65.91 12.70 -9.58
N HIS F 239 -66.24 13.97 -9.82
CA HIS F 239 -66.61 14.90 -8.76
C HIS F 239 -68.04 14.70 -8.28
N GLU F 240 -68.84 13.88 -8.96
CA GLU F 240 -70.21 13.63 -8.53
C GLU F 240 -70.28 12.71 -7.32
N LYS F 241 -69.23 11.93 -7.06
CA LYS F 241 -69.24 11.03 -5.91
C LYS F 241 -69.02 11.77 -4.60
N GLY F 242 -68.33 12.90 -4.64
CA GLY F 242 -68.16 13.74 -3.47
C GLY F 242 -66.82 13.59 -2.76
N TYR F 243 -66.00 12.63 -3.16
CA TYR F 243 -64.71 12.45 -2.50
C TYR F 243 -63.71 13.49 -2.98
N LYS F 244 -62.68 13.70 -2.16
CA LYS F 244 -61.65 14.67 -2.49
C LYS F 244 -60.72 14.12 -3.58
N PHE F 245 -59.97 15.04 -4.20
CA PHE F 245 -59.02 14.63 -5.23
C PHE F 245 -57.81 13.93 -4.64
N SER F 246 -57.43 14.28 -3.42
CA SER F 246 -56.27 13.66 -2.78
C SER F 246 -56.54 12.23 -2.33
N THR F 247 -57.82 11.85 -2.20
CA THR F 247 -58.15 10.48 -1.84
C THR F 247 -58.04 9.54 -3.04
N TYR F 248 -58.50 9.98 -4.21
CA TYR F 248 -58.51 9.13 -5.39
C TYR F 248 -57.16 9.10 -6.09
N ALA F 249 -56.43 10.22 -6.09
CA ALA F 249 -55.15 10.28 -6.78
C ALA F 249 -54.04 9.54 -6.03
N THR F 250 -54.25 9.24 -4.75
CA THR F 250 -53.26 8.45 -4.00
C THR F 250 -53.22 7.01 -4.49
N TRP F 251 -54.37 6.48 -4.93
CA TRP F 251 -54.41 5.12 -5.46
C TRP F 251 -53.75 5.00 -6.83
N TRP F 252 -53.66 6.10 -7.58
CA TRP F 252 -53.07 6.07 -8.92
C TRP F 252 -51.60 6.45 -8.96
N ILE F 253 -51.15 7.31 -8.03
CA ILE F 253 -49.72 7.61 -7.93
C ILE F 253 -48.98 6.40 -7.38
N ARG F 254 -49.54 5.74 -6.37
CA ARG F 254 -48.92 4.55 -5.80
C ARG F 254 -48.96 3.37 -6.77
N GLN F 255 -49.94 3.35 -7.68
CA GLN F 255 -49.99 2.27 -8.67
C GLN F 255 -48.93 2.47 -9.75
N ALA F 256 -48.71 3.71 -10.18
CA ALA F 256 -47.73 3.96 -11.23
C ALA F 256 -46.30 3.85 -10.71
N ILE F 257 -46.10 4.06 -9.41
CA ILE F 257 -44.77 3.90 -8.83
C ILE F 257 -44.44 2.42 -8.67
N THR F 258 -45.41 1.63 -8.18
CA THR F 258 -45.17 0.20 -7.99
C THR F 258 -45.04 -0.54 -9.31
N ARG F 259 -45.75 -0.10 -10.35
CA ARG F 259 -45.60 -0.69 -11.68
C ARG F 259 -44.26 -0.32 -12.29
N ALA F 260 -43.68 0.81 -11.89
CA ALA F 260 -42.38 1.22 -12.43
C ALA F 260 -41.25 0.36 -11.88
N ILE F 261 -41.35 -0.10 -10.63
CA ILE F 261 -40.33 -0.98 -10.08
C ILE F 261 -40.50 -2.40 -10.64
N ALA F 262 -41.72 -2.77 -11.03
CA ALA F 262 -41.95 -4.09 -11.60
C ALA F 262 -41.47 -4.18 -13.05
N ASP F 263 -41.44 -3.06 -13.77
CA ASP F 263 -41.03 -3.04 -15.16
C ASP F 263 -39.60 -2.55 -15.37
N GLN F 264 -39.12 -1.68 -14.51
CA GLN F 264 -37.77 -1.12 -14.60
C GLN F 264 -36.98 -1.52 -13.36
N SER F 265 -35.80 -0.89 -13.20
CA SER F 265 -34.92 -1.04 -12.03
C SER F 265 -34.41 -2.46 -11.85
N ARG F 266 -34.30 -3.20 -12.95
CA ARG F 266 -33.74 -4.55 -12.93
C ARG F 266 -33.22 -4.86 -14.32
N THR F 267 -32.01 -5.42 -14.41
CA THR F 267 -31.41 -5.71 -15.70
C THR F 267 -32.13 -6.86 -16.39
N ILE F 268 -32.12 -8.04 -15.76
CA ILE F 268 -32.94 -9.16 -16.20
C ILE F 268 -34.27 -9.01 -15.47
N ARG F 269 -35.22 -8.36 -16.14
CA ARG F 269 -36.46 -7.95 -15.49
C ARG F 269 -37.38 -9.14 -15.27
N LEU F 270 -38.22 -9.02 -14.25
CA LEU F 270 -39.22 -10.00 -13.87
C LEU F 270 -40.62 -9.46 -14.16
N PRO F 271 -41.58 -10.33 -14.48
CA PRO F 271 -42.94 -9.85 -14.73
C PRO F 271 -43.64 -9.41 -13.45
N VAL F 272 -44.83 -8.84 -13.63
CA VAL F 272 -45.58 -8.29 -12.51
C VAL F 272 -46.15 -9.40 -11.63
N HIS F 273 -46.59 -10.50 -12.25
CA HIS F 273 -47.14 -11.62 -11.50
C HIS F 273 -46.08 -12.37 -10.71
N LEU F 274 -44.81 -12.25 -11.09
CA LEU F 274 -43.76 -12.93 -10.34
C LEU F 274 -43.44 -12.20 -9.04
N TYR F 275 -43.62 -10.88 -9.01
CA TYR F 275 -43.41 -10.12 -7.78
C TYR F 275 -44.49 -10.42 -6.75
N GLU F 276 -45.69 -10.80 -7.20
CA GLU F 276 -46.73 -11.24 -6.29
C GLU F 276 -46.48 -12.66 -5.77
N THR F 277 -45.71 -13.47 -6.50
CA THR F 277 -45.39 -14.81 -6.05
C THR F 277 -44.31 -14.79 -4.98
N ILE F 278 -43.33 -13.90 -5.10
CA ILE F 278 -42.29 -13.77 -4.09
C ILE F 278 -42.87 -13.20 -2.80
N SER F 279 -43.78 -12.24 -2.91
CA SER F 279 -44.43 -11.67 -1.74
C SER F 279 -45.40 -12.64 -1.07
N ARG F 280 -45.87 -13.66 -1.81
CA ARG F 280 -46.75 -14.67 -1.22
C ARG F 280 -45.96 -15.68 -0.41
N ILE F 281 -44.70 -15.95 -0.78
CA ILE F 281 -43.87 -16.86 -0.01
C ILE F 281 -43.41 -16.21 1.28
N LYS F 282 -43.15 -14.90 1.24
CA LYS F 282 -42.68 -14.18 2.42
C LYS F 282 -43.78 -14.05 3.47
N LYS F 283 -45.05 -14.06 3.06
CA LYS F 283 -46.15 -14.03 4.03
C LYS F 283 -46.43 -15.41 4.60
N THR F 284 -46.15 -16.48 3.86
CA THR F 284 -46.38 -17.83 4.35
C THR F 284 -45.22 -18.30 5.24
N THR F 285 -44.01 -17.87 4.93
CA THR F 285 -42.85 -18.19 5.77
C THR F 285 -42.97 -17.51 7.13
N LYS F 286 -43.46 -16.25 7.14
CA LYS F 286 -43.75 -15.58 8.41
C LYS F 286 -44.94 -16.20 9.11
N LEU F 287 -45.85 -16.83 8.36
CA LEU F 287 -46.99 -17.51 8.98
C LEU F 287 -46.56 -18.83 9.62
N LEU F 288 -45.63 -19.56 8.98
CA LEU F 288 -45.14 -20.80 9.54
C LEU F 288 -44.16 -20.58 10.69
N SER F 289 -43.59 -19.38 10.79
CA SER F 289 -42.69 -19.09 11.91
C SER F 289 -43.46 -18.90 13.21
N GLN F 290 -44.73 -18.50 13.14
CA GLN F 290 -45.54 -18.35 14.34
C GLN F 290 -46.05 -19.69 14.83
N GLU F 291 -46.41 -20.60 13.91
CA GLU F 291 -46.85 -21.93 14.31
C GLU F 291 -45.68 -22.81 14.72
N MET F 292 -44.67 -22.92 13.85
CA MET F 292 -43.44 -23.65 14.15
C MET F 292 -42.38 -22.63 14.56
N ARG F 293 -42.04 -22.63 15.85
CA ARG F 293 -41.11 -21.62 16.36
C ARG F 293 -39.66 -21.90 15.98
N ARG F 294 -39.30 -23.17 15.82
CA ARG F 294 -37.93 -23.56 15.50
C ARG F 294 -37.92 -24.60 14.39
N LYS F 295 -36.71 -24.87 13.89
CA LYS F 295 -36.39 -25.83 12.83
C LYS F 295 -37.21 -25.62 11.57
N PRO F 296 -36.96 -24.58 10.78
CA PRO F 296 -37.71 -24.39 9.54
C PRO F 296 -37.21 -25.32 8.44
N THR F 297 -38.07 -25.52 7.45
CA THR F 297 -37.77 -26.40 6.32
C THR F 297 -38.36 -25.80 5.06
N GLU F 298 -38.06 -26.45 3.93
CA GLU F 298 -38.56 -26.01 2.63
C GLU F 298 -39.78 -26.79 2.15
N GLU F 299 -40.05 -27.95 2.74
CA GLU F 299 -41.19 -28.74 2.29
C GLU F 299 -42.50 -28.24 2.89
N GLU F 300 -42.45 -27.56 4.03
CA GLU F 300 -43.66 -27.00 4.63
C GLU F 300 -44.14 -25.77 3.89
N ILE F 301 -43.25 -25.06 3.21
CA ILE F 301 -43.64 -23.86 2.47
C ILE F 301 -44.31 -24.25 1.15
N ALA F 302 -43.83 -25.31 0.50
CA ALA F 302 -44.40 -25.75 -0.76
C ALA F 302 -45.72 -26.48 -0.59
N GLU F 303 -46.03 -26.96 0.61
CA GLU F 303 -47.30 -27.64 0.83
C GLU F 303 -48.44 -26.64 0.99
N LYS F 304 -48.20 -25.54 1.70
CA LYS F 304 -49.23 -24.52 1.91
C LYS F 304 -49.42 -23.61 0.70
N MET F 305 -48.54 -23.68 -0.29
CA MET F 305 -48.65 -22.84 -1.49
C MET F 305 -49.33 -23.57 -2.66
N GLU F 306 -49.50 -24.89 -2.55
CA GLU F 306 -49.99 -25.77 -3.62
C GLU F 306 -49.13 -25.62 -4.89
N MET F 307 -47.85 -25.95 -4.72
CA MET F 307 -46.90 -25.96 -5.83
C MET F 307 -45.87 -27.05 -5.56
N THR F 308 -45.16 -27.43 -6.63
CA THR F 308 -44.16 -28.49 -6.51
C THR F 308 -42.88 -27.93 -5.88
N ILE F 309 -41.96 -28.86 -5.57
CA ILE F 309 -40.69 -28.46 -4.96
C ILE F 309 -39.70 -27.95 -6.01
N GLU F 310 -39.96 -28.18 -7.29
CA GLU F 310 -39.06 -27.71 -8.35
C GLU F 310 -39.41 -26.30 -8.81
N LYS F 311 -40.66 -25.87 -8.63
CA LYS F 311 -41.03 -24.51 -8.98
C LYS F 311 -40.51 -23.51 -7.95
N LEU F 312 -40.36 -23.94 -6.70
CA LEU F 312 -39.89 -23.03 -5.65
C LEU F 312 -38.40 -22.73 -5.80
N ARG F 313 -37.64 -23.64 -6.42
CA ARG F 313 -36.24 -23.35 -6.72
C ARG F 313 -36.12 -22.33 -7.84
N PHE F 314 -37.10 -22.29 -8.75
CA PHE F 314 -37.09 -21.31 -9.83
C PHE F 314 -37.44 -19.92 -9.32
N ILE F 315 -38.21 -19.84 -8.23
CA ILE F 315 -38.53 -18.54 -7.65
C ILE F 315 -37.30 -17.95 -6.94
N ALA F 316 -36.58 -18.80 -6.20
CA ALA F 316 -35.40 -18.32 -5.47
C ALA F 316 -34.22 -18.01 -6.39
N LYS F 317 -34.17 -18.61 -7.57
CA LYS F 317 -33.09 -18.30 -8.50
C LYS F 317 -33.37 -17.02 -9.27
N SER F 318 -34.63 -16.77 -9.62
CA SER F 318 -34.99 -15.57 -10.35
C SER F 318 -35.03 -14.32 -9.47
N ALA F 319 -35.14 -14.49 -8.16
CA ALA F 319 -35.19 -13.36 -7.24
C ALA F 319 -33.81 -12.85 -6.83
N GLN F 320 -32.75 -13.49 -7.30
CA GLN F 320 -31.39 -13.07 -6.96
C GLN F 320 -31.02 -11.81 -7.74
N LEU F 321 -30.47 -10.83 -7.03
CA LEU F 321 -30.05 -9.60 -7.68
C LEU F 321 -28.75 -9.82 -8.46
N PRO F 322 -28.61 -9.21 -9.63
CA PRO F 322 -27.38 -9.39 -10.41
C PRO F 322 -26.22 -8.63 -9.80
N ILE F 323 -25.03 -9.21 -9.92
CA ILE F 323 -23.81 -8.62 -9.39
C ILE F 323 -23.10 -7.89 -10.53
N SER F 324 -22.30 -6.90 -10.18
CA SER F 324 -21.57 -6.11 -11.16
C SER F 324 -20.23 -6.77 -11.50
N LEU F 325 -19.74 -6.47 -12.70
CA LEU F 325 -18.48 -7.02 -13.17
C LEU F 325 -17.28 -6.20 -12.72
N GLU F 326 -17.50 -4.98 -12.24
CA GLU F 326 -16.41 -4.09 -11.83
C GLU F 326 -16.40 -3.85 -10.33
N THR F 327 -16.97 -4.76 -9.55
CA THR F 327 -16.96 -4.61 -8.10
C THR F 327 -15.63 -5.11 -7.53
N PRO F 328 -15.11 -4.48 -6.48
CA PRO F 328 -13.87 -4.95 -5.85
C PRO F 328 -14.11 -6.21 -5.04
N ILE F 329 -13.45 -7.30 -5.42
CA ILE F 329 -13.63 -8.58 -4.73
C ILE F 329 -12.73 -8.69 -3.50
N GLY F 330 -11.75 -7.80 -3.35
CA GLY F 330 -10.86 -7.81 -2.22
C GLY F 330 -11.14 -6.68 -1.25
N LYS F 331 -10.17 -6.42 -0.38
CA LYS F 331 -10.25 -5.32 0.57
C LYS F 331 -9.79 -3.99 0.00
N GLU F 332 -9.24 -3.99 -1.20
CA GLU F 332 -8.78 -2.78 -1.87
C GLU F 332 -9.31 -2.75 -3.30
N GLU F 333 -8.84 -1.77 -4.07
CA GLU F 333 -9.23 -1.61 -5.46
C GLU F 333 -8.19 -2.18 -6.43
N ASP F 334 -7.52 -3.26 -6.05
CA ASP F 334 -6.49 -3.84 -6.89
C ASP F 334 -7.02 -4.88 -7.87
N SER F 335 -8.12 -5.55 -7.52
CA SER F 335 -8.70 -6.58 -8.38
C SER F 335 -10.21 -6.39 -8.48
N ARG F 336 -10.79 -6.95 -9.52
CA ARG F 336 -12.22 -6.86 -9.80
C ARG F 336 -12.78 -8.27 -10.00
N LEU F 337 -14.08 -8.34 -10.29
CA LEU F 337 -14.72 -9.62 -10.53
C LEU F 337 -14.45 -10.15 -11.93
N GLY F 338 -14.26 -9.25 -12.90
CA GLY F 338 -14.05 -9.67 -14.27
C GLY F 338 -12.69 -10.30 -14.56
N ASP F 339 -11.77 -10.24 -13.60
CA ASP F 339 -10.45 -10.84 -13.80
C ASP F 339 -10.44 -12.34 -13.59
N PHE F 340 -11.48 -12.91 -12.99
CA PHE F 340 -11.54 -14.33 -12.71
C PHE F 340 -12.57 -15.08 -13.53
N ILE F 341 -13.23 -14.41 -14.48
CA ILE F 341 -14.32 -15.00 -15.25
C ILE F 341 -13.80 -15.38 -16.63
N GLU F 342 -13.93 -16.65 -16.99
CA GLU F 342 -13.51 -17.17 -18.27
C GLU F 342 -14.48 -16.74 -19.37
N ALA F 343 -13.99 -16.82 -20.62
CA ALA F 343 -14.81 -16.52 -21.78
C ALA F 343 -15.48 -17.80 -22.29
N ASP F 344 -16.60 -17.62 -22.98
CA ASP F 344 -17.36 -18.74 -23.54
C ASP F 344 -16.84 -19.05 -24.94
N GLY F 345 -15.59 -19.50 -24.99
CA GLY F 345 -14.95 -19.86 -26.25
C GLY F 345 -14.05 -21.05 -26.07
N GLU F 346 -13.81 -21.74 -27.19
CA GLU F 346 -12.98 -22.93 -27.17
C GLU F 346 -11.50 -22.55 -27.14
N THR F 347 -10.71 -23.36 -26.46
CA THR F 347 -9.27 -23.13 -26.40
C THR F 347 -8.64 -23.45 -27.75
N PRO F 348 -7.51 -22.81 -28.08
CA PRO F 348 -6.81 -23.13 -29.35
C PRO F 348 -6.19 -24.52 -29.38
N GLU F 349 -6.12 -25.24 -28.26
CA GLU F 349 -5.64 -26.62 -28.30
C GLU F 349 -6.63 -27.53 -29.01
N ASP F 350 -7.94 -27.26 -28.91
CA ASP F 350 -8.93 -28.05 -29.63
C ASP F 350 -9.14 -27.57 -31.05
N GLU F 351 -8.75 -26.34 -31.38
CA GLU F 351 -8.89 -25.84 -32.73
C GLU F 351 -7.69 -26.18 -33.61
N VAL F 352 -6.51 -26.39 -33.01
CA VAL F 352 -5.35 -26.80 -33.79
C VAL F 352 -5.45 -28.28 -34.16
N SER F 353 -5.80 -29.12 -33.17
CA SER F 353 -5.93 -30.55 -33.42
C SER F 353 -7.14 -30.88 -34.29
N LYS F 354 -8.11 -29.97 -34.38
CA LYS F 354 -9.18 -30.12 -35.37
C LYS F 354 -8.64 -29.99 -36.79
N ASN F 355 -7.63 -29.14 -36.98
CA ASN F 355 -6.98 -29.04 -38.28
C ASN F 355 -6.04 -30.22 -38.56
N LEU F 356 -5.42 -30.77 -37.51
CA LEU F 356 -4.62 -31.98 -37.68
C LEU F 356 -5.48 -33.22 -37.91
N LEU F 357 -6.76 -33.16 -37.53
CA LEU F 357 -7.67 -34.27 -37.83
C LEU F 357 -7.99 -34.34 -39.32
N ARG F 358 -7.98 -33.20 -40.01
CA ARG F 358 -8.25 -33.19 -41.45
C ARG F 358 -7.08 -33.78 -42.23
N GLU F 359 -5.85 -33.63 -41.73
CA GLU F 359 -4.69 -34.16 -42.44
C GLU F 359 -4.58 -35.67 -42.33
N ASP F 360 -5.21 -36.27 -41.33
CA ASP F 360 -5.15 -37.72 -41.15
C ASP F 360 -6.43 -38.43 -41.57
N LEU F 361 -7.58 -37.76 -41.52
CA LEU F 361 -8.81 -38.36 -42.00
C LEU F 361 -8.86 -38.41 -43.52
N GLU F 362 -8.28 -37.42 -44.19
CA GLU F 362 -8.18 -37.44 -45.65
C GLU F 362 -7.03 -38.32 -46.14
N ASN F 363 -6.15 -38.78 -45.25
CA ASN F 363 -5.07 -39.67 -45.66
C ASN F 363 -5.61 -41.08 -45.93
N VAL F 364 -6.52 -41.56 -45.08
CA VAL F 364 -7.10 -42.88 -45.28
C VAL F 364 -8.19 -42.89 -46.34
N LEU F 365 -8.65 -41.72 -46.77
CA LEU F 365 -9.64 -41.64 -47.84
C LEU F 365 -9.02 -41.62 -49.22
N ASP F 366 -7.76 -41.18 -49.35
CA ASP F 366 -7.10 -41.15 -50.64
C ASP F 366 -6.68 -42.54 -51.10
N THR F 367 -6.57 -43.50 -50.18
CA THR F 367 -6.23 -44.87 -50.54
C THR F 367 -7.42 -45.68 -51.04
N LEU F 368 -8.63 -45.14 -50.93
CA LEU F 368 -9.83 -45.83 -51.40
C LEU F 368 -10.07 -45.50 -52.86
N SER F 369 -11.19 -45.97 -53.40
CA SER F 369 -11.55 -45.69 -54.78
C SER F 369 -11.99 -44.23 -54.92
N PRO F 370 -11.83 -43.63 -56.11
CA PRO F 370 -12.35 -42.27 -56.31
C PRO F 370 -13.87 -42.18 -56.26
N ARG F 371 -14.57 -43.27 -56.60
CA ARG F 371 -16.02 -43.32 -56.39
C ARG F 371 -16.36 -43.54 -54.92
N GLU F 372 -15.54 -44.33 -54.22
CA GLU F 372 -15.80 -44.59 -52.80
C GLU F 372 -15.48 -43.39 -51.93
N ARG F 373 -14.49 -42.57 -52.34
CA ARG F 373 -14.15 -41.38 -51.58
C ARG F 373 -15.17 -40.27 -51.78
N ASP F 374 -15.83 -40.24 -52.94
CA ASP F 374 -16.80 -39.19 -53.22
C ASP F 374 -18.08 -39.35 -52.43
N VAL F 375 -18.40 -40.59 -52.02
CA VAL F 375 -19.62 -40.84 -51.26
C VAL F 375 -19.47 -40.35 -49.83
N LEU F 376 -18.34 -40.64 -49.19
CA LEU F 376 -18.14 -40.31 -47.79
C LEU F 376 -17.92 -38.81 -47.56
N ARG F 377 -17.52 -38.07 -48.59
CA ARG F 377 -17.24 -36.65 -48.40
C ARG F 377 -18.50 -35.80 -48.45
N LEU F 378 -19.35 -36.02 -49.46
CA LEU F 378 -20.56 -35.22 -49.61
C LEU F 378 -21.66 -35.63 -48.63
N ARG F 379 -21.58 -36.82 -48.03
CA ARG F 379 -22.61 -37.26 -47.12
C ARG F 379 -22.50 -36.58 -45.76
N TYR F 380 -21.32 -36.62 -45.14
CA TYR F 380 -21.14 -36.06 -43.82
C TYR F 380 -20.90 -34.56 -43.84
N GLY F 381 -20.52 -33.99 -45.00
CA GLY F 381 -20.34 -32.56 -45.09
C GLY F 381 -18.88 -32.13 -45.22
N LEU F 382 -18.09 -32.90 -45.96
CA LEU F 382 -16.69 -32.58 -46.18
C LEU F 382 -16.54 -31.80 -47.48
N ASP F 383 -15.65 -30.80 -47.45
CA ASP F 383 -15.24 -29.95 -48.57
C ASP F 383 -16.38 -29.10 -49.14
N ASP F 384 -17.52 -29.00 -48.45
CA ASP F 384 -18.60 -28.13 -48.89
C ASP F 384 -19.22 -27.29 -47.77
N GLY F 385 -19.08 -27.66 -46.50
CA GLY F 385 -19.68 -26.92 -45.42
C GLY F 385 -21.16 -27.18 -45.21
N ARG F 386 -21.73 -28.16 -45.90
CA ARG F 386 -23.15 -28.47 -45.78
C ARG F 386 -23.35 -29.98 -45.83
N MET F 387 -24.27 -30.47 -45.00
CA MET F 387 -24.58 -31.89 -44.94
C MET F 387 -25.66 -32.22 -45.97
N LYS F 388 -25.41 -33.27 -46.76
CA LYS F 388 -26.33 -33.71 -47.80
C LYS F 388 -26.91 -35.07 -47.45
N THR F 389 -28.14 -35.31 -47.88
CA THR F 389 -28.82 -36.57 -47.63
C THR F 389 -28.47 -37.59 -48.70
N LEU F 390 -29.01 -38.81 -48.55
CA LEU F 390 -28.69 -39.89 -49.47
C LEU F 390 -29.42 -39.76 -50.81
N GLU F 391 -30.59 -39.13 -50.82
CA GLU F 391 -31.36 -39.03 -52.06
C GLU F 391 -30.79 -37.97 -53.00
N GLU F 392 -30.13 -36.93 -52.47
CA GLU F 392 -29.55 -35.91 -53.31
C GLU F 392 -28.28 -36.37 -54.01
N ILE F 393 -27.60 -37.40 -53.47
CA ILE F 393 -26.47 -37.99 -54.18
C ILE F 393 -26.97 -38.92 -55.28
N GLY F 394 -28.15 -39.55 -55.08
CA GLY F 394 -28.72 -40.42 -56.09
C GLY F 394 -29.36 -39.70 -57.26
N GLN F 395 -29.62 -38.41 -57.14
CA GLN F 395 -30.23 -37.66 -58.24
C GLN F 395 -29.20 -37.00 -59.16
N ILE F 396 -27.96 -36.82 -58.69
CA ILE F 396 -26.89 -36.33 -59.56
C ILE F 396 -26.14 -37.47 -60.22
N PHE F 397 -26.41 -38.71 -59.83
CA PHE F 397 -25.84 -39.90 -60.45
C PHE F 397 -26.92 -40.66 -61.18
N ASN F 398 -26.50 -41.56 -62.07
CA ASN F 398 -27.42 -42.35 -62.88
C ASN F 398 -27.81 -43.67 -62.20
N VAL F 399 -27.60 -43.79 -60.89
CA VAL F 399 -27.88 -45.02 -60.15
C VAL F 399 -28.85 -44.68 -59.03
N THR F 400 -29.90 -45.49 -58.89
CA THR F 400 -30.97 -45.25 -57.94
C THR F 400 -30.56 -45.69 -56.53
N ARG F 401 -31.54 -45.78 -55.62
CA ARG F 401 -31.33 -46.03 -54.21
C ARG F 401 -30.81 -47.46 -53.97
N GLU F 402 -30.45 -47.71 -52.70
CA GLU F 402 -29.93 -48.96 -52.12
C GLU F 402 -28.53 -49.27 -52.64
N ARG F 403 -27.92 -48.35 -53.38
CA ARG F 403 -26.53 -48.48 -53.78
C ARG F 403 -25.62 -47.58 -52.96
N ILE F 404 -26.07 -46.36 -52.65
CA ILE F 404 -25.29 -45.44 -51.84
C ILE F 404 -25.23 -45.93 -50.39
N ARG F 405 -26.27 -46.65 -49.95
CA ARG F 405 -26.26 -47.19 -48.58
C ARG F 405 -25.28 -48.35 -48.44
N GLN F 406 -25.25 -49.25 -49.44
CA GLN F 406 -24.34 -50.39 -49.38
C GLN F 406 -22.91 -50.02 -49.75
N ILE F 407 -22.71 -48.89 -50.42
CA ILE F 407 -21.35 -48.39 -50.64
C ILE F 407 -20.79 -47.86 -49.32
N GLU F 408 -21.59 -47.09 -48.58
CA GLU F 408 -21.19 -46.60 -47.27
C GLU F 408 -21.10 -47.73 -46.25
N ALA F 409 -21.91 -48.78 -46.40
CA ALA F 409 -21.77 -49.95 -45.55
C ALA F 409 -20.50 -50.72 -45.86
N LYS F 410 -20.03 -50.66 -47.11
CA LYS F 410 -18.76 -51.26 -47.48
C LYS F 410 -17.58 -50.37 -47.10
N ALA F 411 -17.77 -49.05 -47.17
CA ALA F 411 -16.68 -48.12 -46.83
C ALA F 411 -16.42 -48.12 -45.32
N LEU F 412 -17.47 -48.20 -44.51
CA LEU F 412 -17.28 -48.23 -43.06
C LEU F 412 -16.84 -49.60 -42.56
N ARG F 413 -17.01 -50.65 -43.37
CA ARG F 413 -16.59 -51.98 -42.93
C ARG F 413 -15.08 -52.18 -43.09
N LYS F 414 -14.51 -51.66 -44.17
CA LYS F 414 -13.08 -51.82 -44.41
C LYS F 414 -12.22 -50.93 -43.53
N LEU F 415 -12.79 -49.83 -43.00
CA LEU F 415 -12.04 -48.96 -42.11
C LEU F 415 -11.98 -49.48 -40.69
N ARG F 416 -12.88 -50.39 -40.31
CA ARG F 416 -12.84 -51.00 -38.99
C ARG F 416 -11.81 -52.10 -38.88
N HIS F 417 -11.35 -52.64 -39.99
CA HIS F 417 -10.35 -53.70 -39.96
C HIS F 417 -8.99 -53.12 -39.64
N PRO F 418 -8.14 -53.83 -38.89
CA PRO F 418 -6.79 -53.33 -38.57
C PRO F 418 -5.82 -53.52 -39.74
N ASN F 419 -6.06 -52.77 -40.82
CA ASN F 419 -5.20 -52.82 -42.01
C ASN F 419 -5.24 -51.45 -42.67
N ARG F 420 -4.07 -50.79 -42.70
CA ARG F 420 -3.88 -49.44 -43.26
C ARG F 420 -4.77 -48.40 -42.58
N ASN F 421 -5.09 -48.62 -41.29
CA ASN F 421 -5.87 -47.67 -40.51
C ASN F 421 -5.33 -47.57 -39.09
N SER F 422 -4.02 -47.75 -38.90
CA SER F 422 -3.42 -47.76 -37.57
C SER F 422 -3.26 -46.37 -36.98
N ILE F 423 -3.40 -45.32 -37.78
CA ILE F 423 -3.25 -43.97 -37.25
C ILE F 423 -4.58 -43.44 -36.70
N LEU F 424 -5.70 -44.01 -37.11
CA LEU F 424 -7.01 -43.68 -36.53
C LEU F 424 -7.38 -44.63 -35.41
N LYS F 425 -6.48 -44.76 -34.43
CA LYS F 425 -6.69 -45.65 -33.29
C LYS F 425 -6.80 -44.93 -31.97
N GLU F 426 -5.96 -43.92 -31.72
CA GLU F 426 -6.00 -43.15 -30.49
C GLU F 426 -6.83 -41.87 -30.63
N TYR F 427 -7.69 -41.80 -31.63
CA TYR F 427 -8.57 -40.65 -31.84
C TYR F 427 -9.89 -40.77 -31.12
N ILE F 428 -10.13 -41.88 -30.42
CA ILE F 428 -11.40 -42.10 -29.73
C ILE F 428 -11.44 -41.23 -28.48
N ARG F 429 -12.38 -40.30 -28.44
CA ARG F 429 -12.53 -39.39 -27.31
C ARG F 429 -13.74 -39.76 -26.47
N MET G 7 51.93 -9.23 -22.39
CA MET G 7 51.23 -9.28 -21.12
C MET G 7 51.93 -8.43 -20.07
N THR G 8 51.17 -7.97 -19.08
CA THR G 8 51.70 -7.13 -18.01
C THR G 8 51.59 -7.86 -16.67
N PHE G 9 52.39 -7.45 -15.71
CA PHE G 9 52.41 -8.08 -14.40
C PHE G 9 51.89 -7.14 -13.33
N TYR G 10 50.73 -7.45 -12.77
CA TYR G 10 50.15 -6.61 -11.73
C TYR G 10 50.73 -7.01 -10.38
N ASN G 11 51.71 -6.23 -9.94
CA ASN G 11 52.39 -6.47 -8.67
C ASN G 11 51.88 -5.52 -7.58
N TYR G 12 50.57 -5.57 -7.34
CA TYR G 12 49.97 -4.80 -6.27
C TYR G 12 48.72 -5.52 -5.77
N THR G 13 48.18 -5.02 -4.66
CA THR G 13 46.99 -5.59 -4.07
C THR G 13 45.75 -5.14 -4.83
N ILE G 14 44.88 -6.10 -5.16
CA ILE G 14 43.75 -5.88 -6.06
C ILE G 14 42.52 -5.53 -5.24
N ASP G 15 41.92 -4.38 -5.54
CA ASP G 15 40.68 -3.94 -4.94
C ASP G 15 39.54 -4.14 -5.94
N LYS G 16 38.35 -3.61 -5.59
CA LYS G 16 37.22 -3.68 -6.52
C LYS G 16 37.41 -2.71 -7.68
N GLY G 17 37.90 -1.50 -7.40
CA GLY G 17 38.09 -0.52 -8.46
C GLY G 17 39.23 -0.86 -9.40
N ARG G 18 40.20 -1.65 -8.93
CA ARG G 18 41.25 -2.14 -9.79
C ARG G 18 40.82 -3.34 -10.61
N LEU G 19 39.73 -4.00 -10.22
CA LEU G 19 39.18 -5.09 -11.03
C LEU G 19 38.35 -4.55 -12.19
N LYS G 20 37.69 -3.40 -12.00
CA LYS G 20 36.90 -2.82 -13.08
C LYS G 20 37.76 -2.24 -14.18
N LYS G 21 39.00 -1.85 -13.85
CA LYS G 21 39.93 -1.40 -14.88
C LYS G 21 40.45 -2.56 -15.72
N LEU G 22 40.46 -3.77 -15.15
CA LEU G 22 40.87 -4.95 -15.91
C LEU G 22 39.77 -5.43 -16.85
N ILE G 23 38.50 -5.30 -16.44
CA ILE G 23 37.38 -5.68 -17.29
C ILE G 23 37.24 -4.69 -18.44
N ALA G 24 37.44 -3.40 -18.17
CA ALA G 24 37.36 -2.39 -19.22
C ALA G 24 38.54 -2.46 -20.18
N LEU G 25 39.68 -3.00 -19.75
CA LEU G 25 40.82 -3.16 -20.65
C LEU G 25 40.65 -4.35 -21.58
N ALA G 26 39.94 -5.40 -21.13
CA ALA G 26 39.69 -6.56 -21.97
C ALA G 26 38.62 -6.29 -23.02
N TYR G 27 37.74 -5.31 -22.78
CA TYR G 27 36.73 -4.95 -23.77
C TYR G 27 37.33 -4.16 -24.93
N ARG G 28 38.32 -3.31 -24.64
CA ARG G 28 38.90 -2.45 -25.66
C ARG G 28 39.83 -3.21 -26.60
N ARG G 29 40.41 -4.32 -26.14
CA ARG G 29 41.40 -5.05 -26.91
C ARG G 29 40.86 -6.33 -27.55
N TYR G 30 40.00 -7.06 -26.84
CA TYR G 30 39.58 -8.39 -27.29
C TYR G 30 38.12 -8.48 -27.71
N GLY G 31 37.23 -7.69 -27.10
CA GLY G 31 35.83 -7.67 -27.46
C GLY G 31 34.95 -8.02 -26.27
N SER G 32 33.87 -8.76 -26.54
CA SER G 32 32.90 -9.14 -25.52
C SER G 32 32.97 -10.61 -25.14
N ALA G 33 33.42 -11.48 -26.06
CA ALA G 33 33.47 -12.90 -25.75
C ALA G 33 34.63 -13.24 -24.83
N ARG G 34 35.82 -12.68 -25.11
CA ARG G 34 36.96 -12.91 -24.24
C ARG G 34 36.87 -12.10 -22.95
N CYS G 35 36.09 -11.02 -22.94
CA CYS G 35 35.91 -10.25 -21.71
C CYS G 35 34.98 -10.95 -20.74
N SER G 36 33.99 -11.69 -21.26
CA SER G 36 33.12 -12.46 -20.38
C SER G 36 33.81 -13.70 -19.85
N GLN G 37 34.77 -14.24 -20.60
CA GLN G 37 35.53 -15.39 -20.10
C GLN G 37 36.53 -14.96 -19.03
N LEU G 38 37.01 -13.72 -19.08
CA LEU G 38 37.91 -13.24 -18.04
C LEU G 38 37.18 -13.02 -16.73
N ALA G 39 35.97 -12.48 -16.78
CA ALA G 39 35.16 -12.34 -15.58
C ALA G 39 34.63 -13.68 -15.08
N ASP G 40 34.51 -14.67 -15.97
CA ASP G 40 34.09 -16.00 -15.54
C ASP G 40 35.21 -16.74 -14.81
N GLU G 41 36.46 -16.47 -15.18
CA GLU G 41 37.61 -17.08 -14.52
C GLU G 41 38.05 -16.32 -13.28
N LEU G 42 37.78 -15.02 -13.21
CA LEU G 42 38.13 -14.23 -12.03
C LEU G 42 37.22 -14.52 -10.84
N LYS G 43 36.03 -15.06 -11.08
CA LYS G 43 35.15 -15.41 -9.97
C LYS G 43 35.34 -16.85 -9.51
N GLU G 44 35.93 -17.72 -10.33
CA GLU G 44 36.43 -18.99 -9.82
C GLU G 44 37.62 -18.78 -8.90
N LEU G 45 38.45 -17.77 -9.19
CA LEU G 45 39.59 -17.48 -8.34
C LEU G 45 39.17 -16.82 -7.04
N GLY G 46 38.11 -16.01 -7.06
CA GLY G 46 37.64 -15.38 -5.85
C GLY G 46 36.86 -16.31 -4.94
N PHE G 47 36.09 -17.25 -5.52
CA PHE G 47 35.32 -18.18 -4.71
C PHE G 47 36.22 -19.24 -4.08
N ARG G 48 37.35 -19.54 -4.70
CA ARG G 48 38.24 -20.58 -4.19
C ARG G 48 39.06 -20.08 -3.00
N PHE G 49 39.61 -18.87 -3.11
CA PHE G 49 40.49 -18.32 -2.08
C PHE G 49 39.75 -17.53 -1.01
N ALA G 50 38.42 -17.45 -1.08
CA ALA G 50 37.64 -16.96 0.05
C ALA G 50 37.23 -18.08 0.99
N THR G 51 37.01 -19.28 0.45
CA THR G 51 36.77 -20.44 1.30
C THR G 51 38.06 -20.90 1.96
N LYS G 52 39.19 -20.80 1.25
CA LYS G 52 40.47 -21.19 1.81
C LYS G 52 40.93 -20.18 2.86
N ALA G 53 40.49 -18.93 2.77
CA ALA G 53 40.88 -17.92 3.75
C ALA G 53 40.18 -18.15 5.08
N GLY G 54 38.86 -18.34 5.06
CA GLY G 54 38.10 -18.50 6.28
C GLY G 54 37.83 -17.17 6.95
N VAL G 55 37.31 -16.20 6.18
CA VAL G 55 36.98 -14.90 6.74
C VAL G 55 35.74 -15.02 7.62
N SER G 56 35.79 -14.43 8.81
CA SER G 56 34.69 -14.54 9.76
C SER G 56 34.60 -13.27 10.58
N ILE G 57 33.37 -12.90 10.92
CA ILE G 57 33.10 -11.75 11.78
C ILE G 57 32.94 -12.24 13.22
N SER G 58 33.52 -11.49 14.15
CA SER G 58 33.40 -11.79 15.57
C SER G 58 33.11 -10.50 16.33
N VAL G 59 33.01 -10.63 17.65
CA VAL G 59 32.81 -9.45 18.49
C VAL G 59 34.13 -8.68 18.64
N ASP G 60 35.21 -9.39 18.95
CA ASP G 60 36.51 -8.76 19.15
C ASP G 60 37.21 -8.42 17.83
N ASP G 61 36.67 -8.82 16.69
CA ASP G 61 37.16 -8.29 15.42
C ASP G 61 36.80 -6.82 15.26
N LEU G 62 35.69 -6.40 15.86
CA LEU G 62 35.31 -4.98 15.91
C LEU G 62 36.19 -4.31 16.95
N THR G 63 37.37 -3.88 16.52
CA THR G 63 38.37 -3.35 17.44
C THR G 63 38.04 -1.90 17.77
N ILE G 64 37.50 -1.66 18.96
CA ILE G 64 37.32 -0.28 19.44
C ILE G 64 38.68 0.30 19.80
N PRO G 65 39.02 1.49 19.31
CA PRO G 65 40.32 2.09 19.63
C PRO G 65 40.38 2.51 21.10
N PRO G 66 41.53 2.35 21.75
CA PRO G 66 41.63 2.69 23.18
C PRO G 66 41.68 4.18 23.48
N GLU G 67 41.78 5.03 22.47
CA GLU G 67 41.77 6.47 22.65
C GLU G 67 40.35 7.05 22.66
N LYS G 68 39.33 6.19 22.65
CA LYS G 68 37.96 6.68 22.68
C LYS G 68 37.59 7.22 24.06
N LYS G 69 38.10 6.58 25.12
CA LYS G 69 37.81 7.04 26.47
C LYS G 69 38.55 8.34 26.78
N GLN G 70 39.77 8.50 26.24
CA GLN G 70 40.52 9.74 26.44
C GLN G 70 39.95 10.89 25.64
N MET G 71 39.22 10.61 24.56
CA MET G 71 38.62 11.67 23.75
C MET G 71 37.17 11.95 24.12
N LEU G 72 36.52 11.06 24.89
CA LEU G 72 35.16 11.31 25.32
C LEU G 72 35.14 12.14 26.60
N GLU G 73 36.06 11.87 27.53
CA GLU G 73 36.17 12.66 28.75
C GLU G 73 36.79 14.03 28.50
N ALA G 74 37.50 14.21 27.39
CA ALA G 74 37.99 15.53 27.02
C ALA G 74 36.93 16.35 26.29
N ALA G 75 36.00 15.67 25.61
CA ALA G 75 34.89 16.37 24.96
C ALA G 75 33.83 16.80 25.97
N GLU G 76 33.63 16.01 27.03
CA GLU G 76 32.67 16.37 28.06
C GLU G 76 33.17 17.51 28.94
N LYS G 77 34.49 17.73 29.00
CA LYS G 77 35.01 18.88 29.72
C LYS G 77 34.73 20.17 28.98
N GLU G 78 34.68 20.13 27.64
CA GLU G 78 34.30 21.31 26.88
C GLU G 78 32.81 21.59 26.97
N ILE G 79 32.01 20.57 27.25
CA ILE G 79 30.58 20.77 27.46
C ILE G 79 30.32 21.28 28.87
N ARG G 80 31.08 20.79 29.85
CA ARG G 80 30.89 21.21 31.24
C ARG G 80 31.36 22.64 31.47
N THR G 81 32.34 23.11 30.70
CA THR G 81 32.76 24.51 30.79
C THR G 81 31.87 25.44 30.00
N THR G 82 30.95 24.89 29.19
CA THR G 82 29.97 25.69 28.47
C THR G 82 28.64 25.78 29.20
N GLU G 83 28.25 24.71 29.90
CA GLU G 83 27.02 24.73 30.68
C GLU G 83 27.14 25.64 31.90
N GLU G 84 28.35 25.73 32.48
CA GLU G 84 28.55 26.63 33.59
C GLU G 84 28.62 28.09 33.15
N ARG G 85 29.02 28.32 31.89
CA ARG G 85 29.00 29.69 31.35
C ARG G 85 27.58 30.11 30.99
N TYR G 86 26.70 29.14 30.70
CA TYR G 86 25.32 29.45 30.42
C TYR G 86 24.57 29.88 31.68
N ALA G 87 25.00 29.38 32.84
CA ALA G 87 24.40 29.75 34.12
C ALA G 87 24.91 31.07 34.66
N ARG G 88 25.88 31.71 33.99
CA ARG G 88 26.40 32.99 34.40
C ARG G 88 25.94 34.14 33.50
N GLY G 89 25.12 33.85 32.49
CA GLY G 89 24.63 34.88 31.60
C GLY G 89 25.63 35.42 30.61
N GLU G 90 26.71 34.69 30.35
CA GLU G 90 27.72 35.14 29.40
C GLU G 90 27.40 34.73 27.97
N ILE G 91 26.67 33.64 27.77
CA ILE G 91 26.30 33.17 26.44
C ILE G 91 24.78 33.09 26.38
N THR G 92 24.26 33.07 25.15
CA THR G 92 22.84 32.96 24.92
C THR G 92 22.47 31.49 24.73
N GLU G 93 21.24 31.23 24.30
CA GLU G 93 20.81 29.86 24.01
C GLU G 93 21.34 29.40 22.65
N VAL G 94 21.40 30.31 21.68
CA VAL G 94 21.92 29.97 20.35
C VAL G 94 23.43 29.78 20.40
N GLU G 95 24.13 30.58 21.22
CA GLU G 95 25.57 30.41 21.35
C GLU G 95 25.93 29.15 22.13
N ARG G 96 25.06 28.73 23.05
CA ARG G 96 25.29 27.48 23.76
C ARG G 96 24.98 26.28 22.87
N PHE G 97 23.95 26.40 22.02
CA PHE G 97 23.60 25.30 21.13
C PHE G 97 24.61 25.14 20.01
N GLN G 98 25.23 26.23 19.57
CA GLN G 98 26.25 26.14 18.54
C GLN G 98 27.56 25.56 19.06
N LYS G 99 27.80 25.63 20.37
CA LYS G 99 29.01 25.07 20.94
C LYS G 99 28.89 23.58 21.20
N VAL G 100 27.70 23.11 21.59
CA VAL G 100 27.50 21.70 21.92
C VAL G 100 27.51 20.84 20.66
N ILE G 101 26.84 21.31 19.61
CA ILE G 101 26.73 20.52 18.38
C ILE G 101 28.07 20.47 17.65
N ASP G 102 28.80 21.59 17.63
CA ASP G 102 30.10 21.62 16.98
C ASP G 102 31.17 20.84 17.75
N THR G 103 30.97 20.63 19.05
CA THR G 103 31.93 19.84 19.82
C THR G 103 31.76 18.35 19.56
N TRP G 104 30.52 17.86 19.59
CA TRP G 104 30.28 16.44 19.41
C TRP G 104 30.43 16.01 17.95
N ASN G 105 30.15 16.90 17.00
CA ASN G 105 30.44 16.59 15.61
C ASN G 105 31.93 16.64 15.32
N GLY G 106 32.66 17.51 16.02
CA GLY G 106 34.11 17.53 15.88
C GLY G 106 34.80 16.39 16.59
N THR G 107 34.17 15.85 17.64
CA THR G 107 34.75 14.72 18.36
C THR G 107 34.62 13.43 17.55
N SER G 108 33.50 13.28 16.85
CA SER G 108 33.29 12.10 16.01
C SER G 108 34.18 12.09 14.78
N GLU G 109 34.68 13.25 14.35
CA GLU G 109 35.62 13.27 13.24
C GLU G 109 37.01 12.80 13.68
N GLU G 110 37.39 13.05 14.93
CA GLU G 110 38.64 12.50 15.44
C GLU G 110 38.54 11.00 15.69
N LEU G 111 37.35 10.51 16.04
CA LEU G 111 37.16 9.07 16.22
C LEU G 111 37.11 8.34 14.90
N LYS G 112 36.57 8.97 13.85
CA LYS G 112 36.50 8.33 12.54
C LYS G 112 37.89 8.21 11.91
N ASP G 113 38.74 9.21 12.12
CA ASP G 113 40.11 9.14 11.61
C ASP G 113 40.98 8.21 12.44
N GLN G 114 40.66 8.02 13.71
CA GLN G 114 41.43 7.10 14.55
C GLN G 114 41.10 5.64 14.26
N VAL G 115 39.91 5.37 13.69
CA VAL G 115 39.55 4.01 13.33
C VAL G 115 40.39 3.51 12.17
N VAL G 116 40.58 4.34 11.14
CA VAL G 116 41.36 3.95 9.97
C VAL G 116 42.84 3.82 10.31
N VAL G 117 43.33 4.63 11.25
CA VAL G 117 44.73 4.52 11.67
C VAL G 117 44.95 3.25 12.49
N ASN G 118 43.99 2.93 13.37
CA ASN G 118 44.11 1.74 14.22
C ASN G 118 43.95 0.45 13.43
N PHE G 119 43.27 0.48 12.28
CA PHE G 119 43.14 -0.70 11.43
C PHE G 119 44.35 -0.92 10.53
N ARG G 120 45.34 -0.03 10.55
CA ARG G 120 46.55 -0.22 9.77
C ARG G 120 47.79 -0.49 10.61
N LYS G 121 47.78 -0.12 11.89
CA LYS G 121 48.91 -0.33 12.79
C LYS G 121 48.78 -1.61 13.60
N THR G 122 47.57 -1.96 14.04
CA THR G 122 47.38 -3.17 14.82
C THR G 122 47.46 -4.41 13.95
N ASP G 123 46.57 -4.52 12.96
CA ASP G 123 46.57 -5.65 12.05
C ASP G 123 46.06 -5.23 10.69
N PRO G 124 46.84 -5.41 9.62
CA PRO G 124 46.35 -5.04 8.29
C PRO G 124 45.32 -6.00 7.73
N LEU G 125 45.34 -7.27 8.16
CA LEU G 125 44.37 -8.25 7.70
C LEU G 125 43.33 -8.43 8.81
N ASN G 126 42.35 -7.54 8.82
CA ASN G 126 41.21 -7.60 9.72
C ASN G 126 39.95 -7.82 8.91
N SER G 127 39.00 -8.57 9.49
CA SER G 127 37.79 -8.94 8.75
C SER G 127 36.88 -7.76 8.51
N VAL G 128 36.89 -6.77 9.40
CA VAL G 128 36.10 -5.56 9.16
C VAL G 128 36.82 -4.63 8.20
N TYR G 129 38.16 -4.58 8.28
CA TYR G 129 38.93 -3.71 7.40
C TYR G 129 39.01 -4.24 5.97
N MET G 130 38.98 -5.56 5.80
CA MET G 130 39.09 -6.13 4.45
C MET G 130 37.80 -5.94 3.66
N MET G 131 36.65 -5.92 4.33
CA MET G 131 35.39 -5.74 3.64
C MET G 131 35.10 -4.28 3.31
N ALA G 132 35.81 -3.34 3.94
CA ALA G 132 35.60 -1.92 3.71
C ALA G 132 36.66 -1.29 2.82
N PHE G 133 37.92 -1.70 2.97
CA PHE G 133 38.99 -1.11 2.16
C PHE G 133 38.97 -1.65 0.72
N SER G 134 38.65 -2.93 0.57
CA SER G 134 38.55 -3.52 -0.77
C SER G 134 37.23 -3.18 -1.46
N GLY G 135 36.25 -2.66 -0.73
CA GLY G 135 34.98 -2.30 -1.33
C GLY G 135 34.10 -3.47 -1.69
N ALA G 136 34.12 -4.53 -0.87
CA ALA G 136 33.31 -5.71 -1.14
C ALA G 136 31.85 -5.43 -0.83
N ARG G 137 31.55 -5.14 0.44
CA ARG G 137 30.22 -4.69 0.83
C ARG G 137 30.22 -3.54 1.83
N GLY G 138 31.29 -3.34 2.59
CA GLY G 138 31.28 -2.35 3.65
C GLY G 138 31.44 -0.93 3.15
N ASN G 139 31.34 -0.01 4.10
CA ASN G 139 31.46 1.42 3.85
C ASN G 139 31.89 2.09 5.14
N MET G 140 32.64 3.19 5.00
CA MET G 140 33.17 3.88 6.18
C MET G 140 32.09 4.56 7.02
N SER G 141 30.93 4.85 6.44
CA SER G 141 29.81 5.33 7.24
C SER G 141 29.19 4.23 8.09
N GLN G 142 29.37 2.97 7.70
CA GLN G 142 28.89 1.84 8.48
C GLN G 142 29.93 1.32 9.47
N VAL G 143 31.22 1.54 9.20
CA VAL G 143 32.26 1.10 10.13
C VAL G 143 32.30 1.99 11.36
N ARG G 144 32.12 3.30 11.17
CA ARG G 144 32.17 4.25 12.28
C ARG G 144 31.01 4.11 13.25
N GLN G 145 29.91 3.47 12.84
CA GLN G 145 28.82 3.17 13.75
C GLN G 145 29.02 1.87 14.51
N LEU G 146 30.02 1.07 14.14
CA LEU G 146 30.32 -0.18 14.82
C LEU G 146 31.41 -0.06 15.86
N VAL G 147 32.48 0.68 15.56
CA VAL G 147 33.63 0.79 16.47
C VAL G 147 33.86 2.20 16.97
N GLY G 148 33.17 3.21 16.42
CA GLY G 148 33.35 4.57 16.87
C GLY G 148 32.13 5.12 17.58
N MET G 149 31.80 6.39 17.31
CA MET G 149 30.64 7.03 17.89
C MET G 149 29.49 7.02 16.89
N ARG G 150 28.26 6.97 17.42
CA ARG G 150 27.08 6.96 16.56
C ARG G 150 26.84 8.33 15.94
N GLY G 151 26.98 9.39 16.73
CA GLY G 151 26.84 10.74 16.23
C GLY G 151 25.69 11.48 16.88
N LEU G 152 25.27 12.55 16.21
CA LEU G 152 24.18 13.41 16.66
C LEU G 152 22.98 13.17 15.76
N MET G 153 21.96 12.52 16.29
CA MET G 153 20.73 12.30 15.53
C MET G 153 19.82 13.52 15.65
N ALA G 154 18.74 13.51 14.87
CA ALA G 154 17.83 14.64 14.77
C ALA G 154 16.42 14.22 15.15
N ASP G 155 15.53 15.22 15.20
CA ASP G 155 14.12 15.02 15.49
C ASP G 155 13.41 14.48 14.26
N PRO G 156 12.17 13.99 14.40
CA PRO G 156 11.36 13.71 13.20
C PRO G 156 11.04 14.95 12.37
N GLN G 157 11.08 16.14 12.95
CA GLN G 157 10.93 17.36 12.17
C GLN G 157 12.24 17.87 11.58
N GLY G 158 13.38 17.53 12.20
CA GLY G 158 14.67 17.89 11.65
C GLY G 158 15.59 18.62 12.62
N GLU G 159 15.14 18.82 13.86
CA GLU G 159 15.94 19.53 14.84
C GLU G 159 16.95 18.59 15.48
N ILE G 160 18.22 18.98 15.45
CA ILE G 160 19.29 18.16 16.00
C ILE G 160 19.24 18.23 17.53
N ILE G 161 19.07 17.07 18.17
CA ILE G 161 19.04 17.00 19.62
C ILE G 161 20.45 17.18 20.17
N ASP G 162 20.57 17.93 21.26
CA ASP G 162 21.87 18.20 21.86
C ASP G 162 22.43 17.02 22.64
N LEU G 163 21.63 15.98 22.90
CA LEU G 163 22.11 14.80 23.60
C LEU G 163 22.67 13.81 22.58
N PRO G 164 23.97 13.53 22.60
CA PRO G 164 24.55 12.62 21.61
C PRO G 164 24.44 11.17 22.04
N ILE G 165 24.80 10.29 21.10
CA ILE G 165 24.85 8.86 21.33
C ILE G 165 26.33 8.47 21.33
N LYS G 166 26.92 8.42 22.53
CA LYS G 166 28.35 8.15 22.66
C LYS G 166 28.69 6.68 22.51
N THR G 167 27.72 5.78 22.57
CA THR G 167 27.96 4.36 22.41
C THR G 167 27.81 3.97 20.93
N ASN G 168 27.92 2.67 20.66
CA ASN G 168 27.79 2.14 19.31
C ASN G 168 27.04 0.81 19.40
N PHE G 169 27.07 0.05 18.31
CA PHE G 169 26.36 -1.22 18.27
C PHE G 169 27.15 -2.36 18.91
N ARG G 170 28.40 -2.12 19.30
CA ARG G 170 29.18 -3.13 20.02
C ARG G 170 29.05 -2.98 21.53
N GLU G 171 29.15 -1.74 22.03
CA GLU G 171 28.94 -1.49 23.46
C GLU G 171 27.47 -1.63 23.84
N GLY G 172 26.56 -1.38 22.92
CA GLY G 172 25.15 -1.47 23.20
C GLY G 172 24.53 -0.13 23.54
N LEU G 173 23.39 0.19 22.93
CA LEU G 173 22.71 1.45 23.19
C LEU G 173 21.84 1.32 24.43
N THR G 174 21.44 2.48 24.97
CA THR G 174 20.55 2.52 26.10
C THR G 174 19.10 2.63 25.62
N VAL G 175 18.17 2.69 26.56
CA VAL G 175 16.77 2.88 26.20
C VAL G 175 16.53 4.32 25.74
N THR G 176 17.26 5.28 26.29
CA THR G 176 17.15 6.66 25.84
C THR G 176 17.78 6.84 24.47
N GLU G 177 18.88 6.15 24.19
CA GLU G 177 19.56 6.27 22.90
C GLU G 177 18.92 5.41 21.82
N TYR G 178 17.95 4.56 22.16
CA TYR G 178 17.28 3.73 21.17
C TYR G 178 16.08 4.43 20.56
N VAL G 179 15.36 5.26 21.32
CA VAL G 179 14.24 6.00 20.76
C VAL G 179 14.70 7.21 19.96
N ILE G 180 15.91 7.69 20.18
CA ILE G 180 16.46 8.75 19.35
C ILE G 180 16.90 8.19 18.00
N SER G 181 17.49 6.98 18.02
CA SER G 181 17.88 6.32 16.77
C SER G 181 16.68 5.85 15.97
N SER G 182 15.53 5.64 16.63
CA SER G 182 14.33 5.22 15.92
C SER G 182 13.67 6.37 15.17
N TYR G 183 14.01 7.63 15.49
CA TYR G 183 13.46 8.76 14.76
C TYR G 183 14.04 8.84 13.35
N GLY G 184 15.32 8.48 13.19
CA GLY G 184 15.92 8.44 11.87
C GLY G 184 15.67 7.18 11.10
N ALA G 185 15.35 6.08 11.78
CA ALA G 185 15.03 4.84 11.08
C ALA G 185 13.64 4.89 10.48
N ARG G 186 12.70 5.54 11.17
CA ARG G 186 11.36 5.72 10.62
C ARG G 186 11.37 6.76 9.50
N LYS G 187 12.19 7.80 9.63
CA LYS G 187 12.29 8.82 8.59
C LYS G 187 12.94 8.25 7.33
N GLY G 188 13.95 7.39 7.50
CA GLY G 188 14.57 6.76 6.35
C GLY G 188 13.72 5.66 5.72
N LEU G 189 12.73 5.15 6.44
CA LEU G 189 11.84 4.13 5.91
C LEU G 189 10.69 4.71 5.10
N VAL G 190 10.07 5.78 5.57
CA VAL G 190 8.97 6.39 4.85
C VAL G 190 9.45 7.27 3.70
N ASP G 191 10.73 7.63 3.67
CA ASP G 191 11.27 8.36 2.53
C ASP G 191 11.65 7.44 1.39
N THR G 192 11.80 6.14 1.65
CA THR G 192 12.10 5.19 0.59
C THR G 192 10.85 4.87 -0.24
N ALA G 193 9.70 4.75 0.42
CA ALA G 193 8.46 4.43 -0.28
C ALA G 193 7.97 5.58 -1.15
N LEU G 194 8.18 6.82 -0.69
CA LEU G 194 7.82 7.98 -1.50
C LEU G 194 8.84 8.27 -2.59
N ARG G 195 10.04 7.71 -2.49
CA ARG G 195 11.05 7.90 -3.53
C ARG G 195 10.77 7.07 -4.76
N THR G 196 10.21 5.87 -4.58
CA THR G 196 9.89 5.01 -5.72
C THR G 196 8.66 5.48 -6.48
N ALA G 197 7.75 6.22 -5.83
CA ALA G 197 6.59 6.74 -6.51
C ALA G 197 6.90 8.03 -7.26
N ASP G 198 7.90 8.79 -6.80
CA ASP G 198 8.29 10.00 -7.51
C ASP G 198 9.24 9.70 -8.66
N SER G 199 10.12 8.72 -8.50
CA SER G 199 11.01 8.34 -9.59
C SER G 199 10.32 7.51 -10.66
N GLY G 200 9.22 6.84 -10.31
CA GLY G 200 8.50 6.07 -11.30
C GLY G 200 7.69 6.95 -12.24
N TYR G 201 7.09 8.02 -11.70
CA TYR G 201 6.35 8.96 -12.54
C TYR G 201 7.30 9.84 -13.34
N LEU G 202 8.51 10.08 -12.82
CA LEU G 202 9.49 10.86 -13.56
C LEU G 202 10.04 10.08 -14.75
N THR G 203 10.19 8.77 -14.61
CA THR G 203 10.70 7.94 -15.70
C THR G 203 9.66 7.79 -16.81
N ARG G 204 8.37 7.77 -16.45
CA ARG G 204 7.32 7.64 -17.45
C ARG G 204 7.18 8.91 -18.28
N ARG G 205 7.37 10.08 -17.65
CA ARG G 205 7.27 11.35 -18.37
C ARG G 205 8.46 11.56 -19.30
N LEU G 206 9.62 10.99 -18.96
CA LEU G 206 10.79 11.11 -19.83
C LEU G 206 10.72 10.19 -21.04
N VAL G 207 9.91 9.13 -20.97
CA VAL G 207 9.80 8.21 -22.10
C VAL G 207 8.92 8.81 -23.20
N ASP G 208 7.75 9.34 -22.82
CA ASP G 208 6.80 9.87 -23.79
C ASP G 208 7.27 11.16 -24.44
N VAL G 209 8.18 11.90 -23.80
CA VAL G 209 8.71 13.12 -24.41
C VAL G 209 9.84 12.79 -25.40
N SER G 210 10.41 11.59 -25.32
CA SER G 210 11.53 11.20 -26.18
C SER G 210 11.34 9.77 -26.67
N GLN G 211 10.14 9.43 -27.11
CA GLN G 211 9.89 8.08 -27.64
C GLN G 211 10.16 7.99 -29.14
N ASP G 212 10.04 9.10 -29.88
CA ASP G 212 10.24 9.11 -31.32
C ASP G 212 11.62 9.63 -31.71
N VAL G 213 12.60 9.49 -30.84
CA VAL G 213 13.96 9.96 -31.10
C VAL G 213 14.76 8.75 -31.57
N ILE G 214 14.76 8.52 -32.88
CA ILE G 214 15.46 7.40 -33.50
C ILE G 214 16.50 7.96 -34.45
N VAL G 215 17.70 7.36 -34.43
CA VAL G 215 18.76 7.76 -35.36
C VAL G 215 18.41 7.21 -36.74
N ARG G 216 18.00 8.09 -37.65
CA ARG G 216 17.55 7.69 -38.98
C ARG G 216 18.57 7.94 -40.08
N GLU G 217 19.22 9.09 -40.07
CA GLU G 217 20.17 9.46 -41.11
C GLU G 217 21.60 9.32 -40.61
N GLN G 218 22.54 9.31 -41.56
CA GLN G 218 23.95 9.14 -41.25
C GLN G 218 24.65 10.46 -40.97
N ASP G 219 24.45 11.46 -41.83
CA ASP G 219 25.06 12.77 -41.64
C ASP G 219 24.08 13.84 -42.07
N CYS G 220 24.17 15.00 -41.41
CA CYS G 220 23.32 16.14 -41.71
C CYS G 220 24.06 17.30 -42.35
N GLY G 221 25.33 17.51 -42.01
CA GLY G 221 26.11 18.58 -42.60
C GLY G 221 25.94 19.91 -41.89
N THR G 222 26.09 19.90 -40.57
CA THR G 222 25.99 21.11 -39.76
C THR G 222 27.37 21.65 -39.44
N GLU G 223 27.40 22.91 -38.99
CA GLU G 223 28.63 23.57 -38.62
C GLU G 223 28.68 24.04 -37.18
N ARG G 224 27.58 23.91 -36.44
CA ARG G 224 27.55 24.33 -35.05
C ARG G 224 28.26 23.31 -34.17
N SER G 225 28.61 23.74 -32.96
CA SER G 225 29.32 22.90 -32.01
C SER G 225 28.91 23.26 -30.60
N LEU G 226 29.35 22.44 -29.65
CA LEU G 226 29.09 22.66 -28.23
C LEU G 226 30.42 22.73 -27.49
N ARG G 227 30.67 23.85 -26.84
CA ARG G 227 31.91 24.04 -26.08
C ARG G 227 31.76 23.38 -24.72
N VAL G 228 32.64 22.42 -24.42
CA VAL G 228 32.65 21.73 -23.14
C VAL G 228 33.97 21.99 -22.44
N THR G 229 33.91 22.14 -21.12
CA THR G 229 35.10 22.37 -20.31
C THR G 229 35.10 21.44 -19.11
N ALA G 230 36.04 21.62 -18.20
CA ALA G 230 36.08 20.84 -16.97
C ALA G 230 35.00 21.34 -16.02
N MET G 231 34.19 20.42 -15.51
CA MET G 231 33.09 20.77 -14.61
C MET G 231 33.65 20.97 -13.21
N THR G 232 33.92 22.22 -12.85
CA THR G 232 34.46 22.57 -11.54
C THR G 232 33.35 23.18 -10.70
N ASP G 233 33.09 22.58 -9.54
CA ASP G 233 32.06 23.08 -8.62
C ASP G 233 32.69 23.99 -7.56
N GLY G 234 33.33 25.05 -8.03
CA GLY G 234 33.96 26.02 -7.15
C GLY G 234 35.43 25.75 -6.89
N ASP G 235 35.74 25.15 -5.74
CA ASP G 235 37.13 24.92 -5.36
C ASP G 235 37.66 23.61 -5.95
N GLN G 236 36.89 22.53 -5.82
CA GLN G 236 37.30 21.22 -6.30
C GLN G 236 36.56 20.87 -7.59
N VAL G 237 37.15 19.96 -8.35
CA VAL G 237 36.60 19.53 -9.63
C VAL G 237 35.84 18.23 -9.41
N LYS G 238 34.81 17.99 -10.21
CA LYS G 238 34.03 16.78 -10.14
C LYS G 238 34.21 15.90 -11.37
N ILE G 239 33.99 16.43 -12.57
CA ILE G 239 34.21 15.72 -13.82
C ILE G 239 35.32 16.40 -14.58
N SER G 240 36.35 15.63 -14.95
CA SER G 240 37.48 16.17 -15.69
C SER G 240 37.11 16.34 -17.16
N LEU G 241 38.04 16.93 -17.91
CA LEU G 241 37.83 17.10 -19.35
C LEU G 241 37.95 15.79 -20.11
N ALA G 242 38.74 14.85 -19.59
CA ALA G 242 38.92 13.56 -20.25
C ALA G 242 37.69 12.66 -20.12
N ASP G 243 36.83 12.91 -19.14
CA ASP G 243 35.64 12.10 -18.96
C ASP G 243 34.45 12.60 -19.77
N ARG G 244 34.49 13.84 -20.25
CA ARG G 244 33.40 14.38 -21.04
C ARG G 244 33.60 14.22 -22.54
N LEU G 245 34.85 14.10 -22.98
CA LEU G 245 35.15 13.92 -24.39
C LEU G 245 35.08 12.47 -24.84
N PHE G 246 34.87 11.54 -23.91
CA PHE G 246 34.85 10.11 -24.24
C PHE G 246 33.55 9.76 -24.96
N GLY G 247 33.68 9.21 -26.15
CA GLY G 247 32.51 8.81 -26.93
C GLY G 247 31.78 9.95 -27.59
N ARG G 248 32.51 10.89 -28.19
CA ARG G 248 31.89 12.03 -28.86
C ARG G 248 32.81 12.51 -29.96
N LEU G 249 32.23 12.83 -31.12
CA LEU G 249 33.00 13.28 -32.26
C LEU G 249 33.43 14.73 -32.08
N LEU G 250 34.30 15.18 -32.98
CA LEU G 250 34.85 16.52 -32.94
C LEU G 250 34.27 17.37 -34.07
N ALA G 251 34.13 18.67 -33.80
CA ALA G 251 33.66 19.62 -34.80
C ALA G 251 34.70 20.66 -35.19
N LYS G 252 35.71 20.92 -34.35
CA LYS G 252 36.76 21.85 -34.66
C LYS G 252 38.11 21.20 -34.37
N ASP G 253 39.15 21.66 -35.07
CA ASP G 253 40.48 21.12 -34.89
C ASP G 253 41.12 21.64 -33.61
N VAL G 254 41.92 20.80 -32.99
CA VAL G 254 42.65 21.14 -31.76
C VAL G 254 44.11 21.34 -32.15
N VAL G 255 44.54 22.60 -32.19
CA VAL G 255 45.90 22.95 -32.59
C VAL G 255 46.54 23.73 -31.45
N GLY G 256 47.16 23.02 -30.51
CA GLY G 256 47.85 23.65 -29.42
C GLY G 256 49.34 23.85 -29.62
N PRO G 257 50.10 22.74 -29.77
CA PRO G 257 51.52 22.88 -30.08
C PRO G 257 51.81 22.93 -31.58
N ASP G 258 52.30 24.08 -32.05
CA ASP G 258 52.79 24.32 -33.41
C ASP G 258 51.79 23.96 -34.51
N GLY G 259 50.49 24.02 -34.21
CA GLY G 259 49.49 23.55 -35.14
C GLY G 259 49.49 22.04 -35.29
N GLU G 260 49.16 21.35 -34.20
CA GLU G 260 49.19 19.89 -34.20
C GLU G 260 47.93 19.32 -34.84
N ILE G 261 48.12 18.41 -35.79
CA ILE G 261 47.01 17.85 -36.56
C ILE G 261 46.59 16.49 -36.02
N ILE G 262 46.84 16.22 -34.73
CA ILE G 262 46.46 14.95 -34.14
C ILE G 262 44.95 14.85 -33.94
N ALA G 263 44.24 15.96 -33.88
CA ALA G 263 42.80 15.98 -33.73
C ALA G 263 42.18 16.74 -34.89
N LYS G 264 41.39 16.03 -35.69
CA LYS G 264 40.72 16.60 -36.86
C LYS G 264 39.21 16.60 -36.64
N ARG G 265 38.49 17.06 -37.66
CA ARG G 265 37.04 17.12 -37.58
C ARG G 265 36.44 15.74 -37.83
N ASN G 266 35.34 15.46 -37.13
CA ASN G 266 34.59 14.20 -37.18
C ASN G 266 35.47 13.00 -36.83
N ASP G 267 36.29 13.15 -35.79
CA ASP G 267 37.17 12.09 -35.32
C ASP G 267 36.60 11.50 -34.03
N GLU G 268 36.46 10.18 -34.00
CA GLU G 268 35.92 9.50 -32.83
C GLU G 268 36.97 9.47 -31.73
N ILE G 269 36.65 10.09 -30.60
CA ILE G 269 37.58 10.18 -29.47
C ILE G 269 37.52 8.87 -28.69
N ASP G 270 38.67 8.22 -28.55
CA ASP G 270 38.77 6.96 -27.81
C ASP G 270 38.96 7.26 -26.32
N GLU G 271 39.27 6.22 -25.54
CA GLU G 271 39.52 6.41 -24.12
C GLU G 271 40.89 7.03 -23.87
N ALA G 272 41.90 6.60 -24.62
CA ALA G 272 43.24 7.17 -24.50
C ALA G 272 43.38 8.47 -25.28
N LEU G 273 42.53 8.71 -26.27
CA LEU G 273 42.59 9.95 -27.04
C LEU G 273 42.07 11.14 -26.23
N ALA G 274 41.14 10.89 -25.29
CA ALA G 274 40.60 11.96 -24.48
C ALA G 274 41.61 12.49 -23.47
N ASN G 275 42.59 11.66 -23.09
CA ASN G 275 43.65 12.12 -22.20
C ASN G 275 44.64 13.01 -22.93
N ARG G 276 44.71 12.92 -24.26
CA ARG G 276 45.64 13.76 -25.01
C ARG G 276 45.04 15.13 -25.33
N ILE G 277 43.74 15.21 -25.53
CA ILE G 277 43.10 16.50 -25.79
C ILE G 277 42.99 17.33 -24.52
N ALA G 278 42.74 16.68 -23.37
CA ALA G 278 42.59 17.39 -22.11
C ALA G 278 43.91 17.95 -21.59
N ALA G 279 45.05 17.41 -22.04
CA ALA G 279 46.35 17.90 -21.61
C ALA G 279 46.89 19.03 -22.47
N VAL G 280 46.17 19.43 -23.52
CA VAL G 280 46.65 20.46 -24.42
C VAL G 280 45.80 21.72 -24.25
N THR G 281 44.50 21.61 -24.45
CA THR G 281 43.57 22.74 -24.35
C THR G 281 42.61 22.51 -23.19
N ASP G 282 41.73 23.49 -22.98
CA ASP G 282 40.71 23.44 -21.94
C ASP G 282 39.29 23.51 -22.46
N GLU G 283 39.05 24.21 -23.57
CA GLU G 283 37.72 24.35 -24.16
C GLU G 283 37.74 23.66 -25.52
N VAL G 284 37.04 22.53 -25.63
CA VAL G 284 36.98 21.75 -26.85
C VAL G 284 35.57 21.82 -27.42
N TYR G 285 35.47 22.08 -28.72
CA TYR G 285 34.18 22.15 -29.41
C TYR G 285 33.88 20.79 -30.01
N VAL G 286 32.80 20.16 -29.54
CA VAL G 286 32.41 18.82 -29.97
C VAL G 286 31.04 18.89 -30.64
N ARG G 287 30.65 17.78 -31.25
CA ARG G 287 29.35 17.65 -31.89
C ARG G 287 28.34 17.15 -30.86
N SER G 288 27.19 17.79 -30.79
CA SER G 288 26.18 17.49 -29.81
C SER G 288 24.81 17.43 -30.46
N PRO G 289 23.88 16.63 -29.92
CA PRO G 289 22.50 16.66 -30.43
C PRO G 289 21.74 17.94 -30.11
N LEU G 290 22.24 18.77 -29.19
CA LEU G 290 21.63 20.08 -28.97
C LEU G 290 21.81 20.99 -30.17
N THR G 291 22.94 20.87 -30.86
CA THR G 291 23.23 21.67 -32.05
C THR G 291 23.00 20.89 -33.34
N CYS G 292 22.29 19.77 -33.26
CA CYS G 292 22.03 18.96 -34.43
C CYS G 292 20.91 19.56 -35.26
N GLU G 293 21.09 19.54 -36.59
CA GLU G 293 20.10 20.06 -37.53
C GLU G 293 19.60 18.88 -38.36
N ALA G 294 18.57 18.21 -37.84
CA ALA G 294 18.00 17.05 -38.51
C ALA G 294 16.48 17.15 -38.45
N ALA G 295 15.82 16.36 -39.30
CA ALA G 295 14.37 16.35 -39.40
C ALA G 295 13.83 15.22 -38.54
N ARG G 296 13.32 15.58 -37.35
CA ARG G 296 12.65 14.67 -36.40
C ARG G 296 13.55 13.53 -35.94
N SER G 297 14.86 13.75 -35.91
CA SER G 297 15.80 12.70 -35.58
C SER G 297 17.09 13.32 -35.05
N VAL G 298 18.03 12.46 -34.67
CA VAL G 298 19.37 12.86 -34.27
C VAL G 298 20.35 12.20 -35.22
N CYS G 299 21.30 12.98 -35.74
CA CYS G 299 22.31 12.48 -36.67
C CYS G 299 23.22 11.45 -35.99
N GLN G 300 23.81 10.59 -36.83
CA GLN G 300 24.69 9.54 -36.33
C GLN G 300 26.01 10.10 -35.82
N ASN G 301 26.54 11.13 -36.51
CA ASN G 301 27.79 11.74 -36.06
C ASN G 301 27.57 12.70 -34.90
N CYS G 302 26.37 13.28 -34.78
CA CYS G 302 26.10 14.24 -33.72
C CYS G 302 25.85 13.57 -32.38
N TYR G 303 25.36 12.33 -32.39
CA TYR G 303 25.13 11.61 -31.14
C TYR G 303 26.44 11.12 -30.53
N GLY G 304 27.22 10.36 -31.31
CA GLY G 304 28.53 9.90 -30.87
C GLY G 304 28.60 8.38 -30.85
N TRP G 305 29.24 7.85 -29.82
CA TRP G 305 29.47 6.42 -29.69
C TRP G 305 28.36 5.75 -28.90
N SER G 306 28.26 4.43 -29.07
CA SER G 306 27.44 3.61 -28.20
C SER G 306 28.24 3.29 -26.94
N LEU G 307 27.73 3.72 -25.79
CA LEU G 307 28.47 3.55 -24.54
C LEU G 307 28.41 2.12 -24.01
N ALA G 308 27.53 1.28 -24.55
CA ALA G 308 27.45 -0.12 -24.17
C ALA G 308 28.09 -1.05 -25.20
N HIS G 309 28.53 -0.52 -26.33
CA HIS G 309 29.15 -1.33 -27.37
C HIS G 309 30.58 -0.91 -27.71
N GLY G 310 30.95 0.35 -27.47
CA GLY G 310 32.30 0.80 -27.71
C GLY G 310 32.54 1.42 -29.08
N HIS G 311 31.56 1.37 -29.98
CA HIS G 311 31.71 1.95 -31.30
C HIS G 311 30.57 2.92 -31.58
N LYS G 312 30.49 3.42 -32.81
CA LYS G 312 29.48 4.40 -33.18
C LYS G 312 28.10 3.75 -33.23
N VAL G 313 27.07 4.60 -33.14
CA VAL G 313 25.70 4.10 -33.17
C VAL G 313 25.33 3.69 -34.59
N ASP G 314 24.35 2.80 -34.69
CA ASP G 314 23.88 2.29 -35.97
C ASP G 314 22.57 2.96 -36.35
N LEU G 315 22.19 2.77 -37.62
CA LEU G 315 20.97 3.40 -38.13
C LEU G 315 19.75 2.65 -37.64
N GLY G 316 18.75 3.41 -37.18
CA GLY G 316 17.49 2.83 -36.77
C GLY G 316 17.51 2.23 -35.38
N GLU G 317 17.85 3.03 -34.38
CA GLU G 317 17.76 2.59 -32.99
C GLU G 317 17.38 3.78 -32.12
N ALA G 318 16.47 3.56 -31.18
CA ALA G 318 15.90 4.63 -30.38
C ALA G 318 16.89 5.03 -29.29
N VAL G 319 17.47 6.23 -29.41
CA VAL G 319 18.35 6.75 -28.39
C VAL G 319 17.60 7.45 -27.26
N GLY G 320 16.35 7.82 -27.48
CA GLY G 320 15.57 8.48 -26.45
C GLY G 320 15.06 7.54 -25.38
N ILE G 321 14.86 6.26 -25.72
CA ILE G 321 14.44 5.29 -24.73
C ILE G 321 15.61 4.92 -23.82
N ILE G 322 16.81 4.84 -24.38
CA ILE G 322 18.00 4.58 -23.57
C ILE G 322 18.35 5.80 -22.73
N ALA G 323 18.06 7.01 -23.23
CA ALA G 323 18.33 8.21 -22.45
C ALA G 323 17.33 8.37 -21.31
N ALA G 324 16.08 7.97 -21.52
CA ALA G 324 15.09 8.05 -20.46
C ALA G 324 15.29 6.97 -19.41
N GLN G 325 15.86 5.82 -19.80
CA GLN G 325 16.10 4.75 -18.85
C GLN G 325 17.38 4.97 -18.05
N SER G 326 18.36 5.68 -18.63
CA SER G 326 19.60 5.93 -17.91
C SER G 326 19.45 7.00 -16.83
N ILE G 327 18.47 7.88 -16.98
CA ILE G 327 18.23 8.92 -15.98
C ILE G 327 17.27 8.42 -14.89
N GLY G 328 16.23 7.69 -15.28
CA GLY G 328 15.26 7.19 -14.32
C GLY G 328 15.71 6.01 -13.49
N GLU G 329 16.84 5.39 -13.84
CA GLU G 329 17.33 4.24 -13.05
C GLU G 329 17.94 4.64 -11.71
N PRO G 330 18.86 5.67 -11.60
CA PRO G 330 19.35 6.01 -10.26
C PRO G 330 18.45 6.96 -9.48
N GLY G 331 17.20 7.14 -9.93
CA GLY G 331 16.27 7.99 -9.23
C GLY G 331 15.83 7.44 -7.88
N THR G 332 15.89 6.12 -7.69
CA THR G 332 15.52 5.51 -6.42
C THR G 332 16.66 5.54 -5.41
N GLN G 333 17.87 5.90 -5.83
CA GLN G 333 19.03 5.96 -4.94
C GLN G 333 19.55 7.39 -4.81
N LEU G 334 18.67 8.37 -4.85
CA LEU G 334 19.02 9.79 -4.75
C LEU G 334 18.37 10.36 -3.49
N THR G 335 19.16 10.49 -2.43
CA THR G 335 18.65 11.03 -1.18
C THR G 335 18.47 12.54 -1.25
N VAL G 349 34.66 27.21 3.21
CA VAL G 349 34.96 28.50 2.62
C VAL G 349 35.93 29.28 3.50
N ALA G 350 36.37 28.65 4.58
CA ALA G 350 37.29 29.27 5.53
C ALA G 350 38.30 28.23 6.00
N ARG G 351 39.56 28.66 6.12
CA ARG G 351 40.64 27.79 6.53
C ARG G 351 40.98 28.04 7.99
N GLN G 352 41.90 27.24 8.52
CA GLN G 352 42.37 27.36 9.89
C GLN G 352 43.82 27.85 9.90
N GLU G 353 44.16 28.59 10.95
CA GLU G 353 45.49 29.15 11.12
C GLU G 353 46.21 28.49 12.28
N LYS G 354 47.54 28.52 12.22
CA LYS G 354 48.37 27.92 13.26
C LYS G 354 49.66 28.72 13.36
N ALA G 355 50.40 28.47 14.44
CA ALA G 355 51.66 29.17 14.69
C ALA G 355 52.62 28.25 15.46
N PRO G 356 53.81 27.99 14.92
CA PRO G 356 54.77 27.14 15.63
C PRO G 356 55.59 27.86 16.69
N GLU G 357 55.37 29.15 16.89
CA GLU G 357 56.10 29.93 17.88
C GLU G 357 55.12 30.62 18.83
N ASP G 358 55.57 30.77 20.07
CA ASP G 358 54.78 31.42 21.12
C ASP G 358 55.33 32.82 21.37
N GLY G 359 54.46 33.81 21.33
CA GLY G 359 54.90 35.18 21.55
C GLY G 359 53.74 36.15 21.49
N THR G 360 54.08 37.44 21.51
CA THR G 360 53.11 38.51 21.50
C THR G 360 52.94 39.05 20.08
N VAL G 361 51.68 39.12 19.64
CA VAL G 361 51.34 39.57 18.29
C VAL G 361 51.48 41.10 18.26
N LYS G 362 51.68 41.63 17.06
CA LYS G 362 51.77 43.07 16.83
C LYS G 362 50.62 43.47 15.92
N TRP G 363 49.67 44.22 16.47
CA TRP G 363 48.49 44.62 15.69
C TRP G 363 48.81 45.75 14.73
N GLY G 364 49.26 46.89 15.25
CA GLY G 364 49.59 48.04 14.43
C GLY G 364 48.37 48.89 14.13
N LYS G 365 48.66 50.09 13.61
CA LYS G 365 47.61 51.04 13.25
C LYS G 365 47.16 50.92 11.80
N GLY G 366 47.71 49.96 11.05
CA GLY G 366 47.33 49.79 9.66
C GLY G 366 46.04 49.04 9.43
N LEU G 367 45.51 48.37 10.44
CA LEU G 367 44.28 47.61 10.32
C LEU G 367 43.30 48.07 11.38
N SER G 368 42.07 48.39 10.96
CA SER G 368 41.02 48.83 11.87
C SER G 368 40.22 47.61 12.33
N THR G 369 40.82 46.86 13.26
CA THR G 369 40.22 45.63 13.78
C THR G 369 39.10 46.02 14.74
N ARG G 370 37.86 45.86 14.28
CA ARG G 370 36.70 46.18 15.08
C ARG G 370 36.23 44.96 15.87
N LYS G 371 35.46 45.22 16.93
CA LYS G 371 34.94 44.15 17.77
C LYS G 371 33.66 43.57 17.17
N VAL G 372 33.55 42.25 17.20
CA VAL G 372 32.40 41.53 16.68
C VAL G 372 32.22 40.25 17.48
N ARG G 373 31.10 39.57 17.24
CA ARG G 373 30.79 38.31 17.91
C ARG G 373 30.62 37.24 16.86
N THR G 374 31.19 36.07 17.12
CA THR G 374 31.11 34.95 16.18
C THR G 374 29.87 34.11 16.47
N ARG G 375 29.77 32.94 15.83
CA ARG G 375 28.63 32.06 16.07
C ARG G 375 28.73 31.37 17.42
N HIS G 376 29.94 31.23 17.96
CA HIS G 376 30.13 30.69 19.30
C HIS G 376 30.02 31.81 20.32
N GLY G 377 30.13 31.44 21.60
CA GLY G 377 30.02 32.42 22.66
C GLY G 377 31.37 32.99 23.09
N GLU G 378 32.14 33.51 22.14
CA GLU G 378 33.44 34.07 22.43
C GLU G 378 33.63 35.34 21.61
N ASP G 379 34.45 36.25 22.14
CA ASP G 379 34.71 37.53 21.49
C ASP G 379 35.92 37.41 20.56
N ALA G 380 35.82 38.03 19.39
CA ALA G 380 36.89 38.02 18.40
C ALA G 380 36.91 39.35 17.67
N GLU G 381 38.11 39.93 17.54
CA GLU G 381 38.26 41.19 16.84
C GLU G 381 38.21 40.97 15.33
N GLN G 382 37.20 41.54 14.69
CA GLN G 382 37.00 41.36 13.25
C GLN G 382 37.81 42.38 12.47
N VAL G 383 38.58 41.91 11.50
CA VAL G 383 39.40 42.76 10.65
C VAL G 383 38.71 42.89 9.29
N GLU G 384 38.49 44.12 8.85
CA GLU G 384 37.84 44.40 7.58
C GLU G 384 38.80 44.89 6.52
N ILE G 385 40.12 44.77 6.75
CA ILE G 385 41.14 45.19 5.81
C ILE G 385 42.31 44.21 5.89
N ALA G 386 43.31 44.45 5.07
CA ALA G 386 44.50 43.61 5.06
C ALA G 386 45.48 44.05 6.13
N GLY G 387 46.60 43.36 6.21
CA GLY G 387 47.63 43.65 7.19
C GLY G 387 48.42 42.40 7.54
N ASP G 388 49.68 42.60 7.91
CA ASP G 388 50.58 41.51 8.26
C ASP G 388 50.49 41.26 9.76
N LEU G 389 49.75 40.23 10.16
CA LEU G 389 49.62 39.86 11.56
C LEU G 389 50.87 39.11 11.97
N ILE G 390 51.87 39.86 12.41
CA ILE G 390 53.19 39.31 12.75
C ILE G 390 53.21 39.01 14.24
N TRP G 391 53.59 37.78 14.59
CA TRP G 391 53.77 37.38 15.98
C TRP G 391 55.26 37.41 16.34
N LYS G 392 55.52 37.50 17.63
CA LYS G 392 56.89 37.59 18.12
C LYS G 392 57.60 36.24 18.02
N GLY G 393 58.92 36.30 17.88
CA GLY G 393 59.72 35.10 17.79
C GLY G 393 61.18 35.41 18.04
N GLU G 394 61.92 34.38 18.45
CA GLU G 394 63.33 34.55 18.73
C GLU G 394 64.15 34.65 17.44
N GLY G 395 64.08 33.61 16.61
CA GLY G 395 64.82 33.61 15.35
C GLY G 395 63.91 33.46 14.14
N LYS G 396 62.75 32.84 14.34
CA LYS G 396 61.79 32.59 13.26
C LYS G 396 60.70 33.65 13.34
N LYS G 397 60.73 34.61 12.42
CA LYS G 397 59.74 35.68 12.36
C LYS G 397 58.48 35.12 11.69
N GLN G 401 57.53 34.67 12.51
CA GLN G 401 56.29 34.10 12.00
C GLN G 401 55.33 35.22 11.62
N THR G 402 54.98 35.29 10.34
CA THR G 402 54.08 36.31 9.83
C THR G 402 52.86 35.66 9.19
N TYR G 403 51.78 36.43 9.12
CA TYR G 403 50.54 35.96 8.54
C TYR G 403 49.76 37.15 7.98
N SER G 404 49.10 36.93 6.85
CA SER G 404 48.32 37.96 6.20
C SER G 404 46.88 37.93 6.68
N LEU G 405 46.21 39.08 6.59
CA LEU G 405 44.84 39.23 7.04
C LEU G 405 43.88 39.05 5.85
N THR G 406 42.58 39.13 6.15
CA THR G 406 41.54 39.00 5.14
C THR G 406 40.32 39.77 5.62
N PRO G 407 39.66 40.52 4.73
CA PRO G 407 38.47 41.28 5.16
C PRO G 407 37.27 40.37 5.33
N GLY G 408 36.55 40.57 6.43
CA GLY G 408 35.38 39.80 6.77
C GLY G 408 35.62 38.72 7.80
N SER G 409 36.87 38.39 8.09
CA SER G 409 37.20 37.37 9.07
C SER G 409 37.37 38.03 10.45
N LEU G 410 37.90 37.27 11.40
CA LEU G 410 38.08 37.76 12.77
C LEU G 410 39.36 37.19 13.36
N LEU G 411 39.96 37.94 14.26
CA LEU G 411 41.17 37.54 14.97
C LEU G 411 40.87 37.32 16.44
N PHE G 412 41.72 36.51 17.08
CA PHE G 412 41.53 36.12 18.47
C PHE G 412 42.56 36.71 19.41
N VAL G 413 43.80 36.84 18.99
CA VAL G 413 44.87 37.30 19.86
C VAL G 413 44.80 38.82 20.03
N GLN G 414 45.11 39.28 21.24
CA GLN G 414 45.10 40.69 21.58
C GLN G 414 46.53 41.19 21.73
N ASP G 415 46.72 42.50 21.55
CA ASP G 415 48.02 43.15 21.70
C ASP G 415 48.43 43.14 23.16
N GLY G 416 49.38 42.28 23.50
CA GLY G 416 49.88 42.16 24.87
C GLY G 416 49.70 40.80 25.50
N GLN G 417 49.19 39.80 24.79
CA GLN G 417 48.96 38.48 25.34
C GLN G 417 50.02 37.51 24.84
N THR G 418 50.57 36.72 25.75
CA THR G 418 51.58 35.72 25.40
C THR G 418 50.88 34.38 25.18
N VAL G 419 50.87 33.92 23.93
CA VAL G 419 50.20 32.67 23.58
C VAL G 419 51.09 31.50 23.97
N THR G 420 50.52 30.29 23.95
CA THR G 420 51.26 29.08 24.30
C THR G 420 51.86 28.47 23.03
N ALA G 421 52.45 27.28 23.16
CA ALA G 421 53.06 26.59 22.03
C ALA G 421 51.98 25.97 21.15
N GLY G 422 51.95 26.33 19.88
CA GLY G 422 50.97 25.80 18.96
C GLY G 422 49.57 26.33 19.16
N GLN G 423 49.44 27.54 19.70
CA GLN G 423 48.13 28.13 19.95
C GLN G 423 47.52 28.65 18.65
N LEU G 424 46.20 28.74 18.63
CA LEU G 424 45.47 29.24 17.48
C LEU G 424 45.49 30.76 17.48
N MET G 425 46.11 31.36 16.46
CA MET G 425 46.20 32.81 16.38
C MET G 425 44.88 33.44 15.94
N THR G 426 44.38 33.02 14.78
CA THR G 426 43.14 33.56 14.24
C THR G 426 42.48 32.49 13.38
N GLU G 427 41.50 32.89 12.59
CA GLU G 427 40.80 31.99 11.68
C GLU G 427 40.43 32.78 10.43
N ILE G 428 41.27 32.69 9.41
CA ILE G 428 41.07 33.46 8.19
C ILE G 428 40.04 32.76 7.30
N SER G 429 39.37 33.55 6.46
CA SER G 429 38.37 33.04 5.54
C SER G 429 38.99 32.89 4.16
N LEU G 430 38.99 31.66 3.64
CA LEU G 430 39.57 31.39 2.34
C LEU G 430 38.69 31.91 1.22
N THR G 437 22.02 33.20 3.66
CA THR G 437 21.71 32.75 5.02
C THR G 437 20.23 32.44 5.17
N GLU G 438 19.85 31.86 6.31
CA GLU G 438 18.48 31.50 6.59
C GLU G 438 18.06 32.05 7.95
N ARG G 439 16.78 32.41 8.05
CA ARG G 439 16.23 32.93 9.30
C ARG G 439 15.68 31.79 10.15
N ALA G 440 15.93 31.87 11.45
CA ALA G 440 15.49 30.83 12.37
C ALA G 440 15.28 31.45 13.75
N THR G 441 14.37 30.84 14.52
CA THR G 441 14.05 31.28 15.86
C THR G 441 14.47 30.21 16.87
N LYS G 442 14.46 30.60 18.14
CA LYS G 442 14.86 29.70 19.22
C LYS G 442 14.06 30.03 20.47
N ASP G 443 13.39 29.01 21.01
CA ASP G 443 12.62 29.17 22.24
C ASP G 443 13.52 29.03 23.45
N VAL G 444 13.51 30.03 24.32
CA VAL G 444 14.31 30.03 25.55
C VAL G 444 13.34 29.96 26.72
N ALA G 445 13.30 28.81 27.38
CA ALA G 445 12.44 28.59 28.53
C ALA G 445 13.23 28.75 29.82
N GLY G 446 12.51 29.08 30.90
CA GLY G 446 13.14 29.27 32.18
C GLY G 446 13.26 27.98 32.99
N ASP G 447 14.09 28.04 34.03
CA ASP G 447 14.33 26.91 34.91
C ASP G 447 13.75 27.11 36.30
N LEU G 448 13.85 28.31 36.86
CA LEU G 448 13.30 28.63 38.17
C LEU G 448 12.14 29.61 38.03
N ALA G 449 11.42 29.80 39.13
CA ALA G 449 10.24 30.65 39.15
C ALA G 449 10.42 31.77 40.17
N GLY G 450 9.86 32.93 39.87
CA GLY G 450 9.93 34.05 40.78
C GLY G 450 9.74 35.37 40.03
N GLU G 451 10.34 36.42 40.60
CA GLU G 451 10.22 37.76 40.06
C GLU G 451 11.22 37.98 38.93
N VAL G 452 10.79 38.68 37.89
CA VAL G 452 11.63 38.97 36.73
C VAL G 452 12.30 40.32 36.94
N LEU G 453 13.63 40.34 36.81
CA LEU G 453 14.42 41.55 36.96
C LEU G 453 15.20 41.80 35.69
N PHE G 454 15.31 43.06 35.29
CA PHE G 454 15.99 43.46 34.07
C PHE G 454 17.28 44.20 34.38
N ASP G 455 18.26 44.06 33.50
CA ASP G 455 19.56 44.70 33.64
C ASP G 455 20.01 45.14 32.26
N ARG G 456 20.01 46.45 32.03
CA ARG G 456 20.47 47.10 30.78
C ARG G 456 19.69 46.60 29.56
N LEU G 457 18.38 46.56 29.69
CA LEU G 457 17.50 46.13 28.60
C LEU G 457 16.26 47.01 28.62
N VAL G 458 16.00 47.68 27.50
CA VAL G 458 14.83 48.54 27.38
C VAL G 458 13.91 48.01 26.28
N PRO G 459 12.60 48.08 26.46
CA PRO G 459 11.67 47.62 25.43
C PRO G 459 11.35 48.70 24.41
N GLU G 460 10.95 48.25 23.22
CA GLU G 460 10.58 49.15 22.14
C GLU G 460 9.32 48.62 21.47
N GLU G 461 8.48 49.55 21.02
CA GLU G 461 7.20 49.21 20.39
C GLU G 461 7.31 49.56 18.90
N LYS G 462 7.81 48.62 18.12
CA LYS G 462 7.91 48.78 16.67
C LYS G 462 6.73 48.09 16.01
N THR G 463 5.56 48.70 16.18
CA THR G 463 4.32 48.16 15.64
C THR G 463 4.25 48.38 14.13
N ASP G 464 4.03 47.29 13.40
CA ASP G 464 3.93 47.34 11.95
C ASP G 464 2.77 46.45 11.52
N ARG G 465 2.66 46.21 10.22
CA ARG G 465 1.60 45.39 9.65
C ARG G 465 1.99 43.92 9.51
N GLN G 466 3.03 43.47 10.18
CA GLN G 466 3.47 42.09 10.07
C GLN G 466 2.62 41.17 10.94
N GLY G 467 2.66 41.38 12.25
CA GLY G 467 1.88 40.57 13.17
C GLY G 467 1.13 41.41 14.20
N ASN G 468 1.45 42.71 14.24
CA ASN G 468 0.82 43.74 15.07
C ASN G 468 0.96 43.51 16.57
N THR G 469 1.80 42.56 16.99
CA THR G 469 2.11 42.33 18.40
C THR G 469 3.58 41.92 18.48
N THR G 470 4.45 42.92 18.63
CA THR G 470 5.89 42.71 18.71
C THR G 470 6.48 43.67 19.72
N ARG G 471 7.62 43.27 20.30
CA ARG G 471 8.35 44.12 21.24
C ARG G 471 9.82 43.72 21.16
N ILE G 472 10.60 44.49 20.41
CA ILE G 472 12.00 44.18 20.20
C ILE G 472 12.85 45.02 21.15
N ALA G 473 14.10 44.62 21.32
CA ALA G 473 15.06 45.32 22.16
C ALA G 473 16.29 45.65 21.33
N GLN G 474 16.61 46.94 21.22
CA GLN G 474 17.76 47.35 20.42
C GLN G 474 19.08 47.06 21.13
N ARG G 475 19.07 47.00 22.45
CA ARG G 475 20.27 46.68 23.24
C ARG G 475 19.88 45.57 24.21
N GLY G 476 20.18 44.32 23.85
CA GLY G 476 19.87 43.18 24.68
C GLY G 476 20.89 42.94 25.77
N GLY G 477 20.50 43.20 27.02
CA GLY G 477 21.40 42.98 28.14
C GLY G 477 21.17 41.65 28.82
N LEU G 478 20.89 41.69 30.12
CA LEU G 478 20.67 40.48 30.91
C LEU G 478 19.34 40.59 31.65
N VAL G 479 18.58 39.49 31.66
CA VAL G 479 17.33 39.40 32.40
C VAL G 479 17.51 38.39 33.53
N TRP G 480 17.06 38.75 34.72
CA TRP G 480 17.23 37.93 35.91
C TRP G 480 15.89 37.43 36.41
N ILE G 481 15.89 36.21 36.95
CA ILE G 481 14.71 35.59 37.55
C ILE G 481 15.06 35.22 38.98
N LEU G 482 14.35 35.83 39.93
CA LEU G 482 14.61 35.55 41.33
C LEU G 482 13.93 34.24 41.73
N SER G 483 14.18 33.81 42.96
CA SER G 483 13.66 32.53 43.46
C SER G 483 12.44 32.77 44.33
N GLY G 484 11.65 31.72 44.48
CA GLY G 484 10.45 31.74 45.29
C GLY G 484 9.36 30.87 44.69
N GLU G 485 8.51 30.33 45.55
CA GLU G 485 7.40 29.50 45.10
C GLU G 485 6.28 30.37 44.57
N VAL G 486 5.74 29.99 43.41
CA VAL G 486 4.66 30.72 42.75
C VAL G 486 3.41 29.85 42.76
N TYR G 487 2.32 30.40 43.30
CA TYR G 487 1.04 29.72 43.35
C TYR G 487 0.02 30.54 42.58
N ASN G 488 -0.54 29.97 41.52
CA ASN G 488 -1.49 30.69 40.69
C ASN G 488 -2.85 30.77 41.37
N LEU G 489 -3.59 31.83 41.06
CA LEU G 489 -4.90 32.13 41.63
C LEU G 489 -5.99 31.98 40.58
N PRO G 490 -7.21 31.62 40.99
CA PRO G 490 -8.34 31.64 40.06
C PRO G 490 -8.70 33.06 39.67
N PRO G 491 -9.32 33.25 38.49
CA PRO G 491 -9.65 34.62 38.05
C PRO G 491 -10.74 35.29 38.87
N GLY G 492 -11.53 34.54 39.62
CA GLY G 492 -12.56 35.10 40.47
C GLY G 492 -12.17 35.31 41.91
N ALA G 493 -10.92 35.06 42.27
CA ALA G 493 -10.44 35.20 43.65
C ALA G 493 -9.79 36.55 43.87
N GLU G 494 -9.76 36.98 45.12
CA GLU G 494 -9.17 38.25 45.51
C GLU G 494 -8.03 38.03 46.49
N PRO G 495 -6.92 38.76 46.33
CA PRO G 495 -5.79 38.59 47.26
C PRO G 495 -5.97 39.45 48.50
N VAL G 496 -6.07 38.78 49.65
CA VAL G 496 -6.26 39.49 50.92
C VAL G 496 -4.94 39.85 51.60
N VAL G 497 -3.82 39.49 51.00
CA VAL G 497 -2.49 39.77 51.55
C VAL G 497 -1.83 40.84 50.70
N LYS G 498 -1.45 41.94 51.34
CA LYS G 498 -0.81 43.06 50.65
C LYS G 498 0.70 42.83 50.60
N ASN G 499 1.44 43.85 50.19
CA ASN G 499 2.89 43.74 50.08
C ASN G 499 3.55 43.86 51.44
N ASP G 500 4.70 43.18 51.58
CA ASP G 500 5.52 43.15 52.80
C ASP G 500 4.74 42.67 54.01
N GLU G 501 4.08 41.51 53.84
CA GLU G 501 3.31 40.89 54.90
C GLU G 501 3.79 39.47 55.11
N GLN G 502 3.88 39.06 56.37
CA GLN G 502 4.36 37.73 56.73
C GLN G 502 3.21 36.74 56.73
N VAL G 503 3.48 35.53 56.20
CA VAL G 503 2.50 34.46 56.14
C VAL G 503 3.01 33.31 57.00
N GLU G 504 2.08 32.46 57.45
CA GLU G 504 2.40 31.30 58.26
C GLU G 504 2.10 30.02 57.48
N VAL G 505 2.46 28.89 58.08
CA VAL G 505 2.23 27.59 57.47
C VAL G 505 0.76 27.22 57.66
N GLY G 506 0.06 27.00 56.55
CA GLY G 506 -1.35 26.67 56.61
C GLY G 506 -2.27 27.83 56.91
N SER G 507 -1.83 29.06 56.64
CA SER G 507 -2.64 30.25 56.89
C SER G 507 -3.51 30.54 55.68
N ILE G 508 -4.18 31.70 55.69
CA ILE G 508 -5.04 32.11 54.59
C ILE G 508 -4.23 32.98 53.64
N MET G 509 -4.34 32.70 52.34
CA MET G 509 -3.62 33.45 51.32
C MET G 509 -4.55 34.21 50.39
N ALA G 510 -5.66 33.62 49.98
CA ALA G 510 -6.61 34.27 49.09
C ALA G 510 -8.01 33.76 49.37
N GLU G 511 -8.94 34.68 49.58
CA GLU G 511 -10.34 34.34 49.87
C GLU G 511 -11.21 34.77 48.69
N THR G 512 -11.99 33.83 48.16
CA THR G 512 -12.87 34.11 47.04
C THR G 512 -14.19 34.69 47.55
N LYS G 513 -14.60 35.82 46.99
CA LYS G 513 -15.84 36.49 47.38
C LYS G 513 -16.95 35.98 46.48
N LEU G 514 -17.82 35.12 47.03
CA LEU G 514 -18.96 34.55 46.31
C LEU G 514 -20.21 35.25 46.84
N VAL G 515 -20.70 36.23 46.09
CA VAL G 515 -21.87 37.02 46.48
C VAL G 515 -22.96 36.77 45.45
N THR G 516 -24.08 36.20 45.91
CA THR G 516 -25.24 35.94 45.07
C THR G 516 -26.37 36.84 45.55
N ASN G 517 -26.58 37.95 44.86
CA ASN G 517 -27.64 38.88 45.21
C ASN G 517 -28.98 38.36 44.68
N ASP G 518 -30.05 39.07 45.08
CA ASP G 518 -31.45 38.79 44.72
C ASP G 518 -31.86 37.37 45.12
N GLY G 519 -31.86 37.16 46.43
CA GLY G 519 -32.25 35.87 46.99
C GLY G 519 -32.45 35.93 48.49
N GLY G 520 -33.52 35.30 48.99
CA GLY G 520 -33.83 35.38 50.40
C GLY G 520 -33.82 34.07 51.15
N VAL G 521 -34.19 32.98 50.49
CA VAL G 521 -34.35 31.67 51.14
C VAL G 521 -33.50 30.66 50.39
N VAL G 522 -32.68 29.90 51.13
CA VAL G 522 -31.86 28.84 50.57
C VAL G 522 -32.48 27.50 50.94
N ARG G 523 -32.49 26.57 49.98
CA ARG G 523 -33.10 25.26 50.20
C ARG G 523 -32.32 24.22 49.42
N LEU G 524 -31.87 23.18 50.13
CA LEU G 524 -31.15 22.08 49.50
C LEU G 524 -31.31 20.84 50.38
N VAL G 525 -31.57 19.70 49.76
CA VAL G 525 -31.72 18.43 50.45
C VAL G 525 -30.53 17.51 50.18
N SER G 526 -30.32 17.14 48.91
CA SER G 526 -29.19 16.29 48.51
C SER G 526 -28.72 16.77 47.14
N ASN G 527 -27.71 17.63 47.13
CA ASN G 527 -27.16 18.16 45.89
C ASN G 527 -25.71 18.57 46.14
N ARG G 528 -25.05 19.01 45.08
CA ARG G 528 -23.68 19.48 45.14
C ARG G 528 -23.56 20.99 45.01
N GLU G 529 -24.19 21.58 43.99
CA GLU G 529 -24.18 23.02 43.80
C GLU G 529 -25.28 23.67 44.62
N ILE G 530 -24.96 24.81 45.22
CA ILE G 530 -25.93 25.53 46.04
C ILE G 530 -26.94 26.24 45.14
N GLU G 531 -28.14 26.46 45.66
CA GLU G 531 -29.20 27.15 44.94
C GLU G 531 -29.92 28.09 45.88
N ILE G 532 -30.18 29.31 45.41
CA ILE G 532 -30.83 30.34 46.20
C ILE G 532 -32.17 30.68 45.56
N ILE G 533 -33.20 30.85 46.39
CA ILE G 533 -34.56 31.11 45.94
C ILE G 533 -34.95 32.51 46.41
N THR G 534 -35.39 33.35 45.47
CA THR G 534 -35.74 34.73 45.78
C THR G 534 -37.22 34.93 46.05
N ALA G 535 -38.09 34.01 45.62
CA ALA G 535 -39.52 34.18 45.80
C ALA G 535 -40.18 32.80 45.86
N SER G 536 -41.14 32.66 46.77
CA SER G 536 -41.84 31.40 46.97
C SER G 536 -43.29 31.69 47.30
N VAL G 537 -44.20 30.94 46.68
CA VAL G 537 -45.62 31.10 46.92
C VAL G 537 -46.18 29.75 47.37
N LEU G 538 -47.19 29.81 48.24
CA LEU G 538 -47.83 28.61 48.76
C LEU G 538 -49.26 28.96 49.13
N LEU G 539 -50.21 28.57 48.27
CA LEU G 539 -51.62 28.84 48.52
C LEU G 539 -52.15 27.93 49.60
N ASP G 540 -53.19 28.39 50.29
CA ASP G 540 -53.83 27.61 51.33
C ASP G 540 -54.77 26.56 50.73
N GLN G 541 -54.95 25.47 51.47
CA GLN G 541 -55.81 24.34 51.10
C GLN G 541 -55.40 23.73 49.76
N ALA G 542 -54.09 23.60 49.55
CA ALA G 542 -53.56 23.04 48.32
C ALA G 542 -53.49 21.52 48.45
N GLN G 543 -54.29 20.82 47.65
CA GLN G 543 -54.31 19.35 47.66
C GLN G 543 -54.49 18.88 46.21
N VAL G 544 -53.42 18.37 45.61
CA VAL G 544 -53.47 17.86 44.24
C VAL G 544 -53.60 16.35 44.28
N LYS G 545 -54.15 15.80 43.21
CA LYS G 545 -54.38 14.36 43.11
C LYS G 545 -54.26 13.95 41.64
N LEU G 546 -53.67 12.78 41.41
CA LEU G 546 -53.50 12.26 40.06
C LEU G 546 -54.62 11.28 39.71
N GLU G 547 -55.83 11.81 39.64
CA GLU G 547 -57.02 11.03 39.30
C GLU G 547 -57.36 11.34 37.84
N SER G 548 -56.74 10.60 36.93
CA SER G 548 -56.85 10.83 35.49
C SER G 548 -57.06 9.51 34.76
N SER G 549 -58.05 8.73 35.22
CA SER G 549 -58.33 7.43 34.61
C SER G 549 -58.95 7.52 33.22
N GLY G 550 -59.43 8.69 32.81
CA GLY G 550 -60.03 8.84 31.50
C GLY G 550 -59.03 8.81 30.35
N GLY G 551 -58.13 9.79 30.32
CA GLY G 551 -57.16 9.88 29.25
C GLY G 551 -55.72 9.93 29.75
N ARG G 552 -54.99 10.98 29.38
CA ARG G 552 -53.62 11.13 29.82
C ARG G 552 -53.58 11.52 31.29
N GLU G 553 -52.41 11.33 31.90
CA GLU G 553 -52.24 11.50 33.34
C GLU G 553 -51.97 12.97 33.65
N GLN G 554 -52.94 13.62 34.31
CA GLN G 554 -52.80 15.00 34.74
C GLN G 554 -53.19 15.10 36.21
N TYR G 555 -52.51 16.01 36.92
CA TYR G 555 -52.74 16.20 38.35
C TYR G 555 -53.89 17.19 38.55
N VAL G 556 -55.05 16.67 38.96
CA VAL G 556 -56.22 17.50 39.18
C VAL G 556 -56.15 18.07 40.60
N ILE G 557 -56.18 19.40 40.70
CA ILE G 557 -56.09 20.08 41.99
C ILE G 557 -57.49 20.11 42.62
N TYR G 558 -57.65 19.38 43.71
CA TYR G 558 -58.92 19.33 44.45
C TYR G 558 -58.81 20.26 45.64
N THR G 559 -59.26 21.50 45.45
CA THR G 559 -59.19 22.51 46.50
C THR G 559 -60.38 22.34 47.46
N ALA G 560 -60.38 23.15 48.52
CA ALA G 560 -61.42 23.07 49.54
C ALA G 560 -62.69 23.82 49.15
N ASP G 561 -62.68 24.56 48.03
CA ASP G 561 -63.84 25.31 47.58
C ASP G 561 -64.69 24.53 46.57
N LYS G 562 -64.65 23.19 46.63
CA LYS G 562 -65.39 22.29 45.75
C LYS G 562 -65.09 22.53 44.27
N GLN G 563 -63.83 22.81 43.97
CA GLN G 563 -63.38 23.08 42.61
C GLN G 563 -62.29 22.10 42.23
N ARG G 564 -62.29 21.71 40.95
CA ARG G 564 -61.30 20.79 40.40
C ARG G 564 -60.52 21.52 39.31
N PHE G 565 -59.26 21.85 39.61
CA PHE G 565 -58.39 22.56 38.68
C PHE G 565 -57.44 21.57 38.02
N LEU G 566 -57.40 21.56 36.69
CA LEU G 566 -56.49 20.70 35.95
C LEU G 566 -55.16 21.43 35.76
N LEU G 567 -54.06 20.75 36.08
CA LEU G 567 -52.73 21.33 35.96
C LEU G 567 -52.36 21.39 34.48
N LYS G 568 -52.53 22.56 33.86
CA LYS G 568 -52.18 22.73 32.46
C LYS G 568 -50.67 22.80 32.28
N ALA G 569 -49.93 23.27 33.28
CA ALA G 569 -48.49 23.33 33.20
C ALA G 569 -47.88 21.96 33.47
N ALA G 570 -46.68 21.74 32.93
CA ALA G 570 -45.98 20.49 33.07
C ALA G 570 -44.76 20.65 33.97
N PRO G 571 -44.40 19.64 34.76
CA PRO G 571 -43.17 19.74 35.57
C PRO G 571 -41.91 19.61 34.73
N GLY G 572 -41.20 20.72 34.53
CA GLY G 572 -39.95 20.69 33.80
C GLY G 572 -39.79 21.75 32.74
N THR G 573 -40.89 22.42 32.37
CA THR G 573 -40.86 23.43 31.34
C THR G 573 -40.78 24.83 31.95
N LYS G 574 -40.51 25.80 31.09
CA LYS G 574 -40.40 27.18 31.51
C LYS G 574 -41.78 27.84 31.54
N VAL G 575 -41.91 28.88 32.38
CA VAL G 575 -43.09 29.72 32.41
C VAL G 575 -42.66 31.17 32.27
N GLN G 576 -43.50 31.97 31.63
CA GLN G 576 -43.21 33.37 31.37
C GLN G 576 -44.26 34.25 32.05
N ASN G 577 -44.17 35.55 31.80
CA ASN G 577 -45.14 36.50 32.35
C ASN G 577 -46.47 36.37 31.61
N HIS G 578 -47.56 36.35 32.40
CA HIS G 578 -48.94 36.19 31.92
C HIS G 578 -49.11 34.90 31.12
N SER G 579 -48.81 33.79 31.78
CA SER G 579 -48.91 32.46 31.19
C SER G 579 -49.98 31.65 31.90
N ILE G 580 -50.37 30.54 31.28
CA ILE G 580 -51.42 29.67 31.79
C ILE G 580 -50.77 28.55 32.61
N VAL G 581 -51.16 28.44 33.87
CA VAL G 581 -50.63 27.40 34.75
C VAL G 581 -51.69 26.38 35.15
N ALA G 582 -52.97 26.74 35.12
CA ALA G 582 -54.03 25.81 35.49
C ALA G 582 -55.32 26.22 34.79
N GLU G 583 -56.26 25.29 34.77
CA GLU G 583 -57.58 25.53 34.16
C GLU G 583 -58.58 24.60 34.80
N LEU G 584 -59.60 25.17 35.44
CA LEU G 584 -60.61 24.37 36.12
C LEU G 584 -61.58 23.77 35.12
N ILE G 585 -62.17 22.64 35.51
CA ILE G 585 -63.16 21.94 34.69
C ILE G 585 -64.54 22.51 35.02
N ASP G 586 -65.32 22.83 33.99
CA ASP G 586 -66.64 23.43 34.16
C ASP G 586 -67.69 22.47 33.61
N ASP G 587 -68.65 22.10 34.45
CA ASP G 587 -69.77 21.28 34.00
C ASP G 587 -70.71 22.09 33.10
N ARG G 588 -70.83 23.39 33.35
CA ARG G 588 -71.61 24.27 32.51
C ARG G 588 -70.73 24.84 31.41
N TYR G 589 -71.31 25.74 30.59
CA TYR G 589 -70.65 26.42 29.48
C TYR G 589 -70.07 25.43 28.45
N ARG G 590 -70.77 24.31 28.24
CA ARG G 590 -70.39 23.31 27.25
C ARG G 590 -71.65 22.94 26.48
N THR G 591 -71.92 23.68 25.40
CA THR G 591 -73.09 23.45 24.59
C THR G 591 -72.88 22.23 23.69
N THR G 592 -73.98 21.71 23.16
CA THR G 592 -73.92 20.57 22.27
C THR G 592 -73.41 20.98 20.89
N THR G 593 -74.10 21.91 20.25
CA THR G 593 -73.72 22.43 18.94
C THR G 593 -73.27 23.88 19.07
N GLY G 594 -72.78 24.42 17.96
CA GLY G 594 -72.36 25.80 17.90
C GLY G 594 -73.53 26.74 17.70
N GLY G 595 -73.18 28.00 17.44
CA GLY G 595 -74.19 29.02 17.22
C GLY G 595 -73.66 30.39 17.54
N MET G 596 -74.54 31.37 17.39
CA MET G 596 -74.21 32.76 17.64
C MET G 596 -74.24 33.05 19.14
N ILE G 597 -73.60 34.17 19.51
CA ILE G 597 -73.54 34.59 20.91
C ILE G 597 -73.59 36.11 20.94
N ARG G 598 -74.30 36.66 21.93
CA ARG G 598 -74.43 38.11 22.08
C ARG G 598 -74.67 38.41 23.55
N TYR G 599 -73.84 39.28 24.12
CA TYR G 599 -73.98 39.68 25.51
C TYR G 599 -74.84 40.93 25.61
N ALA G 600 -75.30 41.22 26.83
CA ALA G 600 -76.16 42.37 27.11
C ALA G 600 -75.59 43.10 28.32
N GLY G 601 -74.94 44.23 28.08
CA GLY G 601 -74.37 45.02 29.15
C GLY G 601 -73.11 44.44 29.76
N VAL G 602 -72.32 43.71 28.98
CA VAL G 602 -71.07 43.11 29.45
C VAL G 602 -69.92 43.80 28.71
N GLU G 603 -69.17 44.62 29.42
CA GLU G 603 -68.02 45.29 28.84
C GLU G 603 -66.80 44.37 28.88
N VAL G 604 -65.89 44.58 27.93
CA VAL G 604 -64.71 43.74 27.81
C VAL G 604 -63.56 44.61 27.31
N ALA G 605 -62.33 44.17 27.60
CA ALA G 605 -61.12 44.84 27.13
C ALA G 605 -60.15 43.78 26.65
N LYS G 606 -59.59 43.97 25.46
CA LYS G 606 -58.72 42.97 24.86
C LYS G 606 -57.64 43.66 24.04
N GLY G 607 -56.61 42.89 23.70
CA GLY G 607 -55.53 43.38 22.86
C GLY G 607 -55.32 42.51 21.65
N GLY G 608 -55.96 41.34 21.64
CA GLY G 608 -55.87 40.43 20.52
C GLY G 608 -57.06 39.50 20.43
N ARG G 609 -57.57 39.29 19.21
CA ARG G 609 -58.75 38.48 18.98
C ARG G 609 -58.43 37.00 18.77
N LYS G 610 -57.19 36.58 19.05
CA LYS G 610 -56.79 35.19 18.88
C LYS G 610 -56.86 34.41 20.18
N GLN G 611 -56.15 34.88 21.21
CA GLN G 611 -56.08 34.17 22.50
C GLN G 611 -57.14 34.68 23.47
N GLY G 612 -58.41 34.70 23.02
CA GLY G 612 -59.50 35.07 23.89
C GLY G 612 -59.55 36.56 24.19
N TYR G 613 -60.32 36.88 25.24
CA TYR G 613 -60.47 38.26 25.70
C TYR G 613 -60.79 38.24 27.18
N GLU G 614 -60.00 38.98 27.96
CA GLU G 614 -60.20 39.02 29.41
C GLU G 614 -61.39 39.90 29.76
N VAL G 615 -62.33 39.35 30.52
CA VAL G 615 -63.52 40.10 30.92
C VAL G 615 -63.20 40.95 32.15
N THR G 616 -63.96 42.03 32.30
CA THR G 616 -63.79 42.95 33.43
C THR G 616 -64.90 42.83 34.47
N LYS G 617 -66.16 42.84 34.03
CA LYS G 617 -67.27 42.76 34.97
C LYS G 617 -68.22 41.62 34.59
N GLY G 618 -69.35 41.53 35.28
CA GLY G 618 -70.34 40.49 35.04
C GLY G 618 -71.43 40.94 34.07
N GLY G 619 -72.59 40.30 34.20
CA GLY G 619 -73.71 40.60 33.35
C GLY G 619 -74.32 39.36 32.72
N THR G 620 -75.51 39.51 32.13
CA THR G 620 -76.18 38.39 31.50
C THR G 620 -75.56 38.07 30.14
N LEU G 621 -75.79 36.85 29.68
CA LEU G 621 -75.25 36.38 28.42
C LEU G 621 -76.28 35.50 27.72
N LEU G 622 -76.44 35.72 26.42
CA LEU G 622 -77.36 34.96 25.59
C LEU G 622 -76.58 34.04 24.67
N TRP G 623 -77.29 33.06 24.10
CA TRP G 623 -76.68 32.08 23.21
C TRP G 623 -77.75 31.54 22.28
N ILE G 624 -77.62 31.85 20.99
CA ILE G 624 -78.55 31.37 19.97
C ILE G 624 -77.85 30.24 19.22
N PRO G 625 -78.23 28.98 19.43
CA PRO G 625 -77.52 27.87 18.79
C PRO G 625 -78.02 27.55 17.40
N GLU G 626 -77.08 27.15 16.54
CA GLU G 626 -77.38 26.69 15.19
C GLU G 626 -76.23 25.80 14.72
N GLU G 627 -76.58 24.65 14.14
CA GLU G 627 -75.59 23.70 13.67
C GLU G 627 -75.13 24.08 12.27
N THR G 628 -73.82 24.01 12.05
CA THR G 628 -73.23 24.33 10.77
C THR G 628 -72.42 23.15 10.25
N HIS G 629 -72.21 23.15 8.93
CA HIS G 629 -71.44 22.08 8.28
C HIS G 629 -70.74 22.70 7.07
N GLU G 630 -69.46 23.06 7.25
CA GLU G 630 -68.67 23.64 6.17
C GLU G 630 -68.14 22.50 5.30
N ILE G 631 -68.87 22.20 4.24
CA ILE G 631 -68.52 21.13 3.31
C ILE G 631 -68.30 21.74 1.93
N ASN G 632 -67.89 20.89 0.99
CA ASN G 632 -67.66 21.30 -0.39
C ASN G 632 -68.22 20.27 -1.35
N LYS G 633 -69.43 19.78 -1.07
CA LYS G 633 -70.08 18.78 -1.91
C LYS G 633 -70.76 19.46 -3.09
N ASP G 634 -71.46 18.66 -3.90
CA ASP G 634 -72.16 19.22 -5.05
C ASP G 634 -73.64 19.40 -4.74
N ILE G 635 -74.42 19.74 -5.74
CA ILE G 635 -75.85 19.95 -5.57
C ILE G 635 -76.61 18.63 -5.71
N SER G 636 -76.14 17.74 -6.58
CA SER G 636 -76.81 16.45 -6.79
C SER G 636 -76.65 15.51 -5.59
N LEU G 637 -75.70 15.77 -4.70
CA LEU G 637 -75.56 15.00 -3.48
C LEU G 637 -76.55 15.42 -2.41
N LEU G 638 -77.20 16.57 -2.57
CA LEU G 638 -78.20 17.03 -1.61
C LEU G 638 -79.52 16.31 -1.85
N ILE G 639 -80.09 15.75 -0.78
CA ILE G 639 -81.34 15.01 -0.86
C ILE G 639 -82.48 15.70 -0.14
N VAL G 640 -82.25 16.91 0.40
CA VAL G 640 -83.29 17.66 1.10
C VAL G 640 -83.56 18.95 0.35
N GLU G 641 -84.54 19.72 0.81
CA GLU G 641 -84.92 20.99 0.21
C GLU G 641 -84.51 22.14 1.11
N ASP G 642 -84.88 23.35 0.71
CA ASP G 642 -84.57 24.56 1.46
C ASP G 642 -85.69 24.81 2.46
N GLY G 643 -85.48 24.36 3.70
CA GLY G 643 -86.46 24.57 4.74
C GLY G 643 -87.23 23.31 5.09
N GLN G 644 -86.55 22.17 5.07
CA GLN G 644 -87.16 20.87 5.39
C GLN G 644 -86.80 20.49 6.81
N TYR G 645 -87.81 20.26 7.64
CA TYR G 645 -87.60 19.87 9.03
C TYR G 645 -87.17 18.40 9.08
N VAL G 646 -86.01 18.15 9.69
CA VAL G 646 -85.49 16.79 9.81
C VAL G 646 -85.60 16.35 11.28
N GLU G 647 -85.54 15.05 11.48
CA GLU G 647 -85.61 14.44 12.79
C GLU G 647 -84.22 14.01 13.25
N ALA G 648 -84.16 13.32 14.38
CA ALA G 648 -82.91 12.83 14.94
C ALA G 648 -82.70 11.34 14.68
N GLY G 649 -83.52 10.73 13.85
CA GLY G 649 -83.36 9.33 13.52
C GLY G 649 -82.15 9.04 12.66
N THR G 650 -82.15 9.55 11.43
CA THR G 650 -81.02 9.41 10.52
C THR G 650 -80.38 10.76 10.23
N GLU G 651 -81.16 11.73 9.72
CA GLU G 651 -80.74 13.10 9.43
C GLU G 651 -79.55 13.14 8.46
N VAL G 652 -79.67 12.41 7.36
CA VAL G 652 -78.62 12.31 6.37
C VAL G 652 -78.76 13.49 5.40
N VAL G 653 -77.78 14.37 5.39
CA VAL G 653 -77.72 15.49 4.44
C VAL G 653 -76.34 15.50 3.78
N LYS G 654 -76.36 15.49 2.44
CA LYS G 654 -75.14 15.43 1.60
C LYS G 654 -74.26 14.23 1.95
N ASP G 655 -74.90 13.09 2.20
CA ASP G 655 -74.26 11.83 2.60
C ASP G 655 -73.42 11.99 3.88
N ILE G 656 -73.90 12.84 4.79
CA ILE G 656 -73.23 13.11 6.06
C ILE G 656 -74.28 13.07 7.16
N PHE G 657 -74.05 12.24 8.17
CA PHE G 657 -74.99 12.12 9.29
C PHE G 657 -74.93 13.35 10.17
N CYS G 658 -76.09 13.87 10.54
CA CYS G 658 -76.20 15.02 11.41
C CYS G 658 -76.44 14.57 12.86
N GLN G 659 -76.42 15.56 13.76
CA GLN G 659 -76.62 15.29 15.19
C GLN G 659 -77.74 16.10 15.82
N SER G 660 -78.20 17.17 15.18
CA SER G 660 -79.25 18.01 15.72
C SER G 660 -80.56 17.79 14.96
N SER G 661 -81.58 18.56 15.31
CA SER G 661 -82.88 18.50 14.68
C SER G 661 -83.43 19.90 14.53
N GLY G 662 -83.80 20.28 13.31
CA GLY G 662 -84.34 21.61 13.10
C GLY G 662 -84.58 21.86 11.63
N ILE G 663 -84.59 23.15 11.28
CA ILE G 663 -84.83 23.59 9.91
C ILE G 663 -83.50 23.70 9.19
N VAL G 664 -83.36 22.98 8.08
CA VAL G 664 -82.12 23.01 7.32
C VAL G 664 -82.10 24.21 6.37
N GLU G 665 -80.91 24.62 5.98
CA GLU G 665 -80.72 25.73 5.06
C GLU G 665 -79.36 25.57 4.40
N VAL G 666 -79.35 25.53 3.07
CA VAL G 666 -78.12 25.32 2.32
C VAL G 666 -77.67 26.64 1.71
N VAL G 667 -76.39 26.72 1.36
CA VAL G 667 -75.79 27.90 0.75
C VAL G 667 -75.11 27.46 -0.54
N GLN G 668 -75.58 27.97 -1.67
CA GLN G 668 -75.01 27.67 -2.97
C GLN G 668 -74.60 28.95 -3.67
N LYS G 669 -73.37 28.99 -4.15
CA LYS G 669 -72.86 30.15 -4.87
C LYS G 669 -72.50 29.84 -6.32
N ASN G 670 -71.69 28.82 -6.57
CA ASN G 670 -71.19 28.47 -7.89
C ASN G 670 -71.31 26.96 -8.11
N ASP G 671 -72.51 26.42 -7.86
CA ASP G 671 -72.92 25.02 -8.00
C ASP G 671 -72.17 24.12 -7.01
N ILE G 672 -71.59 24.69 -5.96
CA ILE G 672 -70.91 23.95 -4.91
C ILE G 672 -71.50 24.34 -3.57
N LEU G 673 -71.82 23.35 -2.74
CA LEU G 673 -72.29 23.62 -1.38
C LEU G 673 -71.17 24.20 -0.54
N ARG G 674 -71.51 25.20 0.27
CA ARG G 674 -70.54 25.88 1.11
C ARG G 674 -70.83 25.73 2.60
N GLU G 675 -72.10 25.80 3.01
CA GLU G 675 -72.45 25.67 4.41
C GLU G 675 -73.87 25.14 4.53
N ILE G 676 -74.07 24.29 5.54
CA ILE G 676 -75.39 23.70 5.83
C ILE G 676 -75.83 24.26 7.17
N ILE G 677 -76.68 25.27 7.15
CA ILE G 677 -77.16 25.91 8.36
C ILE G 677 -78.40 25.17 8.85
N ILE G 678 -78.31 24.62 10.06
CA ILE G 678 -79.42 23.91 10.70
C ILE G 678 -79.78 24.64 11.97
N LYS G 679 -80.99 25.20 12.02
CA LYS G 679 -81.43 25.96 13.17
C LYS G 679 -82.36 25.11 14.02
N PRO G 680 -81.97 24.73 15.22
CA PRO G 680 -82.86 23.93 16.07
C PRO G 680 -84.00 24.76 16.64
N GLY G 681 -85.01 24.06 17.13
CA GLY G 681 -86.18 24.71 17.69
C GLY G 681 -87.49 24.05 17.28
N ASP G 682 -88.60 24.60 17.75
CA ASP G 682 -89.91 24.07 17.45
C ASP G 682 -90.54 24.78 16.26
N PHE G 683 -91.33 24.03 15.48
CA PHE G 683 -92.01 24.54 14.30
C PHE G 683 -93.51 24.58 14.56
N TYR G 684 -94.10 25.76 14.41
CA TYR G 684 -95.51 25.97 14.68
C TYR G 684 -96.20 26.55 13.45
N GLN G 685 -97.46 26.18 13.25
CA GLN G 685 -98.25 26.70 12.15
C GLN G 685 -98.68 28.13 12.44
N ASP G 686 -98.51 29.00 11.44
CA ASP G 686 -98.87 30.40 11.58
C ASP G 686 -99.26 30.95 10.23
N VAL G 687 -99.76 32.19 10.23
CA VAL G 687 -100.18 32.90 9.03
C VAL G 687 -99.64 34.33 9.11
N ASP G 688 -100.03 35.14 8.11
CA ASP G 688 -99.64 36.55 7.92
C ASP G 688 -98.14 36.72 7.91
N PRO G 689 -97.45 36.33 6.83
CA PRO G 689 -95.98 36.39 6.81
C PRO G 689 -95.40 37.80 6.77
N GLY G 690 -96.21 38.82 6.51
CA GLY G 690 -95.72 40.19 6.51
C GLY G 690 -95.46 40.77 7.88
N SER G 691 -95.96 40.13 8.94
CA SER G 691 -95.76 40.60 10.30
C SER G 691 -94.67 39.85 11.06
N VAL G 692 -94.32 38.64 10.63
CA VAL G 692 -93.29 37.86 11.31
C VAL G 692 -91.89 38.22 10.88
N LYS G 693 -91.73 39.01 9.80
CA LYS G 693 -90.41 39.42 9.37
C LYS G 693 -89.85 40.54 10.24
N ILE G 694 -90.72 41.37 10.83
CA ILE G 694 -90.26 42.45 11.70
C ILE G 694 -89.91 41.94 13.10
N GLU G 695 -90.32 40.72 13.46
CA GLU G 695 -90.03 40.14 14.75
C GLU G 695 -88.77 39.29 14.74
N SER G 696 -87.91 39.45 13.73
CA SER G 696 -86.70 38.64 13.64
C SER G 696 -85.58 39.18 14.52
N GLY G 697 -85.58 40.48 14.81
CA GLY G 697 -84.56 41.10 15.63
C GLY G 697 -84.98 41.50 17.02
N GLN G 698 -86.21 41.22 17.43
CA GLN G 698 -86.70 41.59 18.74
C GLN G 698 -86.75 40.38 19.66
N LEU G 699 -86.44 40.59 20.93
CA LEU G 699 -86.47 39.52 21.92
C LEU G 699 -87.91 39.21 22.30
N LEU G 700 -88.33 37.97 22.05
CA LEU G 700 -89.70 37.56 22.34
C LEU G 700 -89.81 37.17 23.81
N GLN G 701 -90.63 37.90 24.56
CA GLN G 701 -90.82 37.63 25.97
C GLN G 701 -91.70 36.39 26.17
N PRO G 702 -91.44 35.58 27.19
CA PRO G 702 -92.30 34.41 27.43
C PRO G 702 -93.69 34.75 27.95
N GLY G 703 -93.86 35.93 28.56
CA GLY G 703 -95.16 36.35 29.02
C GLY G 703 -96.10 36.81 27.92
N GLN G 704 -95.57 37.11 26.74
CA GLN G 704 -96.37 37.53 25.61
C GLN G 704 -96.56 36.35 24.65
N ASP G 705 -97.17 36.62 23.49
CA ASP G 705 -97.43 35.61 22.49
C ASP G 705 -96.82 36.04 21.15
N VAL G 706 -96.47 35.04 20.34
CA VAL G 706 -95.87 35.33 19.04
C VAL G 706 -96.94 35.58 17.98
N PHE G 707 -98.15 35.07 18.19
CA PHE G 707 -99.24 35.21 17.23
C PHE G 707 -100.55 35.00 17.97
N PRO G 708 -101.64 35.65 17.53
CA PRO G 708 -102.95 35.42 18.16
C PRO G 708 -103.48 34.02 17.86
N GLY G 709 -103.49 33.16 18.87
CA GLY G 709 -103.88 31.77 18.73
C GLY G 709 -102.75 30.79 18.89
N VAL G 710 -101.50 31.24 18.78
CA VAL G 710 -100.32 30.40 18.94
C VAL G 710 -99.62 30.82 20.22
N THR G 711 -99.35 29.86 21.09
CA THR G 711 -98.69 30.10 22.37
C THR G 711 -97.25 29.59 22.34
N VAL G 712 -96.48 30.04 23.33
CA VAL G 712 -95.08 29.64 23.47
C VAL G 712 -94.80 29.38 24.95
N SER G 713 -93.91 28.41 25.19
CA SER G 713 -93.60 28.03 26.57
C SER G 713 -92.62 29.01 27.21
N THR G 714 -91.43 29.14 26.62
CA THR G 714 -90.38 30.00 27.15
C THR G 714 -90.02 31.05 26.09
N LEU G 715 -88.99 31.84 26.39
CA LEU G 715 -88.54 32.86 25.44
C LEU G 715 -87.80 32.22 24.28
N SER G 716 -88.05 32.75 23.09
CA SER G 716 -87.45 32.22 21.86
C SER G 716 -87.16 33.40 20.93
N GLN G 717 -86.86 33.07 19.67
CA GLN G 717 -86.58 34.07 18.65
C GLN G 717 -87.37 33.71 17.40
N ALA G 718 -88.18 34.65 16.92
CA ALA G 718 -89.00 34.41 15.73
C ALA G 718 -88.17 34.49 14.47
N GLU G 719 -88.43 33.57 13.54
CA GLU G 719 -87.72 33.52 12.27
C GLU G 719 -88.60 32.84 11.24
N TRP G 720 -88.72 33.44 10.07
CA TRP G 720 -89.53 32.91 8.98
C TRP G 720 -88.63 32.32 7.90
N ILE G 721 -89.09 31.22 7.30
CA ILE G 721 -88.34 30.49 6.29
C ILE G 721 -89.11 30.51 4.99
N GLU G 722 -88.37 30.35 3.89
CA GLU G 722 -88.93 30.33 2.54
C GLU G 722 -89.03 28.88 2.07
N SER G 723 -90.10 28.21 2.49
CA SER G 723 -90.37 26.83 2.14
C SER G 723 -91.58 26.76 1.20
N PRO G 724 -91.67 25.72 0.34
CA PRO G 724 -92.83 25.61 -0.55
C PRO G 724 -94.14 25.35 0.21
N GLU G 725 -95.20 26.04 -0.23
CA GLU G 725 -96.54 26.03 0.36
C GLU G 725 -96.51 26.40 1.84
N GLY G 726 -95.65 27.34 2.21
CA GLY G 726 -95.52 27.75 3.61
C GLY G 726 -94.87 26.66 4.43
N GLY G 728 -95.62 28.70 7.97
CA GLY G 728 -95.40 29.12 9.34
C GLY G 728 -93.97 29.47 9.68
N LEU G 729 -93.80 30.39 10.62
CA LEU G 729 -92.47 30.78 11.07
C LEU G 729 -91.95 29.82 12.14
N LEU G 730 -90.65 29.90 12.39
CA LEU G 730 -89.99 29.05 13.37
C LEU G 730 -89.61 29.86 14.61
N LEU G 731 -89.47 29.15 15.72
CA LEU G 731 -89.10 29.76 17.01
C LEU G 731 -87.79 29.14 17.48
N ARG G 732 -86.75 29.96 17.56
CA ARG G 732 -85.44 29.50 18.00
C ARG G 732 -85.22 29.90 19.45
N PRO G 733 -85.17 28.96 20.40
CA PRO G 733 -84.97 29.32 21.80
C PRO G 733 -83.52 29.71 22.09
N VAL G 734 -83.38 30.60 23.07
CA VAL G 734 -82.07 31.09 23.50
C VAL G 734 -81.73 30.46 24.84
N GLU G 735 -80.45 30.49 25.17
CA GLU G 735 -79.93 29.93 26.42
C GLU G 735 -79.20 31.01 27.20
N GLU G 736 -79.51 31.13 28.48
CA GLU G 736 -78.88 32.10 29.36
C GLU G 736 -78.06 31.40 30.42
N TYR G 737 -77.01 32.07 30.91
CA TYR G 737 -76.12 31.52 31.92
C TYR G 737 -75.78 32.60 32.93
N LYS G 738 -75.11 32.19 34.00
CA LYS G 738 -74.66 33.08 35.06
C LYS G 738 -73.14 33.09 35.05
N VAL G 739 -72.56 34.27 34.86
CA VAL G 739 -71.12 34.46 34.94
C VAL G 739 -70.84 35.42 36.10
N PHE G 740 -69.66 35.29 36.67
CA PHE G 740 -69.25 36.11 37.80
C PHE G 740 -68.19 37.12 37.39
N ASP G 741 -68.17 38.26 38.08
CA ASP G 741 -67.13 39.25 37.85
C ASP G 741 -65.79 38.80 38.39
N GLU G 742 -65.79 37.94 39.41
CA GLU G 742 -64.59 37.36 39.97
C GLU G 742 -64.92 36.00 40.57
N PRO G 743 -64.24 34.93 40.16
CA PRO G 743 -64.53 33.60 40.69
C PRO G 743 -63.93 33.42 42.09
N ALA G 744 -64.16 32.24 42.65
CA ALA G 744 -63.67 31.92 43.99
C ALA G 744 -62.17 31.71 43.94
N ALA G 745 -61.42 32.73 44.37
CA ALA G 745 -59.96 32.68 44.37
C ALA G 745 -59.45 32.36 45.77
N PRO G 746 -58.53 31.41 45.91
CA PRO G 746 -58.02 31.07 47.25
C PRO G 746 -57.05 32.12 47.76
N SER G 747 -56.74 32.02 49.05
CA SER G 747 -55.83 32.95 49.69
C SER G 747 -54.39 32.59 49.33
N GLN G 748 -53.65 33.55 48.80
CA GLN G 748 -52.27 33.35 48.41
C GLN G 748 -51.34 33.63 49.60
N GLY G 749 -50.31 32.81 49.74
CA GLY G 749 -49.35 32.98 50.81
C GLY G 749 -47.92 32.92 50.34
N SER G 750 -47.11 33.90 50.75
CA SER G 750 -45.71 33.98 50.36
C SER G 750 -44.85 34.23 51.59
N GLN G 751 -43.56 33.89 51.47
CA GLN G 751 -42.58 34.08 52.54
C GLN G 751 -41.35 34.72 51.91
N ASN G 752 -41.33 36.05 51.87
CA ASN G 752 -40.22 36.80 51.30
C ASN G 752 -40.26 38.22 51.87
N GLU G 753 -39.18 38.96 51.61
CA GLU G 753 -39.09 40.34 52.03
C GLU G 753 -39.80 41.30 51.08
N GLU G 754 -40.22 40.82 49.91
CA GLU G 754 -40.94 41.58 48.88
C GLU G 754 -40.16 42.81 48.42
N GLY G 755 -38.83 42.71 48.38
CA GLY G 755 -38.01 43.80 47.91
C GLY G 755 -37.56 43.62 46.48
N GLY G 756 -38.24 44.29 45.54
CA GLY G 756 -37.89 44.23 44.14
C GLY G 756 -38.36 42.98 43.41
N ARG G 757 -38.97 42.02 44.10
CA ARG G 757 -39.42 40.79 43.46
C ARG G 757 -40.59 40.24 44.26
N GLN G 758 -41.80 40.35 43.72
CA GLN G 758 -43.00 39.84 44.36
C GLN G 758 -43.87 39.16 43.31
N ILE G 759 -44.31 37.94 43.61
CA ILE G 759 -45.14 37.16 42.70
C ILE G 759 -46.42 36.75 43.43
N GLU G 760 -47.46 36.51 42.64
CA GLU G 760 -48.75 36.10 43.17
C GLU G 760 -49.49 35.31 42.08
N LEU G 761 -50.74 34.97 42.35
CA LEU G 761 -51.58 34.24 41.40
C LEU G 761 -52.94 34.89 41.34
N ARG G 762 -53.46 35.08 40.13
CA ARG G 762 -54.75 35.71 39.91
C ARG G 762 -55.64 34.79 39.07
N SER G 763 -56.89 34.64 39.50
CA SER G 763 -57.86 33.79 38.82
C SER G 763 -58.90 34.69 38.16
N VAL G 764 -58.80 34.82 36.83
CA VAL G 764 -59.71 35.64 36.05
C VAL G 764 -60.40 34.77 35.01
N GLN G 765 -61.49 35.30 34.47
CA GLN G 765 -62.24 34.63 33.41
C GLN G 765 -61.94 35.29 32.06
N ARG G 766 -61.96 34.48 31.01
CA ARG G 766 -61.61 34.94 29.68
C ARG G 766 -62.61 34.38 28.67
N LEU G 767 -63.26 35.27 27.94
CA LEU G 767 -64.19 34.88 26.88
C LEU G 767 -63.46 34.84 25.54
N PHE G 768 -63.93 33.95 24.66
CA PHE G 768 -63.28 33.72 23.39
C PHE G 768 -63.98 34.36 22.20
N TYR G 769 -65.28 34.64 22.31
CA TYR G 769 -66.05 35.17 21.19
C TYR G 769 -66.76 36.45 21.59
N LYS G 770 -66.95 37.33 20.60
CA LYS G 770 -67.61 38.61 20.80
C LYS G 770 -69.07 38.50 20.38
N ASP G 771 -69.78 39.64 20.38
CA ASP G 771 -71.19 39.63 20.04
C ASP G 771 -71.43 39.61 18.54
N GLY G 772 -70.54 40.21 17.75
CA GLY G 772 -70.73 40.29 16.32
C GLY G 772 -70.03 39.21 15.53
N ASP G 773 -69.94 38.01 16.11
CA ASP G 773 -69.30 36.89 15.44
C ASP G 773 -69.87 35.59 15.99
N ARG G 774 -70.23 34.68 15.09
CA ARG G 774 -70.68 33.35 15.44
C ARG G 774 -69.56 32.34 15.21
N VAL G 775 -69.72 31.17 15.81
CA VAL G 775 -68.70 30.13 15.73
C VAL G 775 -69.04 29.18 14.58
N LYS G 776 -68.00 28.73 13.89
CA LYS G 776 -68.15 27.77 12.79
C LYS G 776 -67.81 26.37 13.29
N SER G 777 -68.64 25.87 14.19
CA SER G 777 -68.41 24.57 14.81
C SER G 777 -69.74 23.85 15.01
N VAL G 778 -69.67 22.52 15.02
CA VAL G 778 -70.85 21.69 15.27
C VAL G 778 -70.70 20.85 16.53
N GLU G 779 -69.48 20.65 17.05
CA GLU G 779 -69.26 19.87 18.25
C GLU G 779 -69.31 20.79 19.47
N GLY G 780 -68.91 20.25 20.63
CA GLY G 780 -68.93 21.03 21.86
C GLY G 780 -67.79 22.01 21.98
N ALA G 781 -68.10 23.30 21.97
CA ALA G 781 -67.10 24.35 22.11
C ALA G 781 -67.28 25.07 23.44
N PRO G 782 -66.22 25.17 24.24
CA PRO G 782 -66.34 25.90 25.51
C PRO G 782 -66.42 27.40 25.29
N LEU G 783 -67.20 28.07 26.13
CA LEU G 783 -67.40 29.51 26.00
C LEU G 783 -66.34 30.32 26.75
N LEU G 784 -65.97 29.89 27.96
CA LEU G 784 -64.96 30.58 28.75
C LEU G 784 -64.03 29.55 29.37
N SER G 785 -63.05 30.04 30.13
CA SER G 785 -62.06 29.17 30.77
C SER G 785 -61.59 29.86 32.05
N THR G 786 -61.93 29.26 33.20
CA THR G 786 -61.49 29.77 34.50
C THR G 786 -60.03 29.39 34.67
N GLN G 787 -59.14 30.26 34.22
CA GLN G 787 -57.71 30.00 34.18
C GLN G 787 -57.03 30.62 35.41
N LEU G 788 -55.70 30.54 35.44
CA LEU G 788 -54.91 31.12 36.52
C LEU G 788 -53.73 31.86 35.89
N VAL G 789 -53.85 33.18 35.77
CA VAL G 789 -52.84 34.01 35.13
C VAL G 789 -52.05 34.73 36.22
N LEU G 790 -50.72 34.68 36.12
CA LEU G 790 -49.83 35.34 37.06
C LEU G 790 -49.31 36.64 36.47
N GLU G 791 -48.89 37.53 37.36
CA GLU G 791 -48.34 38.83 36.96
C GLU G 791 -47.22 39.18 37.93
N ILE G 792 -45.98 39.09 37.47
CA ILE G 792 -44.82 39.39 38.31
C ILE G 792 -44.66 40.90 38.43
N TYR G 793 -44.68 41.40 39.66
CA TYR G 793 -44.55 42.83 39.92
C TYR G 793 -43.46 43.11 40.94
N HIS G 802 -40.45 40.73 31.18
CA HIS G 802 -40.38 39.83 30.03
C HIS G 802 -39.20 38.88 30.17
N LEU G 803 -38.89 38.49 31.40
CA LEU G 803 -37.76 37.61 31.69
C LEU G 803 -38.04 36.92 33.03
N SER G 804 -36.99 36.31 33.59
CA SER G 804 -36.98 35.64 34.90
C SER G 804 -38.01 34.50 34.95
N ALA G 805 -37.74 33.49 34.13
CA ALA G 805 -38.58 32.30 34.09
C ALA G 805 -38.48 31.51 35.39
N ASP G 806 -39.56 30.81 35.73
CA ASP G 806 -39.67 30.09 36.99
C ASP G 806 -39.82 28.60 36.74
N ILE G 807 -39.58 27.82 37.80
CA ILE G 807 -39.70 26.36 37.77
C ILE G 807 -40.55 25.94 38.95
N GLU G 808 -41.66 25.27 38.68
CA GLU G 808 -42.55 24.75 39.71
C GLU G 808 -42.24 23.28 40.00
N LEU G 809 -42.54 22.87 41.22
CA LEU G 809 -42.31 21.49 41.63
C LEU G 809 -43.33 21.11 42.69
N GLN G 810 -43.30 19.84 43.09
CA GLN G 810 -44.21 19.30 44.10
C GLN G 810 -43.44 19.16 45.41
N ASP G 811 -43.62 20.14 46.29
CA ASP G 811 -42.94 20.16 47.58
C ASP G 811 -43.97 20.35 48.68
N ASP G 812 -43.96 19.46 49.67
CA ASP G 812 -44.89 19.52 50.78
C ASP G 812 -44.26 18.83 51.98
N GLU G 813 -44.39 19.44 53.16
CA GLU G 813 -43.84 18.90 54.39
C GLU G 813 -44.82 18.84 55.55
N GLU G 814 -45.96 19.51 55.45
CA GLU G 814 -46.95 19.48 56.54
C GLU G 814 -47.71 18.17 56.55
N GLU G 815 -48.16 17.71 55.40
CA GLU G 815 -48.90 16.46 55.26
C GLU G 815 -48.17 15.54 54.30
N ASP G 816 -48.65 14.29 54.24
CA ASP G 816 -48.07 13.28 53.35
C ASP G 816 -48.78 13.30 52.00
N CYS G 817 -48.54 14.38 51.26
CA CYS G 817 -49.14 14.59 49.95
C CYS G 817 -48.21 15.48 49.14
N GLN G 818 -48.71 15.98 48.01
CA GLN G 818 -47.95 16.85 47.13
C GLN G 818 -48.62 18.22 47.07
N ARG G 819 -47.79 19.27 47.07
CA ARG G 819 -48.28 20.64 47.00
C ARG G 819 -47.46 21.42 46.00
N LEU G 820 -48.14 22.21 45.17
CA LEU G 820 -47.48 22.99 44.13
C LEU G 820 -46.77 24.20 44.74
N GLN G 821 -45.62 24.53 44.16
CA GLN G 821 -44.81 25.66 44.62
C GLN G 821 -44.23 26.37 43.39
N LEU G 822 -44.90 27.42 42.94
CA LEU G 822 -44.39 28.26 41.85
C LEU G 822 -43.29 29.16 42.39
N VAL G 823 -42.08 28.61 42.42
CA VAL G 823 -40.91 29.31 42.93
C VAL G 823 -39.99 29.64 41.77
N ILE G 824 -39.05 30.54 42.02
CA ILE G 824 -38.04 30.93 41.05
C ILE G 824 -36.66 30.86 41.71
N LEU G 825 -35.73 30.16 41.06
CA LEU G 825 -34.41 29.92 41.63
C LEU G 825 -33.35 30.09 40.55
N GLU G 826 -32.13 30.39 41.00
CA GLU G 826 -30.96 30.48 40.14
C GLU G 826 -29.90 29.54 40.68
N SER G 827 -29.28 28.77 39.78
CA SER G 827 -28.25 27.81 40.17
C SER G 827 -26.90 28.51 40.24
N LEU G 828 -26.23 28.40 41.39
CA LEU G 828 -24.90 28.96 41.58
C LEU G 828 -23.85 27.88 41.40
N VAL G 829 -22.68 28.28 40.91
CA VAL G 829 -21.60 27.34 40.65
C VAL G 829 -20.92 26.95 41.95
N LEU G 830 -20.47 25.70 42.02
CA LEU G 830 -19.77 25.19 43.20
C LEU G 830 -18.74 24.19 42.73
N ARG G 831 -17.46 24.57 42.79
CA ARG G 831 -16.38 23.71 42.32
C ARG G 831 -16.12 22.59 43.31
N ARG G 832 -15.84 21.39 42.77
CA ARG G 832 -15.57 20.23 43.59
C ARG G 832 -14.16 20.20 44.16
N ASP G 833 -13.28 21.10 43.68
CA ASP G 833 -11.82 21.22 43.92
C ASP G 833 -11.06 20.11 44.66
N GLU G 835 -8.87 16.90 42.36
CA GLU G 835 -7.77 17.35 43.19
C GLU G 835 -7.03 18.51 42.55
N SER G 836 -6.43 19.36 43.38
CA SER G 836 -5.68 20.50 42.87
C SER G 836 -4.32 20.07 42.36
N ASP G 837 -3.71 20.94 41.55
CA ASP G 837 -2.41 20.66 40.97
C ASP G 837 -1.31 20.98 41.98
N PRO G 838 -0.05 20.66 41.65
CA PRO G 838 1.05 20.95 42.57
C PRO G 838 1.42 22.42 42.59
N LEU G 839 1.26 23.09 41.45
CA LEU G 839 1.56 24.51 41.36
C LEU G 839 0.44 25.39 41.89
N GLY G 840 -0.75 24.83 42.09
CA GLY G 840 -1.87 25.61 42.59
C GLY G 840 -1.81 25.85 44.08
N GLY G 841 -1.82 24.78 44.87
CA GLY G 841 -1.77 24.84 46.31
C GLY G 841 -2.88 24.01 46.91
N ALA G 842 -3.27 24.37 48.13
CA ALA G 842 -4.32 23.68 48.88
C ALA G 842 -5.55 24.57 48.92
N SER G 843 -6.62 24.14 48.25
CA SER G 843 -7.89 24.87 48.22
C SER G 843 -8.89 24.17 49.13
N LYS G 844 -9.59 24.96 49.94
CA LYS G 844 -10.58 24.45 50.88
C LYS G 844 -11.97 24.94 50.49
N THR G 845 -12.99 24.20 50.91
CA THR G 845 -14.38 24.54 50.66
C THR G 845 -15.08 24.73 52.00
N ARG G 846 -15.66 25.91 52.20
CA ARG G 846 -16.36 26.24 53.42
C ARG G 846 -17.59 27.07 53.11
N LEU G 847 -18.69 26.79 53.79
CA LEU G 847 -19.94 27.50 53.61
C LEU G 847 -20.20 28.38 54.82
N LEU G 848 -20.49 29.66 54.58
CA LEU G 848 -20.74 30.59 55.68
C LEU G 848 -22.13 30.42 56.28
N VAL G 849 -23.11 30.03 55.48
CA VAL G 849 -24.48 29.86 55.95
C VAL G 849 -24.93 28.44 55.62
N GLN G 850 -25.89 27.95 56.41
CA GLN G 850 -26.46 26.63 56.24
C GLN G 850 -27.74 26.72 55.41
N ASP G 851 -28.46 25.60 55.30
CA ASP G 851 -29.69 25.56 54.53
C ASP G 851 -30.88 25.95 55.40
N GLY G 852 -31.84 26.63 54.77
CA GLY G 852 -33.05 27.05 55.47
C GLY G 852 -32.83 28.25 56.37
N ASP G 853 -32.44 29.38 55.79
CA ASP G 853 -32.20 30.60 56.54
C ASP G 853 -32.74 31.78 55.74
N GLN G 854 -32.56 32.98 56.30
CA GLN G 854 -33.01 34.22 55.67
C GLN G 854 -31.77 35.00 55.25
N ILE G 855 -31.28 34.72 54.04
CA ILE G 855 -30.09 35.38 53.52
C ILE G 855 -30.48 36.74 52.95
N PRO G 856 -29.83 37.83 53.36
CA PRO G 856 -30.14 39.13 52.76
C PRO G 856 -29.57 39.22 51.36
N PRO G 857 -30.18 40.03 50.48
CA PRO G 857 -29.63 40.19 49.14
C PRO G 857 -28.36 41.03 49.15
N GLY G 858 -27.31 40.52 48.51
CA GLY G 858 -26.04 41.20 48.48
C GLY G 858 -25.13 40.80 49.62
N ALA G 859 -25.08 39.50 49.92
CA ALA G 859 -24.25 38.97 51.00
C ALA G 859 -23.48 37.77 50.49
N VAL G 860 -22.53 37.32 51.30
CA VAL G 860 -21.69 36.19 50.94
C VAL G 860 -22.44 34.89 51.25
N VAL G 861 -22.16 33.85 50.48
CA VAL G 861 -22.79 32.56 50.67
C VAL G 861 -21.73 31.51 50.97
N ALA G 862 -20.75 31.38 50.08
CA ALA G 862 -19.65 30.44 50.24
C ALA G 862 -18.34 31.19 50.34
N ARG G 863 -17.39 30.62 51.10
CA ARG G 863 -16.07 31.21 51.30
C ARG G 863 -15.03 30.11 51.10
N THR G 864 -14.35 30.15 49.96
CA THR G 864 -13.32 29.17 49.62
C THR G 864 -11.96 29.85 49.74
N GLU G 865 -11.14 29.40 50.68
CA GLU G 865 -9.83 29.97 50.93
C GLU G 865 -8.74 29.08 50.34
N ILE G 866 -7.58 29.68 50.13
CA ILE G 866 -6.40 28.98 49.60
C ILE G 866 -5.32 28.97 50.67
N GLN G 867 -4.83 27.78 51.01
CA GLN G 867 -3.80 27.63 52.01
C GLN G 867 -2.42 27.83 51.40
N CYS G 868 -1.41 27.92 52.27
CA CYS G 868 -0.04 28.10 51.87
C CYS G 868 0.79 26.91 52.35
N LYS G 869 1.64 26.39 51.47
CA LYS G 869 2.48 25.25 51.82
C LYS G 869 3.66 25.67 52.69
N GLU G 870 4.49 26.57 52.19
CA GLU G 870 5.65 27.06 52.92
C GLU G 870 5.46 28.53 53.28
N ALA G 871 5.95 28.91 54.45
CA ALA G 871 5.81 30.28 54.91
C ALA G 871 6.94 31.15 54.36
N GLY G 872 6.83 32.44 54.61
CA GLY G 872 7.83 33.38 54.16
C GLY G 872 7.23 34.77 54.02
N THR G 873 7.82 35.55 53.13
CA THR G 873 7.43 36.94 52.89
C THR G 873 6.81 37.06 51.49
N VAL G 874 5.58 37.58 51.43
CA VAL G 874 4.90 37.74 50.16
C VAL G 874 5.51 38.92 49.41
N ARG G 875 5.93 38.68 48.16
CA ARG G 875 6.52 39.71 47.31
C ARG G 875 5.83 39.68 45.95
N GLY G 876 6.16 40.67 45.13
CA GLY G 876 5.62 40.76 43.79
C GLY G 876 4.17 41.17 43.74
N ILE G 877 3.81 42.19 44.52
CA ILE G 877 2.44 42.68 44.56
C ILE G 877 2.22 43.63 43.39
N LYS G 878 1.08 43.48 42.72
CA LYS G 878 0.75 44.34 41.59
C LYS G 878 0.26 45.70 42.08
N GLU G 879 0.69 46.76 41.39
CA GLU G 879 0.27 48.11 41.76
C GLU G 879 -1.16 48.39 41.31
N GLY G 880 -1.52 47.96 40.10
CA GLY G 880 -2.87 48.18 39.62
C GLY G 880 -3.86 47.21 40.22
N GLN G 881 -5.09 47.70 40.39
CA GLN G 881 -6.16 46.88 40.97
C GLN G 881 -6.69 45.90 39.93
N GLU G 882 -7.46 44.92 40.44
CA GLU G 882 -8.11 43.86 39.64
C GLU G 882 -7.09 43.05 38.83
N SER G 883 -5.93 42.81 39.42
CA SER G 883 -4.85 42.03 38.80
C SER G 883 -4.40 40.98 39.81
N ILE G 884 -5.05 39.82 39.79
CA ILE G 884 -4.76 38.73 40.71
C ILE G 884 -4.64 37.47 39.89
N ARG G 885 -3.41 37.07 39.56
CA ARG G 885 -3.16 35.85 38.80
C ARG G 885 -2.30 34.84 39.54
N ARG G 886 -1.25 35.28 40.22
CA ARG G 886 -0.36 34.38 40.94
C ARG G 886 0.29 35.15 42.08
N VAL G 887 0.64 34.42 43.14
CA VAL G 887 1.24 34.99 44.34
C VAL G 887 2.61 34.36 44.55
N LEU G 888 3.56 35.14 45.05
CA LEU G 888 4.92 34.68 45.31
C LEU G 888 5.09 34.43 46.81
N LEU G 889 5.73 33.31 47.14
CA LEU G 889 6.01 32.94 48.53
C LEU G 889 7.48 32.56 48.62
N GLU G 890 8.32 33.50 49.03
CA GLU G 890 9.75 33.26 49.18
C GLU G 890 10.00 32.49 50.45
N ARG G 891 10.37 31.21 50.32
CA ARG G 891 10.59 30.35 51.47
C ARG G 891 11.97 30.61 52.07
N ALA G 892 12.29 29.86 53.14
CA ALA G 892 13.57 30.02 53.79
C ALA G 892 14.71 29.39 53.00
N ALA G 893 14.41 28.37 52.18
CA ALA G 893 15.43 27.72 51.37
C ALA G 893 15.79 28.50 50.11
N ASP G 894 15.05 29.57 49.79
CA ASP G 894 15.35 30.38 48.63
C ASP G 894 16.38 31.47 48.91
N ARG G 895 16.82 31.62 50.15
CA ARG G 895 17.80 32.62 50.54
C ARG G 895 19.03 31.92 51.13
N LEU G 896 20.17 32.10 50.49
CA LEU G 896 21.43 31.51 50.94
C LEU G 896 22.21 32.55 51.71
N VAL G 897 22.66 32.19 52.91
CA VAL G 897 23.42 33.08 53.78
C VAL G 897 24.90 32.72 53.68
N VAL G 898 25.74 33.73 53.43
CA VAL G 898 27.19 33.56 53.35
C VAL G 898 27.83 34.52 54.35
N ASP G 899 28.58 33.96 55.31
CA ASP G 899 29.21 34.75 56.36
C ASP G 899 30.72 34.75 56.13
N LEU G 900 31.22 35.82 55.53
CA LEU G 900 32.65 35.96 55.35
C LEU G 900 33.26 36.82 56.46
N PRO G 901 34.44 36.46 56.97
CA PRO G 901 35.00 37.19 58.12
C PRO G 901 35.97 38.31 57.78
N SER G 902 36.38 38.47 56.53
CA SER G 902 37.42 39.45 56.22
C SER G 902 36.83 40.86 56.09
N ALA G 903 35.99 41.07 55.09
CA ALA G 903 35.39 42.39 54.84
C ALA G 903 34.12 42.26 54.01
N PRO G 904 32.98 42.76 54.50
CA PRO G 904 31.75 42.78 53.69
C PRO G 904 31.79 43.92 52.69
N GLU G 905 31.91 43.59 51.41
CA GLU G 905 31.99 44.57 50.33
C GLU G 905 30.87 44.26 49.34
N VAL G 906 29.71 44.88 49.56
CA VAL G 906 28.55 44.70 48.69
C VAL G 906 27.80 46.02 48.62
N LYS G 907 27.08 46.23 47.52
CA LYS G 907 26.31 47.44 47.30
C LYS G 907 24.82 47.13 47.31
N PRO G 908 23.99 48.04 47.81
CA PRO G 908 22.52 47.82 47.79
C PRO G 908 21.98 47.89 46.37
N GLY G 909 21.35 46.81 45.94
CA GLY G 909 20.84 46.71 44.59
C GLY G 909 21.79 46.13 43.57
N GLN G 910 22.96 45.65 44.01
CA GLN G 910 23.95 45.07 43.10
C GLN G 910 23.67 43.59 42.89
N LEU G 911 23.83 43.15 41.65
CA LEU G 911 23.62 41.76 41.27
C LEU G 911 24.96 41.04 41.27
N LEU G 912 25.06 39.99 42.08
CA LEU G 912 26.29 39.21 42.18
C LEU G 912 26.21 37.98 41.29
N VAL G 913 27.22 37.79 40.46
CA VAL G 913 27.33 36.64 39.56
C VAL G 913 28.36 35.68 40.13
N ALA G 914 27.99 34.40 40.22
CA ALA G 914 28.89 33.40 40.76
C ALA G 914 30.05 33.14 39.80
N GLY G 915 31.27 33.14 40.33
CA GLY G 915 32.45 32.97 39.50
C GLY G 915 33.51 34.01 39.80
N GLN G 916 33.08 35.15 40.33
CA GLN G 916 33.98 36.23 40.70
C GLN G 916 34.34 36.13 42.18
N GLU G 917 35.36 36.89 42.58
CA GLU G 917 35.84 36.92 43.95
C GLU G 917 35.66 38.32 44.50
N LEU G 918 35.00 38.42 45.66
CA LEU G 918 34.82 39.72 46.31
C LEU G 918 36.13 40.20 46.93
N VAL G 919 36.68 39.43 47.85
CA VAL G 919 37.96 39.72 48.48
C VAL G 919 38.88 38.54 48.22
N PRO G 920 40.22 38.73 48.19
CA PRO G 920 41.12 37.59 47.97
C PRO G 920 41.14 36.63 49.15
N GLY G 921 40.60 35.43 48.95
CA GLY G 921 40.54 34.43 49.99
C GLY G 921 39.23 33.67 50.02
N VAL G 922 38.27 34.08 49.19
CA VAL G 922 36.97 33.45 49.14
C VAL G 922 36.42 33.61 47.72
N LYS G 923 35.59 32.66 47.30
CA LYS G 923 34.98 32.66 45.99
C LYS G 923 33.45 32.63 46.14
N LEU G 924 32.76 32.50 45.02
CA LEU G 924 31.30 32.43 44.99
C LEU G 924 30.85 31.11 44.38
N GLU G 925 29.62 30.71 44.71
CA GLU G 925 29.06 29.47 44.21
C GLU G 925 27.65 29.60 43.65
N GLU G 926 26.90 30.63 44.03
CA GLU G 926 25.53 30.81 43.53
C GLU G 926 25.31 32.29 43.23
N SER G 927 24.82 32.57 42.03
CA SER G 927 24.55 33.94 41.63
C SER G 927 23.19 34.40 42.14
N GLY G 928 23.03 35.71 42.25
CA GLY G 928 21.77 36.28 42.68
C GLY G 928 21.96 37.69 43.21
N LYS G 929 20.90 38.17 43.84
CA LYS G 929 20.84 39.51 44.40
C LYS G 929 21.01 39.48 45.91
N VAL G 930 21.46 40.62 46.45
CA VAL G 930 21.76 40.76 47.87
C VAL G 930 20.58 41.42 48.57
N LEU G 931 20.27 40.95 49.77
CA LEU G 931 19.13 41.48 50.54
C LEU G 931 19.58 42.51 51.57
N GLU G 932 20.49 42.14 52.46
CA GLU G 932 20.95 43.03 53.52
C GLU G 932 22.41 43.40 53.31
N ILE G 933 22.79 44.56 53.85
CA ILE G 933 24.16 45.06 53.72
C ILE G 933 24.95 44.76 54.99
N TYR G 940 26.94 40.90 59.65
CA TYR G 940 28.12 40.54 58.87
C TYR G 940 27.82 39.36 57.94
N GLN G 941 26.78 38.60 58.27
CA GLN G 941 26.36 37.46 57.46
C GLN G 941 25.51 37.99 56.31
N LEU G 942 26.12 38.10 55.13
CA LEU G 942 25.43 38.61 53.95
C LEU G 942 24.59 37.49 53.34
N VAL G 943 23.27 37.66 53.38
CA VAL G 943 22.35 36.70 52.79
C VAL G 943 22.16 37.03 51.31
N LEU G 944 22.08 36.00 50.48
CA LEU G 944 21.94 36.14 49.04
C LEU G 944 20.70 35.41 48.58
N ARG G 945 19.81 36.12 47.89
CA ARG G 945 18.65 35.49 47.27
C ARG G 945 19.06 34.89 45.94
N ARG G 946 18.69 33.63 45.72
CA ARG G 946 19.17 32.90 44.55
C ARG G 946 18.48 33.37 43.27
N ALA G 947 19.26 33.45 42.20
CA ALA G 947 18.75 33.87 40.90
C ALA G 947 19.64 33.29 39.81
N ARG G 948 19.15 33.36 38.57
CA ARG G 948 19.91 32.88 37.42
C ARG G 948 19.72 33.85 36.26
N PRO G 949 20.80 34.45 35.77
CA PRO G 949 20.68 35.41 34.67
C PRO G 949 20.53 34.73 33.31
N TYR G 950 19.99 35.50 32.36
CA TYR G 950 19.83 35.04 30.99
C TYR G 950 20.23 36.16 30.06
N ARG G 951 21.13 35.86 29.12
CA ARG G 951 21.60 36.86 28.16
C ARG G 951 20.67 36.88 26.94
N VAL G 952 20.26 38.09 26.56
CA VAL G 952 19.36 38.29 25.42
C VAL G 952 20.14 38.97 24.31
N SER G 953 20.06 38.40 23.11
CA SER G 953 20.69 39.02 21.95
C SER G 953 19.91 40.27 21.53
N PRO G 954 20.60 41.29 21.00
CA PRO G 954 19.90 42.50 20.56
C PRO G 954 19.08 42.25 19.31
N GLY G 955 17.86 42.78 19.30
CA GLY G 955 16.95 42.60 18.20
C GLY G 955 15.99 41.44 18.34
N ALA G 956 15.87 40.86 19.52
CA ALA G 956 15.01 39.71 19.75
C ALA G 956 13.71 40.14 20.41
N VAL G 957 12.63 39.50 20.02
CA VAL G 957 11.31 39.77 20.59
C VAL G 957 11.14 38.96 21.87
N LEU G 958 10.63 39.62 22.91
CA LEU G 958 10.44 38.99 24.21
C LEU G 958 8.95 38.95 24.55
N HIS G 959 8.55 37.92 25.30
CA HIS G 959 7.16 37.71 25.67
C HIS G 959 6.96 37.86 27.19
N ILE G 960 7.84 38.60 27.85
CA ILE G 960 7.75 38.81 29.29
C ILE G 960 7.81 40.31 29.56
N GLU G 961 7.29 40.70 30.72
CA GLU G 961 7.29 42.09 31.17
C GLU G 961 8.26 42.25 32.35
N ASP G 962 8.26 43.45 32.92
CA ASP G 962 9.15 43.80 34.03
C ASP G 962 8.32 43.83 35.31
N GLY G 963 8.52 42.84 36.17
CA GLY G 963 7.87 42.78 37.47
C GLY G 963 6.83 41.70 37.63
N ASP G 964 6.52 40.92 36.59
CA ASP G 964 5.50 39.88 36.70
C ASP G 964 6.10 38.61 37.32
N LEU G 965 5.26 37.58 37.40
CA LEU G 965 5.65 36.31 37.99
C LEU G 965 5.63 35.23 36.93
N VAL G 966 6.60 34.30 37.01
CA VAL G 966 6.74 33.24 36.03
C VAL G 966 6.60 31.90 36.72
N GLN G 967 6.37 30.87 35.91
CA GLN G 967 6.28 29.50 36.38
C GLN G 967 7.58 28.76 36.06
N ARG G 968 7.60 27.45 36.29
CA ARG G 968 8.78 26.64 36.04
C ARG G 968 8.68 26.02 34.66
N GLY G 969 9.32 26.66 33.67
CA GLY G 969 9.38 26.10 32.33
C GLY G 969 8.46 26.77 31.34
N ASP G 970 8.35 28.10 31.39
CA ASP G 970 7.52 28.85 30.47
C ASP G 970 8.38 29.63 29.49
N ASN G 971 7.77 29.99 28.36
CA ASN G 971 8.48 30.74 27.33
C ASN G 971 8.64 32.20 27.76
N LEU G 972 9.86 32.71 27.63
CA LEU G 972 10.20 34.06 28.09
C LEU G 972 10.54 34.99 26.94
N VAL G 973 11.55 34.64 26.12
CA VAL G 973 11.99 35.46 25.00
C VAL G 973 11.96 34.59 23.75
N LEU G 974 12.26 35.23 22.62
CA LEU G 974 12.37 34.55 21.33
C LEU G 974 13.61 35.10 20.63
N LEU G 975 14.74 34.44 20.82
CA LEU G 975 16.00 34.89 20.24
C LEU G 975 16.03 34.61 18.74
N VAL G 976 16.36 35.63 17.96
CA VAL G 976 16.47 35.50 16.51
C VAL G 976 17.94 35.52 16.14
N PHE G 977 18.27 34.78 15.07
CA PHE G 977 19.64 34.65 14.60
C PHE G 977 19.62 34.27 13.14
N GLU G 978 20.78 34.37 12.50
CA GLU G 978 20.94 34.07 11.09
C GLU G 978 21.86 32.86 10.93
N ARG G 979 21.43 31.91 10.11
CA ARG G 979 22.20 30.69 9.88
C ARG G 979 22.04 30.21 8.44
N VAL G 986 20.26 17.31 0.17
CA VAL G 986 19.06 16.92 0.90
C VAL G 986 17.83 17.18 0.05
N GLN G 987 18.04 17.76 -1.14
CA GLN G 987 16.97 18.09 -2.09
C GLN G 987 17.35 17.63 -3.48
N GLY G 988 17.80 16.38 -3.60
CA GLY G 988 18.24 15.84 -4.87
C GLY G 988 17.13 15.61 -5.88
N LEU G 989 16.21 14.70 -5.57
CA LEU G 989 15.13 14.32 -6.47
C LEU G 989 14.08 15.40 -6.76
N PRO G 990 13.65 16.26 -5.81
CA PRO G 990 12.75 17.36 -6.23
C PRO G 990 13.41 18.43 -7.07
N ARG G 991 14.75 18.53 -7.06
CA ARG G 991 15.41 19.53 -7.90
C ARG G 991 15.41 19.14 -9.37
N ILE G 992 15.57 17.84 -9.64
CA ILE G 992 15.56 17.36 -11.03
C ILE G 992 14.15 17.40 -11.59
N GLU G 993 13.14 17.25 -10.74
CA GLU G 993 11.76 17.30 -11.21
C GLU G 993 11.34 18.71 -11.61
N GLU G 994 11.71 19.71 -10.82
CA GLU G 994 11.35 21.09 -11.14
C GLU G 994 12.23 21.69 -12.22
N LEU G 995 13.37 21.06 -12.54
CA LEU G 995 14.20 21.54 -13.64
C LEU G 995 13.67 21.08 -14.99
N LEU G 996 13.23 19.83 -15.08
CA LEU G 996 12.67 19.31 -16.33
C LEU G 996 11.26 19.80 -16.58
N GLU G 997 10.52 20.17 -15.52
CA GLU G 997 9.19 20.74 -15.68
C GLU G 997 9.21 22.21 -16.07
N ALA G 998 10.38 22.86 -15.97
CA ALA G 998 10.58 24.29 -16.28
C ALA G 998 9.65 25.18 -15.46
N ARG G 999 9.58 24.91 -14.17
CA ARG G 999 8.74 25.69 -13.28
C ARG G 999 9.43 26.99 -12.88
N LYS G 1000 8.63 27.97 -12.49
CA LYS G 1000 9.16 29.26 -12.05
C LYS G 1000 9.47 29.23 -10.57
N PRO G 1001 10.68 29.59 -10.15
CA PRO G 1001 11.02 29.59 -8.73
C PRO G 1001 10.46 30.82 -8.03
N LYS G 1002 10.80 30.95 -6.74
CA LYS G 1002 10.25 32.04 -5.93
C LYS G 1002 10.96 33.36 -6.19
N GLU G 1003 12.26 33.33 -6.53
CA GLU G 1003 13.04 34.53 -6.74
C GLU G 1003 13.88 34.41 -8.00
N ALA G 1004 14.07 35.55 -8.67
CA ALA G 1004 14.83 35.62 -9.91
C ALA G 1004 15.22 37.08 -10.15
N CYS G 1005 16.47 37.28 -10.59
CA CYS G 1005 16.95 38.62 -10.92
C CYS G 1005 18.08 38.46 -11.94
N VAL G 1006 17.77 38.71 -13.21
CA VAL G 1006 18.72 38.56 -14.32
C VAL G 1006 18.86 39.91 -15.00
N LEU G 1007 20.11 40.34 -15.20
CA LEU G 1007 20.38 41.58 -15.92
C LEU G 1007 20.04 41.42 -17.40
N ALA G 1008 19.53 42.49 -18.00
CA ALA G 1008 19.02 42.44 -19.36
C ALA G 1008 20.07 42.74 -20.42
N ARG G 1009 21.19 43.34 -20.06
CA ARG G 1009 22.24 43.68 -21.02
C ARG G 1009 23.58 43.31 -20.41
N ALA G 1010 24.67 43.74 -21.07
CA ALA G 1010 26.03 43.49 -20.60
C ALA G 1010 26.76 44.82 -20.45
N PRO G 1011 26.50 45.58 -19.38
CA PRO G 1011 27.18 46.86 -19.19
C PRO G 1011 28.42 46.75 -18.29
N GLY G 1012 29.13 47.86 -18.13
CA GLY G 1012 30.17 47.93 -17.13
C GLY G 1012 29.65 48.53 -15.84
N VAL G 1013 29.31 47.68 -14.88
CA VAL G 1013 28.66 48.11 -13.64
C VAL G 1013 29.74 48.27 -12.56
N CYS G 1014 29.84 49.47 -12.01
CA CYS G 1014 30.73 49.77 -10.89
C CYS G 1014 29.84 50.07 -9.69
N GLN G 1015 29.87 49.19 -8.68
CA GLN G 1015 29.01 49.31 -7.53
C GLN G 1015 29.52 50.41 -6.60
N VAL G 1016 28.67 51.40 -6.33
CA VAL G 1016 28.99 52.51 -5.44
C VAL G 1016 28.06 52.33 -4.23
N GLU G 1017 27.69 51.07 -3.99
CA GLU G 1017 26.78 50.64 -2.91
C GLU G 1017 25.42 51.36 -2.94
N GLU G 1022 17.44 50.80 3.68
CA GLU G 1022 17.33 49.50 4.31
C GLU G 1022 17.90 48.40 3.42
N SER G 1023 17.67 48.54 2.12
CA SER G 1023 18.16 47.57 1.14
C SER G 1023 19.22 48.22 0.25
N VAL G 1024 20.14 47.39 -0.24
CA VAL G 1024 21.20 47.85 -1.11
C VAL G 1024 20.64 48.07 -2.52
N ASP G 1025 21.13 49.09 -3.21
CA ASP G 1025 20.70 49.40 -4.57
C ASP G 1025 21.91 49.40 -5.49
N ILE G 1026 21.74 48.82 -6.67
CA ILE G 1026 22.79 48.78 -7.69
C ILE G 1026 22.28 49.55 -8.90
N LYS G 1027 22.93 50.67 -9.20
CA LYS G 1027 22.58 51.48 -10.35
C LYS G 1027 23.31 50.96 -11.58
N VAL G 1028 22.56 50.75 -12.66
CA VAL G 1028 23.10 50.18 -13.90
C VAL G 1028 23.41 51.33 -14.84
N VAL G 1029 24.70 51.59 -15.05
CA VAL G 1029 25.18 52.64 -15.94
C VAL G 1029 26.07 51.99 -16.99
N GLU G 1030 25.71 52.14 -18.26
CA GLU G 1030 26.47 51.57 -19.36
C GLU G 1030 27.33 52.65 -20.00
N ASP G 1031 28.63 52.39 -20.11
CA ASP G 1031 29.54 53.36 -20.72
C ASP G 1031 29.44 53.34 -22.25
N ASP G 1032 29.15 52.18 -22.83
CA ASP G 1032 29.01 52.09 -24.28
C ASP G 1032 27.69 52.67 -24.74
N GLY G 1033 26.63 52.49 -23.94
CA GLY G 1033 25.31 52.99 -24.27
C GLY G 1033 24.97 54.28 -23.55
N THR G 1034 23.70 54.65 -23.66
CA THR G 1034 23.18 55.87 -23.06
C THR G 1034 22.08 55.61 -22.05
N VAL G 1035 21.12 54.73 -22.38
CA VAL G 1035 20.00 54.46 -21.49
C VAL G 1035 20.45 53.61 -20.31
N SER G 1036 19.99 53.98 -19.11
CA SER G 1036 20.34 53.26 -17.89
C SER G 1036 19.29 52.18 -17.62
N GLU G 1037 19.36 51.57 -16.43
CA GLU G 1037 18.42 50.53 -16.04
C GLU G 1037 18.23 50.59 -14.53
N TYR G 1038 16.97 50.52 -14.08
CA TYR G 1038 16.63 50.53 -12.66
C TYR G 1038 16.06 49.19 -12.27
N PRO G 1039 16.88 48.25 -11.79
CA PRO G 1039 16.38 46.93 -11.43
C PRO G 1039 15.78 46.90 -10.03
N LEU G 1040 14.82 46.00 -9.84
CA LEU G 1040 14.19 45.79 -8.55
C LEU G 1040 15.02 44.83 -7.72
N LEU G 1041 15.25 45.19 -6.46
CA LEU G 1041 16.04 44.37 -5.54
C LEU G 1041 15.46 44.50 -4.14
N PRO G 1042 14.70 43.51 -3.68
CA PRO G 1042 14.19 43.54 -2.31
C PRO G 1042 15.31 43.26 -1.30
N GLY G 1043 14.98 43.47 -0.03
CA GLY G 1043 15.96 43.31 1.03
C GLY G 1043 16.30 41.89 1.41
N GLN G 1044 15.59 40.90 0.84
CA GLN G 1044 15.81 39.50 1.16
C GLN G 1044 16.74 38.82 0.15
N ASN G 1045 17.54 39.58 -0.59
CA ASN G 1045 18.45 39.03 -1.58
C ASN G 1045 19.86 39.52 -1.31
N ALA G 1046 20.85 38.67 -1.59
CA ALA G 1046 22.24 38.97 -1.33
C ALA G 1046 22.91 39.50 -2.61
N MET G 1047 24.23 39.64 -2.58
CA MET G 1047 25.00 40.17 -3.69
C MET G 1047 25.95 39.11 -4.24
N VAL G 1048 26.20 39.17 -5.55
CA VAL G 1048 27.12 38.27 -6.23
C VAL G 1048 28.19 39.05 -6.98
N THR G 1049 27.84 40.23 -7.48
CA THR G 1049 28.78 41.03 -8.27
C THR G 1049 29.67 41.87 -7.36
N ASP G 1050 30.95 41.98 -7.72
CA ASP G 1050 31.90 42.78 -6.97
C ASP G 1050 32.32 44.05 -7.70
N GLY G 1051 32.00 44.17 -8.99
CA GLY G 1051 32.34 45.36 -9.75
C GLY G 1051 33.04 45.07 -11.06
N GLN G 1052 32.54 45.69 -12.14
CA GLN G 1052 33.07 45.57 -13.51
C GLN G 1052 33.09 44.13 -14.00
N ARG G 1053 32.06 43.36 -13.63
CA ARG G 1053 31.92 41.96 -14.05
C ARG G 1053 30.44 41.72 -14.32
N ILE G 1054 30.02 41.90 -15.57
CA ILE G 1054 28.63 41.72 -15.94
C ILE G 1054 28.54 41.15 -17.35
N ASP G 1055 27.97 39.96 -17.48
CA ASP G 1055 27.76 39.34 -18.78
C ASP G 1055 26.38 39.74 -19.31
N VAL G 1056 25.93 39.06 -20.35
CA VAL G 1056 24.61 39.35 -20.91
C VAL G 1056 23.50 38.84 -20.00
N GLY G 1057 23.64 37.61 -19.50
CA GLY G 1057 22.65 37.04 -18.63
C GLY G 1057 23.18 36.71 -17.25
N HIS G 1058 24.07 37.55 -16.72
CA HIS G 1058 24.65 37.33 -15.40
C HIS G 1058 23.60 37.68 -14.34
N ALA G 1059 23.21 36.69 -13.54
CA ALA G 1059 22.14 36.85 -12.58
C ALA G 1059 22.67 37.21 -11.19
N LEU G 1060 21.80 37.80 -10.38
CA LEU G 1060 22.10 38.15 -9.00
C LEU G 1060 20.98 37.58 -8.13
N THR G 1061 21.12 36.33 -7.73
CA THR G 1061 20.05 35.66 -7.01
C THR G 1061 20.49 35.10 -5.66
N ASP G 1062 21.69 34.50 -5.60
CA ASP G 1062 22.15 33.67 -4.48
C ASP G 1062 21.11 32.61 -4.13
N GLY G 1063 20.70 31.87 -5.16
CA GLY G 1063 19.67 30.86 -5.02
C GLY G 1063 19.40 30.12 -6.32
N TYR G 1064 18.12 29.95 -6.65
CA TYR G 1064 17.75 29.24 -7.87
C TYR G 1064 17.40 30.24 -8.97
N ASN G 1065 17.86 29.93 -10.18
CA ASN G 1065 17.63 30.77 -11.35
C ASN G 1065 16.39 30.32 -12.10
N ASN G 1066 15.70 31.28 -12.70
CA ASN G 1066 14.52 31.00 -13.50
C ASN G 1066 14.95 30.70 -14.93
N PRO G 1067 14.70 29.49 -15.44
CA PRO G 1067 15.12 29.17 -16.82
C PRO G 1067 14.29 29.87 -17.89
N HIS G 1068 13.10 30.37 -17.56
CA HIS G 1068 12.32 31.12 -18.52
C HIS G 1068 12.85 32.54 -18.71
N GLU G 1069 13.51 33.09 -17.69
CA GLU G 1069 14.06 34.43 -17.79
C GLU G 1069 15.38 34.48 -18.55
N ILE G 1070 16.02 33.33 -18.78
CA ILE G 1070 17.22 33.32 -19.61
C ILE G 1070 16.87 33.42 -21.09
N LEU G 1071 15.63 33.06 -21.46
CA LEU G 1071 15.23 33.11 -22.86
C LEU G 1071 15.02 34.55 -23.33
N ASP G 1072 14.13 35.29 -22.64
CA ASP G 1072 13.75 36.62 -23.10
C ASP G 1072 14.84 37.67 -22.90
N VAL G 1073 15.84 37.39 -22.06
CA VAL G 1073 16.98 38.30 -21.94
C VAL G 1073 17.90 38.15 -23.15
N PHE G 1074 18.25 36.91 -23.50
CA PHE G 1074 19.11 36.66 -24.64
C PHE G 1074 18.42 36.84 -25.98
N PHE G 1075 17.09 36.91 -26.00
CA PHE G 1075 16.36 37.10 -27.25
C PHE G 1075 16.11 38.57 -27.56
N SER G 1076 15.63 39.33 -26.59
CA SER G 1076 15.33 40.73 -26.80
C SER G 1076 16.57 41.59 -26.97
N TYR G 1077 17.71 41.16 -26.42
CA TYR G 1077 18.95 41.91 -26.60
C TYR G 1077 19.54 41.69 -27.98
N TYR G 1078 19.25 40.55 -28.62
CA TYR G 1078 19.81 40.23 -29.92
C TYR G 1078 18.77 40.30 -31.04
N VAL G 1079 17.54 40.74 -30.76
CA VAL G 1079 16.56 40.87 -31.82
C VAL G 1079 16.78 42.14 -32.64
N ASP G 1080 17.53 43.11 -32.10
CA ASP G 1080 17.81 44.35 -32.81
C ASP G 1080 19.17 44.35 -33.50
N LYS G 1081 20.11 43.52 -33.06
CA LYS G 1081 21.45 43.51 -33.64
C LYS G 1081 21.48 42.70 -34.93
N ASP G 1082 21.15 41.42 -34.85
CA ASP G 1082 21.07 40.54 -36.01
C ASP G 1082 19.64 40.03 -36.16
N GLY G 1083 19.46 39.06 -37.05
CA GLY G 1083 18.13 38.58 -37.40
C GLY G 1083 17.45 37.81 -36.27
N CYS G 1084 16.17 37.51 -36.50
CA CYS G 1084 15.37 36.84 -35.48
C CYS G 1084 15.74 35.37 -35.35
N TYR G 1085 16.23 34.74 -36.42
CA TYR G 1085 16.65 33.34 -36.33
C TYR G 1085 17.96 33.21 -35.57
N GLN G 1086 18.88 34.17 -35.75
CA GLN G 1086 20.12 34.15 -34.99
C GLN G 1086 19.90 34.56 -33.54
N ALA G 1087 18.86 35.36 -33.28
CA ALA G 1087 18.53 35.72 -31.91
C ALA G 1087 17.87 34.57 -31.16
N ALA G 1088 17.18 33.67 -31.88
CA ALA G 1088 16.57 32.51 -31.25
C ALA G 1088 17.57 31.39 -31.03
N LEU G 1089 18.61 31.30 -31.87
CA LEU G 1089 19.62 30.27 -31.68
C LEU G 1089 20.52 30.60 -30.48
N ARG G 1090 20.87 31.87 -30.31
CA ARG G 1090 21.64 32.28 -29.15
C ARG G 1090 20.80 32.33 -27.89
N GLY G 1091 19.49 32.51 -28.01
CA GLY G 1091 18.64 32.48 -26.84
C GLY G 1091 18.40 31.07 -26.31
N LEU G 1092 18.21 30.11 -27.22
CA LEU G 1092 18.03 28.72 -26.83
C LEU G 1092 19.33 28.06 -26.39
N GLN G 1093 20.48 28.57 -26.83
CA GLN G 1093 21.76 28.00 -26.42
C GLN G 1093 22.08 28.32 -24.97
N ALA G 1094 21.67 29.50 -24.48
CA ALA G 1094 21.88 29.82 -23.08
C ALA G 1094 20.94 29.04 -22.18
N ALA G 1095 19.72 28.75 -22.65
CA ALA G 1095 18.79 27.94 -21.87
C ALA G 1095 19.16 26.46 -21.89
N GLN G 1096 19.81 26.00 -22.96
CA GLN G 1096 20.23 24.61 -23.03
C GLN G 1096 21.45 24.34 -22.16
N LYS G 1097 22.40 25.28 -22.12
CA LYS G 1097 23.58 25.10 -21.29
C LYS G 1097 23.28 25.24 -19.80
N PHE G 1098 22.19 25.91 -19.44
CA PHE G 1098 21.81 26.01 -18.04
C PHE G 1098 21.17 24.73 -17.54
N LEU G 1099 20.37 24.06 -18.39
CA LEU G 1099 19.66 22.86 -17.96
C LEU G 1099 20.55 21.64 -17.88
N VAL G 1100 21.55 21.53 -18.76
CA VAL G 1100 22.46 20.39 -18.72
C VAL G 1100 23.41 20.50 -17.54
N ASN G 1101 23.92 21.70 -17.27
CA ASN G 1101 24.88 21.90 -16.19
C ASN G 1101 24.23 21.82 -14.81
N GLU G 1102 22.92 22.05 -14.72
CA GLU G 1102 22.24 21.97 -13.43
C GLU G 1102 21.77 20.56 -13.09
N VAL G 1103 21.41 19.77 -14.10
CA VAL G 1103 21.04 18.37 -13.85
C VAL G 1103 22.27 17.55 -13.46
N GLN G 1104 23.39 17.79 -14.14
CA GLN G 1104 24.64 17.13 -13.82
C GLN G 1104 25.21 17.55 -12.47
N THR G 1105 24.83 18.75 -11.98
CA THR G 1105 25.28 19.18 -10.66
C THR G 1105 24.61 18.37 -9.56
N VAL G 1106 23.31 18.08 -9.72
CA VAL G 1106 22.58 17.32 -8.71
C VAL G 1106 23.01 15.85 -8.73
N TYR G 1107 23.25 15.30 -9.92
CA TYR G 1107 23.61 13.89 -10.01
C TYR G 1107 25.04 13.62 -9.55
N GLN G 1108 25.93 14.60 -9.69
CA GLN G 1108 27.29 14.43 -9.18
C GLN G 1108 27.39 14.63 -7.67
N SER G 1109 26.42 15.32 -7.07
CA SER G 1109 26.44 15.50 -5.62
C SER G 1109 26.04 14.23 -4.88
N GLN G 1110 25.26 13.37 -5.51
CA GLN G 1110 24.84 12.11 -4.91
C GLN G 1110 25.80 10.96 -5.24
N GLY G 1111 26.86 11.22 -5.99
CA GLY G 1111 27.78 10.16 -6.37
C GLY G 1111 27.25 9.28 -7.47
N VAL G 1112 26.56 9.84 -8.46
CA VAL G 1112 25.93 9.09 -9.54
C VAL G 1112 26.56 9.54 -10.85
N ASP G 1113 27.13 8.58 -11.58
CA ASP G 1113 27.73 8.86 -12.89
C ASP G 1113 26.68 8.70 -13.97
N ILE G 1114 26.40 9.78 -14.69
CA ILE G 1114 25.48 9.79 -15.82
C ILE G 1114 26.14 10.57 -16.94
N SER G 1115 26.22 9.96 -18.12
CA SER G 1115 26.87 10.59 -19.27
C SER G 1115 26.09 11.79 -19.76
N ASP G 1116 26.80 12.75 -20.35
CA ASP G 1116 26.18 14.00 -20.76
C ASP G 1116 25.35 13.87 -22.02
N LYS G 1117 25.60 12.84 -22.84
CA LYS G 1117 24.85 12.69 -24.08
C LYS G 1117 23.44 12.18 -23.86
N HIS G 1118 23.17 11.56 -22.71
CA HIS G 1118 21.82 11.09 -22.42
C HIS G 1118 20.93 12.21 -21.89
N ILE G 1119 21.51 13.20 -21.21
CA ILE G 1119 20.73 14.29 -20.66
C ILE G 1119 20.31 15.26 -21.76
N GLU G 1120 21.22 15.57 -22.68
CA GLU G 1120 20.97 16.59 -23.69
C GLU G 1120 20.03 16.13 -24.81
N VAL G 1121 19.65 14.86 -24.85
CA VAL G 1121 18.63 14.42 -25.79
C VAL G 1121 17.26 14.94 -25.36
N ILE G 1122 16.97 14.87 -24.05
CA ILE G 1122 15.68 15.36 -23.54
C ILE G 1122 15.65 16.89 -23.51
N VAL G 1123 16.82 17.53 -23.36
CA VAL G 1123 16.89 18.98 -23.44
C VAL G 1123 16.65 19.45 -24.88
N ARG G 1124 17.04 18.63 -25.86
CA ARG G 1124 16.76 18.93 -27.26
C ARG G 1124 15.26 18.89 -27.56
N GLN G 1125 14.53 18.00 -26.89
CA GLN G 1125 13.09 17.92 -27.10
C GLN G 1125 12.34 19.07 -26.43
N MET G 1126 12.95 19.72 -25.44
CA MET G 1126 12.31 20.83 -24.74
C MET G 1126 12.52 22.17 -25.44
N THR G 1127 13.69 22.36 -26.07
CA THR G 1127 14.02 23.61 -26.75
C THR G 1127 13.93 23.50 -28.26
N ALA G 1128 12.96 22.73 -28.76
CA ALA G 1128 12.80 22.55 -30.20
C ALA G 1128 11.62 23.32 -30.78
N LYS G 1129 10.69 23.78 -29.95
CA LYS G 1129 9.50 24.46 -30.43
C LYS G 1129 9.62 25.97 -30.25
N VAL G 1130 8.75 26.68 -30.95
CA VAL G 1130 8.75 28.14 -30.95
C VAL G 1130 7.29 28.61 -31.06
N ARG G 1131 7.01 29.79 -30.51
CA ARG G 1131 5.68 30.39 -30.55
C ARG G 1131 5.69 31.49 -31.61
N ILE G 1132 5.03 31.24 -32.74
CA ILE G 1132 5.04 32.17 -33.85
C ILE G 1132 3.97 33.24 -33.64
N ASP G 1133 4.22 34.42 -34.21
CA ASP G 1133 3.30 35.55 -34.15
C ASP G 1133 3.21 36.19 -35.53
N ASP G 1134 2.20 37.04 -35.68
CA ASP G 1134 1.95 37.86 -36.88
C ASP G 1134 1.77 37.00 -38.14
N GLY G 1135 0.72 36.18 -38.11
CA GLY G 1135 0.40 35.33 -39.25
C GLY G 1135 -0.81 35.80 -40.02
N GLY G 1136 -0.60 36.19 -41.27
CA GLY G 1136 -1.68 36.68 -42.11
C GLY G 1136 -1.71 36.09 -43.50
N ASP G 1137 -0.67 35.33 -43.86
CA ASP G 1137 -0.57 34.70 -45.17
C ASP G 1137 -0.67 33.18 -45.08
N THR G 1138 0.06 32.56 -44.16
CA THR G 1138 -0.04 31.13 -43.91
C THR G 1138 -1.03 30.90 -42.78
N THR G 1139 -1.72 29.76 -42.84
CA THR G 1139 -2.74 29.41 -41.84
C THR G 1139 -2.05 29.01 -40.55
N MET G 1140 -1.57 30.02 -39.81
CA MET G 1140 -0.81 29.82 -38.58
C MET G 1140 -1.20 30.95 -37.63
N LEU G 1141 -2.09 30.65 -36.70
CA LEU G 1141 -2.56 31.65 -35.76
C LEU G 1141 -1.48 31.94 -34.72
N PRO G 1142 -1.38 33.19 -34.25
CA PRO G 1142 -0.38 33.52 -33.22
C PRO G 1142 -0.75 32.89 -31.88
N GLY G 1143 0.16 32.08 -31.35
CA GLY G 1143 -0.06 31.37 -30.10
C GLY G 1143 0.15 29.87 -30.17
N GLU G 1144 0.40 29.32 -31.36
CA GLU G 1144 0.62 27.89 -31.51
C GLU G 1144 2.12 27.58 -31.38
N LEU G 1145 2.41 26.30 -31.16
CA LEU G 1145 3.77 25.82 -30.94
C LEU G 1145 4.16 24.91 -32.10
N VAL G 1146 5.08 25.39 -32.94
CA VAL G 1146 5.63 24.61 -34.04
C VAL G 1146 7.15 24.55 -33.88
N GLU G 1147 7.74 23.59 -34.59
CA GLU G 1147 9.19 23.39 -34.51
C GLU G 1147 9.93 24.53 -35.19
N LEU G 1148 11.14 24.81 -34.68
CA LEU G 1148 11.94 25.91 -35.21
C LEU G 1148 12.49 25.59 -36.60
N ARG G 1149 12.68 24.30 -36.91
CA ARG G 1149 13.13 23.92 -38.24
C ARG G 1149 12.03 24.11 -39.28
N GLN G 1150 10.76 23.96 -38.88
CA GLN G 1150 9.65 24.11 -39.81
C GLN G 1150 9.37 25.57 -40.13
N VAL G 1151 9.73 26.50 -39.25
CA VAL G 1151 9.53 27.92 -39.53
C VAL G 1151 10.56 28.41 -40.54
N GLU G 1152 11.80 27.96 -40.42
CA GLU G 1152 12.82 28.34 -41.39
C GLU G 1152 12.64 27.65 -42.73
N GLN G 1153 11.91 26.53 -42.77
CA GLN G 1153 11.64 25.87 -44.04
C GLN G 1153 10.58 26.60 -44.85
N VAL G 1154 9.61 27.24 -44.19
CA VAL G 1154 8.57 27.97 -44.89
C VAL G 1154 8.94 29.43 -45.11
N ASN G 1155 9.81 30.00 -44.25
CA ASN G 1155 10.25 31.37 -44.46
C ASN G 1155 11.23 31.46 -45.62
N GLU G 1156 12.09 30.45 -45.78
CA GLU G 1156 13.00 30.44 -46.92
C GLU G 1156 12.28 30.09 -48.21
N ALA G 1157 11.18 29.35 -48.13
CA ALA G 1157 10.39 29.02 -49.30
C ALA G 1157 9.49 30.17 -49.73
N MET G 1158 9.22 31.12 -48.83
CA MET G 1158 8.41 32.29 -49.16
C MET G 1158 9.23 33.52 -49.49
N GLY G 1159 10.56 33.45 -49.33
CA GLY G 1159 11.42 34.56 -49.68
C GLY G 1159 11.56 34.80 -51.17
N ILE G 1160 11.27 33.79 -51.98
CA ILE G 1160 11.33 33.96 -53.43
C ILE G 1160 10.14 34.74 -53.96
N THR G 1161 9.05 34.81 -53.20
CA THR G 1161 7.87 35.58 -53.59
C THR G 1161 7.81 36.94 -52.92
N GLY G 1162 7.95 36.98 -51.60
CA GLY G 1162 7.92 38.22 -50.86
C GLY G 1162 6.70 38.38 -49.98
N SER G 1163 6.86 38.13 -48.69
CA SER G 1163 5.79 38.25 -47.72
C SER G 1163 6.40 38.51 -46.35
N ALA G 1164 5.58 38.40 -45.31
CA ALA G 1164 6.06 38.61 -43.95
C ALA G 1164 6.26 37.28 -43.22
N ALA G 1166 5.48 36.47 -39.03
CA ALA G 1166 6.65 37.29 -39.32
C ALA G 1166 7.74 37.07 -38.28
N ARG G 1167 7.38 37.28 -37.01
CA ARG G 1167 8.30 37.09 -35.90
C ARG G 1167 7.84 35.93 -35.03
N TYR G 1168 8.75 35.43 -34.21
CA TYR G 1168 8.47 34.30 -33.33
C TYR G 1168 9.33 34.40 -32.09
N THR G 1169 8.77 33.99 -30.95
CA THR G 1169 9.47 34.01 -29.68
C THR G 1169 9.71 32.59 -29.21
N PRO G 1170 10.94 32.25 -28.82
CA PRO G 1170 11.20 30.88 -28.35
C PRO G 1170 10.65 30.64 -26.95
N VAL G 1171 10.15 29.42 -26.74
CA VAL G 1171 9.56 29.03 -25.46
C VAL G 1171 10.27 27.77 -24.97
N LEU G 1172 10.21 27.57 -23.65
CA LEU G 1172 10.79 26.41 -22.99
C LEU G 1172 9.66 25.58 -22.39
N LEU G 1173 9.44 24.39 -22.92
CA LEU G 1173 8.37 23.51 -22.49
C LEU G 1173 8.88 22.44 -21.53
N GLY G 1174 7.99 21.96 -20.68
CA GLY G 1174 8.32 20.89 -19.76
C GLY G 1174 8.24 19.54 -20.42
N ILE G 1175 8.46 18.50 -19.62
CA ILE G 1175 8.42 17.13 -20.13
C ILE G 1175 7.01 16.61 -20.29
N THR G 1176 6.03 17.18 -19.57
CA THR G 1176 4.64 16.80 -19.74
C THR G 1176 3.88 17.74 -20.66
N LYS G 1177 4.44 18.91 -20.98
CA LYS G 1177 3.81 19.82 -21.92
C LYS G 1177 4.23 19.54 -23.35
N ALA G 1178 5.50 19.19 -23.57
CA ALA G 1178 5.96 18.83 -24.91
C ALA G 1178 5.48 17.45 -25.34
N SER G 1179 5.07 16.60 -24.40
CA SER G 1179 4.53 15.30 -24.74
C SER G 1179 3.11 15.36 -25.27
N LEU G 1180 2.35 16.39 -24.88
CA LEU G 1180 0.96 16.52 -25.31
C LEU G 1180 0.80 17.40 -26.55
N ASN G 1181 1.82 18.18 -26.92
CA ASN G 1181 1.78 19.03 -28.10
C ASN G 1181 2.48 18.41 -29.29
N THR G 1182 2.47 17.08 -29.39
CA THR G 1182 3.11 16.39 -30.50
C THR G 1182 2.13 16.24 -31.66
N ASP G 1183 2.62 15.67 -32.76
CA ASP G 1183 1.80 15.48 -33.95
C ASP G 1183 0.90 14.25 -33.87
N SER G 1184 1.10 13.38 -32.88
CA SER G 1184 0.31 12.17 -32.72
C SER G 1184 -0.67 12.35 -31.58
N PHE G 1185 -1.95 12.05 -31.85
CA PHE G 1185 -2.96 12.10 -30.80
C PHE G 1185 -3.09 10.78 -30.04
N ILE G 1186 -2.61 9.67 -30.62
CA ILE G 1186 -2.65 8.40 -29.90
C ILE G 1186 -1.57 8.35 -28.83
N SER G 1187 -0.39 8.92 -29.13
CA SER G 1187 0.69 8.94 -28.16
C SER G 1187 0.43 9.93 -27.02
N ALA G 1188 -0.42 10.93 -27.24
CA ALA G 1188 -0.75 11.91 -26.21
C ALA G 1188 -1.94 11.51 -25.37
N ALA G 1189 -2.88 10.74 -25.93
CA ALA G 1189 -4.05 10.31 -25.16
C ALA G 1189 -3.72 9.15 -24.24
N SER G 1190 -2.77 8.30 -24.62
CA SER G 1190 -2.35 7.19 -23.77
C SER G 1190 -1.46 7.64 -22.62
N PHE G 1191 -0.84 8.82 -22.74
CA PHE G 1191 0.05 9.30 -21.69
C PHE G 1191 -0.73 9.97 -20.56
N GLN G 1192 -1.43 11.05 -20.86
CA GLN G 1192 -2.13 11.84 -19.86
C GLN G 1192 -3.19 12.67 -20.53
N GLU G 1193 -4.30 12.89 -19.81
CA GLU G 1193 -5.44 13.72 -20.21
C GLU G 1193 -6.06 13.21 -21.52
N THR G 1194 -6.62 12.00 -21.42
CA THR G 1194 -7.21 11.34 -22.59
C THR G 1194 -8.45 12.07 -23.08
N THR G 1195 -9.24 12.64 -22.17
CA THR G 1195 -10.44 13.36 -22.57
C THR G 1195 -10.13 14.72 -23.20
N ARG G 1196 -8.95 15.27 -22.93
CA ARG G 1196 -8.57 16.57 -23.48
C ARG G 1196 -7.88 16.46 -24.83
N VAL G 1197 -7.13 15.39 -25.06
CA VAL G 1197 -6.43 15.22 -26.33
C VAL G 1197 -7.42 14.80 -27.42
N LEU G 1198 -8.31 13.85 -27.12
CA LEU G 1198 -9.27 13.38 -28.11
C LEU G 1198 -10.35 14.42 -28.42
N THR G 1199 -10.59 15.36 -27.52
CA THR G 1199 -11.50 16.46 -27.83
C THR G 1199 -10.86 17.45 -28.80
N GLU G 1200 -9.56 17.71 -28.62
CA GLU G 1200 -8.87 18.62 -29.52
C GLU G 1200 -8.60 17.96 -30.88
N ALA G 1201 -8.37 16.65 -30.90
CA ALA G 1201 -8.09 15.97 -32.16
C ALA G 1201 -9.33 15.78 -33.01
N ALA G 1202 -10.51 15.72 -32.38
CA ALA G 1202 -11.75 15.53 -33.15
C ALA G 1202 -12.20 16.83 -33.79
N ILE G 1203 -12.01 17.96 -33.10
CA ILE G 1203 -12.42 19.26 -33.64
C ILE G 1203 -11.46 19.72 -34.72
N GLU G 1204 -10.15 19.63 -34.45
CA GLU G 1204 -9.15 20.03 -35.44
C GLU G 1204 -9.02 19.05 -36.58
N GLY G 1205 -9.47 17.81 -36.40
CA GLY G 1205 -9.38 16.80 -37.44
C GLY G 1205 -7.96 16.32 -37.64
N LYS G 1206 -7.29 15.96 -36.54
CA LYS G 1206 -5.90 15.56 -36.60
C LYS G 1206 -5.77 14.16 -37.21
N SER G 1207 -4.57 13.86 -37.72
CA SER G 1207 -4.29 12.60 -38.39
C SER G 1207 -2.96 12.07 -37.89
N ASP G 1208 -2.94 10.79 -37.51
CA ASP G 1208 -1.73 10.12 -37.06
C ASP G 1208 -1.22 9.22 -38.18
N TRP G 1209 0.01 9.43 -38.60
CA TRP G 1209 0.62 8.64 -39.67
C TRP G 1209 1.45 7.47 -39.14
N LEU G 1210 1.29 7.14 -37.85
CA LEU G 1210 1.96 6.01 -37.17
C LEU G 1210 3.49 6.12 -37.27
N ARG G 1211 4.00 7.33 -37.08
CA ARG G 1211 5.43 7.61 -37.17
C ARG G 1211 6.03 7.58 -35.77
N GLY G 1212 7.06 6.76 -35.59
CA GLY G 1212 7.74 6.67 -34.32
C GLY G 1212 7.23 5.54 -33.46
N LEU G 1213 7.75 5.49 -32.23
CA LEU G 1213 7.39 4.45 -31.28
C LEU G 1213 6.07 4.79 -30.61
N LYS G 1214 5.60 3.86 -29.77
CA LYS G 1214 4.39 3.95 -28.95
C LYS G 1214 3.09 4.06 -29.75
N GLU G 1215 3.14 3.84 -31.07
CA GLU G 1215 1.93 3.68 -31.87
C GLU G 1215 1.83 2.29 -32.48
N ASN G 1216 2.93 1.75 -32.99
CA ASN G 1216 2.93 0.40 -33.55
C ASN G 1216 2.79 -0.67 -32.48
N VAL G 1217 3.07 -0.33 -31.22
CA VAL G 1217 2.74 -1.23 -30.10
C VAL G 1217 1.22 -1.34 -29.96
N ILE G 1218 0.52 -0.20 -30.06
CA ILE G 1218 -0.93 -0.21 -29.97
C ILE G 1218 -1.54 -0.77 -31.25
N ILE G 1219 -0.95 -0.47 -32.40
CA ILE G 1219 -1.46 -0.97 -33.67
C ILE G 1219 -1.20 -2.47 -33.80
N GLY G 1220 0.05 -2.88 -33.59
CA GLY G 1220 0.41 -4.29 -33.68
C GLY G 1220 1.39 -4.59 -34.79
N ARG G 1221 2.25 -3.63 -35.11
CA ARG G 1221 3.23 -3.77 -36.17
C ARG G 1221 4.64 -3.71 -35.59
N LEU G 1222 5.63 -3.75 -36.49
CA LEU G 1222 7.01 -3.61 -36.07
C LEU G 1222 7.32 -2.15 -35.75
N ILE G 1223 8.15 -1.94 -34.74
CA ILE G 1223 8.56 -0.60 -34.35
C ILE G 1223 9.55 -0.09 -35.41
N PRO G 1224 9.61 1.22 -35.68
CA PRO G 1224 10.57 1.73 -36.66
C PRO G 1224 12.02 1.76 -36.18
N ALA G 1225 12.30 1.37 -34.94
CA ALA G 1225 13.65 1.26 -34.43
C ALA G 1225 14.06 -0.20 -34.35
N GLY G 1226 15.36 -0.42 -34.24
CA GLY G 1226 15.87 -1.79 -34.16
C GLY G 1226 15.93 -2.43 -35.53
N THR G 1227 15.39 -3.64 -35.63
CA THR G 1227 15.39 -4.38 -36.88
C THR G 1227 14.17 -4.10 -37.75
N GLY G 1228 13.24 -3.28 -37.28
CA GLY G 1228 12.09 -2.90 -38.08
C GLY G 1228 12.27 -1.56 -38.77
N PHE G 1229 13.53 -1.13 -38.89
CA PHE G 1229 13.82 0.16 -39.51
C PHE G 1229 13.73 0.09 -41.03
N SER G 1230 14.31 -0.95 -41.62
CA SER G 1230 14.27 -1.11 -43.07
C SER G 1230 14.01 -2.57 -43.44
MG MG K . 15.91 -8.98 -3.24
ZN ZN L . -35.48 -18.14 -37.47
ZN ZN M . 23.32 16.20 -37.00
#